data_8GS7
#
_entry.id   8GS7
#
_entity_poly.entity_id   1
_entity_poly.type   'polypeptide(L)'
_entity_poly.pdbx_seq_one_letter_code
;GSHMAQARSPWSDTATADAFIQNFLAAVSGSGAFTSDQLDDMSTIGDTIMSAMDKMARSNKSSQHKLQALNMAFASSMAE
IAAVEQGGMSMAVKTNAIVDGLNSAFYMTTGAANPQFVNEMRSLISMISAASANEVSY
;
_entity_poly.pdbx_strand_id   A
#
# COMPACT_ATOMS: atom_id res chain seq x y z
N GLY A 1 -12.75 28.37 0.58
CA GLY A 1 -12.76 27.96 -0.85
C GLY A 1 -14.00 27.11 -1.12
N SER A 2 -14.67 27.41 -2.23
CA SER A 2 -15.87 26.66 -2.60
C SER A 2 -15.54 25.20 -2.85
N HIS A 3 -14.32 24.94 -3.29
CA HIS A 3 -13.89 23.58 -3.57
C HIS A 3 -12.72 23.19 -2.67
N MET A 4 -12.76 21.97 -2.14
CA MET A 4 -11.69 21.51 -1.26
C MET A 4 -10.35 21.49 -1.99
N ALA A 5 -10.36 20.96 -3.22
CA ALA A 5 -9.15 20.89 -4.02
C ALA A 5 -8.04 20.16 -3.27
N GLN A 6 -8.35 18.96 -2.78
CA GLN A 6 -7.37 18.17 -2.04
C GLN A 6 -7.41 16.72 -2.50
N ALA A 7 -6.28 16.03 -2.33
CA ALA A 7 -6.19 14.63 -2.72
C ALA A 7 -7.18 13.78 -1.93
N ARG A 8 -7.75 12.77 -2.58
CA ARG A 8 -8.72 11.89 -1.92
C ARG A 8 -8.19 10.47 -1.85
N SER A 9 -8.17 9.93 -0.64
CA SER A 9 -7.68 8.57 -0.45
C SER A 9 -8.60 7.55 -1.13
N PRO A 10 -8.06 6.53 -1.75
CA PRO A 10 -8.88 5.48 -2.45
C PRO A 10 -9.70 4.65 -1.46
N TRP A 11 -9.25 4.61 -0.21
CA TRP A 11 -9.96 3.85 0.82
C TRP A 11 -11.34 4.45 1.09
N SER A 12 -11.59 5.64 0.54
CA SER A 12 -12.87 6.30 0.72
C SER A 12 -14.00 5.44 0.16
N ASP A 13 -13.73 4.78 -0.96
CA ASP A 13 -14.74 3.92 -1.58
C ASP A 13 -14.13 2.58 -1.98
N THR A 14 -14.93 1.52 -1.86
CA THR A 14 -14.44 0.18 -2.21
C THR A 14 -14.16 0.09 -3.70
N ALA A 15 -14.97 0.76 -4.50
CA ALA A 15 -14.78 0.74 -5.94
C ALA A 15 -13.43 1.34 -6.32
N THR A 16 -13.09 2.46 -5.69
CA THR A 16 -11.82 3.12 -5.95
C THR A 16 -10.65 2.29 -5.44
N ALA A 17 -10.82 1.72 -4.25
CA ALA A 17 -9.78 0.91 -3.64
C ALA A 17 -9.48 -0.31 -4.50
N ASP A 18 -10.53 -0.92 -5.03
CA ASP A 18 -10.37 -2.10 -5.87
C ASP A 18 -9.55 -1.76 -7.12
N ALA A 19 -9.90 -0.66 -7.78
CA ALA A 19 -9.19 -0.24 -8.98
C ALA A 19 -7.74 0.10 -8.65
N PHE A 20 -7.55 0.80 -7.53
CA PHE A 20 -6.21 1.19 -7.10
C PHE A 20 -5.31 -0.01 -6.97
N ILE A 21 -5.78 -1.04 -6.27
CA ILE A 21 -5.01 -2.24 -6.09
C ILE A 21 -4.74 -2.94 -7.41
N GLN A 22 -5.76 -2.98 -8.29
CA GLN A 22 -5.61 -3.64 -9.58
C GLN A 22 -4.49 -3.04 -10.41
N ASN A 23 -4.49 -1.73 -10.55
CA ASN A 23 -3.46 -1.07 -11.33
C ASN A 23 -2.16 -0.99 -10.54
N PHE A 24 -2.27 -0.93 -9.21
CA PHE A 24 -1.10 -0.85 -8.35
C PHE A 24 -0.24 -2.09 -8.50
N LEU A 25 -0.87 -3.24 -8.40
CA LEU A 25 -0.16 -4.51 -8.52
C LEU A 25 0.40 -4.66 -9.93
N ALA A 26 -0.38 -4.24 -10.93
CA ALA A 26 0.06 -4.36 -12.32
C ALA A 26 1.34 -3.56 -12.53
N ALA A 27 1.39 -2.35 -11.98
CA ALA A 27 2.57 -1.51 -12.13
C ALA A 27 3.79 -2.16 -11.47
N VAL A 28 3.58 -2.70 -10.27
CA VAL A 28 4.67 -3.34 -9.54
C VAL A 28 5.17 -4.57 -10.29
N SER A 29 4.24 -5.39 -10.77
CA SER A 29 4.59 -6.59 -11.52
C SER A 29 5.24 -6.23 -12.86
N GLY A 30 4.74 -5.17 -13.47
CA GLY A 30 5.24 -4.73 -14.77
C GLY A 30 6.73 -4.38 -14.68
N SER A 31 7.14 -3.80 -13.56
CA SER A 31 8.54 -3.42 -13.39
C SER A 31 9.44 -4.65 -13.48
N GLY A 32 8.91 -5.79 -13.05
CA GLY A 32 9.69 -7.03 -13.10
C GLY A 32 10.68 -7.09 -11.95
N ALA A 33 10.65 -6.09 -11.08
CA ALA A 33 11.56 -6.03 -9.94
C ALA A 33 11.35 -7.24 -9.03
N PHE A 34 10.09 -7.64 -8.87
CA PHE A 34 9.77 -8.78 -8.02
C PHE A 34 9.22 -9.94 -8.84
N THR A 35 9.52 -11.16 -8.41
CA THR A 35 9.06 -12.35 -9.11
C THR A 35 7.59 -12.62 -8.80
N SER A 36 7.04 -13.66 -9.41
CA SER A 36 5.64 -14.00 -9.19
C SER A 36 5.38 -14.33 -7.72
N ASP A 37 6.32 -15.06 -7.10
CA ASP A 37 6.17 -15.43 -5.71
C ASP A 37 6.08 -14.21 -4.81
N GLN A 38 7.02 -13.28 -5.00
CA GLN A 38 7.02 -12.06 -4.19
C GLN A 38 5.78 -11.21 -4.49
N LEU A 39 5.40 -11.16 -5.77
CA LEU A 39 4.22 -10.40 -6.17
C LEU A 39 2.97 -10.98 -5.52
N ASP A 40 2.91 -12.30 -5.45
CA ASP A 40 1.75 -12.96 -4.85
C ASP A 40 1.62 -12.55 -3.39
N ASP A 41 2.74 -12.47 -2.68
CA ASP A 41 2.74 -12.09 -1.28
C ASP A 41 2.17 -10.69 -1.11
N MET A 42 2.54 -9.80 -2.02
CA MET A 42 2.05 -8.42 -1.97
C MET A 42 0.75 -8.28 -2.73
N SER A 43 0.27 -9.39 -3.32
CA SER A 43 -0.97 -9.36 -4.08
C SER A 43 -2.14 -9.82 -3.21
N THR A 44 -1.92 -10.89 -2.45
CA THR A 44 -2.97 -11.44 -1.58
C THR A 44 -3.47 -10.36 -0.61
N ILE A 45 -2.60 -9.42 -0.28
CA ILE A 45 -2.97 -8.35 0.63
C ILE A 45 -4.12 -7.53 0.06
N GLY A 46 -4.18 -7.45 -1.26
CA GLY A 46 -5.25 -6.69 -1.91
C GLY A 46 -6.60 -7.26 -1.55
N ASP A 47 -6.71 -8.58 -1.60
CA ASP A 47 -7.97 -9.25 -1.27
C ASP A 47 -8.34 -9.00 0.19
N THR A 48 -7.34 -9.12 1.07
CA THR A 48 -7.56 -8.92 2.50
C THR A 48 -8.04 -7.49 2.78
N ILE A 49 -7.40 -6.53 2.12
CA ILE A 49 -7.76 -5.14 2.31
C ILE A 49 -9.22 -4.89 1.93
N MET A 50 -9.62 -5.44 0.80
CA MET A 50 -10.99 -5.28 0.33
C MET A 50 -11.97 -5.96 1.29
N SER A 51 -11.58 -7.11 1.79
CA SER A 51 -12.43 -7.85 2.72
C SER A 51 -12.72 -7.01 3.95
N ALA A 52 -11.68 -6.38 4.49
CA ALA A 52 -11.83 -5.54 5.68
C ALA A 52 -12.76 -4.37 5.38
N MET A 53 -12.64 -3.81 4.17
CA MET A 53 -13.47 -2.68 3.78
C MET A 53 -14.93 -3.06 3.81
N ASP A 54 -15.25 -4.25 3.31
CA ASP A 54 -16.62 -4.72 3.30
C ASP A 54 -17.12 -5.00 4.72
N LYS A 55 -16.26 -5.61 5.53
CA LYS A 55 -16.63 -5.92 6.90
C LYS A 55 -16.91 -4.65 7.70
N MET A 56 -16.04 -3.66 7.53
CA MET A 56 -16.21 -2.40 8.24
C MET A 56 -17.40 -1.64 7.68
N ALA A 57 -17.52 -1.66 6.36
CA ALA A 57 -18.62 -0.95 5.69
C ALA A 57 -19.96 -1.47 6.18
N ARG A 58 -19.99 -2.73 6.58
CA ARG A 58 -21.23 -3.33 7.06
C ARG A 58 -21.75 -2.58 8.28
N SER A 59 -20.85 -2.23 9.19
CA SER A 59 -21.25 -1.50 10.39
C SER A 59 -20.19 -0.48 10.77
N ASN A 60 -20.12 0.62 10.01
CA ASN A 60 -19.15 1.66 10.28
C ASN A 60 -19.36 2.84 9.33
N LYS A 61 -18.56 3.88 9.51
CA LYS A 61 -18.66 5.07 8.66
C LYS A 61 -17.29 5.69 8.44
N SER A 62 -17.21 6.63 7.51
CA SER A 62 -15.94 7.28 7.21
C SER A 62 -15.30 7.81 8.49
N SER A 63 -14.11 7.30 8.81
CA SER A 63 -13.40 7.72 10.01
C SER A 63 -11.90 7.84 9.73
N GLN A 64 -11.27 8.82 10.36
CA GLN A 64 -9.85 9.04 10.18
C GLN A 64 -9.04 7.82 10.63
N HIS A 65 -9.47 7.23 11.74
CA HIS A 65 -8.81 6.05 12.28
C HIS A 65 -8.93 4.88 11.31
N LYS A 66 -10.13 4.70 10.75
CA LYS A 66 -10.35 3.62 9.83
C LYS A 66 -9.44 3.77 8.61
N LEU A 67 -9.34 4.98 8.11
CA LEU A 67 -8.49 5.24 6.94
C LEU A 67 -7.03 4.95 7.27
N GLN A 68 -6.60 5.36 8.46
CA GLN A 68 -5.23 5.14 8.89
C GLN A 68 -4.95 3.65 9.08
N ALA A 69 -5.93 2.94 9.62
CA ALA A 69 -5.77 1.51 9.86
C ALA A 69 -5.52 0.79 8.54
N LEU A 70 -6.26 1.15 7.51
CA LEU A 70 -6.08 0.52 6.20
C LEU A 70 -4.69 0.81 5.65
N ASN A 71 -4.25 2.06 5.79
CA ASN A 71 -2.93 2.45 5.30
C ASN A 71 -1.82 1.72 6.04
N MET A 72 -1.98 1.61 7.35
CA MET A 72 -0.98 0.93 8.18
C MET A 72 -0.97 -0.56 7.88
N ALA A 73 -2.15 -1.12 7.64
CA ALA A 73 -2.25 -2.54 7.36
C ALA A 73 -1.47 -2.89 6.09
N PHE A 74 -1.61 -2.07 5.06
CA PHE A 74 -0.90 -2.31 3.81
C PHE A 74 0.60 -2.10 3.99
N ALA A 75 0.97 -1.02 4.67
CA ALA A 75 2.38 -0.73 4.89
C ALA A 75 3.06 -1.85 5.68
N SER A 76 2.36 -2.36 6.68
CA SER A 76 2.89 -3.44 7.51
C SER A 76 3.13 -4.68 6.66
N SER A 77 2.18 -4.97 5.76
CA SER A 77 2.30 -6.14 4.90
C SER A 77 3.54 -6.03 4.01
N MET A 78 3.79 -4.84 3.49
CA MET A 78 4.95 -4.65 2.63
C MET A 78 6.23 -4.75 3.44
N ALA A 79 6.21 -4.22 4.66
CA ALA A 79 7.40 -4.27 5.51
C ALA A 79 7.79 -5.69 5.87
N GLU A 80 6.81 -6.49 6.27
CA GLU A 80 7.08 -7.87 6.67
C GLU A 80 7.58 -8.66 5.46
N ILE A 81 7.08 -8.32 4.27
CA ILE A 81 7.49 -9.01 3.06
C ILE A 81 8.89 -8.58 2.64
N ALA A 82 9.14 -7.27 2.70
CA ALA A 82 10.43 -6.71 2.34
C ALA A 82 11.52 -7.24 3.27
N ALA A 83 11.11 -7.74 4.43
CA ALA A 83 12.07 -8.27 5.38
C ALA A 83 12.90 -9.37 4.74
N VAL A 84 12.29 -10.15 3.87
CA VAL A 84 12.99 -11.24 3.19
C VAL A 84 14.16 -10.71 2.37
N GLU A 85 13.89 -9.65 1.63
CA GLU A 85 14.91 -9.02 0.80
C GLU A 85 15.84 -8.14 1.64
N GLN A 86 15.47 -7.91 2.90
CA GLN A 86 16.27 -7.09 3.80
C GLN A 86 17.74 -7.48 3.72
N GLY A 87 18.59 -6.47 3.52
CA GLY A 87 20.03 -6.72 3.42
C GLY A 87 20.64 -5.90 2.29
N GLY A 88 21.97 -5.94 2.19
CA GLY A 88 22.67 -5.20 1.14
C GLY A 88 22.94 -3.77 1.58
N MET A 89 23.68 -3.03 0.76
CA MET A 89 24.00 -1.64 1.07
C MET A 89 22.99 -0.70 0.42
N SER A 90 22.10 -1.25 -0.42
CA SER A 90 21.10 -0.43 -1.10
C SER A 90 19.70 -0.93 -0.76
N MET A 91 18.79 0.01 -0.55
CA MET A 91 17.40 -0.32 -0.23
C MET A 91 16.44 0.63 -0.94
N ALA A 92 16.97 1.47 -1.82
CA ALA A 92 16.14 2.43 -2.55
C ALA A 92 15.73 1.85 -3.89
N VAL A 93 15.72 0.52 -3.98
CA VAL A 93 15.34 -0.15 -5.22
C VAL A 93 14.16 -1.09 -4.98
N LYS A 94 14.30 -1.97 -3.99
CA LYS A 94 13.23 -2.91 -3.68
C LYS A 94 12.00 -2.16 -3.18
N THR A 95 12.22 -1.04 -2.51
CA THR A 95 11.11 -0.23 -2.01
C THR A 95 10.61 0.72 -3.09
N ASN A 96 11.53 1.26 -3.86
CA ASN A 96 11.16 2.18 -4.93
C ASN A 96 10.34 1.47 -6.00
N ALA A 97 10.67 0.21 -6.27
CA ALA A 97 9.95 -0.52 -7.29
C ALA A 97 8.46 -0.63 -6.94
N ILE A 98 8.17 -0.97 -5.69
CA ILE A 98 6.79 -1.11 -5.24
C ILE A 98 6.14 0.26 -5.08
N VAL A 99 6.89 1.18 -4.48
CA VAL A 99 6.39 2.54 -4.25
C VAL A 99 6.05 3.22 -5.56
N ASP A 100 6.88 3.02 -6.56
CA ASP A 100 6.66 3.63 -7.87
C ASP A 100 5.27 3.26 -8.39
N GLY A 101 4.82 2.06 -8.05
CA GLY A 101 3.51 1.60 -8.47
C GLY A 101 2.42 2.54 -7.94
N LEU A 102 2.67 3.14 -6.78
CA LEU A 102 1.70 4.04 -6.17
C LEU A 102 1.46 5.25 -7.08
N ASN A 103 2.54 5.81 -7.63
CA ASN A 103 2.42 6.96 -8.52
C ASN A 103 1.65 6.60 -9.77
N SER A 104 1.94 5.43 -10.33
CA SER A 104 1.26 4.97 -11.53
C SER A 104 -0.20 4.68 -11.24
N ALA A 105 -0.45 4.08 -10.08
CA ALA A 105 -1.81 3.73 -9.69
C ALA A 105 -2.69 4.98 -9.60
N PHE A 106 -2.15 6.04 -9.01
CA PHE A 106 -2.90 7.28 -8.87
C PHE A 106 -3.25 7.85 -10.23
N TYR A 107 -2.29 7.84 -11.14
CA TYR A 107 -2.52 8.36 -12.48
C TYR A 107 -3.58 7.52 -13.19
N MET A 108 -3.42 6.22 -13.16
CA MET A 108 -4.37 5.33 -13.83
C MET A 108 -5.77 5.49 -13.23
N THR A 109 -5.84 5.62 -11.92
CA THR A 109 -7.12 5.79 -11.24
C THR A 109 -7.70 7.17 -11.54
N THR A 110 -6.84 8.18 -11.61
CA THR A 110 -7.30 9.55 -11.85
C THR A 110 -6.52 10.18 -13.00
N GLY A 111 -5.22 10.32 -12.81
CA GLY A 111 -4.37 10.92 -13.83
C GLY A 111 -3.41 11.95 -13.21
N ALA A 112 -3.43 12.05 -11.89
CA ALA A 112 -2.56 13.00 -11.20
C ALA A 112 -1.70 12.29 -10.16
N ALA A 113 -0.42 12.65 -10.10
CA ALA A 113 0.49 12.04 -9.14
C ALA A 113 0.34 12.69 -7.77
N ASN A 114 0.64 11.93 -6.72
CA ASN A 114 0.53 12.45 -5.35
C ASN A 114 1.80 12.12 -4.57
N PRO A 115 2.87 12.82 -4.83
CA PRO A 115 4.17 12.59 -4.13
C PRO A 115 4.10 12.96 -2.65
N GLN A 116 3.12 13.78 -2.29
CA GLN A 116 2.95 14.20 -0.91
C GLN A 116 2.55 13.00 -0.04
N PHE A 117 1.80 12.08 -0.61
CA PHE A 117 1.37 10.90 0.12
C PHE A 117 2.33 9.73 -0.08
N VAL A 118 2.95 9.69 -1.26
CA VAL A 118 3.90 8.61 -1.58
C VAL A 118 5.07 8.62 -0.59
N ASN A 119 5.63 9.81 -0.34
CA ASN A 119 6.76 9.92 0.57
C ASN A 119 6.37 9.45 1.96
N GLU A 120 5.13 9.74 2.34
CA GLU A 120 4.63 9.33 3.65
C GLU A 120 4.54 7.81 3.74
N MET A 121 4.11 7.19 2.64
CA MET A 121 3.97 5.73 2.62
C MET A 121 5.32 5.07 2.88
N ARG A 122 6.36 5.59 2.26
CA ARG A 122 7.70 5.05 2.42
C ARG A 122 8.14 5.15 3.88
N SER A 123 7.84 6.29 4.51
CA SER A 123 8.19 6.51 5.90
C SER A 123 7.51 5.49 6.79
N LEU A 124 6.25 5.18 6.49
CA LEU A 124 5.50 4.21 7.28
C LEU A 124 6.17 2.84 7.22
N ILE A 125 6.64 2.46 6.04
CA ILE A 125 7.31 1.18 5.89
C ILE A 125 8.56 1.12 6.76
N SER A 126 9.32 2.20 6.75
CA SER A 126 10.55 2.27 7.53
C SER A 126 10.26 2.15 9.03
N MET A 127 9.16 2.79 9.47
CA MET A 127 8.79 2.78 10.87
C MET A 127 8.52 1.34 11.32
N ILE A 128 7.97 0.53 10.41
CA ILE A 128 7.66 -0.85 10.72
C ILE A 128 8.92 -1.66 10.90
N SER A 129 9.87 -1.45 9.99
CA SER A 129 11.13 -2.17 10.05
C SER A 129 11.94 -1.77 11.29
N ALA A 130 11.92 -0.49 11.60
CA ALA A 130 12.64 0.02 12.77
C ALA A 130 12.06 -0.58 14.04
N ALA A 131 10.74 -0.69 14.10
CA ALA A 131 10.08 -1.23 15.29
C ALA A 131 10.52 -2.66 15.54
N SER A 132 10.59 -3.46 14.48
CA SER A 132 11.01 -4.86 14.61
C SER A 132 10.20 -5.56 15.71
N ALA A 133 10.76 -5.62 16.92
CA ALA A 133 10.07 -6.26 18.04
C ALA A 133 9.92 -7.76 17.78
N ASN A 134 10.79 -8.55 18.38
CA ASN A 134 10.73 -10.00 18.22
C ASN A 134 9.78 -10.60 19.24
N GLU A 135 8.62 -11.04 18.77
CA GLU A 135 7.63 -11.64 19.65
C GLU A 135 8.06 -13.03 20.09
N VAL A 136 8.45 -13.15 21.37
CA VAL A 136 8.88 -14.43 21.90
C VAL A 136 7.75 -15.46 21.82
N SER A 137 6.52 -14.97 21.89
CA SER A 137 5.36 -15.87 21.82
C SER A 137 5.34 -16.62 20.48
N TYR A 138 5.71 -15.92 19.41
CA TYR A 138 5.73 -16.53 18.08
C TYR A 138 6.84 -15.93 17.23
N GLY A 1 -15.85 23.83 -6.61
CA GLY A 1 -14.45 23.92 -7.11
C GLY A 1 -14.07 22.63 -7.83
N SER A 2 -14.86 22.28 -8.84
CA SER A 2 -14.59 21.06 -9.60
C SER A 2 -13.25 21.15 -10.32
N HIS A 3 -12.80 22.38 -10.57
CA HIS A 3 -11.53 22.60 -11.24
C HIS A 3 -10.37 22.17 -10.34
N MET A 4 -10.63 22.06 -9.05
CA MET A 4 -9.60 21.67 -8.09
C MET A 4 -9.54 20.15 -7.97
N ALA A 5 -8.33 19.60 -8.03
CA ALA A 5 -8.15 18.16 -7.92
C ALA A 5 -8.67 17.66 -6.58
N GLN A 6 -9.31 16.50 -6.60
CA GLN A 6 -9.87 15.92 -5.38
C GLN A 6 -8.75 15.33 -4.52
N ALA A 7 -8.89 15.44 -3.20
CA ALA A 7 -7.89 14.92 -2.29
C ALA A 7 -8.39 13.63 -1.62
N ARG A 8 -9.37 12.99 -2.26
CA ARG A 8 -9.92 11.74 -1.71
C ARG A 8 -8.83 10.69 -1.57
N SER A 9 -8.81 10.05 -0.41
CA SER A 9 -7.81 9.03 -0.15
C SER A 9 -8.13 7.76 -0.93
N PRO A 10 -7.14 6.90 -1.11
CA PRO A 10 -7.31 5.61 -1.83
C PRO A 10 -8.38 4.72 -1.18
N TRP A 11 -8.60 4.91 0.11
CA TRP A 11 -9.58 4.12 0.84
C TRP A 11 -10.91 4.87 0.96
N SER A 12 -11.11 5.88 0.13
CA SER A 12 -12.33 6.67 0.15
C SER A 12 -13.54 5.78 -0.14
N ASP A 13 -13.37 4.87 -1.09
CA ASP A 13 -14.46 3.97 -1.47
C ASP A 13 -13.91 2.59 -1.82
N THR A 14 -14.77 1.58 -1.75
CA THR A 14 -14.35 0.22 -2.06
C THR A 14 -13.93 0.11 -3.53
N ALA A 15 -14.72 0.70 -4.41
CA ALA A 15 -14.42 0.65 -5.83
C ALA A 15 -13.11 1.39 -6.13
N THR A 16 -12.96 2.56 -5.50
CA THR A 16 -11.75 3.37 -5.70
C THR A 16 -10.52 2.63 -5.18
N ALA A 17 -10.65 2.05 -4.00
CA ALA A 17 -9.54 1.33 -3.40
C ALA A 17 -9.13 0.14 -4.26
N ASP A 18 -10.12 -0.56 -4.81
CA ASP A 18 -9.86 -1.70 -5.66
C ASP A 18 -9.10 -1.28 -6.92
N ALA A 19 -9.52 -0.16 -7.52
CA ALA A 19 -8.87 0.33 -8.72
C ALA A 19 -7.40 0.64 -8.46
N PHE A 20 -7.13 1.27 -7.32
CA PHE A 20 -5.76 1.61 -6.98
C PHE A 20 -4.93 0.36 -6.72
N ILE A 21 -5.51 -0.60 -6.01
CA ILE A 21 -4.81 -1.83 -5.70
C ILE A 21 -4.48 -2.60 -6.98
N GLN A 22 -5.46 -2.70 -7.87
CA GLN A 22 -5.26 -3.42 -9.13
C GLN A 22 -4.18 -2.75 -9.97
N ASN A 23 -4.24 -1.43 -10.06
CA ASN A 23 -3.26 -0.68 -10.83
C ASN A 23 -1.89 -0.78 -10.19
N PHE A 24 -1.86 -0.77 -8.85
CA PHE A 24 -0.60 -0.86 -8.12
C PHE A 24 0.13 -2.16 -8.46
N LEU A 25 -0.59 -3.27 -8.39
CA LEU A 25 0.00 -4.57 -8.67
C LEU A 25 0.43 -4.65 -10.13
N ALA A 26 -0.40 -4.10 -11.02
CA ALA A 26 -0.08 -4.11 -12.44
C ALA A 26 1.18 -3.30 -12.72
N ALA A 27 1.31 -2.16 -12.06
CA ALA A 27 2.48 -1.29 -12.26
C ALA A 27 3.76 -1.99 -11.81
N VAL A 28 3.74 -2.54 -10.61
CA VAL A 28 4.91 -3.23 -10.08
C VAL A 28 5.19 -4.49 -10.89
N SER A 29 4.13 -5.17 -11.29
CA SER A 29 4.28 -6.39 -12.06
C SER A 29 4.88 -6.10 -13.44
N GLY A 30 4.40 -5.03 -14.07
CA GLY A 30 4.87 -4.63 -15.38
C GLY A 30 6.35 -4.30 -15.34
N SER A 31 6.82 -3.84 -14.18
CA SER A 31 8.22 -3.48 -14.03
C SER A 31 9.10 -4.71 -14.28
N GLY A 32 8.65 -5.87 -13.82
CA GLY A 32 9.41 -7.10 -13.99
C GLY A 32 10.50 -7.21 -12.92
N ALA A 33 10.55 -6.25 -12.01
CA ALA A 33 11.54 -6.25 -10.95
C ALA A 33 11.36 -7.48 -10.07
N PHE A 34 10.11 -7.85 -9.81
CA PHE A 34 9.84 -9.01 -8.97
C PHE A 34 9.05 -10.07 -9.74
N THR A 35 9.04 -11.29 -9.22
CA THR A 35 8.32 -12.38 -9.89
C THR A 35 6.88 -12.46 -9.36
N SER A 36 6.06 -13.26 -10.04
CA SER A 36 4.67 -13.43 -9.64
C SER A 36 4.58 -14.00 -8.23
N ASP A 37 5.41 -14.98 -7.94
CA ASP A 37 5.41 -15.60 -6.61
C ASP A 37 5.73 -14.57 -5.54
N GLN A 38 6.77 -13.78 -5.76
CA GLN A 38 7.16 -12.75 -4.81
C GLN A 38 6.06 -11.69 -4.69
N LEU A 39 5.47 -11.34 -5.83
CA LEU A 39 4.41 -10.34 -5.85
C LEU A 39 3.19 -10.83 -5.08
N ASP A 40 3.04 -12.14 -5.01
CA ASP A 40 1.91 -12.73 -4.29
C ASP A 40 1.86 -12.21 -2.86
N ASP A 41 3.03 -12.00 -2.27
CA ASP A 41 3.12 -11.50 -0.89
C ASP A 41 2.44 -10.14 -0.79
N MET A 42 2.64 -9.30 -1.79
CA MET A 42 2.03 -7.97 -1.81
C MET A 42 0.75 -7.96 -2.66
N SER A 43 0.33 -9.14 -3.11
CA SER A 43 -0.87 -9.25 -3.93
C SER A 43 -2.06 -9.68 -3.08
N THR A 44 -1.85 -10.73 -2.28
CA THR A 44 -2.92 -11.23 -1.42
C THR A 44 -3.38 -10.16 -0.45
N ILE A 45 -2.50 -9.21 -0.15
CA ILE A 45 -2.83 -8.13 0.77
C ILE A 45 -4.01 -7.33 0.23
N GLY A 46 -4.12 -7.25 -1.09
CA GLY A 46 -5.21 -6.50 -1.71
C GLY A 46 -6.56 -7.09 -1.33
N ASP A 47 -6.64 -8.42 -1.37
CA ASP A 47 -7.89 -9.10 -1.02
C ASP A 47 -8.23 -8.86 0.45
N THR A 48 -7.21 -8.92 1.30
CA THR A 48 -7.41 -8.70 2.73
C THR A 48 -7.90 -7.29 2.99
N ILE A 49 -7.28 -6.32 2.33
CA ILE A 49 -7.67 -4.92 2.51
C ILE A 49 -9.12 -4.72 2.10
N MET A 50 -9.49 -5.25 0.94
CA MET A 50 -10.85 -5.12 0.46
C MET A 50 -11.83 -5.83 1.38
N SER A 51 -11.42 -7.00 1.87
CA SER A 51 -12.27 -7.77 2.76
C SER A 51 -12.58 -6.97 4.02
N ALA A 52 -11.55 -6.34 4.58
CA ALA A 52 -11.72 -5.53 5.78
C ALA A 52 -12.66 -4.36 5.51
N MET A 53 -12.53 -3.77 4.33
CA MET A 53 -13.37 -2.62 3.96
C MET A 53 -14.84 -3.00 3.98
N ASP A 54 -15.15 -4.19 3.44
CA ASP A 54 -16.53 -4.65 3.40
C ASP A 54 -17.04 -4.97 4.80
N LYS A 55 -16.20 -5.63 5.60
CA LYS A 55 -16.58 -6.00 6.95
C LYS A 55 -16.78 -4.77 7.82
N MET A 56 -15.87 -3.81 7.71
CA MET A 56 -15.95 -2.58 8.49
C MET A 56 -17.12 -1.73 8.02
N ALA A 57 -17.32 -1.66 6.71
CA ALA A 57 -18.40 -0.86 6.15
C ALA A 57 -19.76 -1.38 6.62
N ARG A 58 -19.91 -2.70 6.63
CA ARG A 58 -21.15 -3.30 7.07
C ARG A 58 -21.42 -3.01 8.54
N SER A 59 -20.35 -3.05 9.34
CA SER A 59 -20.49 -2.79 10.77
C SER A 59 -20.24 -1.31 11.08
N ASN A 60 -21.32 -0.55 11.22
CA ASN A 60 -21.22 0.87 11.54
C ASN A 60 -20.19 1.56 10.63
N LYS A 61 -20.58 1.83 9.39
CA LYS A 61 -19.68 2.46 8.44
C LYS A 61 -19.25 3.84 8.96
N SER A 62 -17.94 4.00 9.16
CA SER A 62 -17.41 5.27 9.65
C SER A 62 -15.98 5.48 9.15
N SER A 63 -15.63 6.73 8.87
CA SER A 63 -14.30 7.05 8.40
C SER A 63 -13.54 7.88 9.43
N GLN A 64 -13.26 7.26 10.59
CA GLN A 64 -12.54 7.96 11.65
C GLN A 64 -11.22 7.25 11.95
N HIS A 65 -11.31 5.95 12.24
CA HIS A 65 -10.13 5.15 12.53
C HIS A 65 -9.98 4.01 11.53
N LYS A 66 -11.05 3.69 10.82
CA LYS A 66 -11.01 2.63 9.83
C LYS A 66 -9.98 2.94 8.75
N LEU A 67 -9.98 4.18 8.28
CA LEU A 67 -9.05 4.59 7.24
C LEU A 67 -7.62 4.51 7.77
N GLN A 68 -7.42 4.92 9.02
CA GLN A 68 -6.10 4.89 9.62
C GLN A 68 -5.61 3.45 9.78
N ALA A 69 -6.52 2.57 10.19
CA ALA A 69 -6.17 1.18 10.39
C ALA A 69 -5.74 0.54 9.08
N LEU A 70 -6.47 0.84 8.01
CA LEU A 70 -6.15 0.29 6.70
C LEU A 70 -4.77 0.75 6.24
N ASN A 71 -4.47 2.02 6.45
CA ASN A 71 -3.19 2.56 6.04
C ASN A 71 -2.05 1.86 6.77
N MET A 72 -2.23 1.66 8.07
CA MET A 72 -1.21 0.99 8.88
C MET A 72 -1.07 -0.47 8.47
N ALA A 73 -2.20 -1.10 8.15
CA ALA A 73 -2.19 -2.50 7.75
C ALA A 73 -1.36 -2.69 6.49
N PHE A 74 -1.53 -1.79 5.52
CA PHE A 74 -0.79 -1.90 4.27
C PHE A 74 0.70 -1.64 4.51
N ALA A 75 1.01 -0.56 5.21
CA ALA A 75 2.40 -0.23 5.49
C ALA A 75 3.08 -1.33 6.29
N SER A 76 2.36 -1.88 7.26
CA SER A 76 2.92 -2.94 8.10
C SER A 76 3.12 -4.20 7.29
N SER A 77 2.16 -4.51 6.41
CA SER A 77 2.25 -5.70 5.57
C SER A 77 3.41 -5.57 4.59
N MET A 78 3.58 -4.37 4.04
CA MET A 78 4.65 -4.14 3.09
C MET A 78 6.01 -4.17 3.79
N ALA A 79 6.06 -3.64 5.00
CA ALA A 79 7.31 -3.60 5.76
C ALA A 79 7.81 -5.01 6.07
N GLU A 80 6.92 -5.87 6.55
CA GLU A 80 7.29 -7.24 6.89
C GLU A 80 7.72 -8.01 5.63
N ILE A 81 7.05 -7.72 4.52
CA ILE A 81 7.38 -8.37 3.26
C ILE A 81 8.74 -7.93 2.75
N ALA A 82 9.00 -6.63 2.84
CA ALA A 82 10.28 -6.08 2.39
C ALA A 82 11.43 -6.68 3.19
N ALA A 83 11.14 -7.04 4.44
CA ALA A 83 12.16 -7.61 5.30
C ALA A 83 12.30 -9.12 5.04
N VAL A 84 11.70 -9.60 3.95
CA VAL A 84 11.77 -11.01 3.60
C VAL A 84 13.21 -11.51 3.70
N GLU A 85 13.38 -12.69 4.28
CA GLU A 85 14.70 -13.27 4.44
C GLU A 85 15.61 -12.33 5.23
N GLN A 86 16.39 -11.50 4.52
CA GLN A 86 17.29 -10.56 5.18
C GLN A 86 17.30 -9.24 4.43
N GLY A 87 17.62 -9.29 3.14
CA GLY A 87 17.66 -8.09 2.32
C GLY A 87 18.89 -7.23 2.67
N GLY A 88 18.80 -5.96 2.33
CA GLY A 88 19.91 -5.03 2.60
C GLY A 88 20.82 -4.91 1.39
N MET A 89 20.69 -5.84 0.44
CA MET A 89 21.52 -5.82 -0.76
C MET A 89 21.23 -4.57 -1.59
N SER A 90 19.95 -4.31 -1.84
CA SER A 90 19.55 -3.15 -2.63
C SER A 90 18.15 -2.70 -2.24
N MET A 91 18.06 -1.96 -1.13
CA MET A 91 16.77 -1.48 -0.65
C MET A 91 16.20 -0.46 -1.61
N ALA A 92 17.08 0.27 -2.28
CA ALA A 92 16.65 1.29 -3.24
C ALA A 92 16.25 0.66 -4.58
N VAL A 93 16.12 -0.68 -4.60
CA VAL A 93 15.74 -1.38 -5.81
C VAL A 93 14.46 -2.17 -5.56
N LYS A 94 14.49 -3.01 -4.54
CA LYS A 94 13.33 -3.83 -4.21
C LYS A 94 12.20 -2.98 -3.61
N THR A 95 12.58 -1.91 -2.95
CA THR A 95 11.60 -1.02 -2.32
C THR A 95 11.25 0.13 -3.26
N ASN A 96 12.22 0.53 -4.07
CA ASN A 96 12.01 1.63 -5.01
C ASN A 96 11.00 1.23 -6.08
N ALA A 97 11.15 0.03 -6.61
CA ALA A 97 10.24 -0.44 -7.64
C ALA A 97 8.81 -0.54 -7.11
N ILE A 98 8.68 -1.04 -5.89
CA ILE A 98 7.37 -1.20 -5.28
C ILE A 98 6.73 0.17 -5.04
N VAL A 99 7.53 1.11 -4.53
CA VAL A 99 7.02 2.46 -4.26
C VAL A 99 6.73 3.19 -5.57
N ASP A 100 7.48 2.85 -6.61
CA ASP A 100 7.31 3.48 -7.91
C ASP A 100 5.94 3.14 -8.49
N GLY A 101 5.52 1.90 -8.26
CA GLY A 101 4.23 1.45 -8.76
C GLY A 101 3.09 2.30 -8.20
N LEU A 102 3.27 2.81 -6.99
CA LEU A 102 2.23 3.63 -6.37
C LEU A 102 1.96 4.88 -7.20
N ASN A 103 3.03 5.55 -7.63
CA ASN A 103 2.88 6.75 -8.44
C ASN A 103 2.21 6.42 -9.78
N SER A 104 2.61 5.30 -10.36
CA SER A 104 2.03 4.87 -11.63
C SER A 104 0.56 4.54 -11.48
N ALA A 105 0.22 3.88 -10.38
CA ALA A 105 -1.16 3.50 -10.13
C ALA A 105 -2.06 4.73 -10.08
N PHE A 106 -1.59 5.78 -9.42
CA PHE A 106 -2.38 7.00 -9.31
C PHE A 106 -2.63 7.63 -10.68
N TYR A 107 -1.55 7.72 -11.47
CA TYR A 107 -1.66 8.30 -12.80
C TYR A 107 -2.52 7.43 -13.70
N MET A 108 -2.38 6.13 -13.55
CA MET A 108 -3.15 5.18 -14.35
C MET A 108 -4.63 5.23 -13.96
N THR A 109 -4.90 5.41 -12.67
CA THR A 109 -6.27 5.44 -12.19
C THR A 109 -7.05 6.58 -12.84
N THR A 110 -6.48 7.79 -12.82
CA THR A 110 -7.14 8.94 -13.42
C THR A 110 -6.20 10.13 -13.48
N GLY A 111 -4.93 9.85 -13.75
CA GLY A 111 -3.93 10.91 -13.84
C GLY A 111 -3.76 11.59 -12.49
N ALA A 112 -4.02 10.85 -11.42
CA ALA A 112 -3.89 11.41 -10.08
C ALA A 112 -2.42 11.66 -9.73
N ALA A 113 -2.17 12.82 -9.13
CA ALA A 113 -0.80 13.17 -8.74
C ALA A 113 -0.76 13.54 -7.26
N ASN A 114 -0.23 12.63 -6.44
CA ASN A 114 -0.14 12.87 -5.01
C ASN A 114 1.20 12.37 -4.48
N PRO A 115 2.26 13.08 -4.77
CA PRO A 115 3.63 12.71 -4.32
C PRO A 115 3.76 12.70 -2.80
N GLN A 116 3.05 13.62 -2.15
CA GLN A 116 3.11 13.71 -0.69
C GLN A 116 2.56 12.44 -0.06
N PHE A 117 1.45 11.94 -0.61
CA PHE A 117 0.84 10.73 -0.10
C PHE A 117 1.79 9.54 -0.24
N VAL A 118 2.40 9.43 -1.42
CA VAL A 118 3.33 8.33 -1.68
C VAL A 118 4.49 8.37 -0.69
N ASN A 119 5.05 9.55 -0.48
CA ASN A 119 6.16 9.70 0.45
C ASN A 119 5.75 9.30 1.86
N GLU A 120 4.52 9.66 2.24
CA GLU A 120 4.03 9.33 3.56
C GLU A 120 3.96 7.81 3.75
N MET A 121 3.53 7.12 2.70
CA MET A 121 3.41 5.66 2.76
C MET A 121 4.78 5.03 3.01
N ARG A 122 5.79 5.53 2.32
CA ARG A 122 7.15 5.00 2.47
C ARG A 122 7.63 5.19 3.91
N SER A 123 7.32 6.35 4.48
CA SER A 123 7.72 6.65 5.86
C SER A 123 7.09 5.65 6.82
N LEU A 124 5.84 5.31 6.58
CA LEU A 124 5.13 4.35 7.43
C LEU A 124 5.81 3.00 7.39
N ILE A 125 6.23 2.58 6.21
CA ILE A 125 6.91 1.30 6.06
C ILE A 125 8.21 1.29 6.86
N SER A 126 8.95 2.39 6.76
CA SER A 126 10.22 2.50 7.47
C SER A 126 10.01 2.47 8.98
N MET A 127 8.94 3.10 9.44
CA MET A 127 8.64 3.14 10.86
C MET A 127 8.37 1.73 11.38
N ILE A 128 7.79 0.90 10.53
CA ILE A 128 7.47 -0.47 10.90
C ILE A 128 8.74 -1.28 11.09
N SER A 129 9.69 -1.07 10.17
CA SER A 129 10.96 -1.80 10.23
C SER A 129 11.71 -1.46 11.52
N ALA A 130 11.79 -0.19 11.83
CA ALA A 130 12.49 0.25 13.04
C ALA A 130 11.81 -0.30 14.28
N ALA A 131 10.47 -0.28 14.27
CA ALA A 131 9.70 -0.78 15.41
C ALA A 131 9.96 -2.27 15.61
N SER A 132 10.05 -3.00 14.51
CA SER A 132 10.30 -4.44 14.58
C SER A 132 9.16 -5.15 15.31
N ALA A 133 9.41 -6.38 15.72
CA ALA A 133 8.38 -7.15 16.43
C ALA A 133 8.97 -7.83 17.67
N ASN A 134 8.66 -7.30 18.83
CA ASN A 134 9.16 -7.85 20.08
C ASN A 134 8.01 -8.10 21.06
N GLU A 135 6.84 -8.42 20.52
CA GLU A 135 5.67 -8.68 21.36
C GLU A 135 5.91 -9.87 22.27
N VAL A 136 6.55 -10.91 21.73
CA VAL A 136 6.85 -12.11 22.49
C VAL A 136 8.31 -12.13 22.89
N SER A 137 9.13 -11.28 22.27
CA SER A 137 10.55 -11.22 22.58
C SER A 137 11.22 -12.56 22.28
N TYR A 138 12.03 -12.59 21.22
CA TYR A 138 12.73 -13.81 20.85
C TYR A 138 11.75 -14.96 20.68
N GLY A 1 -19.73 19.49 -2.86
CA GLY A 1 -19.47 18.11 -3.39
C GLY A 1 -18.47 18.21 -4.54
N SER A 2 -17.33 17.52 -4.37
CA SER A 2 -16.30 17.53 -5.40
C SER A 2 -16.81 16.85 -6.67
N HIS A 3 -16.51 17.45 -7.82
CA HIS A 3 -16.93 16.88 -9.10
C HIS A 3 -15.82 16.05 -9.72
N MET A 4 -14.66 16.68 -9.91
CA MET A 4 -13.52 15.99 -10.49
C MET A 4 -13.08 14.83 -9.62
N ALA A 5 -12.99 15.07 -8.32
CA ALA A 5 -12.59 14.03 -7.38
C ALA A 5 -11.26 13.40 -7.82
N GLN A 6 -10.20 14.20 -7.78
CA GLN A 6 -8.88 13.70 -8.18
C GLN A 6 -8.44 12.56 -7.27
N ALA A 7 -8.72 12.70 -5.98
CA ALA A 7 -8.34 11.67 -5.02
C ALA A 7 -8.68 12.11 -3.59
N ARG A 8 -9.88 11.75 -3.14
CA ARG A 8 -10.32 12.11 -1.80
C ARG A 8 -10.77 10.88 -1.03
N SER A 9 -9.95 10.45 -0.08
CA SER A 9 -10.30 9.29 0.74
C SER A 9 -10.74 8.13 -0.15
N PRO A 10 -9.83 7.56 -0.89
CA PRO A 10 -10.12 6.42 -1.82
C PRO A 10 -10.66 5.21 -1.06
N TRP A 11 -10.26 5.07 0.20
CA TRP A 11 -10.71 3.96 1.01
C TRP A 11 -12.21 4.09 1.31
N SER A 12 -12.79 5.23 0.96
CA SER A 12 -14.21 5.46 1.19
C SER A 12 -15.04 4.44 0.43
N ASP A 13 -14.61 4.12 -0.79
CA ASP A 13 -15.34 3.16 -1.61
C ASP A 13 -14.48 1.94 -1.92
N THR A 14 -15.10 0.77 -1.93
CA THR A 14 -14.37 -0.46 -2.23
C THR A 14 -13.92 -0.49 -3.68
N ALA A 15 -14.75 0.06 -4.57
CA ALA A 15 -14.42 0.10 -5.98
C ALA A 15 -13.17 0.94 -6.22
N THR A 16 -13.12 2.10 -5.57
CA THR A 16 -11.97 2.99 -5.73
C THR A 16 -10.71 2.33 -5.17
N ALA A 17 -10.82 1.78 -3.97
CA ALA A 17 -9.68 1.12 -3.34
C ALA A 17 -9.25 -0.09 -4.15
N ASP A 18 -10.21 -0.84 -4.67
CA ASP A 18 -9.92 -2.03 -5.44
C ASP A 18 -9.16 -1.66 -6.70
N ALA A 19 -9.62 -0.63 -7.40
CA ALA A 19 -8.96 -0.19 -8.63
C ALA A 19 -7.53 0.25 -8.34
N PHE A 20 -7.34 0.97 -7.24
CA PHE A 20 -6.02 1.44 -6.85
C PHE A 20 -5.07 0.27 -6.65
N ILE A 21 -5.52 -0.73 -5.90
CA ILE A 21 -4.70 -1.90 -5.63
C ILE A 21 -4.39 -2.64 -6.92
N GLN A 22 -5.40 -2.81 -7.76
CA GLN A 22 -5.21 -3.51 -9.03
C GLN A 22 -4.18 -2.80 -9.89
N ASN A 23 -4.30 -1.49 -9.99
CA ASN A 23 -3.34 -0.70 -10.77
C ASN A 23 -1.96 -0.75 -10.14
N PHE A 24 -1.92 -0.69 -8.81
CA PHE A 24 -0.65 -0.75 -8.10
C PHE A 24 0.09 -2.04 -8.39
N LEU A 25 -0.63 -3.15 -8.29
CA LEU A 25 -0.03 -4.46 -8.55
C LEU A 25 0.45 -4.57 -9.99
N ALA A 26 -0.34 -4.03 -10.91
CA ALA A 26 0.00 -4.06 -12.31
C ALA A 26 1.29 -3.29 -12.57
N ALA A 27 1.43 -2.14 -11.91
CA ALA A 27 2.62 -1.31 -12.09
C ALA A 27 3.87 -2.03 -11.64
N VAL A 28 3.82 -2.60 -10.44
CA VAL A 28 4.96 -3.33 -9.90
C VAL A 28 5.22 -4.59 -10.71
N SER A 29 4.16 -5.20 -11.21
CA SER A 29 4.28 -6.41 -12.00
C SER A 29 4.93 -6.11 -13.35
N GLY A 30 4.52 -5.00 -13.95
CA GLY A 30 5.06 -4.60 -15.24
C GLY A 30 6.56 -4.35 -15.15
N SER A 31 7.00 -3.78 -14.03
CA SER A 31 8.41 -3.47 -13.85
C SER A 31 9.26 -4.72 -13.97
N GLY A 32 8.68 -5.86 -13.60
CA GLY A 32 9.40 -7.12 -13.67
C GLY A 32 10.38 -7.26 -12.52
N ALA A 33 10.38 -6.28 -11.61
CA ALA A 33 11.30 -6.29 -10.48
C ALA A 33 11.03 -7.52 -9.62
N PHE A 34 9.76 -7.86 -9.46
CA PHE A 34 9.40 -9.01 -8.64
C PHE A 34 8.66 -10.05 -9.48
N THR A 35 8.97 -11.32 -9.26
CA THR A 35 8.34 -12.41 -10.00
C THR A 35 6.89 -12.58 -9.56
N SER A 36 6.18 -13.47 -10.23
CA SER A 36 4.77 -13.71 -9.91
C SER A 36 4.63 -14.21 -8.47
N ASP A 37 5.51 -15.13 -8.08
CA ASP A 37 5.47 -15.69 -6.73
C ASP A 37 5.68 -14.60 -5.68
N GLN A 38 6.64 -13.73 -5.94
CA GLN A 38 6.94 -12.64 -5.02
C GLN A 38 5.79 -11.63 -4.98
N LEU A 39 5.23 -11.34 -6.14
CA LEU A 39 4.12 -10.41 -6.23
C LEU A 39 2.92 -10.90 -5.43
N ASP A 40 2.71 -12.22 -5.45
CA ASP A 40 1.60 -12.81 -4.73
C ASP A 40 1.61 -12.37 -3.28
N ASP A 41 2.80 -12.17 -2.73
CA ASP A 41 2.93 -11.75 -1.33
C ASP A 41 2.30 -10.37 -1.12
N MET A 42 2.58 -9.44 -2.03
CA MET A 42 2.04 -8.10 -1.93
C MET A 42 0.72 -7.99 -2.69
N SER A 43 0.27 -9.11 -3.25
CA SER A 43 -0.99 -9.13 -3.99
C SER A 43 -2.12 -9.62 -3.10
N THR A 44 -1.82 -10.61 -2.26
CA THR A 44 -2.82 -11.17 -1.36
C THR A 44 -3.31 -10.10 -0.37
N ILE A 45 -2.46 -9.12 -0.13
CA ILE A 45 -2.82 -8.04 0.79
C ILE A 45 -4.07 -7.32 0.31
N GLY A 46 -4.24 -7.24 -1.00
CA GLY A 46 -5.40 -6.58 -1.58
C GLY A 46 -6.69 -7.28 -1.15
N ASP A 47 -6.66 -8.61 -1.17
CA ASP A 47 -7.83 -9.39 -0.77
C ASP A 47 -8.17 -9.12 0.69
N THR A 48 -7.16 -9.11 1.54
CA THR A 48 -7.37 -8.86 2.96
C THR A 48 -7.94 -7.46 3.18
N ILE A 49 -7.38 -6.48 2.47
CA ILE A 49 -7.84 -5.10 2.58
C ILE A 49 -9.31 -4.99 2.17
N MET A 50 -9.66 -5.64 1.07
CA MET A 50 -11.04 -5.61 0.59
C MET A 50 -11.97 -6.26 1.60
N SER A 51 -11.51 -7.36 2.21
CA SER A 51 -12.32 -8.07 3.19
C SER A 51 -12.66 -7.15 4.37
N ALA A 52 -11.66 -6.44 4.86
CA ALA A 52 -11.87 -5.51 5.97
C ALA A 52 -12.80 -4.37 5.54
N MET A 53 -12.63 -3.92 4.31
CA MET A 53 -13.46 -2.83 3.79
C MET A 53 -14.93 -3.23 3.78
N ASP A 54 -15.19 -4.47 3.41
CA ASP A 54 -16.57 -4.96 3.37
C ASP A 54 -17.18 -4.99 4.77
N LYS A 55 -16.45 -5.57 5.71
CA LYS A 55 -16.93 -5.68 7.08
C LYS A 55 -17.11 -4.30 7.70
N MET A 56 -16.13 -3.43 7.51
CA MET A 56 -16.19 -2.08 8.05
C MET A 56 -17.30 -1.28 7.35
N ALA A 57 -17.42 -1.48 6.04
CA ALA A 57 -18.43 -0.77 5.27
C ALA A 57 -19.83 -1.11 5.77
N ARG A 58 -20.05 -2.39 6.06
CA ARG A 58 -21.35 -2.83 6.55
C ARG A 58 -21.66 -2.19 7.90
N SER A 59 -20.64 -2.07 8.73
CA SER A 59 -20.81 -1.49 10.06
C SER A 59 -21.35 -0.07 9.94
N ASN A 60 -22.41 0.22 10.69
CA ASN A 60 -23.01 1.55 10.67
C ASN A 60 -22.03 2.59 11.18
N LYS A 61 -21.30 2.25 12.23
CA LYS A 61 -20.33 3.18 12.82
C LYS A 61 -19.15 3.39 11.87
N SER A 62 -18.67 4.62 11.80
CA SER A 62 -17.54 4.94 10.95
C SER A 62 -16.70 6.06 11.55
N SER A 63 -15.38 5.89 11.52
CA SER A 63 -14.48 6.88 12.08
C SER A 63 -13.25 7.04 11.21
N GLN A 64 -12.53 8.15 11.39
CA GLN A 64 -11.32 8.40 10.61
C GLN A 64 -10.25 7.33 10.90
N HIS A 65 -10.46 6.57 11.97
CA HIS A 65 -9.53 5.53 12.35
C HIS A 65 -9.57 4.40 11.32
N LYS A 66 -10.74 4.13 10.76
CA LYS A 66 -10.88 3.08 9.77
C LYS A 66 -9.97 3.35 8.59
N LEU A 67 -9.96 4.59 8.13
CA LEU A 67 -9.12 4.96 6.99
C LEU A 67 -7.64 4.84 7.35
N GLN A 68 -7.30 5.27 8.56
CA GLN A 68 -5.91 5.21 9.01
C GLN A 68 -5.45 3.76 9.14
N ALA A 69 -6.33 2.91 9.65
CA ALA A 69 -6.00 1.50 9.82
C ALA A 69 -5.67 0.85 8.48
N LEU A 70 -6.42 1.21 7.45
CA LEU A 70 -6.18 0.64 6.13
C LEU A 70 -4.80 1.04 5.62
N ASN A 71 -4.45 2.31 5.80
CA ASN A 71 -3.14 2.79 5.36
C ASN A 71 -2.02 2.08 6.12
N MET A 72 -2.23 1.89 7.41
CA MET A 72 -1.23 1.24 8.25
C MET A 72 -1.07 -0.22 7.87
N ALA A 73 -2.19 -0.88 7.61
CA ALA A 73 -2.16 -2.30 7.24
C ALA A 73 -1.36 -2.50 5.96
N PHE A 74 -1.60 -1.65 4.97
CA PHE A 74 -0.90 -1.75 3.70
C PHE A 74 0.59 -1.49 3.89
N ALA A 75 0.93 -0.43 4.61
CA ALA A 75 2.32 -0.08 4.85
C ALA A 75 3.03 -1.19 5.61
N SER A 76 2.36 -1.75 6.60
CA SER A 76 2.93 -2.83 7.40
C SER A 76 3.20 -4.05 6.53
N SER A 77 2.27 -4.34 5.64
CA SER A 77 2.40 -5.50 4.76
C SER A 77 3.66 -5.37 3.90
N MET A 78 3.89 -4.18 3.38
CA MET A 78 5.06 -3.95 2.54
C MET A 78 6.35 -4.09 3.35
N ALA A 79 6.32 -3.61 4.58
CA ALA A 79 7.50 -3.66 5.43
C ALA A 79 7.83 -5.10 5.83
N GLU A 80 6.82 -5.82 6.33
CA GLU A 80 7.03 -7.19 6.76
C GLU A 80 7.42 -8.08 5.59
N ILE A 81 7.07 -7.64 4.38
CA ILE A 81 7.38 -8.39 3.18
C ILE A 81 8.76 -8.00 2.65
N ALA A 82 9.07 -6.71 2.74
CA ALA A 82 10.35 -6.21 2.27
C ALA A 82 11.49 -6.80 3.08
N ALA A 83 11.18 -7.23 4.30
CA ALA A 83 12.19 -7.81 5.18
C ALA A 83 12.82 -9.04 4.52
N VAL A 84 12.10 -9.65 3.59
CA VAL A 84 12.61 -10.83 2.88
C VAL A 84 14.04 -10.59 2.39
N GLU A 85 14.88 -11.60 2.54
CA GLU A 85 16.27 -11.50 2.12
C GLU A 85 16.42 -11.92 0.66
N GLN A 86 17.02 -11.04 -0.14
CA GLN A 86 17.23 -11.33 -1.55
C GLN A 86 18.48 -10.64 -2.06
N GLY A 87 18.62 -9.35 -1.74
CA GLY A 87 19.79 -8.58 -2.17
C GLY A 87 20.12 -7.50 -1.15
N GLY A 88 20.87 -7.89 -0.11
CA GLY A 88 21.26 -6.94 0.92
C GLY A 88 22.12 -5.82 0.36
N MET A 89 22.75 -6.08 -0.79
CA MET A 89 23.60 -5.10 -1.42
C MET A 89 22.80 -3.86 -1.80
N SER A 90 21.56 -4.07 -2.25
CA SER A 90 20.70 -2.96 -2.64
C SER A 90 19.50 -2.86 -1.70
N MET A 91 19.12 -1.63 -1.38
CA MET A 91 17.98 -1.41 -0.49
C MET A 91 16.98 -0.45 -1.13
N ALA A 92 17.47 0.41 -2.02
CA ALA A 92 16.61 1.37 -2.70
C ALA A 92 16.15 0.82 -4.04
N VAL A 93 16.08 -0.51 -4.14
CA VAL A 93 15.66 -1.15 -5.38
C VAL A 93 14.36 -1.90 -5.16
N LYS A 94 14.37 -2.84 -4.23
CA LYS A 94 13.18 -3.65 -3.95
C LYS A 94 12.06 -2.77 -3.39
N THR A 95 12.44 -1.69 -2.72
CA THR A 95 11.46 -0.78 -2.15
C THR A 95 11.09 0.31 -3.14
N ASN A 96 12.08 0.77 -3.91
CA ASN A 96 11.85 1.81 -4.90
C ASN A 96 10.91 1.31 -5.99
N ALA A 97 11.09 0.05 -6.38
CA ALA A 97 10.27 -0.52 -7.44
C ALA A 97 8.79 -0.52 -7.04
N ILE A 98 8.52 -0.90 -5.79
CA ILE A 98 7.15 -0.95 -5.30
C ILE A 98 6.58 0.47 -5.20
N VAL A 99 7.40 1.39 -4.68
CA VAL A 99 6.97 2.77 -4.52
C VAL A 99 6.66 3.39 -5.89
N ASP A 100 7.51 3.09 -6.87
CA ASP A 100 7.32 3.62 -8.21
C ASP A 100 5.97 3.19 -8.77
N GLY A 101 5.60 1.93 -8.51
CA GLY A 101 4.33 1.40 -8.99
C GLY A 101 3.17 2.20 -8.39
N LEU A 102 3.30 2.57 -7.11
CA LEU A 102 2.25 3.34 -6.45
C LEU A 102 2.06 4.69 -7.13
N ASN A 103 3.17 5.31 -7.53
CA ASN A 103 3.11 6.61 -8.19
C ASN A 103 2.33 6.52 -9.50
N SER A 104 2.60 5.46 -10.27
CA SER A 104 1.90 5.27 -11.54
C SER A 104 0.49 4.77 -11.31
N ALA A 105 0.26 4.15 -10.15
CA ALA A 105 -1.06 3.63 -9.82
C ALA A 105 -2.06 4.75 -9.69
N PHE A 106 -1.66 5.84 -9.04
CA PHE A 106 -2.55 6.98 -8.85
C PHE A 106 -2.94 7.59 -10.19
N TYR A 107 -1.96 7.76 -11.07
CA TYR A 107 -2.21 8.33 -12.38
C TYR A 107 -3.17 7.43 -13.18
N MET A 108 -2.84 6.16 -13.25
CA MET A 108 -3.69 5.21 -13.96
C MET A 108 -5.07 5.11 -13.33
N THR A 109 -5.10 5.17 -12.01
CA THR A 109 -6.35 5.09 -11.26
C THR A 109 -7.16 6.37 -11.45
N THR A 110 -6.47 7.50 -11.56
CA THR A 110 -7.13 8.79 -11.71
C THR A 110 -6.49 9.62 -12.80
N GLY A 111 -5.21 9.92 -12.63
CA GLY A 111 -4.48 10.70 -13.62
C GLY A 111 -3.75 11.86 -12.95
N ALA A 112 -3.74 11.87 -11.62
CA ALA A 112 -3.06 12.93 -10.88
C ALA A 112 -1.93 12.35 -10.04
N ALA A 113 -0.85 13.11 -9.92
CA ALA A 113 0.31 12.67 -9.13
C ALA A 113 0.13 13.07 -7.67
N ASN A 114 0.54 12.20 -6.76
CA ASN A 114 0.42 12.48 -5.33
C ASN A 114 1.71 12.09 -4.61
N PRO A 115 2.76 12.84 -4.80
CA PRO A 115 4.08 12.57 -4.17
C PRO A 115 4.03 12.70 -2.65
N GLN A 116 3.20 13.62 -2.16
CA GLN A 116 3.09 13.84 -0.73
C GLN A 116 2.56 12.58 -0.02
N PHE A 117 1.52 12.00 -0.59
CA PHE A 117 0.94 10.78 -0.03
C PHE A 117 1.93 9.62 -0.14
N VAL A 118 2.63 9.55 -1.26
CA VAL A 118 3.61 8.49 -1.49
C VAL A 118 4.72 8.56 -0.44
N ASN A 119 5.17 9.77 -0.15
CA ASN A 119 6.24 9.96 0.83
C ASN A 119 5.80 9.43 2.20
N GLU A 120 4.55 9.69 2.55
CA GLU A 120 4.01 9.22 3.82
C GLU A 120 4.00 7.70 3.88
N MET A 121 3.66 7.08 2.74
CA MET A 121 3.60 5.62 2.68
C MET A 121 4.96 5.01 3.03
N ARG A 122 6.02 5.56 2.44
CA ARG A 122 7.37 5.07 2.71
C ARG A 122 7.73 5.28 4.18
N SER A 123 7.34 6.42 4.73
CA SER A 123 7.64 6.73 6.12
C SER A 123 7.00 5.69 7.03
N LEU A 124 5.76 5.30 6.72
CA LEU A 124 5.06 4.32 7.52
C LEU A 124 5.78 2.98 7.49
N ILE A 125 6.30 2.62 6.32
CA ILE A 125 7.02 1.36 6.17
C ILE A 125 8.27 1.34 7.05
N SER A 126 8.98 2.46 7.07
CA SER A 126 10.19 2.57 7.88
C SER A 126 9.88 2.39 9.36
N MET A 127 8.79 3.01 9.80
CA MET A 127 8.39 2.93 11.20
C MET A 127 8.07 1.49 11.59
N ILE A 128 7.57 0.73 10.61
CA ILE A 128 7.21 -0.66 10.86
C ILE A 128 8.45 -1.49 11.09
N SER A 129 9.48 -1.24 10.28
CA SER A 129 10.72 -1.99 10.39
C SER A 129 11.38 -1.72 11.75
N ALA A 130 11.36 -0.47 12.18
CA ALA A 130 11.95 -0.09 13.45
C ALA A 130 11.25 -0.80 14.61
N ALA A 131 9.93 -0.88 14.53
CA ALA A 131 9.15 -1.54 15.57
C ALA A 131 9.53 -3.01 15.68
N SER A 132 9.74 -3.64 14.52
CA SER A 132 10.11 -5.05 14.50
C SER A 132 9.08 -5.90 15.24
N ALA A 133 7.82 -5.48 15.17
CA ALA A 133 6.75 -6.19 15.86
C ALA A 133 6.57 -7.59 15.26
N ASN A 134 6.27 -8.56 16.11
CA ASN A 134 6.08 -9.93 15.67
C ASN A 134 4.96 -10.60 16.45
N GLU A 135 3.81 -10.77 15.80
CA GLU A 135 2.66 -11.40 16.46
C GLU A 135 2.84 -12.92 16.50
N VAL A 136 2.69 -13.49 17.68
CA VAL A 136 2.82 -14.93 17.86
C VAL A 136 1.80 -15.46 18.85
N SER A 137 1.29 -16.66 18.60
CA SER A 137 0.30 -17.27 19.48
C SER A 137 -0.97 -16.44 19.51
N TYR A 138 -1.89 -16.75 18.60
CA TYR A 138 -3.15 -16.02 18.53
C TYR A 138 -4.33 -16.98 18.73
N GLY A 1 -16.95 21.52 -0.66
CA GLY A 1 -15.78 20.89 0.04
C GLY A 1 -14.59 21.85 -0.01
N SER A 2 -14.31 22.47 1.13
CA SER A 2 -13.19 23.41 1.20
C SER A 2 -11.86 22.68 0.99
N HIS A 3 -11.01 23.26 0.16
CA HIS A 3 -9.71 22.65 -0.12
C HIS A 3 -9.88 21.23 -0.65
N MET A 4 -11.03 20.98 -1.28
CA MET A 4 -11.32 19.65 -1.82
C MET A 4 -11.04 18.58 -0.78
N ALA A 5 -11.20 18.94 0.49
CA ALA A 5 -10.96 17.99 1.58
C ALA A 5 -9.61 17.30 1.42
N GLN A 6 -8.62 18.06 0.98
CA GLN A 6 -7.28 17.52 0.78
C GLN A 6 -7.32 16.29 -0.12
N ALA A 7 -6.19 15.62 -0.26
CA ALA A 7 -6.11 14.44 -1.11
C ALA A 7 -7.08 13.37 -0.60
N ARG A 8 -7.73 12.69 -1.54
CA ARG A 8 -8.69 11.65 -1.18
C ARG A 8 -8.00 10.31 -1.02
N SER A 9 -8.25 9.65 0.12
CA SER A 9 -7.62 8.38 0.39
C SER A 9 -8.19 7.29 -0.53
N PRO A 10 -7.42 6.27 -0.82
CA PRO A 10 -7.86 5.15 -1.69
C PRO A 10 -8.88 4.25 -1.01
N TRP A 11 -8.97 4.37 0.32
CA TRP A 11 -9.91 3.56 1.08
C TRP A 11 -11.25 4.30 1.24
N SER A 12 -11.40 5.41 0.53
CA SER A 12 -12.63 6.18 0.60
C SER A 12 -13.81 5.34 0.14
N ASP A 13 -13.60 4.53 -0.89
CA ASP A 13 -14.65 3.67 -1.41
C ASP A 13 -14.08 2.33 -1.86
N THR A 14 -14.91 1.29 -1.78
CA THR A 14 -14.48 -0.05 -2.17
C THR A 14 -14.17 -0.10 -3.67
N ALA A 15 -14.99 0.59 -4.46
CA ALA A 15 -14.80 0.60 -5.91
C ALA A 15 -13.47 1.26 -6.25
N THR A 16 -13.17 2.39 -5.62
CA THR A 16 -11.93 3.10 -5.86
C THR A 16 -10.74 2.30 -5.32
N ALA A 17 -10.92 1.74 -4.13
CA ALA A 17 -9.86 0.96 -3.50
C ALA A 17 -9.49 -0.24 -4.37
N ASP A 18 -10.50 -0.90 -4.92
CA ASP A 18 -10.26 -2.06 -5.77
C ASP A 18 -9.45 -1.67 -7.01
N ALA A 19 -9.85 -0.58 -7.65
CA ALA A 19 -9.16 -0.11 -8.85
C ALA A 19 -7.73 0.31 -8.50
N PHE A 20 -7.58 1.00 -7.37
CA PHE A 20 -6.27 1.48 -6.95
C PHE A 20 -5.32 0.31 -6.73
N ILE A 21 -5.77 -0.69 -6.00
CA ILE A 21 -4.95 -1.86 -5.72
C ILE A 21 -4.59 -2.59 -7.02
N GLN A 22 -5.59 -2.80 -7.86
CA GLN A 22 -5.36 -3.50 -9.13
C GLN A 22 -4.36 -2.77 -9.99
N ASN A 23 -4.57 -1.46 -10.14
CA ASN A 23 -3.67 -0.65 -10.95
C ASN A 23 -2.28 -0.61 -10.33
N PHE A 24 -2.23 -0.48 -9.00
CA PHE A 24 -0.97 -0.41 -8.29
C PHE A 24 -0.17 -1.70 -8.48
N LEU A 25 -0.84 -2.83 -8.29
CA LEU A 25 -0.18 -4.12 -8.44
C LEU A 25 0.32 -4.32 -9.86
N ALA A 26 -0.46 -3.86 -10.83
CA ALA A 26 -0.08 -4.00 -12.23
C ALA A 26 1.22 -3.26 -12.51
N ALA A 27 1.34 -2.05 -11.97
CA ALA A 27 2.55 -1.26 -12.16
C ALA A 27 3.75 -1.92 -11.49
N VAL A 28 3.54 -2.40 -10.27
CA VAL A 28 4.61 -3.07 -9.53
C VAL A 28 5.09 -4.31 -10.27
N SER A 29 4.15 -5.11 -10.74
CA SER A 29 4.49 -6.33 -11.47
C SER A 29 5.18 -5.99 -12.78
N GLY A 30 4.69 -4.94 -13.44
CA GLY A 30 5.26 -4.51 -14.72
C GLY A 30 6.73 -4.16 -14.55
N SER A 31 7.10 -3.70 -13.36
CA SER A 31 8.48 -3.32 -13.09
C SER A 31 9.41 -4.53 -13.28
N GLY A 32 8.96 -5.68 -12.83
CA GLY A 32 9.75 -6.91 -12.94
C GLY A 32 10.80 -6.99 -11.84
N ALA A 33 10.83 -5.98 -10.96
CA ALA A 33 11.78 -5.95 -9.87
C ALA A 33 11.57 -7.14 -8.95
N PHE A 34 10.31 -7.48 -8.71
CA PHE A 34 9.99 -8.61 -7.84
C PHE A 34 9.48 -9.80 -8.66
N THR A 35 9.83 -11.01 -8.21
CA THR A 35 9.40 -12.22 -8.91
C THR A 35 7.91 -12.44 -8.73
N SER A 36 7.38 -13.46 -9.40
CA SER A 36 5.97 -13.77 -9.31
C SER A 36 5.58 -14.12 -7.89
N ASP A 37 6.44 -14.87 -7.21
CA ASP A 37 6.16 -15.28 -5.84
C ASP A 37 5.99 -14.07 -4.93
N GLN A 38 6.91 -13.12 -5.05
CA GLN A 38 6.84 -11.91 -4.24
C GLN A 38 5.62 -11.07 -4.60
N LEU A 39 5.33 -11.00 -5.89
CA LEU A 39 4.17 -10.25 -6.36
C LEU A 39 2.88 -10.84 -5.82
N ASP A 40 2.82 -12.16 -5.78
CA ASP A 40 1.63 -12.85 -5.28
C ASP A 40 1.41 -12.49 -3.81
N ASP A 41 2.50 -12.43 -3.04
CA ASP A 41 2.41 -12.11 -1.63
C ASP A 41 1.81 -10.72 -1.42
N MET A 42 2.21 -9.79 -2.28
CA MET A 42 1.71 -8.42 -2.19
C MET A 42 0.42 -8.28 -3.00
N SER A 43 0.02 -9.35 -3.69
CA SER A 43 -1.19 -9.33 -4.49
C SER A 43 -2.38 -9.82 -3.66
N THR A 44 -2.18 -10.91 -2.93
CA THR A 44 -3.24 -11.49 -2.10
C THR A 44 -3.75 -10.45 -1.10
N ILE A 45 -2.90 -9.49 -0.77
CA ILE A 45 -3.27 -8.44 0.18
C ILE A 45 -4.52 -7.72 -0.31
N GLY A 46 -4.75 -7.73 -1.61
CA GLY A 46 -5.92 -7.06 -2.18
C GLY A 46 -7.20 -7.63 -1.58
N ASP A 47 -7.26 -8.95 -1.45
CA ASP A 47 -8.43 -9.59 -0.86
C ASP A 47 -8.51 -9.30 0.63
N THR A 48 -7.35 -9.25 1.29
CA THR A 48 -7.32 -8.97 2.72
C THR A 48 -7.88 -7.58 3.02
N ILE A 49 -7.45 -6.60 2.24
CA ILE A 49 -7.92 -5.23 2.43
C ILE A 49 -9.42 -5.15 2.16
N MET A 50 -9.86 -5.80 1.09
CA MET A 50 -11.27 -5.78 0.72
C MET A 50 -12.11 -6.40 1.83
N SER A 51 -11.61 -7.47 2.44
CA SER A 51 -12.33 -8.14 3.52
C SER A 51 -12.54 -7.19 4.69
N ALA A 52 -11.49 -6.46 5.04
CA ALA A 52 -11.57 -5.50 6.14
C ALA A 52 -12.53 -4.36 5.79
N MET A 53 -12.49 -3.92 4.53
CA MET A 53 -13.35 -2.83 4.09
C MET A 53 -14.82 -3.21 4.24
N ASP A 54 -15.15 -4.45 3.90
CA ASP A 54 -16.52 -4.93 4.02
C ASP A 54 -16.93 -5.04 5.49
N LYS A 55 -16.05 -5.62 6.30
CA LYS A 55 -16.33 -5.79 7.72
C LYS A 55 -16.54 -4.45 8.40
N MET A 56 -15.70 -3.48 8.03
CA MET A 56 -15.81 -2.14 8.61
C MET A 56 -16.90 -1.34 7.91
N ALA A 57 -17.20 -1.73 6.67
CA ALA A 57 -18.24 -1.03 5.91
C ALA A 57 -19.59 -1.14 6.59
N ARG A 58 -19.90 -2.33 7.11
CA ARG A 58 -21.16 -2.55 7.80
C ARG A 58 -21.06 -2.13 9.26
N SER A 59 -19.94 -1.54 9.64
CA SER A 59 -19.73 -1.10 11.01
C SER A 59 -20.71 0.02 11.35
N ASN A 60 -21.22 0.00 12.58
CA ASN A 60 -22.15 1.03 13.03
C ASN A 60 -21.39 2.27 13.49
N LYS A 61 -20.07 2.25 13.35
CA LYS A 61 -19.25 3.39 13.76
C LYS A 61 -18.17 3.66 12.72
N SER A 62 -18.10 4.91 12.27
CA SER A 62 -17.10 5.29 11.27
C SER A 62 -16.18 6.38 11.83
N SER A 63 -14.89 6.09 11.86
CA SER A 63 -13.92 7.05 12.39
C SER A 63 -12.68 7.10 11.49
N GLN A 64 -11.88 8.14 11.64
CA GLN A 64 -10.67 8.28 10.84
C GLN A 64 -9.69 7.15 11.15
N HIS A 65 -9.90 6.46 12.26
CA HIS A 65 -9.05 5.36 12.66
C HIS A 65 -9.13 4.24 11.63
N LYS A 66 -10.32 4.00 11.09
CA LYS A 66 -10.50 2.97 10.10
C LYS A 66 -9.65 3.25 8.87
N LEU A 67 -9.67 4.51 8.42
CA LEU A 67 -8.91 4.90 7.23
C LEU A 67 -7.42 4.75 7.48
N GLN A 68 -6.97 5.22 8.63
CA GLN A 68 -5.55 5.16 8.96
C GLN A 68 -5.15 3.72 9.26
N ALA A 69 -6.09 2.92 9.76
CA ALA A 69 -5.82 1.53 10.08
C ALA A 69 -5.45 0.75 8.83
N LEU A 70 -6.19 1.00 7.75
CA LEU A 70 -5.93 0.31 6.49
C LEU A 70 -4.58 0.72 5.92
N ASN A 71 -4.24 2.00 6.08
CA ASN A 71 -2.97 2.50 5.57
C ASN A 71 -1.80 1.77 6.22
N MET A 72 -1.89 1.54 7.51
CA MET A 72 -0.83 0.85 8.24
C MET A 72 -0.77 -0.61 7.84
N ALA A 73 -1.94 -1.22 7.63
CA ALA A 73 -2.00 -2.62 7.24
C ALA A 73 -1.30 -2.85 5.91
N PHE A 74 -1.58 -1.97 4.94
CA PHE A 74 -0.98 -2.09 3.62
C PHE A 74 0.53 -1.90 3.69
N ALA A 75 0.96 -0.82 4.34
CA ALA A 75 2.39 -0.52 4.47
C ALA A 75 3.11 -1.62 5.24
N SER A 76 2.47 -2.09 6.31
CA SER A 76 3.06 -3.13 7.14
C SER A 76 3.24 -4.41 6.34
N SER A 77 2.23 -4.75 5.53
CA SER A 77 2.28 -5.96 4.73
C SER A 77 3.46 -5.94 3.78
N MET A 78 3.71 -4.78 3.17
CA MET A 78 4.82 -4.64 2.24
C MET A 78 6.15 -4.69 2.97
N ALA A 79 6.18 -4.10 4.16
CA ALA A 79 7.41 -4.06 4.95
C ALA A 79 7.86 -5.47 5.34
N GLU A 80 6.92 -6.26 5.85
CA GLU A 80 7.23 -7.62 6.27
C GLU A 80 7.55 -8.51 5.06
N ILE A 81 6.83 -8.30 3.97
CA ILE A 81 7.04 -9.07 2.76
C ILE A 81 8.39 -8.72 2.12
N ALA A 82 8.69 -7.43 2.10
CA ALA A 82 9.94 -6.96 1.52
C ALA A 82 11.13 -7.52 2.30
N ALA A 83 10.94 -7.71 3.61
CA ALA A 83 12.00 -8.23 4.45
C ALA A 83 12.46 -9.60 3.97
N VAL A 84 11.59 -10.29 3.23
CA VAL A 84 11.91 -11.61 2.72
C VAL A 84 12.93 -11.49 1.58
N GLU A 85 14.20 -11.44 1.93
CA GLU A 85 15.27 -11.35 0.94
C GLU A 85 16.64 -11.46 1.59
N GLN A 86 17.51 -12.24 0.98
CA GLN A 86 18.86 -12.44 1.53
C GLN A 86 19.91 -12.22 0.43
N GLY A 87 21.03 -11.60 0.82
CA GLY A 87 22.10 -11.34 -0.13
C GLY A 87 21.73 -10.18 -1.06
N GLY A 88 20.79 -9.36 -0.62
CA GLY A 88 20.36 -8.21 -1.43
C GLY A 88 20.95 -6.92 -0.88
N MET A 89 21.59 -6.15 -1.76
CA MET A 89 22.19 -4.89 -1.35
C MET A 89 21.40 -3.70 -1.94
N SER A 90 20.45 -4.01 -2.82
CA SER A 90 19.65 -2.96 -3.44
C SER A 90 18.43 -2.64 -2.58
N MET A 91 18.68 -2.06 -1.41
CA MET A 91 17.60 -1.71 -0.50
C MET A 91 16.75 -0.58 -1.08
N ALA A 92 17.40 0.34 -1.79
CA ALA A 92 16.71 1.46 -2.41
C ALA A 92 15.98 1.03 -3.69
N VAL A 93 15.92 -0.28 -3.93
CA VAL A 93 15.27 -0.80 -5.12
C VAL A 93 14.03 -1.59 -4.72
N LYS A 94 14.19 -2.50 -3.75
CA LYS A 94 13.08 -3.32 -3.30
C LYS A 94 12.05 -2.48 -2.56
N THR A 95 12.52 -1.41 -1.92
CA THR A 95 11.62 -0.53 -1.17
C THR A 95 11.34 0.74 -1.95
N ASN A 96 11.61 0.72 -3.25
CA ASN A 96 11.38 1.88 -4.09
C ASN A 96 10.52 1.52 -5.29
N ALA A 97 10.75 0.32 -5.84
CA ALA A 97 9.99 -0.13 -7.00
C ALA A 97 8.50 -0.25 -6.67
N ILE A 98 8.21 -0.91 -5.55
CA ILE A 98 6.82 -1.08 -5.13
C ILE A 98 6.20 0.26 -4.76
N VAL A 99 6.96 1.08 -4.04
CA VAL A 99 6.48 2.40 -3.62
C VAL A 99 6.22 3.27 -4.84
N ASP A 100 7.13 3.21 -5.81
CA ASP A 100 6.99 4.01 -7.03
C ASP A 100 5.71 3.66 -7.77
N GLY A 101 5.35 2.38 -7.75
CA GLY A 101 4.14 1.92 -8.43
C GLY A 101 2.91 2.67 -7.93
N LEU A 102 3.03 3.31 -6.77
CA LEU A 102 1.91 4.05 -6.21
C LEU A 102 1.51 5.19 -7.12
N ASN A 103 2.50 5.90 -7.66
CA ASN A 103 2.22 7.03 -8.55
C ASN A 103 1.51 6.55 -9.82
N SER A 104 1.96 5.42 -10.34
CA SER A 104 1.36 4.86 -11.55
C SER A 104 -0.11 4.50 -11.30
N ALA A 105 -0.37 3.92 -10.13
CA ALA A 105 -1.73 3.53 -9.78
C ALA A 105 -2.66 4.73 -9.73
N PHE A 106 -2.17 5.81 -9.12
CA PHE A 106 -2.97 7.03 -9.01
C PHE A 106 -3.26 7.62 -10.40
N TYR A 107 -2.23 7.63 -11.24
CA TYR A 107 -2.39 8.16 -12.58
C TYR A 107 -3.41 7.34 -13.37
N MET A 108 -3.26 6.02 -13.33
CA MET A 108 -4.17 5.15 -14.05
C MET A 108 -5.61 5.32 -13.57
N THR A 109 -5.77 5.40 -12.26
CA THR A 109 -7.10 5.57 -11.67
C THR A 109 -7.68 6.94 -12.04
N THR A 110 -6.83 7.96 -12.06
CA THR A 110 -7.28 9.31 -12.37
C THR A 110 -6.39 9.96 -13.41
N GLY A 111 -5.11 10.10 -13.09
CA GLY A 111 -4.17 10.72 -14.01
C GLY A 111 -3.35 11.80 -13.29
N ALA A 112 -3.53 11.91 -11.98
CA ALA A 112 -2.80 12.90 -11.20
C ALA A 112 -1.66 12.26 -10.43
N ALA A 113 -0.54 12.98 -10.34
CA ALA A 113 0.62 12.47 -9.62
C ALA A 113 0.64 12.98 -8.19
N ASN A 114 0.88 12.07 -7.25
CA ASN A 114 0.92 12.44 -5.84
C ASN A 114 2.22 11.95 -5.19
N PRO A 115 3.31 12.59 -5.51
CA PRO A 115 4.64 12.24 -4.95
C PRO A 115 4.71 12.47 -3.44
N GLN A 116 3.98 13.49 -2.97
CA GLN A 116 3.96 13.81 -1.55
C GLN A 116 3.30 12.68 -0.76
N PHE A 117 2.20 12.17 -1.28
CA PHE A 117 1.48 11.09 -0.62
C PHE A 117 2.33 9.82 -0.59
N VAL A 118 3.03 9.58 -1.69
CA VAL A 118 3.90 8.40 -1.79
C VAL A 118 5.00 8.46 -0.73
N ASN A 119 5.59 9.64 -0.58
CA ASN A 119 6.65 9.82 0.42
C ASN A 119 6.13 9.49 1.81
N GLU A 120 4.89 9.88 2.08
CA GLU A 120 4.29 9.61 3.38
C GLU A 120 4.24 8.10 3.63
N MET A 121 3.89 7.34 2.60
CA MET A 121 3.83 5.89 2.73
C MET A 121 5.23 5.33 3.03
N ARG A 122 6.24 5.91 2.40
CA ARG A 122 7.61 5.46 2.60
C ARG A 122 7.98 5.51 4.07
N SER A 123 7.67 6.62 4.73
CA SER A 123 7.96 6.77 6.15
C SER A 123 7.16 5.76 6.96
N LEU A 124 5.95 5.47 6.51
CA LEU A 124 5.09 4.52 7.21
C LEU A 124 5.65 3.11 7.08
N ILE A 125 6.41 2.87 6.02
CA ILE A 125 7.02 1.55 5.81
C ILE A 125 8.36 1.45 6.55
N SER A 126 9.12 2.53 6.54
CA SER A 126 10.41 2.56 7.21
C SER A 126 10.24 2.33 8.71
N MET A 127 9.23 2.96 9.29
CA MET A 127 8.97 2.83 10.71
C MET A 127 8.62 1.38 11.06
N ILE A 128 7.95 0.69 10.14
CA ILE A 128 7.58 -0.69 10.35
C ILE A 128 8.82 -1.56 10.50
N SER A 129 9.78 -1.35 9.60
CA SER A 129 11.01 -2.12 9.65
C SER A 129 11.80 -1.82 10.93
N ALA A 130 11.86 -0.55 11.28
CA ALA A 130 12.56 -0.12 12.48
C ALA A 130 11.92 -0.73 13.72
N ALA A 131 10.59 -0.80 13.72
CA ALA A 131 9.87 -1.36 14.86
C ALA A 131 10.27 -2.81 15.09
N SER A 132 10.39 -3.56 14.01
CA SER A 132 10.77 -4.96 14.11
C SER A 132 11.22 -5.50 12.75
N ALA A 133 12.32 -6.24 12.75
CA ALA A 133 12.83 -6.82 11.51
C ALA A 133 11.83 -7.81 10.92
N ASN A 134 11.15 -8.54 11.80
CA ASN A 134 10.17 -9.53 11.36
C ASN A 134 10.85 -10.65 10.58
N GLU A 135 12.08 -10.98 10.98
CA GLU A 135 12.82 -12.05 10.32
C GLU A 135 13.44 -12.99 11.36
N VAL A 136 13.48 -14.27 11.05
CA VAL A 136 14.05 -15.26 11.96
C VAL A 136 15.16 -16.05 11.27
N SER A 137 16.32 -16.10 11.90
CA SER A 137 17.46 -16.82 11.35
C SER A 137 17.14 -18.31 11.25
N TYR A 138 16.48 -18.84 12.27
CA TYR A 138 16.12 -20.26 12.29
C TYR A 138 14.84 -20.49 11.48
N GLY A 1 -10.99 26.24 2.76
CA GLY A 1 -11.11 24.97 2.00
C GLY A 1 -10.03 24.00 2.47
N SER A 2 -10.45 22.92 3.12
CA SER A 2 -9.51 21.92 3.62
C SER A 2 -9.91 20.53 3.15
N HIS A 3 -8.92 19.66 2.97
CA HIS A 3 -9.18 18.30 2.51
C HIS A 3 -9.88 18.30 1.16
N MET A 4 -9.62 19.35 0.38
CA MET A 4 -10.23 19.46 -0.95
C MET A 4 -9.30 18.86 -2.01
N ALA A 5 -8.09 18.48 -1.60
CA ALA A 5 -7.13 17.90 -2.52
C ALA A 5 -7.63 16.57 -3.06
N GLN A 6 -7.19 16.22 -4.26
CA GLN A 6 -7.61 14.96 -4.89
C GLN A 6 -7.16 13.77 -4.04
N ALA A 7 -7.81 12.63 -4.25
CA ALA A 7 -7.48 11.42 -3.49
C ALA A 7 -7.63 11.68 -2.00
N ARG A 8 -8.73 12.31 -1.61
CA ARG A 8 -8.99 12.60 -0.21
C ARG A 8 -9.09 11.31 0.60
N SER A 9 -9.80 10.34 0.06
CA SER A 9 -9.98 9.06 0.74
C SER A 9 -10.09 7.92 -0.27
N PRO A 10 -8.98 7.41 -0.72
CA PRO A 10 -8.94 6.30 -1.70
C PRO A 10 -9.70 5.07 -1.21
N TRP A 11 -9.82 4.94 0.10
CA TRP A 11 -10.53 3.81 0.69
C TRP A 11 -11.98 4.17 0.96
N SER A 12 -12.43 5.28 0.39
CA SER A 12 -13.80 5.73 0.58
C SER A 12 -14.78 4.67 0.05
N ASP A 13 -14.52 4.16 -1.14
CA ASP A 13 -15.38 3.15 -1.74
C ASP A 13 -14.59 1.88 -2.04
N THR A 14 -15.24 0.74 -1.89
CA THR A 14 -14.57 -0.54 -2.15
C THR A 14 -14.22 -0.67 -3.62
N ALA A 15 -15.11 -0.19 -4.48
CA ALA A 15 -14.86 -0.25 -5.92
C ALA A 15 -13.63 0.57 -6.31
N THR A 16 -13.52 1.76 -5.73
CA THR A 16 -12.39 2.63 -6.02
C THR A 16 -11.09 2.02 -5.49
N ALA A 17 -11.14 1.50 -4.27
CA ALA A 17 -9.97 0.88 -3.66
C ALA A 17 -9.50 -0.31 -4.48
N ASP A 18 -10.45 -1.10 -4.98
CA ASP A 18 -10.13 -2.27 -5.77
C ASP A 18 -9.37 -1.87 -7.03
N ALA A 19 -9.86 -0.85 -7.72
CA ALA A 19 -9.22 -0.38 -8.94
C ALA A 19 -7.80 0.09 -8.67
N PHE A 20 -7.63 0.82 -7.57
CA PHE A 20 -6.31 1.33 -7.20
C PHE A 20 -5.34 0.18 -6.96
N ILE A 21 -5.79 -0.81 -6.18
CA ILE A 21 -4.94 -1.96 -5.87
C ILE A 21 -4.57 -2.72 -7.14
N GLN A 22 -5.57 -2.96 -8.00
CA GLN A 22 -5.32 -3.69 -9.23
C GLN A 22 -4.30 -2.97 -10.10
N ASN A 23 -4.49 -1.67 -10.27
CA ASN A 23 -3.56 -0.87 -11.07
C ASN A 23 -2.19 -0.82 -10.40
N PHE A 24 -2.18 -0.68 -9.09
CA PHE A 24 -0.93 -0.63 -8.34
C PHE A 24 -0.13 -1.90 -8.54
N LEU A 25 -0.79 -3.05 -8.39
CA LEU A 25 -0.12 -4.34 -8.53
C LEU A 25 0.45 -4.49 -9.94
N ALA A 26 -0.31 -4.00 -10.93
CA ALA A 26 0.13 -4.09 -12.32
C ALA A 26 1.44 -3.33 -12.52
N ALA A 27 1.52 -2.15 -11.93
CA ALA A 27 2.73 -1.33 -12.05
C ALA A 27 3.92 -2.02 -11.38
N VAL A 28 3.69 -2.56 -10.18
CA VAL A 28 4.75 -3.24 -9.46
C VAL A 28 5.26 -4.44 -10.25
N SER A 29 4.33 -5.25 -10.74
CA SER A 29 4.68 -6.43 -11.52
C SER A 29 5.20 -6.03 -12.90
N GLY A 30 4.76 -4.86 -13.36
CA GLY A 30 5.19 -4.35 -14.67
C GLY A 30 6.70 -4.16 -14.71
N SER A 31 7.25 -3.65 -13.61
CA SER A 31 8.69 -3.41 -13.54
C SER A 31 9.47 -4.72 -13.67
N GLY A 32 8.88 -5.79 -13.15
CA GLY A 32 9.53 -7.11 -13.22
C GLY A 32 10.60 -7.24 -12.13
N ALA A 33 10.69 -6.23 -11.26
CA ALA A 33 11.66 -6.25 -10.18
C ALA A 33 11.41 -7.43 -9.25
N PHE A 34 10.14 -7.73 -9.02
CA PHE A 34 9.78 -8.83 -8.13
C PHE A 34 9.23 -10.02 -8.93
N THR A 35 9.50 -11.22 -8.44
CA THR A 35 9.04 -12.42 -9.12
C THR A 35 7.57 -12.68 -8.80
N SER A 36 7.03 -13.76 -9.36
CA SER A 36 5.63 -14.11 -9.14
C SER A 36 5.38 -14.39 -7.66
N ASP A 37 6.34 -15.04 -7.02
CA ASP A 37 6.20 -15.38 -5.60
C ASP A 37 6.04 -14.12 -4.76
N GLN A 38 6.95 -13.17 -4.95
CA GLN A 38 6.90 -11.91 -4.20
C GLN A 38 5.66 -11.12 -4.57
N LEU A 39 5.36 -11.08 -5.86
CA LEU A 39 4.19 -10.34 -6.34
C LEU A 39 2.91 -10.92 -5.74
N ASP A 40 2.86 -12.24 -5.63
CA ASP A 40 1.70 -12.92 -5.07
C ASP A 40 1.50 -12.51 -3.61
N ASP A 41 2.60 -12.38 -2.88
CA ASP A 41 2.55 -12.00 -1.48
C ASP A 41 1.93 -10.63 -1.31
N MET A 42 2.30 -9.70 -2.19
CA MET A 42 1.75 -8.35 -2.13
C MET A 42 0.47 -8.24 -2.95
N SER A 43 0.10 -9.34 -3.59
CA SER A 43 -1.11 -9.36 -4.40
C SER A 43 -2.30 -9.86 -3.59
N THR A 44 -2.09 -10.96 -2.87
CA THR A 44 -3.15 -11.54 -2.06
C THR A 44 -3.65 -10.54 -1.02
N ILE A 45 -2.79 -9.59 -0.67
CA ILE A 45 -3.16 -8.58 0.31
C ILE A 45 -4.40 -7.82 -0.14
N GLY A 46 -4.63 -7.79 -1.46
CA GLY A 46 -5.77 -7.08 -2.01
C GLY A 46 -7.08 -7.62 -1.42
N ASP A 47 -7.17 -8.94 -1.29
CA ASP A 47 -8.36 -9.56 -0.74
C ASP A 47 -8.52 -9.18 0.74
N THR A 48 -7.40 -9.16 1.46
CA THR A 48 -7.43 -8.81 2.87
C THR A 48 -7.93 -7.38 3.08
N ILE A 49 -7.40 -6.46 2.28
CA ILE A 49 -7.81 -5.06 2.37
C ILE A 49 -9.29 -4.90 2.06
N MET A 50 -9.73 -5.55 0.98
CA MET A 50 -11.12 -5.48 0.58
C MET A 50 -12.02 -6.12 1.64
N SER A 51 -11.55 -7.22 2.21
CA SER A 51 -12.33 -7.94 3.23
C SER A 51 -12.60 -7.02 4.42
N ALA A 52 -11.57 -6.30 4.85
CA ALA A 52 -11.71 -5.38 5.97
C ALA A 52 -12.66 -4.24 5.61
N MET A 53 -12.58 -3.78 4.37
CA MET A 53 -13.43 -2.69 3.91
C MET A 53 -14.90 -3.08 4.00
N ASP A 54 -15.21 -4.31 3.63
CA ASP A 54 -16.58 -4.80 3.66
C ASP A 54 -17.09 -4.89 5.10
N LYS A 55 -16.28 -5.50 5.96
CA LYS A 55 -16.67 -5.66 7.36
C LYS A 55 -16.82 -4.31 8.04
N MET A 56 -15.84 -3.43 7.83
CA MET A 56 -15.88 -2.10 8.43
C MET A 56 -17.02 -1.28 7.83
N ALA A 57 -17.22 -1.40 6.53
CA ALA A 57 -18.28 -0.68 5.84
C ALA A 57 -19.64 -1.13 6.35
N ARG A 58 -19.78 -2.44 6.57
CA ARG A 58 -21.03 -3.00 7.06
C ARG A 58 -21.40 -2.40 8.41
N SER A 59 -20.40 -2.26 9.29
CA SER A 59 -20.63 -1.70 10.61
C SER A 59 -21.26 -0.30 10.50
N ASN A 60 -22.30 -0.07 11.28
CA ASN A 60 -22.98 1.22 11.27
C ASN A 60 -22.04 2.33 11.72
N LYS A 61 -21.22 2.04 12.72
CA LYS A 61 -20.27 3.02 13.24
C LYS A 61 -19.12 3.22 12.26
N SER A 62 -18.77 4.49 12.02
CA SER A 62 -17.68 4.81 11.11
C SER A 62 -16.82 5.94 11.68
N SER A 63 -15.50 5.76 11.61
CA SER A 63 -14.58 6.77 12.12
C SER A 63 -13.36 6.90 11.21
N GLN A 64 -12.62 7.98 11.38
CA GLN A 64 -11.42 8.20 10.57
C GLN A 64 -10.36 7.15 10.87
N HIS A 65 -10.55 6.43 11.97
CA HIS A 65 -9.62 5.38 12.37
C HIS A 65 -9.59 4.27 11.32
N LYS A 66 -10.76 3.96 10.76
CA LYS A 66 -10.86 2.92 9.75
C LYS A 66 -9.93 3.23 8.58
N LEU A 67 -9.94 4.48 8.13
CA LEU A 67 -9.09 4.88 7.02
C LEU A 67 -7.62 4.79 7.40
N GLN A 68 -7.30 5.19 8.62
CA GLN A 68 -5.92 5.14 9.10
C GLN A 68 -5.44 3.70 9.21
N ALA A 69 -6.32 2.82 9.68
CA ALA A 69 -5.97 1.43 9.85
C ALA A 69 -5.59 0.80 8.52
N LEU A 70 -6.34 1.13 7.47
CA LEU A 70 -6.07 0.59 6.15
C LEU A 70 -4.70 1.06 5.65
N ASN A 71 -4.38 2.33 5.88
CA ASN A 71 -3.11 2.87 5.44
C ASN A 71 -1.95 2.16 6.14
N MET A 72 -2.09 1.94 7.43
CA MET A 72 -1.05 1.29 8.21
C MET A 72 -0.94 -0.19 7.83
N ALA A 73 -2.08 -0.82 7.59
CA ALA A 73 -2.11 -2.23 7.23
C ALA A 73 -1.35 -2.47 5.94
N PHE A 74 -1.58 -1.62 4.96
CA PHE A 74 -0.91 -1.76 3.66
C PHE A 74 0.60 -1.56 3.80
N ALA A 75 0.98 -0.48 4.48
CA ALA A 75 2.40 -0.18 4.67
C ALA A 75 3.09 -1.29 5.46
N SER A 76 2.40 -1.80 6.48
CA SER A 76 2.96 -2.86 7.30
C SER A 76 3.17 -4.12 6.48
N SER A 77 2.22 -4.43 5.61
CA SER A 77 2.32 -5.62 4.77
C SER A 77 3.55 -5.54 3.87
N MET A 78 3.82 -4.36 3.35
CA MET A 78 4.97 -4.17 2.47
C MET A 78 6.27 -4.37 3.25
N ALA A 79 6.30 -3.89 4.48
CA ALA A 79 7.50 -4.01 5.30
C ALA A 79 7.74 -5.46 5.71
N GLU A 80 6.69 -6.13 6.16
CA GLU A 80 6.81 -7.51 6.60
C GLU A 80 7.15 -8.43 5.43
N ILE A 81 6.83 -7.98 4.22
CA ILE A 81 7.08 -8.77 3.03
C ILE A 81 8.46 -8.44 2.47
N ALA A 82 8.84 -7.17 2.52
CA ALA A 82 10.13 -6.73 2.02
C ALA A 82 11.26 -7.43 2.78
N ALA A 83 11.02 -7.68 4.07
CA ALA A 83 12.02 -8.32 4.91
C ALA A 83 12.42 -9.68 4.32
N VAL A 84 11.51 -10.27 3.56
CA VAL A 84 11.77 -11.57 2.95
C VAL A 84 12.78 -11.42 1.80
N GLU A 85 14.06 -11.62 2.11
CA GLU A 85 15.10 -11.52 1.10
C GLU A 85 16.46 -11.85 1.70
N GLN A 86 16.94 -13.05 1.43
CA GLN A 86 18.24 -13.48 1.95
C GLN A 86 19.35 -12.61 1.38
N GLY A 87 19.25 -12.30 0.09
CA GLY A 87 20.26 -11.48 -0.57
C GLY A 87 19.68 -10.12 -0.96
N GLY A 88 20.22 -9.55 -2.03
CA GLY A 88 19.75 -8.24 -2.50
C GLY A 88 20.92 -7.28 -2.65
N MET A 89 21.24 -6.94 -3.90
CA MET A 89 22.33 -6.02 -4.18
C MET A 89 22.03 -4.64 -3.61
N SER A 90 20.77 -4.21 -3.74
CA SER A 90 20.36 -2.90 -3.22
C SER A 90 18.93 -2.95 -2.70
N MET A 91 18.69 -2.26 -1.59
CA MET A 91 17.37 -2.23 -1.00
C MET A 91 16.53 -1.10 -1.60
N ALA A 92 17.21 -0.05 -2.06
CA ALA A 92 16.53 1.08 -2.65
C ALA A 92 15.85 0.68 -3.97
N VAL A 93 16.31 -0.43 -4.55
CA VAL A 93 15.75 -0.91 -5.80
C VAL A 93 14.36 -1.50 -5.60
N LYS A 94 14.23 -2.33 -4.58
CA LYS A 94 12.96 -2.97 -4.30
C LYS A 94 12.00 -2.03 -3.59
N THR A 95 12.55 -1.14 -2.78
CA THR A 95 11.74 -0.19 -2.04
C THR A 95 11.09 0.82 -2.98
N ASN A 96 11.83 1.19 -4.03
CA ASN A 96 11.31 2.16 -4.99
C ASN A 96 10.50 1.45 -6.06
N ALA A 97 10.80 0.18 -6.28
CA ALA A 97 10.07 -0.60 -7.28
C ALA A 97 8.60 -0.72 -6.92
N ILE A 98 8.34 -0.94 -5.63
CA ILE A 98 6.96 -1.08 -5.16
C ILE A 98 6.34 0.29 -4.92
N VAL A 99 7.11 1.18 -4.30
CA VAL A 99 6.63 2.53 -4.01
C VAL A 99 6.26 3.26 -5.30
N ASP A 100 7.11 3.14 -6.30
CA ASP A 100 6.88 3.79 -7.58
C ASP A 100 5.54 3.35 -8.17
N GLY A 101 5.13 2.12 -7.84
CA GLY A 101 3.87 1.59 -8.35
C GLY A 101 2.70 2.46 -7.90
N LEU A 102 2.82 3.03 -6.71
CA LEU A 102 1.75 3.86 -6.17
C LEU A 102 1.50 5.06 -7.08
N ASN A 103 2.58 5.72 -7.50
CA ASN A 103 2.45 6.89 -8.37
C ASN A 103 1.80 6.51 -9.70
N SER A 104 2.21 5.36 -10.24
CA SER A 104 1.65 4.89 -11.50
C SER A 104 0.15 4.66 -11.39
N ALA A 105 -0.25 3.95 -10.34
CA ALA A 105 -1.67 3.65 -10.14
C ALA A 105 -2.47 4.93 -9.92
N PHE A 106 -1.94 5.83 -9.11
CA PHE A 106 -2.61 7.09 -8.83
C PHE A 106 -2.81 7.90 -10.10
N TYR A 107 -1.84 7.80 -11.00
CA TYR A 107 -1.92 8.52 -12.27
C TYR A 107 -2.92 7.86 -13.21
N MET A 108 -3.03 6.53 -13.11
CA MET A 108 -3.94 5.78 -13.96
C MET A 108 -5.25 5.49 -13.24
N THR A 109 -5.41 6.08 -12.07
CA THR A 109 -6.64 5.88 -11.28
C THR A 109 -7.31 7.21 -11.01
N THR A 110 -6.51 8.26 -10.86
CA THR A 110 -7.05 9.59 -10.60
C THR A 110 -6.64 10.57 -11.69
N GLY A 111 -5.67 10.16 -12.51
CA GLY A 111 -5.19 11.01 -13.59
C GLY A 111 -4.11 11.97 -13.07
N ALA A 112 -3.56 11.67 -11.90
CA ALA A 112 -2.54 12.51 -11.29
C ALA A 112 -1.72 11.72 -10.28
N ALA A 113 -0.56 12.26 -9.91
CA ALA A 113 0.31 11.60 -8.95
C ALA A 113 0.39 12.42 -7.66
N ASN A 114 0.70 11.74 -6.55
CA ASN A 114 0.81 12.40 -5.26
C ASN A 114 2.15 12.10 -4.61
N PRO A 115 3.19 12.79 -5.02
CA PRO A 115 4.56 12.59 -4.46
C PRO A 115 4.58 12.75 -2.95
N GLN A 116 3.86 13.76 -2.44
CA GLN A 116 3.81 13.99 -1.00
C GLN A 116 3.24 12.79 -0.27
N PHE A 117 2.15 12.24 -0.80
CA PHE A 117 1.51 11.07 -0.21
C PHE A 117 2.47 9.88 -0.25
N VAL A 118 3.14 9.71 -1.38
CA VAL A 118 4.08 8.61 -1.55
C VAL A 118 5.22 8.71 -0.54
N ASN A 119 5.72 9.93 -0.34
CA ASN A 119 6.81 10.15 0.60
C ASN A 119 6.42 9.67 1.99
N GLU A 120 5.19 9.99 2.40
CA GLU A 120 4.70 9.57 3.70
C GLU A 120 4.57 8.05 3.75
N MET A 121 4.14 7.46 2.64
CA MET A 121 3.97 6.01 2.58
C MET A 121 5.29 5.30 2.83
N ARG A 122 6.35 5.79 2.20
CA ARG A 122 7.68 5.20 2.38
C ARG A 122 8.11 5.30 3.83
N SER A 123 7.83 6.44 4.45
CA SER A 123 8.20 6.65 5.85
C SER A 123 7.48 5.65 6.75
N LEU A 124 6.23 5.37 6.43
CA LEU A 124 5.43 4.42 7.22
C LEU A 124 6.08 3.05 7.19
N ILE A 125 6.58 2.65 6.03
CA ILE A 125 7.22 1.35 5.89
C ILE A 125 8.45 1.26 6.79
N SER A 126 9.24 2.32 6.80
CA SER A 126 10.45 2.35 7.62
C SER A 126 10.11 2.22 9.10
N MET A 127 9.05 2.91 9.51
CA MET A 127 8.63 2.89 10.90
C MET A 127 8.24 1.46 11.32
N ILE A 128 7.70 0.71 10.37
CA ILE A 128 7.29 -0.66 10.65
C ILE A 128 8.51 -1.52 10.94
N SER A 129 9.57 -1.33 10.16
CA SER A 129 10.78 -2.11 10.33
C SER A 129 11.36 -1.89 11.73
N ALA A 130 11.42 -0.63 12.15
CA ALA A 130 11.94 -0.30 13.48
C ALA A 130 11.07 -0.92 14.58
N ALA A 131 9.75 -0.85 14.38
CA ALA A 131 8.82 -1.40 15.36
C ALA A 131 8.87 -2.93 15.34
N SER A 132 9.34 -3.49 14.23
CA SER A 132 9.43 -4.94 14.09
C SER A 132 8.04 -5.56 14.10
N ALA A 133 7.98 -6.85 14.40
CA ALA A 133 6.69 -7.56 14.44
C ALA A 133 6.22 -7.70 15.88
N ASN A 134 5.10 -7.04 16.19
CA ASN A 134 4.53 -7.11 17.54
C ASN A 134 3.52 -8.24 17.64
N GLU A 135 3.30 -8.95 16.52
CA GLU A 135 2.35 -10.05 16.50
C GLU A 135 2.81 -11.17 17.44
N VAL A 136 4.12 -11.39 17.48
CA VAL A 136 4.67 -12.44 18.33
C VAL A 136 4.15 -12.31 19.76
N SER A 137 3.84 -11.07 20.14
CA SER A 137 3.33 -10.81 21.49
C SER A 137 1.95 -11.43 21.67
N TYR A 138 1.66 -11.89 22.88
CA TYR A 138 0.37 -12.49 23.17
C TYR A 138 0.11 -13.67 22.24
N GLY A 1 -7.03 29.94 -6.83
CA GLY A 1 -6.94 28.73 -7.72
C GLY A 1 -8.18 28.65 -8.59
N SER A 2 -7.98 28.69 -9.90
CA SER A 2 -9.09 28.62 -10.83
C SER A 2 -9.82 27.28 -10.71
N HIS A 3 -9.06 26.21 -10.53
CA HIS A 3 -9.64 24.89 -10.39
C HIS A 3 -9.05 24.17 -9.18
N MET A 4 -9.89 23.44 -8.46
CA MET A 4 -9.44 22.71 -7.29
C MET A 4 -9.85 21.24 -7.38
N ALA A 5 -8.88 20.35 -7.24
CA ALA A 5 -9.16 18.92 -7.30
C ALA A 5 -8.22 18.15 -6.37
N GLN A 6 -8.79 17.50 -5.37
CA GLN A 6 -7.99 16.72 -4.42
C GLN A 6 -8.68 15.41 -4.09
N ALA A 7 -7.90 14.38 -3.79
CA ALA A 7 -8.46 13.08 -3.44
C ALA A 7 -8.62 12.96 -1.93
N ARG A 8 -9.82 12.59 -1.50
CA ARG A 8 -10.08 12.45 -0.07
C ARG A 8 -9.17 11.39 0.54
N SER A 9 -9.09 10.23 -0.12
CA SER A 9 -8.25 9.15 0.38
C SER A 9 -8.33 7.93 -0.54
N PRO A 10 -7.26 7.17 -0.67
CA PRO A 10 -7.25 5.95 -1.53
C PRO A 10 -8.22 4.88 -1.04
N TRP A 11 -8.55 4.94 0.26
CA TRP A 11 -9.46 3.96 0.84
C TRP A 11 -10.83 4.59 1.10
N SER A 12 -11.12 5.69 0.41
CA SER A 12 -12.38 6.39 0.58
C SER A 12 -13.55 5.49 0.22
N ASP A 13 -13.38 4.69 -0.83
CA ASP A 13 -14.43 3.78 -1.26
C ASP A 13 -13.82 2.44 -1.72
N THR A 14 -14.62 1.39 -1.66
CA THR A 14 -14.14 0.07 -2.06
C THR A 14 -13.85 0.03 -3.55
N ALA A 15 -14.69 0.68 -4.34
CA ALA A 15 -14.49 0.72 -5.78
C ALA A 15 -13.18 1.41 -6.13
N THR A 16 -12.93 2.54 -5.48
CA THR A 16 -11.70 3.29 -5.73
C THR A 16 -10.48 2.50 -5.24
N ALA A 17 -10.60 1.93 -4.05
CA ALA A 17 -9.50 1.17 -3.46
C ALA A 17 -9.16 -0.03 -4.36
N ASP A 18 -10.19 -0.67 -4.89
CA ASP A 18 -9.98 -1.82 -5.75
C ASP A 18 -9.19 -1.43 -6.99
N ALA A 19 -9.57 -0.31 -7.61
CA ALA A 19 -8.87 0.15 -8.81
C ALA A 19 -7.41 0.45 -8.50
N PHE A 20 -7.16 1.08 -7.35
CA PHE A 20 -5.80 1.41 -6.97
C PHE A 20 -4.98 0.15 -6.75
N ILE A 21 -5.57 -0.84 -6.08
CA ILE A 21 -4.88 -2.09 -5.83
C ILE A 21 -4.58 -2.83 -7.13
N GLN A 22 -5.56 -2.90 -8.01
CA GLN A 22 -5.38 -3.60 -9.28
C GLN A 22 -4.27 -2.94 -10.10
N ASN A 23 -4.31 -1.61 -10.20
CA ASN A 23 -3.30 -0.88 -10.96
C ASN A 23 -1.95 -0.95 -10.27
N PHE A 24 -1.97 -0.88 -8.94
CA PHE A 24 -0.75 -0.92 -8.15
C PHE A 24 0.02 -2.22 -8.40
N LEU A 25 -0.69 -3.34 -8.30
CA LEU A 25 -0.07 -4.64 -8.52
C LEU A 25 0.41 -4.76 -9.95
N ALA A 26 -0.39 -4.27 -10.88
CA ALA A 26 -0.03 -4.33 -12.30
C ALA A 26 1.25 -3.54 -12.57
N ALA A 27 1.35 -2.38 -11.95
CA ALA A 27 2.53 -1.52 -12.13
C ALA A 27 3.79 -2.21 -11.62
N VAL A 28 3.69 -2.84 -10.45
CA VAL A 28 4.84 -3.51 -9.87
C VAL A 28 5.31 -4.63 -10.80
N SER A 29 4.35 -5.26 -11.49
CA SER A 29 4.67 -6.34 -12.42
C SER A 29 5.48 -5.80 -13.60
N GLY A 30 5.03 -4.67 -14.16
CA GLY A 30 5.71 -4.07 -15.31
C GLY A 30 7.15 -3.72 -14.95
N SER A 31 7.38 -3.42 -13.69
CA SER A 31 8.72 -3.08 -13.25
C SER A 31 9.69 -4.22 -13.54
N GLY A 32 9.26 -5.45 -13.27
CA GLY A 32 10.11 -6.61 -13.51
C GLY A 32 11.13 -6.77 -12.38
N ALA A 33 11.12 -5.85 -11.42
CA ALA A 33 12.04 -5.91 -10.30
C ALA A 33 11.68 -7.04 -9.36
N PHE A 34 10.44 -7.53 -9.46
CA PHE A 34 9.99 -8.61 -8.59
C PHE A 34 9.37 -9.74 -9.42
N THR A 35 9.45 -10.96 -8.90
CA THR A 35 8.90 -12.12 -9.60
C THR A 35 7.44 -12.31 -9.24
N SER A 36 6.80 -13.30 -9.86
CA SER A 36 5.39 -13.58 -9.60
C SER A 36 5.18 -13.96 -8.14
N ASP A 37 6.11 -14.73 -7.57
CA ASP A 37 5.98 -15.14 -6.19
C ASP A 37 5.94 -13.94 -5.25
N GLN A 38 6.81 -12.96 -5.51
CA GLN A 38 6.84 -11.77 -4.68
C GLN A 38 5.55 -10.96 -4.83
N LEU A 39 5.05 -10.88 -6.05
CA LEU A 39 3.82 -10.17 -6.32
C LEU A 39 2.64 -10.81 -5.60
N ASP A 40 2.62 -12.14 -5.59
CA ASP A 40 1.55 -12.88 -4.93
C ASP A 40 1.51 -12.52 -3.44
N ASP A 41 2.70 -12.44 -2.84
CA ASP A 41 2.79 -12.10 -1.42
C ASP A 41 2.21 -10.71 -1.16
N MET A 42 2.51 -9.77 -2.04
CA MET A 42 1.99 -8.41 -1.89
C MET A 42 0.65 -8.25 -2.63
N SER A 43 0.11 -9.37 -3.12
CA SER A 43 -1.16 -9.33 -3.83
C SER A 43 -2.31 -9.71 -2.89
N THR A 44 -2.12 -10.81 -2.14
CA THR A 44 -3.16 -11.27 -1.22
C THR A 44 -3.56 -10.16 -0.26
N ILE A 45 -2.64 -9.23 -0.03
CA ILE A 45 -2.92 -8.12 0.87
C ILE A 45 -4.08 -7.28 0.35
N GLY A 46 -4.21 -7.20 -0.97
CA GLY A 46 -5.29 -6.42 -1.57
C GLY A 46 -6.64 -6.99 -1.19
N ASP A 47 -6.76 -8.31 -1.20
CA ASP A 47 -8.02 -8.97 -0.85
C ASP A 47 -8.35 -8.70 0.62
N THR A 48 -7.33 -8.80 1.47
CA THR A 48 -7.52 -8.57 2.90
C THR A 48 -7.99 -7.15 3.16
N ILE A 49 -7.38 -6.20 2.46
CA ILE A 49 -7.74 -4.79 2.63
C ILE A 49 -9.21 -4.58 2.27
N MET A 50 -9.63 -5.14 1.15
CA MET A 50 -11.01 -4.99 0.72
C MET A 50 -11.96 -5.67 1.70
N SER A 51 -11.55 -6.82 2.21
CA SER A 51 -12.38 -7.56 3.16
C SER A 51 -12.65 -6.71 4.40
N ALA A 52 -11.59 -6.10 4.93
CA ALA A 52 -11.74 -5.25 6.11
C ALA A 52 -12.63 -4.06 5.81
N MET A 53 -12.47 -3.49 4.62
CA MET A 53 -13.25 -2.33 4.22
C MET A 53 -14.74 -2.65 4.25
N ASP A 54 -15.10 -3.81 3.71
CA ASP A 54 -16.50 -4.21 3.68
C ASP A 54 -17.02 -4.48 5.08
N LYS A 55 -16.21 -5.15 5.89
CA LYS A 55 -16.61 -5.49 7.26
C LYS A 55 -16.81 -4.21 8.09
N MET A 56 -15.87 -3.28 7.96
CA MET A 56 -15.95 -2.03 8.70
C MET A 56 -17.11 -1.19 8.19
N ALA A 57 -17.27 -1.16 6.87
CA ALA A 57 -18.34 -0.40 6.27
C ALA A 57 -19.71 -0.92 6.71
N ARG A 58 -19.82 -2.25 6.77
CA ARG A 58 -21.07 -2.87 7.17
C ARG A 58 -21.46 -2.47 8.58
N SER A 59 -20.48 -2.46 9.49
CA SER A 59 -20.76 -2.09 10.88
C SER A 59 -20.50 -0.60 11.10
N ASN A 60 -21.52 0.09 11.61
CA ASN A 60 -21.40 1.53 11.88
C ASN A 60 -20.81 2.25 10.66
N LYS A 61 -20.28 3.45 10.89
CA LYS A 61 -19.68 4.23 9.80
C LYS A 61 -18.17 4.25 9.94
N SER A 62 -17.49 4.71 8.89
CA SER A 62 -16.04 4.76 8.90
C SER A 62 -15.55 5.81 9.90
N SER A 63 -14.30 5.66 10.32
CA SER A 63 -13.72 6.59 11.28
C SER A 63 -12.27 6.92 10.91
N GLN A 64 -11.70 7.90 11.58
CA GLN A 64 -10.33 8.31 11.31
C GLN A 64 -9.36 7.16 11.62
N HIS A 65 -9.65 6.43 12.69
CA HIS A 65 -8.80 5.30 13.08
C HIS A 65 -8.88 4.19 12.05
N LYS A 66 -10.08 3.97 11.51
CA LYS A 66 -10.28 2.96 10.52
C LYS A 66 -9.39 3.21 9.31
N LEU A 67 -9.36 4.45 8.86
CA LEU A 67 -8.56 4.79 7.70
C LEU A 67 -7.07 4.58 8.01
N GLN A 68 -6.66 5.01 9.19
CA GLN A 68 -5.27 4.87 9.59
C GLN A 68 -4.88 3.39 9.69
N ALA A 69 -5.79 2.58 10.21
CA ALA A 69 -5.54 1.15 10.35
C ALA A 69 -5.28 0.51 8.99
N LEU A 70 -6.07 0.90 8.00
CA LEU A 70 -5.91 0.35 6.66
C LEU A 70 -4.53 0.70 6.09
N ASN A 71 -4.12 1.95 6.29
CA ASN A 71 -2.81 2.38 5.81
C ASN A 71 -1.69 1.63 6.52
N MET A 72 -1.86 1.43 7.83
CA MET A 72 -0.86 0.73 8.62
C MET A 72 -0.76 -0.73 8.18
N ALA A 73 -1.91 -1.34 7.90
CA ALA A 73 -1.91 -2.73 7.48
C ALA A 73 -1.14 -2.91 6.19
N PHE A 74 -1.36 -2.01 5.23
CA PHE A 74 -0.67 -2.10 3.95
C PHE A 74 0.83 -1.86 4.11
N ALA A 75 1.18 -0.82 4.86
CA ALA A 75 2.59 -0.48 5.08
C ALA A 75 3.30 -1.62 5.81
N SER A 76 2.64 -2.16 6.81
CA SER A 76 3.21 -3.26 7.60
C SER A 76 3.38 -4.50 6.72
N SER A 77 2.39 -4.74 5.86
CA SER A 77 2.44 -5.90 4.97
C SER A 77 3.67 -5.84 4.09
N MET A 78 3.97 -4.66 3.55
CA MET A 78 5.13 -4.52 2.70
C MET A 78 6.41 -4.74 3.50
N ALA A 79 6.43 -4.20 4.72
CA ALA A 79 7.61 -4.33 5.59
C ALA A 79 7.90 -5.79 5.97
N GLU A 80 6.86 -6.52 6.36
CA GLU A 80 7.04 -7.91 6.77
C GLU A 80 7.52 -8.74 5.59
N ILE A 81 7.06 -8.39 4.39
CA ILE A 81 7.45 -9.10 3.18
C ILE A 81 8.88 -8.72 2.78
N ALA A 82 9.18 -7.42 2.83
CA ALA A 82 10.49 -6.92 2.46
C ALA A 82 11.56 -7.47 3.40
N ALA A 83 11.14 -7.95 4.56
CA ALA A 83 12.07 -8.50 5.54
C ALA A 83 12.89 -9.62 4.92
N VAL A 84 12.24 -10.42 4.06
CA VAL A 84 12.91 -11.53 3.39
C VAL A 84 14.24 -11.06 2.80
N GLU A 85 15.25 -11.92 2.88
CA GLU A 85 16.57 -11.57 2.36
C GLU A 85 16.68 -11.95 0.88
N GLN A 86 16.70 -10.94 0.02
CA GLN A 86 16.82 -11.17 -1.42
C GLN A 86 18.28 -11.09 -1.86
N GLY A 87 19.19 -10.79 -0.93
CA GLY A 87 20.59 -10.69 -1.26
C GLY A 87 20.90 -9.38 -1.98
N GLY A 88 19.98 -8.41 -1.89
CA GLY A 88 20.18 -7.13 -2.54
C GLY A 88 20.96 -6.18 -1.64
N MET A 89 22.07 -5.67 -2.17
CA MET A 89 22.91 -4.75 -1.41
C MET A 89 22.15 -3.45 -1.13
N SER A 90 21.40 -2.99 -2.13
CA SER A 90 20.64 -1.75 -1.98
C SER A 90 19.27 -2.02 -1.38
N MET A 91 18.87 -1.18 -0.43
CA MET A 91 17.58 -1.33 0.23
C MET A 91 16.54 -0.42 -0.40
N ALA A 92 17.01 0.60 -1.13
CA ALA A 92 16.10 1.55 -1.79
C ALA A 92 15.73 1.06 -3.18
N VAL A 93 15.77 -0.25 -3.40
CA VAL A 93 15.42 -0.82 -4.69
C VAL A 93 14.19 -1.70 -4.58
N LYS A 94 14.26 -2.70 -3.70
CA LYS A 94 13.15 -3.63 -3.49
C LYS A 94 11.95 -2.88 -2.93
N THR A 95 12.19 -1.76 -2.26
CA THR A 95 11.11 -0.97 -1.69
C THR A 95 10.70 0.15 -2.63
N ASN A 96 11.69 0.77 -3.28
CA ASN A 96 11.42 1.86 -4.22
C ASN A 96 10.58 1.39 -5.39
N ALA A 97 10.90 0.20 -5.91
CA ALA A 97 10.17 -0.35 -7.04
C ALA A 97 8.70 -0.55 -6.69
N ILE A 98 8.45 -1.05 -5.48
CA ILE A 98 7.08 -1.28 -5.04
C ILE A 98 6.34 0.04 -4.89
N VAL A 99 7.01 1.02 -4.28
CA VAL A 99 6.42 2.34 -4.08
C VAL A 99 6.10 3.02 -5.41
N ASP A 100 6.99 2.87 -6.38
CA ASP A 100 6.80 3.47 -7.69
C ASP A 100 5.44 3.08 -8.25
N GLY A 101 4.97 1.90 -7.89
CA GLY A 101 3.69 1.42 -8.36
C GLY A 101 2.57 2.37 -7.95
N LEU A 102 2.69 2.92 -6.74
CA LEU A 102 1.68 3.84 -6.24
C LEU A 102 1.56 5.07 -7.14
N ASN A 103 2.70 5.59 -7.60
CA ASN A 103 2.68 6.77 -8.47
C ASN A 103 1.97 6.47 -9.78
N SER A 104 2.27 5.31 -10.35
CA SER A 104 1.64 4.90 -11.60
C SER A 104 0.16 4.65 -11.39
N ALA A 105 -0.18 4.11 -10.22
CA ALA A 105 -1.58 3.82 -9.90
C ALA A 105 -2.40 5.10 -9.90
N PHE A 106 -1.85 6.18 -9.35
CA PHE A 106 -2.56 7.45 -9.30
C PHE A 106 -2.83 7.97 -10.71
N TYR A 107 -1.83 7.92 -11.56
CA TYR A 107 -2.00 8.39 -12.93
C TYR A 107 -2.96 7.49 -13.71
N MET A 108 -2.74 6.18 -13.62
CA MET A 108 -3.58 5.23 -14.33
C MET A 108 -5.04 5.34 -13.87
N THR A 109 -5.22 5.49 -12.57
CA THR A 109 -6.56 5.62 -12.01
C THR A 109 -7.23 6.93 -12.45
N THR A 110 -6.43 8.01 -12.52
CA THR A 110 -6.97 9.32 -12.90
C THR A 110 -6.09 9.99 -13.93
N GLY A 111 -4.84 10.19 -13.57
CA GLY A 111 -3.89 10.85 -14.48
C GLY A 111 -3.08 11.90 -13.74
N ALA A 112 -3.29 12.04 -12.44
CA ALA A 112 -2.55 13.01 -11.65
C ALA A 112 -1.78 12.32 -10.53
N ALA A 113 -0.49 12.61 -10.46
CA ALA A 113 0.36 12.02 -9.43
C ALA A 113 0.08 12.65 -8.07
N ASN A 114 0.28 11.89 -7.01
CA ASN A 114 0.05 12.39 -5.66
C ASN A 114 1.27 12.11 -4.77
N PRO A 115 2.33 12.83 -4.98
CA PRO A 115 3.59 12.66 -4.19
C PRO A 115 3.37 12.97 -2.70
N GLN A 116 2.38 13.79 -2.41
CA GLN A 116 2.08 14.14 -1.03
C GLN A 116 1.68 12.92 -0.22
N PHE A 117 0.90 12.04 -0.84
CA PHE A 117 0.43 10.84 -0.16
C PHE A 117 1.42 9.68 -0.38
N VAL A 118 2.03 9.65 -1.55
CA VAL A 118 2.99 8.60 -1.88
C VAL A 118 4.16 8.60 -0.91
N ASN A 119 4.71 9.78 -0.64
CA ASN A 119 5.85 9.88 0.26
C ASN A 119 5.44 9.41 1.66
N GLU A 120 4.21 9.71 2.04
CA GLU A 120 3.72 9.31 3.36
C GLU A 120 3.68 7.79 3.46
N MET A 121 3.25 7.13 2.38
CA MET A 121 3.16 5.68 2.37
C MET A 121 4.55 5.06 2.54
N ARG A 122 5.55 5.66 1.90
CA ARG A 122 6.91 5.14 1.98
C ARG A 122 7.39 5.16 3.43
N SER A 123 7.12 6.25 4.14
CA SER A 123 7.53 6.37 5.53
C SER A 123 6.87 5.28 6.37
N LEU A 124 5.58 5.06 6.14
CA LEU A 124 4.84 4.05 6.89
C LEU A 124 5.40 2.65 6.60
N ILE A 125 5.76 2.41 5.34
CA ILE A 125 6.33 1.11 4.96
C ILE A 125 7.62 0.85 5.71
N SER A 126 8.48 1.87 5.79
CA SER A 126 9.75 1.74 6.48
C SER A 126 9.61 2.04 7.97
N MET A 127 8.41 2.46 8.38
CA MET A 127 8.16 2.78 9.78
C MET A 127 8.37 1.55 10.66
N ILE A 128 7.85 0.42 10.22
CA ILE A 128 7.99 -0.82 10.98
C ILE A 128 9.47 -1.19 11.09
N SER A 129 10.19 -1.09 9.99
CA SER A 129 11.60 -1.43 9.97
C SER A 129 12.38 -0.51 10.91
N ALA A 130 12.09 0.79 10.83
CA ALA A 130 12.77 1.77 11.67
C ALA A 130 12.52 1.49 13.15
N ALA A 131 11.29 1.11 13.48
CA ALA A 131 10.94 0.82 14.87
C ALA A 131 11.19 -0.66 15.19
N SER A 132 10.19 -1.50 14.94
CA SER A 132 10.32 -2.93 15.21
C SER A 132 9.26 -3.72 14.45
N ALA A 133 9.60 -4.94 14.06
CA ALA A 133 8.66 -5.78 13.33
C ALA A 133 7.94 -6.73 14.30
N ASN A 134 7.10 -6.15 15.15
CA ASN A 134 6.35 -6.95 16.12
C ASN A 134 5.00 -7.36 15.56
N GLU A 135 4.86 -8.65 15.26
CA GLU A 135 3.61 -9.18 14.72
C GLU A 135 2.46 -8.90 15.67
N VAL A 136 2.73 -8.97 16.95
CA VAL A 136 1.72 -8.73 17.96
C VAL A 136 1.14 -7.33 17.82
N SER A 137 2.02 -6.36 17.52
CA SER A 137 1.61 -4.97 17.35
C SER A 137 1.26 -4.34 18.70
N TYR A 138 0.18 -4.84 19.32
CA TYR A 138 -0.25 -4.32 20.60
C TYR A 138 0.92 -4.32 21.60
N GLY A 1 -10.65 21.49 5.70
CA GLY A 1 -11.76 21.85 4.78
C GLY A 1 -11.86 20.82 3.66
N SER A 2 -13.08 20.45 3.30
CA SER A 2 -13.30 19.48 2.24
C SER A 2 -12.73 19.99 0.91
N HIS A 3 -12.94 21.26 0.64
CA HIS A 3 -12.45 21.87 -0.59
C HIS A 3 -10.93 21.87 -0.62
N MET A 4 -10.32 22.14 0.53
CA MET A 4 -8.87 22.18 0.63
C MET A 4 -8.27 20.82 0.25
N ALA A 5 -8.85 19.75 0.78
CA ALA A 5 -8.37 18.41 0.50
C ALA A 5 -8.66 18.03 -0.95
N GLN A 6 -7.71 17.37 -1.60
CA GLN A 6 -7.87 16.96 -2.98
C GLN A 6 -7.55 15.47 -3.14
N ALA A 7 -8.22 14.82 -4.10
CA ALA A 7 -7.99 13.41 -4.34
C ALA A 7 -8.22 12.59 -3.08
N ARG A 8 -9.49 12.37 -2.76
CA ARG A 8 -9.85 11.61 -1.56
C ARG A 8 -9.15 10.25 -1.57
N SER A 9 -8.81 9.77 -0.38
CA SER A 9 -8.13 8.49 -0.25
C SER A 9 -8.97 7.37 -0.86
N PRO A 10 -8.36 6.43 -1.55
CA PRO A 10 -9.07 5.29 -2.18
C PRO A 10 -9.90 4.51 -1.16
N TRP A 11 -9.50 4.55 0.10
CA TRP A 11 -10.20 3.84 1.15
C TRP A 11 -11.60 4.43 1.36
N SER A 12 -11.86 5.58 0.74
CA SER A 12 -13.15 6.23 0.86
C SER A 12 -14.25 5.34 0.27
N ASP A 13 -13.91 4.61 -0.80
CA ASP A 13 -14.87 3.73 -1.43
C ASP A 13 -14.22 2.40 -1.80
N THR A 14 -15.00 1.33 -1.73
CA THR A 14 -14.47 0.00 -2.06
C THR A 14 -14.15 -0.10 -3.54
N ALA A 15 -14.99 0.52 -4.37
CA ALA A 15 -14.77 0.49 -5.81
C ALA A 15 -13.45 1.16 -6.18
N THR A 16 -13.19 2.32 -5.57
CA THR A 16 -11.96 3.05 -5.83
C THR A 16 -10.75 2.27 -5.32
N ALA A 17 -10.88 1.72 -4.12
CA ALA A 17 -9.79 0.96 -3.52
C ALA A 17 -9.45 -0.25 -4.38
N ASP A 18 -10.46 -0.92 -4.91
CA ASP A 18 -10.26 -2.09 -5.74
C ASP A 18 -9.43 -1.72 -6.97
N ALA A 19 -9.81 -0.63 -7.63
CA ALA A 19 -9.10 -0.18 -8.82
C ALA A 19 -7.66 0.21 -8.48
N PHE A 20 -7.50 0.89 -7.34
CA PHE A 20 -6.17 1.31 -6.91
C PHE A 20 -5.26 0.11 -6.71
N ILE A 21 -5.76 -0.89 -5.98
CA ILE A 21 -4.98 -2.10 -5.73
C ILE A 21 -4.63 -2.81 -7.02
N GLN A 22 -5.62 -2.96 -7.89
CA GLN A 22 -5.42 -3.64 -9.17
C GLN A 22 -4.38 -2.91 -10.01
N ASN A 23 -4.50 -1.59 -10.08
CA ASN A 23 -3.55 -0.78 -10.84
C ASN A 23 -2.18 -0.80 -10.18
N PHE A 24 -2.17 -0.75 -8.85
CA PHE A 24 -0.92 -0.75 -8.10
C PHE A 24 -0.12 -2.01 -8.39
N LEU A 25 -0.79 -3.16 -8.30
CA LEU A 25 -0.13 -4.44 -8.54
C LEU A 25 0.37 -4.52 -9.97
N ALA A 26 -0.41 -3.99 -10.90
CA ALA A 26 -0.02 -4.01 -12.30
C ALA A 26 1.25 -3.18 -12.52
N ALA A 27 1.32 -2.02 -11.88
CA ALA A 27 2.48 -1.15 -12.03
C ALA A 27 3.75 -1.82 -11.54
N VAL A 28 3.69 -2.38 -10.33
CA VAL A 28 4.84 -3.06 -9.75
C VAL A 28 5.17 -4.32 -10.56
N SER A 29 4.14 -4.99 -11.04
CA SER A 29 4.34 -6.20 -11.82
C SER A 29 5.03 -5.89 -13.14
N GLY A 30 4.55 -4.84 -13.82
CA GLY A 30 5.11 -4.44 -15.10
C GLY A 30 6.57 -4.05 -14.95
N SER A 31 6.95 -3.61 -13.75
CA SER A 31 8.32 -3.21 -13.50
C SER A 31 9.27 -4.36 -13.75
N GLY A 32 8.86 -5.57 -13.35
CA GLY A 32 9.69 -6.74 -13.55
C GLY A 32 10.76 -6.84 -12.44
N ALA A 33 10.75 -5.89 -11.52
CA ALA A 33 11.71 -5.88 -10.42
C ALA A 33 11.51 -7.10 -9.53
N PHE A 34 10.29 -7.63 -9.53
CA PHE A 34 9.98 -8.80 -8.70
C PHE A 34 9.37 -9.91 -9.55
N THR A 35 9.49 -11.15 -9.07
CA THR A 35 8.95 -12.29 -9.79
C THR A 35 7.47 -12.46 -9.49
N SER A 36 6.82 -13.37 -10.22
CA SER A 36 5.40 -13.63 -10.02
C SER A 36 5.14 -14.10 -8.60
N ASP A 37 6.02 -14.94 -8.08
CA ASP A 37 5.86 -15.46 -6.73
C ASP A 37 5.85 -14.33 -5.70
N GLN A 38 6.83 -13.43 -5.81
CA GLN A 38 6.92 -12.29 -4.89
C GLN A 38 5.69 -11.41 -5.04
N LEU A 39 5.23 -11.23 -6.28
CA LEU A 39 4.06 -10.41 -6.54
C LEU A 39 2.84 -10.99 -5.82
N ASP A 40 2.74 -12.31 -5.81
CA ASP A 40 1.62 -12.98 -5.16
C ASP A 40 1.60 -12.63 -3.67
N ASP A 41 2.79 -12.57 -3.07
CA ASP A 41 2.89 -12.25 -1.64
C ASP A 41 2.36 -10.85 -1.37
N MET A 42 2.67 -9.92 -2.26
CA MET A 42 2.22 -8.54 -2.11
C MET A 42 0.87 -8.34 -2.81
N SER A 43 0.33 -9.41 -3.39
CA SER A 43 -0.94 -9.34 -4.08
C SER A 43 -2.07 -9.84 -3.19
N THR A 44 -1.82 -10.94 -2.49
CA THR A 44 -2.83 -11.51 -1.60
C THR A 44 -3.30 -10.47 -0.58
N ILE A 45 -2.41 -9.56 -0.22
CA ILE A 45 -2.74 -8.52 0.73
C ILE A 45 -3.90 -7.67 0.21
N GLY A 46 -3.98 -7.53 -1.11
CA GLY A 46 -5.04 -6.74 -1.73
C GLY A 46 -6.41 -7.32 -1.38
N ASP A 47 -6.53 -8.64 -1.48
CA ASP A 47 -7.79 -9.30 -1.17
C ASP A 47 -8.15 -9.11 0.31
N THR A 48 -7.13 -9.20 1.16
CA THR A 48 -7.36 -9.03 2.60
C THR A 48 -7.82 -7.61 2.90
N ILE A 49 -7.19 -6.63 2.25
CA ILE A 49 -7.54 -5.23 2.45
C ILE A 49 -9.01 -4.99 2.06
N MET A 50 -9.39 -5.51 0.91
CA MET A 50 -10.77 -5.35 0.44
C MET A 50 -11.75 -6.02 1.38
N SER A 51 -11.35 -7.18 1.91
CA SER A 51 -12.22 -7.92 2.82
C SER A 51 -12.54 -7.08 4.05
N ALA A 52 -11.51 -6.41 4.58
CA ALA A 52 -11.70 -5.55 5.75
C ALA A 52 -12.61 -4.38 5.42
N MET A 53 -12.46 -3.85 4.20
CA MET A 53 -13.27 -2.72 3.77
C MET A 53 -14.75 -3.09 3.77
N ASP A 54 -15.05 -4.29 3.29
CA ASP A 54 -16.43 -4.75 3.25
C ASP A 54 -17.00 -4.94 4.66
N LYS A 55 -16.22 -5.60 5.51
CA LYS A 55 -16.66 -5.85 6.87
C LYS A 55 -16.86 -4.54 7.62
N MET A 56 -15.93 -3.62 7.47
CA MET A 56 -16.02 -2.33 8.14
C MET A 56 -17.16 -1.51 7.53
N ALA A 57 -17.31 -1.59 6.21
CA ALA A 57 -18.35 -0.84 5.52
C ALA A 57 -19.74 -1.27 6.02
N ARG A 58 -19.92 -2.57 6.18
CA ARG A 58 -21.20 -3.09 6.64
C ARG A 58 -21.40 -2.81 8.13
N SER A 59 -20.31 -2.87 8.89
CA SER A 59 -20.37 -2.62 10.32
C SER A 59 -20.14 -1.15 10.62
N ASN A 60 -21.19 -0.48 11.11
CA ASN A 60 -21.09 0.94 11.42
C ASN A 60 -20.62 1.73 10.22
N LYS A 61 -20.54 3.05 10.37
CA LYS A 61 -20.11 3.92 9.28
C LYS A 61 -18.59 4.09 9.31
N SER A 62 -18.03 4.63 8.23
CA SER A 62 -16.59 4.85 8.16
C SER A 62 -16.14 5.85 9.21
N SER A 63 -14.92 5.69 9.68
CA SER A 63 -14.37 6.59 10.70
C SER A 63 -12.91 6.90 10.41
N GLN A 64 -12.39 7.93 11.06
CA GLN A 64 -11.00 8.33 10.87
C GLN A 64 -10.06 7.19 11.26
N HIS A 65 -10.41 6.47 12.33
CA HIS A 65 -9.62 5.36 12.80
C HIS A 65 -9.55 4.26 11.73
N LYS A 66 -10.70 3.98 11.10
CA LYS A 66 -10.75 2.98 10.07
C LYS A 66 -9.84 3.35 8.90
N LEU A 67 -9.86 4.63 8.53
CA LEU A 67 -9.05 5.10 7.42
C LEU A 67 -7.56 4.90 7.72
N GLN A 68 -7.13 5.42 8.88
CA GLN A 68 -5.74 5.31 9.27
C GLN A 68 -5.37 3.85 9.54
N ALA A 69 -6.34 3.07 10.00
CA ALA A 69 -6.10 1.67 10.30
C ALA A 69 -5.71 0.92 9.03
N LEU A 70 -6.41 1.19 7.94
CA LEU A 70 -6.11 0.55 6.67
C LEU A 70 -4.73 0.95 6.17
N ASN A 71 -4.39 2.23 6.34
CA ASN A 71 -3.10 2.72 5.89
C ASN A 71 -1.96 2.00 6.62
N MET A 72 -2.14 1.78 7.92
CA MET A 72 -1.14 1.10 8.72
C MET A 72 -1.09 -0.39 8.36
N ALA A 73 -2.26 -0.96 8.09
CA ALA A 73 -2.34 -2.38 7.76
C ALA A 73 -1.54 -2.67 6.49
N PHE A 74 -1.65 -1.79 5.50
CA PHE A 74 -0.94 -1.97 4.25
C PHE A 74 0.56 -1.75 4.45
N ALA A 75 0.92 -0.66 5.10
CA ALA A 75 2.33 -0.36 5.35
C ALA A 75 2.99 -1.45 6.16
N SER A 76 2.27 -1.96 7.15
CA SER A 76 2.80 -3.02 8.00
C SER A 76 3.06 -4.28 7.19
N SER A 77 2.09 -4.65 6.35
CA SER A 77 2.23 -5.84 5.52
C SER A 77 3.38 -5.68 4.53
N MET A 78 3.52 -4.48 3.98
CA MET A 78 4.58 -4.20 3.02
C MET A 78 5.93 -4.17 3.72
N ALA A 79 5.96 -3.64 4.93
CA ALA A 79 7.21 -3.53 5.68
C ALA A 79 7.79 -4.92 5.99
N GLU A 80 6.94 -5.80 6.50
CA GLU A 80 7.39 -7.15 6.84
C GLU A 80 7.81 -7.91 5.58
N ILE A 81 7.09 -7.68 4.49
CA ILE A 81 7.42 -8.34 3.23
C ILE A 81 8.72 -7.81 2.67
N ALA A 82 8.91 -6.50 2.75
CA ALA A 82 10.12 -5.87 2.24
C ALA A 82 11.34 -6.36 3.01
N ALA A 83 11.11 -6.83 4.23
CA ALA A 83 12.20 -7.33 5.07
C ALA A 83 12.95 -8.44 4.36
N VAL A 84 12.27 -9.11 3.43
CA VAL A 84 12.88 -10.21 2.68
C VAL A 84 14.04 -9.69 1.83
N GLU A 85 15.18 -10.36 1.92
CA GLU A 85 16.35 -9.95 1.16
C GLU A 85 16.54 -10.82 -0.07
N GLN A 86 16.55 -12.14 0.15
CA GLN A 86 16.72 -13.08 -0.95
C GLN A 86 18.01 -12.77 -1.73
N GLY A 87 19.07 -12.44 -1.01
CA GLY A 87 20.34 -12.12 -1.64
C GLY A 87 20.28 -10.79 -2.37
N GLY A 88 19.43 -9.89 -1.88
CA GLY A 88 19.29 -8.58 -2.50
C GLY A 88 20.45 -7.67 -2.15
N MET A 89 21.29 -7.37 -3.13
CA MET A 89 22.45 -6.51 -2.91
C MET A 89 22.01 -5.10 -2.51
N SER A 90 20.99 -4.60 -3.19
CA SER A 90 20.48 -3.25 -2.90
C SER A 90 19.18 -3.32 -2.12
N MET A 91 19.03 -2.42 -1.16
CA MET A 91 17.82 -2.38 -0.34
C MET A 91 16.86 -1.29 -0.84
N ALA A 92 17.40 -0.35 -1.60
CA ALA A 92 16.59 0.73 -2.12
C ALA A 92 16.01 0.37 -3.50
N VAL A 93 15.84 -0.93 -3.73
CA VAL A 93 15.29 -1.38 -5.00
C VAL A 93 14.06 -2.25 -4.77
N LYS A 94 14.10 -3.06 -3.71
CA LYS A 94 12.98 -3.93 -3.39
C LYS A 94 11.78 -3.13 -2.93
N THR A 95 12.04 -1.97 -2.34
CA THR A 95 10.97 -1.12 -1.85
C THR A 95 10.73 0.06 -2.80
N ASN A 96 11.80 0.50 -3.45
CA ASN A 96 11.69 1.62 -4.38
C ASN A 96 10.74 1.29 -5.52
N ALA A 97 10.91 0.09 -6.08
CA ALA A 97 10.07 -0.33 -7.19
C ALA A 97 8.60 -0.43 -6.78
N ILE A 98 8.38 -1.01 -5.61
CA ILE A 98 7.01 -1.17 -5.10
C ILE A 98 6.40 0.20 -4.83
N VAL A 99 7.16 1.09 -4.23
CA VAL A 99 6.68 2.43 -3.92
C VAL A 99 6.35 3.18 -5.21
N ASP A 100 7.23 3.05 -6.20
CA ASP A 100 7.03 3.74 -7.47
C ASP A 100 5.68 3.35 -8.08
N GLY A 101 5.31 2.09 -7.90
CA GLY A 101 4.05 1.61 -8.44
C GLY A 101 2.88 2.45 -7.94
N LEU A 102 3.06 3.08 -6.78
CA LEU A 102 2.00 3.90 -6.21
C LEU A 102 1.67 5.08 -7.13
N ASN A 103 2.71 5.69 -7.68
CA ASN A 103 2.51 6.83 -8.58
C ASN A 103 1.77 6.40 -9.83
N SER A 104 2.17 5.26 -10.38
CA SER A 104 1.53 4.75 -11.58
C SER A 104 0.09 4.35 -11.29
N ALA A 105 -0.13 3.76 -10.12
CA ALA A 105 -1.47 3.31 -9.74
C ALA A 105 -2.44 4.48 -9.69
N PHE A 106 -2.03 5.55 -9.02
CA PHE A 106 -2.88 6.73 -8.90
C PHE A 106 -3.12 7.37 -10.27
N TYR A 107 -2.05 7.50 -11.05
CA TYR A 107 -2.15 8.12 -12.36
C TYR A 107 -3.06 7.29 -13.27
N MET A 108 -2.85 6.00 -13.30
CA MET A 108 -3.66 5.11 -14.13
C MET A 108 -5.12 5.16 -13.70
N THR A 109 -5.34 5.24 -12.39
CA THR A 109 -6.69 5.28 -11.86
C THR A 109 -7.43 6.53 -12.36
N THR A 110 -6.74 7.65 -12.38
CA THR A 110 -7.34 8.91 -12.83
C THR A 110 -6.33 9.76 -13.57
N GLY A 111 -5.13 9.87 -13.01
CA GLY A 111 -4.08 10.68 -13.62
C GLY A 111 -3.50 11.67 -12.62
N ALA A 112 -4.07 11.71 -11.42
CA ALA A 112 -3.60 12.62 -10.38
C ALA A 112 -2.23 12.18 -9.86
N ALA A 113 -1.39 13.16 -9.55
CA ALA A 113 -0.06 12.86 -9.02
C ALA A 113 0.08 13.43 -7.62
N ASN A 114 0.48 12.59 -6.67
CA ASN A 114 0.64 13.03 -5.29
C ASN A 114 2.01 12.62 -4.76
N PRO A 115 3.04 13.34 -5.14
CA PRO A 115 4.43 13.05 -4.69
C PRO A 115 4.55 13.03 -3.17
N GLN A 116 3.88 13.98 -2.52
CA GLN A 116 3.91 14.06 -1.06
C GLN A 116 3.31 12.79 -0.44
N PHE A 117 2.20 12.34 -1.02
CA PHE A 117 1.53 11.14 -0.52
C PHE A 117 2.47 9.94 -0.58
N VAL A 118 3.16 9.80 -1.71
CA VAL A 118 4.10 8.70 -1.88
C VAL A 118 5.20 8.75 -0.83
N ASN A 119 5.72 9.94 -0.59
CA ASN A 119 6.79 10.11 0.40
C ASN A 119 6.31 9.66 1.77
N GLU A 120 5.07 9.99 2.12
CA GLU A 120 4.49 9.59 3.38
C GLU A 120 4.35 8.07 3.45
N MET A 121 3.96 7.48 2.33
CA MET A 121 3.77 6.02 2.28
C MET A 121 5.09 5.31 2.53
N ARG A 122 6.17 5.85 1.96
CA ARG A 122 7.49 5.25 2.14
C ARG A 122 7.89 5.24 3.61
N SER A 123 7.66 6.37 4.28
CA SER A 123 8.01 6.49 5.69
C SER A 123 7.25 5.46 6.52
N LEU A 124 5.99 5.24 6.17
CA LEU A 124 5.16 4.27 6.88
C LEU A 124 5.72 2.86 6.71
N ILE A 125 6.21 2.56 5.53
CA ILE A 125 6.76 1.24 5.24
C ILE A 125 7.98 0.98 6.14
N SER A 126 8.85 1.97 6.27
CA SER A 126 10.03 1.85 7.10
C SER A 126 9.70 2.14 8.56
N MET A 127 8.50 2.66 8.80
CA MET A 127 8.07 2.99 10.16
C MET A 127 8.06 1.73 11.03
N ILE A 128 7.48 0.66 10.49
CA ILE A 128 7.40 -0.60 11.23
C ILE A 128 8.80 -1.13 11.52
N SER A 129 9.67 -1.06 10.52
CA SER A 129 11.04 -1.55 10.69
C SER A 129 11.75 -0.79 11.81
N ALA A 130 11.62 0.53 11.80
CA ALA A 130 12.26 1.35 12.83
C ALA A 130 11.69 1.04 14.20
N ALA A 131 10.36 0.90 14.26
CA ALA A 131 9.69 0.59 15.52
C ALA A 131 10.14 -0.77 16.06
N SER A 132 10.27 -1.74 15.15
CA SER A 132 10.69 -3.08 15.54
C SER A 132 9.77 -3.64 16.62
N ALA A 133 10.01 -4.87 17.03
CA ALA A 133 9.20 -5.50 18.07
C ALA A 133 9.99 -6.59 18.78
N ASN A 134 9.74 -6.75 20.07
CA ASN A 134 10.43 -7.77 20.85
C ASN A 134 10.12 -9.17 20.33
N GLU A 135 8.86 -9.40 19.97
CA GLU A 135 8.44 -10.69 19.44
C GLU A 135 7.13 -10.56 18.69
N VAL A 136 6.93 -9.41 18.05
CA VAL A 136 5.71 -9.17 17.28
C VAL A 136 4.48 -9.46 18.14
N SER A 137 4.47 -8.91 19.35
CA SER A 137 3.35 -9.11 20.27
C SER A 137 2.13 -8.33 19.78
N TYR A 138 0.95 -8.73 20.27
CA TYR A 138 -0.29 -8.06 19.88
C TYR A 138 -0.50 -8.17 18.37
N GLY A 1 -13.25 30.59 5.93
CA GLY A 1 -13.68 30.16 4.57
C GLY A 1 -14.08 28.69 4.59
N SER A 2 -13.84 27.99 3.49
CA SER A 2 -14.18 26.57 3.40
C SER A 2 -12.96 25.76 3.00
N HIS A 3 -12.89 24.52 3.50
CA HIS A 3 -11.76 23.65 3.19
C HIS A 3 -11.97 22.96 1.85
N MET A 4 -10.90 22.85 1.07
CA MET A 4 -10.98 22.21 -0.23
C MET A 4 -11.28 20.72 -0.08
N ALA A 5 -12.17 20.20 -0.91
CA ALA A 5 -12.52 18.80 -0.85
C ALA A 5 -12.16 18.09 -2.16
N GLN A 6 -11.34 18.75 -2.98
CA GLN A 6 -10.93 18.17 -4.25
C GLN A 6 -10.14 16.89 -4.04
N ALA A 7 -9.27 16.90 -3.04
CA ALA A 7 -8.45 15.73 -2.73
C ALA A 7 -9.32 14.64 -2.09
N ARG A 8 -8.96 13.39 -2.35
CA ARG A 8 -9.71 12.25 -1.80
C ARG A 8 -8.78 11.06 -1.57
N SER A 9 -9.14 10.23 -0.60
CA SER A 9 -8.33 9.07 -0.28
C SER A 9 -8.76 7.86 -1.11
N PRO A 10 -7.86 6.95 -1.36
CA PRO A 10 -8.15 5.72 -2.15
C PRO A 10 -9.05 4.75 -1.40
N TRP A 11 -9.11 4.90 -0.07
CA TRP A 11 -9.93 4.03 0.75
C TRP A 11 -11.30 4.67 1.00
N SER A 12 -11.58 5.78 0.29
CA SER A 12 -12.85 6.47 0.45
C SER A 12 -14.00 5.56 0.05
N ASP A 13 -13.72 4.57 -0.79
CA ASP A 13 -14.74 3.64 -1.24
C ASP A 13 -14.11 2.32 -1.68
N THR A 14 -14.92 1.26 -1.72
CA THR A 14 -14.44 -0.05 -2.13
C THR A 14 -14.07 -0.04 -3.61
N ALA A 15 -14.91 0.60 -4.41
CA ALA A 15 -14.66 0.67 -5.86
C ALA A 15 -13.38 1.43 -6.15
N THR A 16 -13.20 2.56 -5.46
CA THR A 16 -12.00 3.38 -5.64
C THR A 16 -10.75 2.62 -5.19
N ALA A 17 -10.86 2.00 -4.01
CA ALA A 17 -9.72 1.24 -3.46
C ALA A 17 -9.38 0.08 -4.39
N ASP A 18 -10.40 -0.57 -4.92
CA ASP A 18 -10.19 -1.71 -5.81
C ASP A 18 -9.37 -1.29 -7.02
N ALA A 19 -9.72 -0.15 -7.60
CA ALA A 19 -9.00 0.35 -8.78
C ALA A 19 -7.55 0.62 -8.45
N PHE A 20 -7.31 1.23 -7.29
CA PHE A 20 -5.95 1.54 -6.87
C PHE A 20 -5.14 0.27 -6.63
N ILE A 21 -5.77 -0.69 -5.96
CA ILE A 21 -5.10 -1.96 -5.67
C ILE A 21 -4.78 -2.71 -6.96
N GLN A 22 -5.75 -2.79 -7.85
CA GLN A 22 -5.55 -3.49 -9.11
C GLN A 22 -4.46 -2.82 -9.94
N ASN A 23 -4.51 -1.49 -10.02
CA ASN A 23 -3.51 -0.74 -10.78
C ASN A 23 -2.13 -0.89 -10.13
N PHE A 24 -2.10 -0.84 -8.80
CA PHE A 24 -0.85 -0.97 -8.07
C PHE A 24 -0.17 -2.29 -8.39
N LEU A 25 -0.93 -3.38 -8.31
CA LEU A 25 -0.38 -4.70 -8.58
C LEU A 25 0.08 -4.82 -10.02
N ALA A 26 -0.70 -4.27 -10.93
CA ALA A 26 -0.36 -4.31 -12.35
C ALA A 26 0.92 -3.53 -12.63
N ALA A 27 1.04 -2.36 -12.00
CA ALA A 27 2.21 -1.52 -12.21
C ALA A 27 3.46 -2.14 -11.59
N VAL A 28 3.35 -2.52 -10.31
CA VAL A 28 4.48 -3.12 -9.62
C VAL A 28 4.94 -4.40 -10.31
N SER A 29 3.98 -5.15 -10.84
CA SER A 29 4.29 -6.39 -11.53
C SER A 29 4.99 -6.10 -12.85
N GLY A 30 4.52 -5.07 -13.55
CA GLY A 30 5.12 -4.69 -14.83
C GLY A 30 6.57 -4.28 -14.66
N SER A 31 6.92 -3.83 -13.46
CA SER A 31 8.27 -3.40 -13.18
C SER A 31 9.25 -4.56 -13.38
N GLY A 32 8.85 -5.75 -12.93
CA GLY A 32 9.70 -6.92 -13.07
C GLY A 32 10.77 -6.96 -11.97
N ALA A 33 10.74 -5.95 -11.09
CA ALA A 33 11.72 -5.88 -10.00
C ALA A 33 11.59 -7.10 -9.10
N PHE A 34 10.35 -7.52 -8.86
CA PHE A 34 10.10 -8.67 -7.99
C PHE A 34 9.57 -9.85 -8.80
N THR A 35 9.66 -11.04 -8.22
CA THR A 35 9.20 -12.24 -8.90
C THR A 35 7.74 -12.52 -8.57
N SER A 36 7.21 -13.60 -9.11
CA SER A 36 5.82 -13.97 -8.87
C SER A 36 5.58 -14.25 -7.39
N ASP A 37 6.55 -14.90 -6.75
CA ASP A 37 6.42 -15.24 -5.34
C ASP A 37 6.26 -13.97 -4.49
N GLN A 38 7.14 -13.01 -4.72
CA GLN A 38 7.07 -11.74 -3.98
C GLN A 38 5.81 -10.98 -4.33
N LEU A 39 5.45 -10.97 -5.61
CA LEU A 39 4.26 -10.28 -6.05
C LEU A 39 3.01 -10.90 -5.43
N ASP A 40 3.01 -12.22 -5.33
CA ASP A 40 1.87 -12.93 -4.75
C ASP A 40 1.65 -12.48 -3.32
N ASP A 41 2.73 -12.34 -2.56
CA ASP A 41 2.63 -11.91 -1.17
C ASP A 41 2.00 -10.53 -1.07
N MET A 42 2.40 -9.65 -1.98
CA MET A 42 1.86 -8.28 -1.99
C MET A 42 0.61 -8.21 -2.85
N SER A 43 0.18 -9.36 -3.39
CA SER A 43 -1.02 -9.40 -4.22
C SER A 43 -2.23 -9.82 -3.41
N THR A 44 -2.08 -10.90 -2.63
CA THR A 44 -3.17 -11.40 -1.82
C THR A 44 -3.66 -10.32 -0.84
N ILE A 45 -2.78 -9.37 -0.55
CA ILE A 45 -3.12 -8.29 0.36
C ILE A 45 -4.34 -7.53 -0.14
N GLY A 46 -4.53 -7.53 -1.45
CA GLY A 46 -5.66 -6.83 -2.05
C GLY A 46 -6.97 -7.36 -1.50
N ASP A 47 -7.07 -8.68 -1.38
CA ASP A 47 -8.27 -9.30 -0.84
C ASP A 47 -8.40 -9.01 0.66
N THR A 48 -7.25 -9.01 1.34
CA THR A 48 -7.25 -8.74 2.78
C THR A 48 -7.79 -7.35 3.08
N ILE A 49 -7.32 -6.35 2.33
CA ILE A 49 -7.77 -4.99 2.52
C ILE A 49 -9.26 -4.86 2.19
N MET A 50 -9.68 -5.49 1.10
CA MET A 50 -11.08 -5.45 0.70
C MET A 50 -11.96 -6.10 1.75
N SER A 51 -11.49 -7.20 2.32
CA SER A 51 -12.25 -7.91 3.33
C SER A 51 -12.51 -7.01 4.54
N ALA A 52 -11.47 -6.33 5.01
CA ALA A 52 -11.59 -5.44 6.15
C ALA A 52 -12.55 -4.30 5.83
N MET A 53 -12.43 -3.74 4.63
CA MET A 53 -13.29 -2.64 4.22
C MET A 53 -14.74 -3.09 4.13
N ASP A 54 -14.94 -4.31 3.63
CA ASP A 54 -16.29 -4.84 3.50
C ASP A 54 -16.93 -5.03 4.88
N LYS A 55 -16.16 -5.56 5.81
CA LYS A 55 -16.67 -5.79 7.16
C LYS A 55 -16.93 -4.47 7.87
N MET A 56 -15.98 -3.54 7.77
CA MET A 56 -16.12 -2.24 8.40
C MET A 56 -17.25 -1.45 7.76
N ALA A 57 -17.35 -1.55 6.43
CA ALA A 57 -18.39 -0.85 5.70
C ALA A 57 -19.77 -1.34 6.12
N ARG A 58 -19.88 -2.65 6.31
CA ARG A 58 -21.15 -3.25 6.71
C ARG A 58 -21.61 -2.69 8.05
N SER A 59 -20.67 -2.57 8.99
CA SER A 59 -20.99 -2.05 10.31
C SER A 59 -21.47 -0.61 10.21
N ASN A 60 -22.51 -0.27 10.98
CA ASN A 60 -23.05 1.08 10.98
C ASN A 60 -22.00 2.07 11.46
N LYS A 61 -21.23 1.68 12.46
CA LYS A 61 -20.20 2.56 13.01
C LYS A 61 -19.11 2.82 11.97
N SER A 62 -18.82 4.09 11.74
CA SER A 62 -17.78 4.47 10.78
C SER A 62 -16.93 5.62 11.31
N SER A 63 -15.63 5.44 11.29
CA SER A 63 -14.72 6.48 11.77
C SER A 63 -13.47 6.56 10.89
N GLN A 64 -12.76 7.67 10.98
CA GLN A 64 -11.54 7.85 10.20
C GLN A 64 -10.47 6.83 10.61
N HIS A 65 -10.70 6.14 11.72
CA HIS A 65 -9.77 5.15 12.22
C HIS A 65 -9.61 4.02 11.20
N LYS A 66 -10.70 3.67 10.54
CA LYS A 66 -10.66 2.60 9.54
C LYS A 66 -9.78 3.01 8.36
N LEU A 67 -9.73 4.31 8.07
CA LEU A 67 -8.93 4.79 6.96
C LEU A 67 -7.44 4.69 7.28
N GLN A 68 -7.07 5.13 8.47
CA GLN A 68 -5.67 5.07 8.89
C GLN A 68 -5.25 3.63 9.20
N ALA A 69 -6.20 2.85 9.72
CA ALA A 69 -5.91 1.47 10.06
C ALA A 69 -5.56 0.67 8.82
N LEU A 70 -6.30 0.88 7.74
CA LEU A 70 -6.05 0.18 6.50
C LEU A 70 -4.72 0.61 5.91
N ASN A 71 -4.42 1.91 5.99
CA ASN A 71 -3.17 2.43 5.45
C ASN A 71 -1.98 1.80 6.17
N MET A 72 -2.09 1.67 7.48
CA MET A 72 -1.01 1.08 8.27
C MET A 72 -0.86 -0.40 7.95
N ALA A 73 -1.98 -1.08 7.77
CA ALA A 73 -1.96 -2.50 7.46
C ALA A 73 -1.21 -2.77 6.16
N PHE A 74 -1.48 -1.93 5.15
CA PHE A 74 -0.83 -2.08 3.86
C PHE A 74 0.67 -1.90 3.98
N ALA A 75 1.08 -0.81 4.66
CA ALA A 75 2.50 -0.53 4.83
C ALA A 75 3.19 -1.64 5.62
N SER A 76 2.52 -2.11 6.67
CA SER A 76 3.06 -3.16 7.51
C SER A 76 3.25 -4.45 6.72
N SER A 77 2.27 -4.75 5.85
CA SER A 77 2.33 -5.96 5.05
C SER A 77 3.58 -5.95 4.17
N MET A 78 3.88 -4.81 3.58
CA MET A 78 5.04 -4.71 2.71
C MET A 78 6.32 -4.90 3.51
N ALA A 79 6.35 -4.35 4.72
CA ALA A 79 7.54 -4.47 5.57
C ALA A 79 7.86 -5.93 5.89
N GLU A 80 6.84 -6.68 6.31
CA GLU A 80 7.04 -8.08 6.66
C GLU A 80 7.40 -8.89 5.42
N ILE A 81 6.88 -8.49 4.26
CA ILE A 81 7.16 -9.17 3.02
C ILE A 81 8.57 -8.89 2.55
N ALA A 82 9.00 -7.65 2.70
CA ALA A 82 10.33 -7.24 2.29
C ALA A 82 11.38 -8.06 3.04
N ALA A 83 11.11 -8.35 4.30
CA ALA A 83 12.04 -9.12 5.12
C ALA A 83 12.29 -10.49 4.50
N VAL A 84 11.24 -11.06 3.90
CA VAL A 84 11.34 -12.38 3.29
C VAL A 84 12.51 -12.43 2.30
N GLU A 85 13.33 -13.46 2.41
CA GLU A 85 14.48 -13.60 1.52
C GLU A 85 15.33 -12.34 1.54
N GLN A 86 16.34 -12.29 0.67
CA GLN A 86 17.22 -11.13 0.60
C GLN A 86 17.19 -10.53 -0.80
N GLY A 87 17.20 -9.21 -0.87
CA GLY A 87 17.17 -8.52 -2.16
C GLY A 87 18.55 -7.98 -2.51
N GLY A 88 18.97 -6.93 -1.80
CA GLY A 88 20.27 -6.32 -2.05
C GLY A 88 20.60 -5.30 -0.98
N MET A 89 21.85 -4.81 -0.99
CA MET A 89 22.28 -3.83 -0.01
C MET A 89 21.44 -2.56 -0.12
N SER A 90 21.24 -2.09 -1.35
CA SER A 90 20.45 -0.88 -1.58
C SER A 90 18.98 -1.12 -1.21
N MET A 91 18.40 -0.16 -0.49
CA MET A 91 17.01 -0.27 -0.08
C MET A 91 16.10 0.52 -1.02
N ALA A 92 16.70 1.47 -1.75
CA ALA A 92 15.94 2.29 -2.69
C ALA A 92 15.66 1.52 -3.98
N VAL A 93 15.85 0.20 -3.96
CA VAL A 93 15.61 -0.62 -5.13
C VAL A 93 14.37 -1.48 -4.91
N LYS A 94 14.35 -2.21 -3.79
CA LYS A 94 13.21 -3.07 -3.48
C LYS A 94 12.01 -2.25 -3.00
N THR A 95 12.29 -1.08 -2.43
CA THR A 95 11.24 -0.22 -1.94
C THR A 95 10.75 0.71 -3.04
N ASN A 96 11.66 1.13 -3.91
CA ASN A 96 11.32 2.03 -5.00
C ASN A 96 10.49 1.31 -6.04
N ALA A 97 10.84 0.06 -6.32
CA ALA A 97 10.13 -0.72 -7.30
C ALA A 97 8.66 -0.87 -6.92
N ILE A 98 8.42 -1.10 -5.63
CA ILE A 98 7.06 -1.27 -5.15
C ILE A 98 6.30 0.05 -5.16
N VAL A 99 6.92 1.09 -4.58
CA VAL A 99 6.28 2.40 -4.53
C VAL A 99 6.09 2.96 -5.94
N ASP A 100 6.92 2.51 -6.87
CA ASP A 100 6.83 2.97 -8.24
C ASP A 100 5.45 2.68 -8.81
N GLY A 101 4.90 1.52 -8.45
CA GLY A 101 3.57 1.14 -8.91
C GLY A 101 2.52 2.12 -8.42
N LEU A 102 2.69 2.61 -7.19
CA LEU A 102 1.74 3.54 -6.61
C LEU A 102 1.68 4.83 -7.42
N ASN A 103 2.84 5.32 -7.84
CA ASN A 103 2.90 6.55 -8.62
C ASN A 103 2.16 6.39 -9.95
N SER A 104 2.39 5.27 -10.61
CA SER A 104 1.74 4.99 -11.89
C SER A 104 0.24 4.79 -11.70
N ALA A 105 -0.12 4.03 -10.67
CA ALA A 105 -1.53 3.75 -10.40
C ALA A 105 -2.28 5.05 -10.08
N PHE A 106 -1.67 5.90 -9.28
CA PHE A 106 -2.29 7.16 -8.91
C PHE A 106 -2.46 8.07 -10.12
N TYR A 107 -1.45 8.09 -10.98
CA TYR A 107 -1.50 8.92 -12.18
C TYR A 107 -2.48 8.36 -13.20
N MET A 108 -2.55 7.03 -13.29
CA MET A 108 -3.43 6.38 -14.25
C MET A 108 -4.83 6.20 -13.67
N THR A 109 -5.00 6.56 -12.39
CA THR A 109 -6.29 6.42 -11.74
C THR A 109 -6.95 7.78 -11.57
N THR A 110 -6.19 8.75 -11.07
CA THR A 110 -6.71 10.09 -10.86
C THR A 110 -6.23 11.04 -11.96
N GLY A 111 -5.35 10.55 -12.83
CA GLY A 111 -4.82 11.37 -13.90
C GLY A 111 -3.69 12.27 -13.41
N ALA A 112 -3.36 12.16 -12.13
CA ALA A 112 -2.30 12.97 -11.56
C ALA A 112 -1.61 12.21 -10.42
N ALA A 113 -0.29 12.37 -10.33
CA ALA A 113 0.47 11.70 -9.29
C ALA A 113 0.26 12.40 -7.94
N ASN A 114 0.39 11.64 -6.86
CA ASN A 114 0.21 12.19 -5.52
C ASN A 114 1.48 11.97 -4.69
N PRO A 115 2.45 12.83 -4.83
CA PRO A 115 3.75 12.73 -4.09
C PRO A 115 3.56 12.82 -2.58
N GLN A 116 2.52 13.52 -2.16
CA GLN A 116 2.24 13.66 -0.73
C GLN A 116 1.96 12.30 -0.09
N PHE A 117 1.11 11.51 -0.74
CA PHE A 117 0.78 10.19 -0.21
C PHE A 117 1.94 9.22 -0.45
N VAL A 118 2.61 9.38 -1.58
CA VAL A 118 3.72 8.51 -1.93
C VAL A 118 4.83 8.61 -0.89
N ASN A 119 5.22 9.84 -0.56
CA ASN A 119 6.26 10.06 0.43
C ASN A 119 5.83 9.55 1.79
N GLU A 120 4.55 9.75 2.11
CA GLU A 120 4.01 9.31 3.39
C GLU A 120 4.06 7.78 3.46
N MET A 121 3.75 7.12 2.34
CA MET A 121 3.76 5.67 2.29
C MET A 121 5.17 5.14 2.51
N ARG A 122 6.15 5.81 1.90
CA ARG A 122 7.54 5.39 2.04
C ARG A 122 7.98 5.45 3.50
N SER A 123 7.59 6.51 4.19
CA SER A 123 7.95 6.67 5.60
C SER A 123 7.35 5.54 6.43
N LEU A 124 6.14 5.12 6.09
CA LEU A 124 5.48 4.04 6.82
C LEU A 124 6.27 2.74 6.66
N ILE A 125 6.81 2.52 5.46
CA ILE A 125 7.59 1.32 5.20
C ILE A 125 8.82 1.29 6.12
N SER A 126 9.51 2.41 6.22
CA SER A 126 10.69 2.50 7.08
C SER A 126 10.26 2.49 8.55
N MET A 127 9.05 3.00 8.80
CA MET A 127 8.53 3.04 10.16
C MET A 127 8.44 1.62 10.73
N ILE A 128 7.89 0.70 9.94
CA ILE A 128 7.74 -0.68 10.38
C ILE A 128 9.10 -1.34 10.49
N SER A 129 9.96 -1.07 9.53
CA SER A 129 11.30 -1.65 9.53
C SER A 129 12.11 -1.17 10.74
N ALA A 130 11.66 -0.05 11.33
CA ALA A 130 12.35 0.51 12.49
C ALA A 130 12.40 -0.51 13.62
N ALA A 131 11.33 -1.29 13.76
CA ALA A 131 11.27 -2.31 14.81
C ALA A 131 12.39 -3.33 14.62
N SER A 132 12.67 -3.66 13.37
CA SER A 132 13.72 -4.63 13.06
C SER A 132 13.44 -5.96 13.75
N ALA A 133 14.47 -6.80 13.83
CA ALA A 133 14.32 -8.11 14.47
C ALA A 133 15.68 -8.65 14.91
N ASN A 134 15.66 -9.58 15.87
CA ASN A 134 16.90 -10.16 16.36
C ASN A 134 17.33 -11.34 15.49
N GLU A 135 18.36 -11.13 14.69
CA GLU A 135 18.86 -12.18 13.81
C GLU A 135 19.51 -13.30 14.62
N VAL A 136 19.27 -14.54 14.21
CA VAL A 136 19.83 -15.68 14.92
C VAL A 136 21.35 -15.66 14.86
N SER A 137 21.89 -15.35 13.69
CA SER A 137 23.34 -15.30 13.52
C SER A 137 23.98 -16.59 13.96
N TYR A 138 23.33 -17.71 13.65
CA TYR A 138 23.85 -19.03 14.02
C TYR A 138 22.95 -20.14 13.49
N GLY A 1 -11.82 18.94 1.20
CA GLY A 1 -13.12 19.59 0.87
C GLY A 1 -13.50 19.26 -0.57
N SER A 2 -14.44 20.03 -1.12
CA SER A 2 -14.88 19.82 -2.48
C SER A 2 -13.72 20.01 -3.46
N HIS A 3 -12.95 21.06 -3.24
CA HIS A 3 -11.81 21.36 -4.12
C HIS A 3 -10.50 21.26 -3.33
N MET A 4 -10.59 21.42 -2.02
CA MET A 4 -9.40 21.34 -1.16
C MET A 4 -9.25 19.94 -0.59
N ALA A 5 -9.77 18.95 -1.31
CA ALA A 5 -9.68 17.57 -0.87
C ALA A 5 -8.24 17.14 -0.73
N GLN A 6 -7.39 17.62 -1.63
CA GLN A 6 -5.97 17.28 -1.61
C GLN A 6 -5.79 15.77 -1.83
N ALA A 7 -5.82 15.01 -0.74
CA ALA A 7 -5.66 13.57 -0.83
C ALA A 7 -6.96 12.92 -1.25
N ARG A 8 -6.90 12.12 -2.31
CA ARG A 8 -8.09 11.44 -2.82
C ARG A 8 -8.62 10.45 -1.78
N SER A 9 -7.71 9.78 -1.09
CA SER A 9 -8.11 8.80 -0.08
C SER A 9 -8.95 7.69 -0.71
N PRO A 10 -8.31 6.79 -1.41
CA PRO A 10 -9.00 5.65 -2.08
C PRO A 10 -9.84 4.84 -1.10
N TRP A 11 -9.45 4.88 0.18
CA TRP A 11 -10.18 4.15 1.21
C TRP A 11 -11.60 4.70 1.38
N SER A 12 -11.86 5.85 0.74
CA SER A 12 -13.17 6.47 0.82
C SER A 12 -14.23 5.53 0.28
N ASP A 13 -13.89 4.81 -0.79
CA ASP A 13 -14.84 3.87 -1.39
C ASP A 13 -14.14 2.58 -1.77
N THR A 14 -14.89 1.48 -1.77
CA THR A 14 -14.32 0.18 -2.12
C THR A 14 -13.98 0.13 -3.61
N ALA A 15 -14.81 0.77 -4.43
CA ALA A 15 -14.58 0.78 -5.87
C ALA A 15 -13.25 1.46 -6.20
N THR A 16 -13.00 2.59 -5.56
CA THR A 16 -11.76 3.33 -5.78
C THR A 16 -10.57 2.55 -5.26
N ALA A 17 -10.72 1.98 -4.06
CA ALA A 17 -9.65 1.21 -3.44
C ALA A 17 -9.30 -0.01 -4.30
N ASP A 18 -10.33 -0.66 -4.83
CA ASP A 18 -10.12 -1.84 -5.66
C ASP A 18 -9.32 -1.50 -6.90
N ALA A 19 -9.70 -0.42 -7.57
CA ALA A 19 -9.01 0.01 -8.79
C ALA A 19 -7.56 0.37 -8.48
N PHE A 20 -7.36 1.05 -7.36
CA PHE A 20 -6.02 1.47 -6.96
C PHE A 20 -5.12 0.26 -6.76
N ILE A 21 -5.62 -0.73 -6.02
CA ILE A 21 -4.86 -1.94 -5.76
C ILE A 21 -4.58 -2.69 -7.05
N GLN A 22 -5.60 -2.81 -7.90
CA GLN A 22 -5.45 -3.52 -9.17
C GLN A 22 -4.40 -2.84 -10.04
N ASN A 23 -4.47 -1.52 -10.12
CA ASN A 23 -3.51 -0.77 -10.92
C ASN A 23 -2.11 -0.85 -10.32
N PHE A 24 -2.05 -0.82 -8.99
CA PHE A 24 -0.77 -0.90 -8.29
C PHE A 24 -0.05 -2.19 -8.63
N LEU A 25 -0.77 -3.31 -8.55
CA LEU A 25 -0.18 -4.61 -8.84
C LEU A 25 0.30 -4.67 -10.29
N ALA A 26 -0.49 -4.08 -11.19
CA ALA A 26 -0.12 -4.08 -12.60
C ALA A 26 1.17 -3.29 -12.81
N ALA A 27 1.29 -2.14 -12.14
CA ALA A 27 2.48 -1.31 -12.29
C ALA A 27 3.73 -2.04 -11.80
N VAL A 28 3.66 -2.60 -10.60
CA VAL A 28 4.79 -3.32 -10.03
C VAL A 28 5.07 -4.58 -10.84
N SER A 29 4.02 -5.21 -11.33
CA SER A 29 4.19 -6.42 -12.11
C SER A 29 4.87 -6.13 -13.45
N GLY A 30 4.41 -5.08 -14.11
CA GLY A 30 4.99 -4.68 -15.40
C GLY A 30 6.46 -4.31 -15.25
N SER A 31 6.83 -3.89 -14.04
CA SER A 31 8.21 -3.50 -13.79
C SER A 31 9.15 -4.66 -14.06
N GLY A 32 8.74 -5.86 -13.65
CA GLY A 32 9.57 -7.04 -13.86
C GLY A 32 10.73 -7.08 -12.86
N ALA A 33 10.77 -6.10 -11.96
CA ALA A 33 11.82 -6.04 -10.95
C ALA A 33 11.65 -7.16 -9.93
N PHE A 34 10.45 -7.73 -9.87
CA PHE A 34 10.18 -8.79 -8.92
C PHE A 34 9.62 -10.02 -9.63
N THR A 35 9.70 -11.17 -8.96
CA THR A 35 9.20 -12.42 -9.53
C THR A 35 7.72 -12.59 -9.24
N SER A 36 7.12 -13.63 -9.82
CA SER A 36 5.71 -13.90 -9.60
C SER A 36 5.44 -14.17 -8.12
N ASP A 37 6.38 -14.83 -7.46
CA ASP A 37 6.22 -15.14 -6.04
C ASP A 37 6.09 -13.86 -5.22
N GLN A 38 7.00 -12.91 -5.46
CA GLN A 38 6.97 -11.65 -4.73
C GLN A 38 5.71 -10.86 -5.06
N LEU A 39 5.33 -10.88 -6.34
CA LEU A 39 4.14 -10.17 -6.77
C LEU A 39 2.89 -10.77 -6.12
N ASP A 40 2.88 -12.09 -5.99
CA ASP A 40 1.75 -12.77 -5.39
C ASP A 40 1.56 -12.31 -3.95
N ASP A 41 2.67 -12.14 -3.23
CA ASP A 41 2.60 -11.70 -1.83
C ASP A 41 1.98 -10.32 -1.74
N MET A 42 2.38 -9.43 -2.64
CA MET A 42 1.84 -8.07 -2.68
C MET A 42 0.42 -8.07 -3.23
N SER A 43 0.01 -9.18 -3.83
CA SER A 43 -1.32 -9.30 -4.40
C SER A 43 -2.31 -9.85 -3.37
N THR A 44 -1.91 -10.92 -2.70
CA THR A 44 -2.76 -11.55 -1.69
C THR A 44 -3.09 -10.56 -0.59
N ILE A 45 -2.11 -9.72 -0.24
CA ILE A 45 -2.33 -8.73 0.80
C ILE A 45 -3.38 -7.71 0.37
N GLY A 46 -3.38 -7.40 -0.93
CA GLY A 46 -4.34 -6.45 -1.47
C GLY A 46 -5.76 -6.97 -1.30
N ASP A 47 -5.94 -8.26 -1.54
CA ASP A 47 -7.25 -8.88 -1.41
C ASP A 47 -7.75 -8.77 0.03
N THR A 48 -6.84 -8.98 0.97
CA THR A 48 -7.19 -8.90 2.39
C THR A 48 -7.66 -7.50 2.74
N ILE A 49 -7.00 -6.50 2.17
CA ILE A 49 -7.36 -5.10 2.43
C ILE A 49 -8.80 -4.84 2.01
N MET A 50 -9.16 -5.34 0.83
CA MET A 50 -10.52 -5.14 0.33
C MET A 50 -11.52 -5.86 1.21
N SER A 51 -11.14 -7.03 1.72
CA SER A 51 -12.02 -7.80 2.58
C SER A 51 -12.42 -6.97 3.80
N ALA A 52 -11.44 -6.32 4.41
CA ALA A 52 -11.72 -5.49 5.59
C ALA A 52 -12.63 -4.33 5.23
N MET A 53 -12.40 -3.76 4.05
CA MET A 53 -13.21 -2.64 3.58
C MET A 53 -14.67 -3.04 3.47
N ASP A 54 -14.91 -4.26 2.99
CA ASP A 54 -16.28 -4.76 2.85
C ASP A 54 -16.93 -4.91 4.23
N LYS A 55 -16.22 -5.57 5.15
CA LYS A 55 -16.75 -5.78 6.48
C LYS A 55 -17.06 -4.46 7.17
N MET A 56 -16.13 -3.51 7.06
CA MET A 56 -16.32 -2.20 7.66
C MET A 56 -17.36 -1.41 6.88
N ALA A 57 -17.44 -1.67 5.57
CA ALA A 57 -18.40 -0.97 4.71
C ALA A 57 -19.82 -1.28 5.14
N ARG A 58 -20.01 -2.44 5.79
CA ARG A 58 -21.32 -2.84 6.25
C ARG A 58 -21.89 -1.80 7.22
N SER A 59 -21.02 -1.22 8.04
CA SER A 59 -21.45 -0.22 9.00
C SER A 59 -21.87 1.07 8.27
N ASN A 60 -22.67 1.88 8.96
CA ASN A 60 -23.15 3.13 8.38
C ASN A 60 -22.44 4.33 9.01
N LYS A 61 -21.28 4.08 9.61
CA LYS A 61 -20.52 5.15 10.25
C LYS A 61 -19.02 4.89 10.09
N SER A 62 -18.28 5.95 9.78
CA SER A 62 -16.84 5.84 9.59
C SER A 62 -16.10 6.74 10.58
N SER A 63 -14.87 6.36 10.92
CA SER A 63 -14.07 7.14 11.86
C SER A 63 -12.61 7.21 11.40
N GLN A 64 -11.87 8.15 11.96
CA GLN A 64 -10.47 8.33 11.59
C GLN A 64 -9.68 7.06 11.90
N HIS A 65 -10.15 6.30 12.88
CA HIS A 65 -9.49 5.06 13.27
C HIS A 65 -9.54 4.07 12.11
N LYS A 66 -10.72 3.93 11.50
CA LYS A 66 -10.87 3.01 10.40
C LYS A 66 -9.97 3.39 9.24
N LEU A 67 -9.93 4.68 8.94
CA LEU A 67 -9.09 5.16 7.84
C LEU A 67 -7.62 4.95 8.15
N GLN A 68 -7.21 5.32 9.35
CA GLN A 68 -5.82 5.17 9.76
C GLN A 68 -5.42 3.70 9.81
N ALA A 69 -6.35 2.87 10.28
CA ALA A 69 -6.09 1.44 10.38
C ALA A 69 -5.78 0.85 9.01
N LEU A 70 -6.54 1.27 8.00
CA LEU A 70 -6.33 0.76 6.65
C LEU A 70 -4.95 1.15 6.13
N ASN A 71 -4.56 2.41 6.36
CA ASN A 71 -3.26 2.88 5.91
C ASN A 71 -2.14 2.17 6.67
N MET A 72 -2.32 2.01 7.97
CA MET A 72 -1.32 1.34 8.80
C MET A 72 -1.20 -0.13 8.42
N ALA A 73 -2.33 -0.75 8.10
CA ALA A 73 -2.34 -2.15 7.73
C ALA A 73 -1.50 -2.38 6.48
N PHE A 74 -1.64 -1.49 5.50
CA PHE A 74 -0.89 -1.62 4.26
C PHE A 74 0.60 -1.39 4.50
N ALA A 75 0.93 -0.33 5.21
CA ALA A 75 2.33 -0.03 5.50
C ALA A 75 2.98 -1.14 6.30
N SER A 76 2.28 -1.61 7.32
CA SER A 76 2.80 -2.69 8.17
C SER A 76 2.96 -3.97 7.36
N SER A 77 1.95 -4.28 6.55
CA SER A 77 1.99 -5.48 5.74
C SER A 77 3.12 -5.41 4.71
N MET A 78 3.32 -4.23 4.14
CA MET A 78 4.37 -4.05 3.15
C MET A 78 5.74 -4.13 3.81
N ALA A 79 5.83 -3.65 5.05
CA ALA A 79 7.10 -3.67 5.78
C ALA A 79 7.57 -5.09 6.03
N GLU A 80 6.66 -5.96 6.47
CA GLU A 80 7.03 -7.34 6.76
C GLU A 80 7.34 -8.09 5.47
N ILE A 81 6.67 -7.69 4.38
CA ILE A 81 6.90 -8.32 3.09
C ILE A 81 8.25 -7.91 2.52
N ALA A 82 8.58 -6.63 2.66
CA ALA A 82 9.85 -6.11 2.16
C ALA A 82 11.01 -6.78 2.88
N ALA A 83 10.81 -7.05 4.17
CA ALA A 83 11.86 -7.68 4.97
C ALA A 83 11.72 -9.20 4.94
N VAL A 84 10.96 -9.71 3.97
CA VAL A 84 10.76 -11.15 3.84
C VAL A 84 12.09 -11.87 3.72
N GLU A 85 13.13 -11.13 3.35
CA GLU A 85 14.46 -11.71 3.19
C GLU A 85 15.52 -10.81 3.80
N GLN A 86 16.68 -11.38 4.11
CA GLN A 86 17.77 -10.62 4.71
C GLN A 86 19.05 -10.77 3.87
N GLY A 87 20.01 -9.89 4.13
CA GLY A 87 21.27 -9.92 3.41
C GLY A 87 21.32 -8.84 2.33
N GLY A 88 20.17 -8.25 2.03
CA GLY A 88 20.11 -7.19 1.03
C GLY A 88 20.85 -5.96 1.51
N MET A 89 21.65 -5.37 0.62
CA MET A 89 22.42 -4.18 0.94
C MET A 89 21.74 -2.94 0.38
N SER A 90 20.93 -3.13 -0.66
CA SER A 90 20.23 -2.00 -1.27
C SER A 90 18.73 -2.22 -1.19
N MET A 91 18.02 -1.26 -0.61
CA MET A 91 16.58 -1.34 -0.47
C MET A 91 15.89 -0.40 -1.46
N ALA A 92 16.69 0.39 -2.19
CA ALA A 92 16.15 1.32 -3.16
C ALA A 92 15.90 0.63 -4.50
N VAL A 93 15.98 -0.70 -4.51
CA VAL A 93 15.77 -1.46 -5.73
C VAL A 93 14.59 -2.42 -5.55
N LYS A 94 14.41 -2.91 -4.33
CA LYS A 94 13.32 -3.84 -4.05
C LYS A 94 12.14 -3.11 -3.41
N THR A 95 12.42 -1.99 -2.76
CA THR A 95 11.38 -1.22 -2.11
C THR A 95 10.98 -0.03 -2.96
N ASN A 96 11.93 0.46 -3.76
CA ASN A 96 11.67 1.61 -4.62
C ASN A 96 10.69 1.27 -5.72
N ALA A 97 10.87 0.10 -6.32
CA ALA A 97 9.99 -0.34 -7.40
C ALA A 97 8.56 -0.50 -6.90
N ILE A 98 8.41 -1.12 -5.74
CA ILE A 98 7.08 -1.35 -5.17
C ILE A 98 6.44 -0.02 -4.83
N VAL A 99 7.21 0.87 -4.20
CA VAL A 99 6.70 2.19 -3.83
C VAL A 99 6.34 3.00 -5.07
N ASP A 100 7.19 2.93 -6.08
CA ASP A 100 6.96 3.67 -7.32
C ASP A 100 5.63 3.28 -7.93
N GLY A 101 5.26 2.01 -7.78
CA GLY A 101 4.00 1.53 -8.33
C GLY A 101 2.83 2.34 -7.78
N LEU A 102 2.99 2.91 -6.59
CA LEU A 102 1.94 3.71 -5.99
C LEU A 102 1.64 4.93 -6.85
N ASN A 103 2.70 5.59 -7.33
CA ASN A 103 2.53 6.77 -8.17
C ASN A 103 1.84 6.41 -9.48
N SER A 104 2.23 5.28 -10.04
CA SER A 104 1.64 4.81 -11.29
C SER A 104 0.18 4.45 -11.10
N ALA A 105 -0.12 3.82 -9.96
CA ALA A 105 -1.48 3.41 -9.66
C ALA A 105 -2.41 4.62 -9.59
N PHE A 106 -1.95 5.69 -8.95
CA PHE A 106 -2.75 6.90 -8.83
C PHE A 106 -3.07 7.47 -10.21
N TYR A 107 -2.06 7.54 -11.07
CA TYR A 107 -2.25 8.05 -12.42
C TYR A 107 -3.22 7.17 -13.20
N MET A 108 -2.98 5.87 -13.15
CA MET A 108 -3.84 4.92 -13.86
C MET A 108 -5.27 4.99 -13.33
N THR A 109 -5.40 5.15 -12.02
CA THR A 109 -6.71 5.23 -11.39
C THR A 109 -7.44 6.49 -11.81
N THR A 110 -6.70 7.60 -11.91
CA THR A 110 -7.29 8.88 -12.28
C THR A 110 -6.43 9.61 -13.30
N GLY A 111 -5.18 9.81 -12.96
CA GLY A 111 -4.25 10.49 -13.85
C GLY A 111 -3.48 11.59 -13.11
N ALA A 112 -3.75 11.72 -11.81
CA ALA A 112 -3.06 12.73 -11.01
C ALA A 112 -1.92 12.11 -10.22
N ALA A 113 -0.78 12.79 -10.20
CA ALA A 113 0.39 12.30 -9.47
C ALA A 113 0.32 12.73 -8.01
N ASN A 114 0.65 11.80 -7.11
CA ASN A 114 0.63 12.10 -5.68
C ASN A 114 1.94 11.67 -5.02
N PRO A 115 2.99 12.38 -5.29
CA PRO A 115 4.33 12.06 -4.71
C PRO A 115 4.36 12.25 -3.19
N GLN A 116 3.65 13.27 -2.72
CA GLN A 116 3.60 13.54 -1.28
C GLN A 116 2.94 12.39 -0.53
N PHE A 117 1.85 11.87 -1.10
CA PHE A 117 1.13 10.77 -0.48
C PHE A 117 2.02 9.53 -0.42
N VAL A 118 2.74 9.27 -1.50
CA VAL A 118 3.63 8.12 -1.56
C VAL A 118 4.73 8.23 -0.51
N ASN A 119 5.29 9.43 -0.37
CA ASN A 119 6.35 9.64 0.61
C ASN A 119 5.87 9.32 2.01
N GLU A 120 4.64 9.73 2.31
CA GLU A 120 4.07 9.46 3.64
C GLU A 120 3.94 7.95 3.87
N MET A 121 3.49 7.24 2.84
CA MET A 121 3.32 5.79 2.95
C MET A 121 4.68 5.11 3.14
N ARG A 122 5.69 5.60 2.41
CA ARG A 122 7.03 5.04 2.51
C ARG A 122 7.57 5.19 3.93
N SER A 123 7.31 6.34 4.54
CA SER A 123 7.76 6.60 5.89
C SER A 123 7.12 5.63 6.88
N LEU A 124 5.84 5.33 6.65
CA LEU A 124 5.12 4.41 7.53
C LEU A 124 5.76 3.04 7.49
N ILE A 125 6.16 2.61 6.30
CA ILE A 125 6.79 1.30 6.14
C ILE A 125 8.11 1.24 6.93
N SER A 126 8.91 2.29 6.81
CA SER A 126 10.19 2.35 7.51
C SER A 126 9.99 2.34 9.01
N MET A 127 8.99 3.07 9.48
CA MET A 127 8.70 3.15 10.90
C MET A 127 8.36 1.77 11.45
N ILE A 128 7.70 0.96 10.64
CA ILE A 128 7.33 -0.39 11.05
C ILE A 128 8.56 -1.24 11.26
N SER A 129 9.47 -1.18 10.30
CA SER A 129 10.71 -1.96 10.37
C SER A 129 11.58 -1.48 11.53
N ALA A 130 11.69 -0.17 11.67
CA ALA A 130 12.50 0.42 12.73
C ALA A 130 11.92 0.09 14.10
N ALA A 131 10.59 0.14 14.20
CA ALA A 131 9.92 -0.16 15.46
C ALA A 131 10.21 -1.58 15.90
N SER A 132 10.16 -2.51 14.96
CA SER A 132 10.41 -3.92 15.27
C SER A 132 9.58 -4.36 16.46
N ALA A 133 8.37 -3.82 16.57
CA ALA A 133 7.48 -4.17 17.67
C ALA A 133 7.07 -5.63 17.58
N ASN A 134 6.82 -6.23 18.73
CA ASN A 134 6.41 -7.64 18.78
C ASN A 134 7.45 -8.52 18.09
N GLU A 135 8.72 -8.30 18.42
CA GLU A 135 9.80 -9.09 17.83
C GLU A 135 10.27 -10.17 18.81
N VAL A 136 10.21 -11.42 18.36
CA VAL A 136 10.64 -12.53 19.21
C VAL A 136 11.71 -13.36 18.49
N SER A 137 12.84 -13.55 19.16
CA SER A 137 13.93 -14.32 18.57
C SER A 137 13.58 -15.80 18.53
N TYR A 138 14.28 -16.56 17.69
CA TYR A 138 14.03 -17.98 17.57
C TYR A 138 15.21 -18.68 16.91
N GLY A 1 -7.83 22.82 -6.95
CA GLY A 1 -9.10 22.14 -7.37
C GLY A 1 -8.89 20.63 -7.38
N SER A 2 -7.78 20.20 -7.98
CA SER A 2 -7.48 18.78 -8.06
C SER A 2 -7.36 18.18 -6.66
N HIS A 3 -6.34 18.57 -5.94
CA HIS A 3 -6.13 18.08 -4.58
C HIS A 3 -7.15 18.69 -3.62
N MET A 4 -7.47 19.97 -3.84
CA MET A 4 -8.41 20.67 -2.98
C MET A 4 -9.78 19.98 -3.01
N ALA A 5 -10.19 19.55 -4.19
CA ALA A 5 -11.48 18.89 -4.34
C ALA A 5 -11.31 17.39 -4.56
N GLN A 6 -10.70 17.04 -5.69
CA GLN A 6 -10.48 15.63 -6.02
C GLN A 6 -9.29 15.07 -5.26
N ALA A 7 -9.51 14.74 -3.98
CA ALA A 7 -8.44 14.18 -3.16
C ALA A 7 -8.96 13.02 -2.32
N ARG A 8 -10.03 12.38 -2.80
CA ARG A 8 -10.61 11.26 -2.08
C ARG A 8 -9.66 10.07 -2.09
N SER A 9 -9.58 9.37 -0.96
CA SER A 9 -8.71 8.22 -0.84
C SER A 9 -9.38 6.97 -1.43
N PRO A 10 -8.60 5.99 -1.80
CA PRO A 10 -9.12 4.73 -2.38
C PRO A 10 -10.10 4.01 -1.45
N TRP A 11 -9.86 4.14 -0.15
CA TRP A 11 -10.72 3.52 0.85
C TRP A 11 -12.10 4.17 0.86
N SER A 12 -12.24 5.28 0.14
CA SER A 12 -13.51 5.99 0.08
C SER A 12 -14.59 5.10 -0.52
N ASP A 13 -14.17 4.10 -1.30
CA ASP A 13 -15.12 3.18 -1.92
C ASP A 13 -14.43 1.87 -2.28
N THR A 14 -15.19 0.78 -2.26
CA THR A 14 -14.64 -0.53 -2.59
C THR A 14 -14.22 -0.59 -4.05
N ALA A 15 -15.04 0.00 -4.92
CA ALA A 15 -14.74 0.01 -6.34
C ALA A 15 -13.46 0.78 -6.63
N THR A 16 -13.32 1.94 -6.00
CA THR A 16 -12.13 2.77 -6.18
C THR A 16 -10.90 2.09 -5.59
N ALA A 17 -11.08 1.52 -4.40
CA ALA A 17 -9.98 0.85 -3.72
C ALA A 17 -9.48 -0.33 -4.56
N ASP A 18 -10.41 -1.07 -5.14
CA ASP A 18 -10.06 -2.23 -5.96
C ASP A 18 -9.27 -1.78 -7.18
N ALA A 19 -9.72 -0.71 -7.82
CA ALA A 19 -9.03 -0.20 -9.01
C ALA A 19 -7.60 0.21 -8.68
N PHE A 20 -7.44 0.89 -7.56
CA PHE A 20 -6.12 1.34 -7.13
C PHE A 20 -5.19 0.15 -6.92
N ILE A 21 -5.66 -0.85 -6.20
CA ILE A 21 -4.86 -2.04 -5.92
C ILE A 21 -4.51 -2.76 -7.22
N GLN A 22 -5.49 -2.91 -8.10
CA GLN A 22 -5.27 -3.61 -9.36
C GLN A 22 -4.21 -2.90 -10.18
N ASN A 23 -4.33 -1.57 -10.29
CA ASN A 23 -3.36 -0.79 -11.04
C ASN A 23 -1.98 -0.86 -10.38
N PHE A 24 -1.98 -0.84 -9.04
CA PHE A 24 -0.73 -0.92 -8.30
C PHE A 24 0.03 -2.19 -8.63
N LEU A 25 -0.68 -3.32 -8.59
CA LEU A 25 -0.06 -4.60 -8.88
C LEU A 25 0.46 -4.64 -10.32
N ALA A 26 -0.31 -4.07 -11.23
CA ALA A 26 0.08 -4.04 -12.63
C ALA A 26 1.36 -3.23 -12.81
N ALA A 27 1.45 -2.11 -12.10
CA ALA A 27 2.62 -1.25 -12.21
C ALA A 27 3.88 -1.97 -11.74
N VAL A 28 3.80 -2.58 -10.57
CA VAL A 28 4.94 -3.30 -10.00
C VAL A 28 5.26 -4.53 -10.84
N SER A 29 4.21 -5.20 -11.33
CA SER A 29 4.40 -6.39 -12.14
C SER A 29 5.06 -6.03 -13.46
N GLY A 30 4.69 -4.88 -14.02
CA GLY A 30 5.27 -4.42 -15.28
C GLY A 30 6.76 -4.17 -15.13
N SER A 31 7.15 -3.62 -13.97
CA SER A 31 8.56 -3.33 -13.73
C SER A 31 9.39 -4.61 -13.77
N GLY A 32 8.84 -5.68 -13.21
CA GLY A 32 9.54 -6.96 -13.20
C GLY A 32 10.55 -7.01 -12.04
N ALA A 33 10.57 -5.96 -11.23
CA ALA A 33 11.49 -5.91 -10.10
C ALA A 33 11.22 -7.07 -9.15
N PHE A 34 9.96 -7.41 -8.98
CA PHE A 34 9.58 -8.51 -8.09
C PHE A 34 9.11 -9.73 -8.89
N THR A 35 9.26 -10.91 -8.31
CA THR A 35 8.85 -12.14 -8.98
C THR A 35 7.37 -12.42 -8.73
N SER A 36 6.87 -13.49 -9.33
CA SER A 36 5.46 -13.85 -9.18
C SER A 36 5.14 -14.12 -7.71
N ASP A 37 6.04 -14.84 -7.03
CA ASP A 37 5.84 -15.15 -5.62
C ASP A 37 5.81 -13.87 -4.79
N GLN A 38 6.74 -12.97 -5.07
CA GLN A 38 6.81 -11.71 -4.32
C GLN A 38 5.57 -10.87 -4.57
N LEU A 39 5.14 -10.81 -5.82
CA LEU A 39 3.95 -10.03 -6.17
C LEU A 39 2.72 -10.60 -5.47
N ASP A 40 2.64 -11.92 -5.40
CA ASP A 40 1.51 -12.57 -4.76
C ASP A 40 1.42 -12.15 -3.29
N ASP A 41 2.58 -12.04 -2.64
CA ASP A 41 2.62 -11.64 -1.24
C ASP A 41 2.06 -10.23 -1.07
N MET A 42 2.41 -9.35 -1.99
CA MET A 42 1.93 -7.96 -1.93
C MET A 42 0.59 -7.83 -2.68
N SER A 43 0.10 -8.95 -3.22
CA SER A 43 -1.16 -8.94 -3.94
C SER A 43 -2.29 -9.42 -3.05
N THR A 44 -2.04 -10.49 -2.30
CA THR A 44 -3.05 -11.04 -1.40
C THR A 44 -3.56 -9.97 -0.44
N ILE A 45 -2.70 -8.99 -0.15
CA ILE A 45 -3.07 -7.91 0.75
C ILE A 45 -4.30 -7.17 0.22
N GLY A 46 -4.44 -7.13 -1.10
CA GLY A 46 -5.57 -6.44 -1.71
C GLY A 46 -6.89 -7.06 -1.27
N ASP A 47 -6.96 -8.39 -1.30
CA ASP A 47 -8.17 -9.10 -0.89
C ASP A 47 -8.45 -8.85 0.59
N THR A 48 -7.41 -8.89 1.40
CA THR A 48 -7.56 -8.67 2.84
C THR A 48 -8.08 -7.27 3.11
N ILE A 49 -7.50 -6.29 2.42
CA ILE A 49 -7.90 -4.90 2.59
C ILE A 49 -9.37 -4.72 2.26
N MET A 50 -9.79 -5.28 1.14
CA MET A 50 -11.19 -5.18 0.71
C MET A 50 -12.10 -5.87 1.72
N SER A 51 -11.67 -7.01 2.24
CA SER A 51 -12.45 -7.77 3.20
C SER A 51 -12.70 -6.93 4.45
N ALA A 52 -11.64 -6.25 4.93
CA ALA A 52 -11.76 -5.42 6.11
C ALA A 52 -12.78 -4.30 5.89
N MET A 53 -12.77 -3.74 4.68
CA MET A 53 -13.68 -2.65 4.35
C MET A 53 -15.14 -3.11 4.50
N ASP A 54 -15.40 -4.33 4.06
CA ASP A 54 -16.75 -4.88 4.18
C ASP A 54 -17.11 -5.16 5.63
N LYS A 55 -16.14 -5.66 6.39
CA LYS A 55 -16.37 -5.97 7.80
C LYS A 55 -16.68 -4.71 8.60
N MET A 56 -15.92 -3.65 8.34
CA MET A 56 -16.12 -2.39 9.03
C MET A 56 -17.39 -1.71 8.54
N ALA A 57 -17.70 -1.91 7.26
CA ALA A 57 -18.88 -1.28 6.67
C ALA A 57 -20.15 -1.76 7.38
N ARG A 58 -20.22 -3.07 7.60
CA ARG A 58 -21.37 -3.65 8.27
C ARG A 58 -21.37 -3.32 9.75
N SER A 59 -20.18 -3.28 10.33
CA SER A 59 -20.05 -3.00 11.76
C SER A 59 -20.23 -1.52 12.03
N ASN A 60 -21.43 -1.13 12.43
CA ASN A 60 -21.72 0.27 12.72
C ASN A 60 -21.23 1.17 11.59
N LYS A 61 -21.24 2.47 11.83
CA LYS A 61 -20.79 3.43 10.83
C LYS A 61 -19.26 3.48 10.81
N SER A 62 -18.71 3.89 9.66
CA SER A 62 -17.27 3.98 9.51
C SER A 62 -16.81 5.44 9.51
N SER A 63 -15.73 5.71 10.24
CA SER A 63 -15.20 7.07 10.33
C SER A 63 -13.89 7.18 9.55
N GLN A 64 -13.30 8.37 9.56
CA GLN A 64 -12.05 8.60 8.85
C GLN A 64 -10.92 7.76 9.46
N HIS A 65 -11.13 7.30 10.69
CA HIS A 65 -10.13 6.49 11.37
C HIS A 65 -9.90 5.19 10.63
N LYS A 66 -10.97 4.64 10.07
CA LYS A 66 -10.88 3.37 9.35
C LYS A 66 -9.84 3.47 8.23
N LEU A 67 -9.69 4.67 7.68
CA LEU A 67 -8.72 4.88 6.61
C LEU A 67 -7.31 4.77 7.14
N GLN A 68 -7.09 5.30 8.34
CA GLN A 68 -5.76 5.25 8.95
C GLN A 68 -5.36 3.80 9.25
N ALA A 69 -6.32 3.02 9.73
CA ALA A 69 -6.05 1.62 10.06
C ALA A 69 -5.64 0.85 8.81
N LEU A 70 -6.34 1.11 7.71
CA LEU A 70 -6.04 0.43 6.46
C LEU A 70 -4.63 0.76 5.99
N ASN A 71 -4.24 2.02 6.14
CA ASN A 71 -2.92 2.47 5.71
C ASN A 71 -1.84 1.70 6.45
N MET A 72 -2.03 1.50 7.75
CA MET A 72 -1.04 0.79 8.56
C MET A 72 -0.96 -0.67 8.14
N ALA A 73 -2.10 -1.28 7.86
CA ALA A 73 -2.13 -2.67 7.45
C ALA A 73 -1.38 -2.88 6.15
N PHE A 74 -1.61 -1.99 5.19
CA PHE A 74 -0.94 -2.10 3.90
C PHE A 74 0.55 -1.89 4.04
N ALA A 75 0.94 -0.83 4.75
CA ALA A 75 2.35 -0.54 4.95
C ALA A 75 3.06 -1.68 5.68
N SER A 76 2.40 -2.22 6.68
CA SER A 76 2.96 -3.33 7.46
C SER A 76 3.16 -4.54 6.56
N SER A 77 2.20 -4.79 5.69
CA SER A 77 2.28 -5.95 4.79
C SER A 77 3.51 -5.85 3.90
N MET A 78 3.80 -4.65 3.43
CA MET A 78 4.96 -4.44 2.57
C MET A 78 6.25 -4.60 3.36
N ALA A 79 6.26 -4.11 4.59
CA ALA A 79 7.45 -4.19 5.42
C ALA A 79 7.83 -5.64 5.72
N GLU A 80 6.84 -6.43 6.13
CA GLU A 80 7.10 -7.84 6.45
C GLU A 80 7.53 -8.61 5.22
N ILE A 81 6.94 -8.26 4.07
CA ILE A 81 7.28 -8.92 2.82
C ILE A 81 8.69 -8.55 2.37
N ALA A 82 9.01 -7.26 2.51
CA ALA A 82 10.32 -6.76 2.11
C ALA A 82 11.42 -7.44 2.93
N ALA A 83 11.07 -7.83 4.15
CA ALA A 83 12.04 -8.49 5.03
C ALA A 83 12.59 -9.74 4.37
N VAL A 84 11.85 -10.28 3.40
CA VAL A 84 12.27 -11.49 2.70
C VAL A 84 13.71 -11.32 2.18
N GLU A 85 14.53 -12.32 2.46
CA GLU A 85 15.92 -12.28 2.02
C GLU A 85 16.04 -12.61 0.54
N GLN A 86 17.24 -12.47 -0.01
CA GLN A 86 17.46 -12.75 -1.41
C GLN A 86 16.55 -11.88 -2.29
N GLY A 87 16.43 -10.60 -1.92
CA GLY A 87 15.60 -9.68 -2.67
C GLY A 87 16.43 -8.86 -3.64
N GLY A 88 16.03 -7.61 -3.85
CA GLY A 88 16.76 -6.73 -4.77
C GLY A 88 18.17 -6.46 -4.27
N MET A 89 19.11 -6.36 -5.20
CA MET A 89 20.50 -6.11 -4.84
C MET A 89 20.64 -4.77 -4.14
N SER A 90 19.96 -3.76 -4.66
CA SER A 90 20.02 -2.43 -4.08
C SER A 90 18.71 -2.09 -3.37
N MET A 91 18.82 -1.40 -2.24
CA MET A 91 17.64 -1.02 -1.46
C MET A 91 16.80 -0.01 -2.23
N ALA A 92 17.47 0.86 -2.98
CA ALA A 92 16.77 1.88 -3.76
C ALA A 92 16.20 1.29 -5.05
N VAL A 93 16.21 -0.04 -5.16
CA VAL A 93 15.69 -0.71 -6.33
C VAL A 93 14.53 -1.61 -5.95
N LYS A 94 14.69 -2.35 -4.85
CA LYS A 94 13.65 -3.25 -4.39
C LYS A 94 12.53 -2.46 -3.71
N THR A 95 12.90 -1.45 -2.94
CA THR A 95 11.91 -0.65 -2.23
C THR A 95 11.35 0.43 -3.16
N ASN A 96 12.20 0.91 -4.07
CA ASN A 96 11.78 1.95 -5.00
C ASN A 96 10.85 1.37 -6.04
N ALA A 97 11.03 0.09 -6.36
CA ALA A 97 10.20 -0.56 -7.36
C ALA A 97 8.73 -0.54 -6.94
N ILE A 98 8.48 -0.85 -5.68
CA ILE A 98 7.13 -0.87 -5.16
C ILE A 98 6.58 0.56 -5.07
N VAL A 99 7.44 1.48 -4.63
CA VAL A 99 7.04 2.88 -4.51
C VAL A 99 6.65 3.43 -5.89
N ASP A 100 7.44 3.10 -6.91
CA ASP A 100 7.17 3.56 -8.26
C ASP A 100 5.81 3.07 -8.72
N GLY A 101 5.49 1.82 -8.37
CA GLY A 101 4.20 1.24 -8.75
C GLY A 101 3.05 2.05 -8.18
N LEU A 102 3.22 2.51 -6.94
CA LEU A 102 2.18 3.30 -6.29
C LEU A 102 1.93 4.59 -7.05
N ASN A 103 3.00 5.23 -7.50
CA ASN A 103 2.86 6.48 -8.25
C ASN A 103 2.10 6.27 -9.54
N SER A 104 2.41 5.18 -10.25
CA SER A 104 1.74 4.87 -11.50
C SER A 104 0.27 4.56 -11.26
N ALA A 105 -0.01 3.80 -10.20
CA ALA A 105 -1.38 3.43 -9.88
C ALA A 105 -2.23 4.67 -9.60
N PHE A 106 -1.68 5.58 -8.79
CA PHE A 106 -2.39 6.80 -8.45
C PHE A 106 -2.68 7.62 -9.70
N TYR A 107 -1.71 7.68 -10.59
CA TYR A 107 -1.86 8.42 -11.84
C TYR A 107 -2.91 7.76 -12.74
N MET A 108 -2.83 6.45 -12.86
CA MET A 108 -3.76 5.71 -13.71
C MET A 108 -5.10 5.52 -13.02
N THR A 109 -5.20 5.97 -11.77
CA THR A 109 -6.43 5.83 -11.01
C THR A 109 -7.14 7.18 -10.87
N THR A 110 -6.35 8.22 -10.64
CA THR A 110 -6.90 9.55 -10.45
C THR A 110 -6.52 10.49 -11.59
N GLY A 111 -5.63 10.01 -12.46
CA GLY A 111 -5.17 10.82 -13.58
C GLY A 111 -4.06 11.76 -13.13
N ALA A 112 -3.69 11.70 -11.85
CA ALA A 112 -2.65 12.57 -11.32
C ALA A 112 -1.84 11.85 -10.24
N ALA A 113 -0.58 12.23 -10.09
CA ALA A 113 0.29 11.61 -9.11
C ALA A 113 0.18 12.34 -7.76
N ASN A 114 0.49 11.63 -6.69
CA ASN A 114 0.41 12.21 -5.35
C ASN A 114 1.68 11.90 -4.56
N PRO A 115 2.74 12.62 -4.83
CA PRO A 115 4.05 12.41 -4.15
C PRO A 115 3.93 12.47 -2.63
N GLN A 116 3.14 13.42 -2.15
CA GLN A 116 2.96 13.58 -0.70
C GLN A 116 2.43 12.29 -0.08
N PHE A 117 1.40 11.72 -0.69
CA PHE A 117 0.81 10.49 -0.18
C PHE A 117 1.81 9.34 -0.24
N VAL A 118 2.54 9.28 -1.36
CA VAL A 118 3.54 8.23 -1.54
C VAL A 118 4.64 8.35 -0.49
N ASN A 119 5.08 9.57 -0.24
CA ASN A 119 6.13 9.81 0.75
C ASN A 119 5.71 9.29 2.12
N GLU A 120 4.44 9.47 2.45
CA GLU A 120 3.92 9.00 3.72
C GLU A 120 4.06 7.48 3.82
N MET A 121 3.81 6.80 2.72
CA MET A 121 3.92 5.34 2.70
C MET A 121 5.35 4.90 3.02
N ARG A 122 6.32 5.59 2.44
CA ARG A 122 7.72 5.26 2.68
C ARG A 122 8.08 5.43 4.15
N SER A 123 7.62 6.53 4.73
CA SER A 123 7.88 6.80 6.14
C SER A 123 7.27 5.72 7.01
N LEU A 124 6.03 5.34 6.69
CA LEU A 124 5.33 4.32 7.46
C LEU A 124 6.06 2.99 7.37
N ILE A 125 6.57 2.67 6.18
CA ILE A 125 7.30 1.43 5.97
C ILE A 125 8.55 1.39 6.84
N SER A 126 9.24 2.53 6.92
CA SER A 126 10.45 2.63 7.72
C SER A 126 10.14 2.42 9.20
N MET A 127 9.06 3.04 9.65
CA MET A 127 8.68 2.94 11.06
C MET A 127 8.39 1.50 11.43
N ILE A 128 7.88 0.72 10.47
CA ILE A 128 7.55 -0.68 10.72
C ILE A 128 8.83 -1.48 10.91
N SER A 129 9.80 -1.22 10.04
CA SER A 129 11.08 -1.93 10.12
C SER A 129 11.78 -1.64 11.44
N ALA A 130 11.78 -0.37 11.84
CA ALA A 130 12.42 0.03 13.07
C ALA A 130 11.74 -0.63 14.28
N ALA A 131 10.41 -0.72 14.21
CA ALA A 131 9.65 -1.32 15.31
C ALA A 131 10.07 -2.77 15.52
N SER A 132 10.25 -3.50 14.42
CA SER A 132 10.65 -4.90 14.51
C SER A 132 10.77 -5.50 13.11
N ALA A 133 11.98 -5.54 12.57
CA ALA A 133 12.22 -6.10 11.25
C ALA A 133 11.84 -7.58 11.23
N ASN A 134 12.20 -8.29 12.30
CA ASN A 134 11.89 -9.71 12.39
C ASN A 134 11.81 -10.14 13.85
N GLU A 135 10.80 -10.94 14.17
CA GLU A 135 10.61 -11.42 15.54
C GLU A 135 11.75 -12.37 15.94
N VAL A 136 12.38 -12.07 17.06
CA VAL A 136 13.48 -12.91 17.54
C VAL A 136 12.97 -14.30 17.90
N SER A 137 11.85 -14.36 18.60
CA SER A 137 11.27 -15.65 19.00
C SER A 137 10.86 -16.45 17.77
N TYR A 138 10.62 -15.75 16.66
CA TYR A 138 10.23 -16.42 15.42
C TYR A 138 11.01 -15.86 14.24
N GLY A 1 -19.00 29.08 -8.23
CA GLY A 1 -18.12 29.03 -9.44
C GLY A 1 -17.68 27.60 -9.69
N SER A 2 -16.55 27.22 -9.12
CA SER A 2 -16.03 25.86 -9.29
C SER A 2 -15.37 25.38 -8.02
N HIS A 3 -15.62 24.13 -7.65
CA HIS A 3 -15.05 23.55 -6.44
C HIS A 3 -14.26 22.29 -6.78
N MET A 4 -12.99 22.25 -6.34
CA MET A 4 -12.15 21.09 -6.60
C MET A 4 -11.66 20.48 -5.29
N ALA A 5 -11.68 19.15 -5.21
CA ALA A 5 -11.23 18.46 -4.01
C ALA A 5 -9.73 18.61 -3.83
N GLN A 6 -9.31 19.01 -2.63
CA GLN A 6 -7.88 19.18 -2.35
C GLN A 6 -7.16 17.84 -2.42
N ALA A 7 -7.79 16.80 -1.90
CA ALA A 7 -7.20 15.47 -1.91
C ALA A 7 -8.27 14.40 -1.76
N ARG A 8 -7.99 13.20 -2.28
CA ARG A 8 -8.93 12.09 -2.19
C ARG A 8 -8.19 10.77 -2.12
N SER A 9 -8.64 9.91 -1.21
CA SER A 9 -8.00 8.62 -1.04
C SER A 9 -8.88 7.50 -1.61
N PRO A 10 -8.28 6.42 -2.06
CA PRO A 10 -9.02 5.27 -2.64
C PRO A 10 -9.87 4.54 -1.59
N TRP A 11 -9.49 4.67 -0.33
CA TRP A 11 -10.21 4.03 0.75
C TRP A 11 -11.61 4.62 0.89
N SER A 12 -11.87 5.71 0.17
CA SER A 12 -13.17 6.35 0.20
C SER A 12 -14.25 5.36 -0.21
N ASP A 13 -13.94 4.53 -1.20
CA ASP A 13 -14.91 3.54 -1.68
C ASP A 13 -14.21 2.23 -2.03
N THR A 14 -14.94 1.13 -1.93
CA THR A 14 -14.38 -0.18 -2.24
C THR A 14 -14.09 -0.31 -3.73
N ALA A 15 -14.96 0.29 -4.55
CA ALA A 15 -14.77 0.23 -6.00
C ALA A 15 -13.45 0.88 -6.40
N THR A 16 -13.18 2.06 -5.83
CA THR A 16 -11.95 2.77 -6.13
C THR A 16 -10.75 2.03 -5.55
N ALA A 17 -10.90 1.54 -4.32
CA ALA A 17 -9.82 0.82 -3.66
C ALA A 17 -9.42 -0.41 -4.46
N ASP A 18 -10.41 -1.12 -4.98
CA ASP A 18 -10.14 -2.32 -5.77
C ASP A 18 -9.37 -1.96 -7.03
N ALA A 19 -9.81 -0.92 -7.72
CA ALA A 19 -9.16 -0.48 -8.94
C ALA A 19 -7.73 -0.02 -8.67
N PHE A 20 -7.56 0.71 -7.57
CA PHE A 20 -6.24 1.21 -7.19
C PHE A 20 -5.28 0.06 -6.94
N ILE A 21 -5.73 -0.92 -6.17
CA ILE A 21 -4.89 -2.08 -5.86
C ILE A 21 -4.55 -2.85 -7.12
N GLN A 22 -5.55 -3.09 -7.96
CA GLN A 22 -5.34 -3.83 -9.20
C GLN A 22 -4.34 -3.11 -10.09
N ASN A 23 -4.53 -1.81 -10.26
CA ASN A 23 -3.63 -1.01 -11.09
C ASN A 23 -2.24 -0.96 -10.47
N PHE A 24 -2.18 -0.83 -9.15
CA PHE A 24 -0.92 -0.77 -8.44
C PHE A 24 -0.10 -2.02 -8.68
N LEU A 25 -0.74 -3.18 -8.55
CA LEU A 25 -0.05 -4.44 -8.74
C LEU A 25 0.50 -4.54 -10.15
N ALA A 26 -0.27 -4.09 -11.13
CA ALA A 26 0.16 -4.12 -12.51
C ALA A 26 1.36 -3.20 -12.72
N ALA A 27 1.31 -2.03 -12.09
CA ALA A 27 2.39 -1.06 -12.22
C ALA A 27 3.70 -1.61 -11.67
N VAL A 28 3.63 -2.24 -10.50
CA VAL A 28 4.82 -2.82 -9.88
C VAL A 28 5.23 -4.10 -10.60
N SER A 29 4.25 -4.81 -11.12
CA SER A 29 4.51 -6.06 -11.84
C SER A 29 5.33 -5.80 -13.10
N GLY A 30 4.95 -4.77 -13.84
CA GLY A 30 5.64 -4.42 -15.08
C GLY A 30 7.09 -4.06 -14.81
N SER A 31 7.39 -3.64 -13.58
CA SER A 31 8.75 -3.27 -13.23
C SER A 31 9.68 -4.47 -13.38
N GLY A 32 9.20 -5.64 -12.96
CA GLY A 32 10.02 -6.86 -13.05
C GLY A 32 11.07 -6.89 -11.94
N ALA A 33 11.07 -5.87 -11.07
CA ALA A 33 12.02 -5.79 -9.98
C ALA A 33 11.82 -6.95 -9.02
N PHE A 34 10.60 -7.49 -9.00
CA PHE A 34 10.30 -8.61 -8.09
C PHE A 34 9.80 -9.81 -8.89
N THR A 35 9.90 -11.00 -8.29
CA THR A 35 9.47 -12.22 -8.95
C THR A 35 7.96 -12.40 -8.81
N SER A 36 7.42 -13.38 -9.53
CA SER A 36 5.99 -13.64 -9.48
C SER A 36 5.55 -13.99 -8.06
N ASP A 37 6.35 -14.82 -7.39
CA ASP A 37 6.03 -15.22 -6.02
C ASP A 37 5.96 -14.00 -5.10
N GLN A 38 6.93 -13.10 -5.26
CA GLN A 38 6.96 -11.90 -4.44
C GLN A 38 5.76 -11.01 -4.74
N LEU A 39 5.40 -10.92 -6.03
CA LEU A 39 4.27 -10.10 -6.43
C LEU A 39 2.98 -10.66 -5.83
N ASP A 40 2.86 -11.97 -5.80
CA ASP A 40 1.68 -12.62 -5.25
C ASP A 40 1.52 -12.23 -3.78
N ASP A 41 2.63 -12.20 -3.05
CA ASP A 41 2.60 -11.84 -1.63
C ASP A 41 2.10 -10.42 -1.46
N MET A 42 2.53 -9.53 -2.35
CA MET A 42 2.11 -8.13 -2.29
C MET A 42 0.76 -7.96 -2.98
N SER A 43 0.25 -9.04 -3.57
CA SER A 43 -1.03 -8.99 -4.26
C SER A 43 -2.16 -9.48 -3.34
N THR A 44 -1.88 -10.56 -2.62
CA THR A 44 -2.87 -11.13 -1.71
C THR A 44 -3.35 -10.08 -0.70
N ILE A 45 -2.48 -9.13 -0.41
CA ILE A 45 -2.81 -8.07 0.53
C ILE A 45 -4.07 -7.34 0.08
N GLY A 46 -4.28 -7.30 -1.23
CA GLY A 46 -5.44 -6.62 -1.79
C GLY A 46 -6.73 -7.27 -1.27
N ASP A 47 -6.75 -8.60 -1.26
CA ASP A 47 -7.92 -9.34 -0.80
C ASP A 47 -8.17 -9.05 0.68
N THR A 48 -7.08 -9.01 1.44
CA THR A 48 -7.19 -8.75 2.88
C THR A 48 -7.79 -7.36 3.13
N ILE A 49 -7.30 -6.37 2.38
CA ILE A 49 -7.80 -5.01 2.52
C ILE A 49 -9.28 -4.94 2.17
N MET A 50 -9.67 -5.64 1.11
CA MET A 50 -11.06 -5.64 0.69
C MET A 50 -11.95 -6.20 1.80
N SER A 51 -11.47 -7.25 2.46
CA SER A 51 -12.24 -7.85 3.54
C SER A 51 -12.48 -6.85 4.66
N ALA A 52 -11.44 -6.11 5.02
CA ALA A 52 -11.55 -5.10 6.07
C ALA A 52 -12.55 -4.02 5.68
N MET A 53 -12.49 -3.61 4.42
CA MET A 53 -13.38 -2.57 3.93
C MET A 53 -14.84 -3.01 4.07
N ASP A 54 -15.09 -4.28 3.77
CA ASP A 54 -16.44 -4.82 3.88
C ASP A 54 -16.90 -4.82 5.34
N LYS A 55 -15.99 -5.18 6.24
CA LYS A 55 -16.33 -5.22 7.67
C LYS A 55 -16.72 -3.84 8.18
N MET A 56 -15.94 -2.83 7.84
CA MET A 56 -16.22 -1.47 8.26
C MET A 56 -17.42 -0.91 7.49
N ALA A 57 -17.52 -1.30 6.23
CA ALA A 57 -18.62 -0.84 5.38
C ALA A 57 -19.95 -1.35 5.92
N ARG A 58 -19.96 -2.62 6.34
CA ARG A 58 -21.16 -3.22 6.89
C ARG A 58 -21.59 -2.53 8.17
N SER A 59 -20.61 -2.21 9.02
CA SER A 59 -20.90 -1.56 10.29
C SER A 59 -21.44 -0.16 10.04
N ASN A 60 -22.15 0.38 11.05
CA ASN A 60 -22.71 1.72 10.94
C ASN A 60 -21.81 2.74 11.60
N LYS A 61 -20.68 2.28 12.13
CA LYS A 61 -19.73 3.19 12.79
C LYS A 61 -18.44 3.27 11.99
N SER A 62 -18.15 4.47 11.49
CA SER A 62 -16.94 4.68 10.70
C SER A 62 -16.31 6.03 11.03
N SER A 63 -15.00 6.05 11.19
CA SER A 63 -14.29 7.30 11.50
C SER A 63 -12.98 7.36 10.73
N GLN A 64 -12.25 8.46 10.91
CA GLN A 64 -10.96 8.62 10.24
C GLN A 64 -9.96 7.55 10.70
N HIS A 65 -10.29 6.87 11.79
CA HIS A 65 -9.41 5.85 12.33
C HIS A 65 -9.34 4.66 11.37
N LYS A 66 -10.43 4.43 10.64
CA LYS A 66 -10.47 3.32 9.71
C LYS A 66 -9.54 3.59 8.52
N LEU A 67 -9.41 4.87 8.16
CA LEU A 67 -8.56 5.25 7.06
C LEU A 67 -7.10 5.05 7.42
N GLN A 68 -6.76 5.43 8.65
CA GLN A 68 -5.39 5.29 9.12
C GLN A 68 -5.02 3.81 9.28
N ALA A 69 -5.97 3.03 9.80
CA ALA A 69 -5.73 1.60 9.99
C ALA A 69 -5.44 0.90 8.67
N LEU A 70 -6.20 1.25 7.64
CA LEU A 70 -6.00 0.65 6.33
C LEU A 70 -4.62 0.98 5.79
N ASN A 71 -4.21 2.23 5.93
CA ASN A 71 -2.90 2.66 5.45
C ASN A 71 -1.79 1.89 6.16
N MET A 72 -1.92 1.77 7.48
CA MET A 72 -0.92 1.06 8.28
C MET A 72 -0.90 -0.41 7.92
N ALA A 73 -2.07 -0.98 7.69
CA ALA A 73 -2.17 -2.40 7.34
C ALA A 73 -1.40 -2.68 6.06
N PHE A 74 -1.55 -1.81 5.07
CA PHE A 74 -0.86 -1.99 3.80
C PHE A 74 0.65 -1.85 3.98
N ALA A 75 1.06 -0.83 4.74
CA ALA A 75 2.48 -0.60 4.98
C ALA A 75 3.11 -1.78 5.73
N SER A 76 2.37 -2.31 6.70
CA SER A 76 2.86 -3.43 7.49
C SER A 76 3.02 -4.67 6.61
N SER A 77 2.12 -4.84 5.66
CA SER A 77 2.17 -5.97 4.76
C SER A 77 3.46 -5.96 3.94
N MET A 78 3.84 -4.77 3.47
CA MET A 78 5.03 -4.63 2.67
C MET A 78 6.27 -4.98 3.51
N ALA A 79 6.28 -4.53 4.75
CA ALA A 79 7.40 -4.78 5.64
C ALA A 79 7.55 -6.27 5.96
N GLU A 80 6.45 -6.90 6.35
CA GLU A 80 6.48 -8.32 6.70
C GLU A 80 6.76 -9.18 5.48
N ILE A 81 6.20 -8.78 4.34
CA ILE A 81 6.40 -9.51 3.10
C ILE A 81 7.83 -9.34 2.60
N ALA A 82 8.34 -8.12 2.72
CA ALA A 82 9.70 -7.81 2.27
C ALA A 82 10.70 -8.68 3.03
N ALA A 83 10.41 -8.94 4.29
CA ALA A 83 11.31 -9.76 5.11
C ALA A 83 11.49 -11.14 4.49
N VAL A 84 10.52 -11.57 3.70
CA VAL A 84 10.58 -12.89 3.08
C VAL A 84 11.89 -13.04 2.30
N GLU A 85 12.79 -13.84 2.84
CA GLU A 85 14.08 -14.08 2.20
C GLU A 85 14.73 -12.75 1.81
N GLN A 86 14.58 -12.34 0.55
CA GLN A 86 15.16 -11.09 0.09
C GLN A 86 14.18 -10.39 -0.84
N GLY A 87 13.78 -9.17 -0.48
CA GLY A 87 12.86 -8.40 -1.30
C GLY A 87 13.46 -8.10 -2.66
N GLY A 88 14.76 -7.79 -2.68
CA GLY A 88 15.44 -7.49 -3.93
C GLY A 88 16.94 -7.33 -3.70
N MET A 89 17.65 -6.91 -4.75
CA MET A 89 19.09 -6.73 -4.65
C MET A 89 19.44 -5.67 -3.61
N SER A 90 18.66 -4.59 -3.60
CA SER A 90 18.89 -3.50 -2.66
C SER A 90 17.61 -3.17 -1.89
N MET A 91 17.77 -2.75 -0.64
CA MET A 91 16.63 -2.40 0.18
C MET A 91 15.88 -1.21 -0.42
N ALA A 92 16.63 -0.24 -0.90
CA ALA A 92 16.04 0.94 -1.49
C ALA A 92 15.25 0.60 -2.75
N VAL A 93 15.79 -0.30 -3.56
CA VAL A 93 15.15 -0.67 -4.81
C VAL A 93 13.95 -1.57 -4.57
N LYS A 94 13.98 -2.32 -3.47
CA LYS A 94 12.90 -3.24 -3.16
C LYS A 94 11.69 -2.47 -2.61
N THR A 95 11.96 -1.32 -2.01
CA THR A 95 10.89 -0.51 -1.46
C THR A 95 10.52 0.64 -2.39
N ASN A 96 11.52 1.13 -3.12
CA ASN A 96 11.30 2.24 -4.04
C ASN A 96 10.47 1.80 -5.22
N ALA A 97 10.76 0.61 -5.74
CA ALA A 97 10.02 0.09 -6.88
C ALA A 97 8.54 -0.07 -6.55
N ILE A 98 8.27 -0.63 -5.37
CA ILE A 98 6.88 -0.84 -4.96
C ILE A 98 6.20 0.49 -4.68
N VAL A 99 6.90 1.37 -3.97
CA VAL A 99 6.36 2.69 -3.65
C VAL A 99 6.12 3.50 -4.91
N ASP A 100 7.06 3.42 -5.84
CA ASP A 100 6.96 4.16 -7.09
C ASP A 100 5.71 3.74 -7.86
N GLY A 101 5.40 2.45 -7.81
CA GLY A 101 4.24 1.93 -8.53
C GLY A 101 2.96 2.63 -8.10
N LEU A 102 2.99 3.26 -6.93
CA LEU A 102 1.83 3.97 -6.42
C LEU A 102 1.45 5.11 -7.36
N ASN A 103 2.46 5.81 -7.89
CA ASN A 103 2.20 6.92 -8.79
C ASN A 103 1.40 6.47 -10.01
N SER A 104 1.78 5.34 -10.58
CA SER A 104 1.09 4.80 -11.75
C SER A 104 -0.36 4.48 -11.40
N ALA A 105 -0.56 3.85 -10.25
CA ALA A 105 -1.91 3.48 -9.83
C ALA A 105 -2.79 4.71 -9.64
N PHE A 106 -2.23 5.74 -9.02
CA PHE A 106 -2.99 6.97 -8.79
C PHE A 106 -3.41 7.61 -10.10
N TYR A 107 -2.48 7.68 -11.04
CA TYR A 107 -2.78 8.27 -12.35
C TYR A 107 -3.85 7.44 -13.07
N MET A 108 -3.65 6.13 -13.11
CA MET A 108 -4.59 5.26 -13.79
C MET A 108 -5.97 5.36 -13.14
N THR A 109 -5.99 5.44 -11.81
CA THR A 109 -7.25 5.54 -11.08
C THR A 109 -7.89 6.90 -11.30
N THR A 110 -7.07 7.95 -11.36
CA THR A 110 -7.58 9.30 -11.55
C THR A 110 -6.86 9.99 -12.69
N GLY A 111 -5.57 10.18 -12.54
CA GLY A 111 -4.76 10.84 -13.56
C GLY A 111 -3.87 11.92 -12.96
N ALA A 112 -3.93 12.06 -11.63
CA ALA A 112 -3.12 13.05 -10.95
C ALA A 112 -2.04 12.39 -10.10
N ALA A 113 -0.85 12.96 -10.12
CA ALA A 113 0.26 12.42 -9.35
C ALA A 113 0.26 12.98 -7.93
N ASN A 114 0.67 12.16 -6.97
CA ASN A 114 0.71 12.59 -5.57
C ASN A 114 2.03 12.17 -4.93
N PRO A 115 3.09 12.85 -5.24
CA PRO A 115 4.45 12.54 -4.68
C PRO A 115 4.49 12.70 -3.17
N GLN A 116 3.65 13.59 -2.64
CA GLN A 116 3.60 13.82 -1.20
C GLN A 116 3.16 12.55 -0.47
N PHE A 117 2.15 11.89 -1.01
CA PHE A 117 1.65 10.66 -0.40
C PHE A 117 2.61 9.51 -0.68
N VAL A 118 3.21 9.51 -1.85
CA VAL A 118 4.13 8.45 -2.23
C VAL A 118 5.32 8.38 -1.26
N ASN A 119 5.93 9.54 -1.01
CA ASN A 119 7.07 9.58 -0.10
C ASN A 119 6.63 9.25 1.31
N GLU A 120 5.43 9.70 1.68
CA GLU A 120 4.89 9.44 3.01
C GLU A 120 4.69 7.94 3.21
N MET A 121 4.21 7.27 2.16
CA MET A 121 3.96 5.84 2.23
C MET A 121 5.27 5.09 2.51
N ARG A 122 6.34 5.50 1.84
CA ARG A 122 7.63 4.86 2.02
C ARG A 122 8.07 4.96 3.48
N SER A 123 7.91 6.14 4.07
CA SER A 123 8.32 6.35 5.45
C SER A 123 7.51 5.47 6.38
N LEU A 124 6.22 5.32 6.10
CA LEU A 124 5.35 4.49 6.93
C LEU A 124 5.83 3.05 6.92
N ILE A 125 6.25 2.56 5.75
CA ILE A 125 6.73 1.20 5.64
C ILE A 125 8.05 1.03 6.39
N SER A 126 8.95 1.98 6.21
CA SER A 126 10.25 1.93 6.87
C SER A 126 10.11 2.08 8.37
N MET A 127 9.02 2.72 8.81
CA MET A 127 8.79 2.94 10.22
C MET A 127 8.71 1.60 10.95
N ILE A 128 8.27 0.56 10.25
CA ILE A 128 8.16 -0.76 10.85
C ILE A 128 9.53 -1.31 11.18
N SER A 129 10.47 -1.10 10.27
CA SER A 129 11.84 -1.59 10.47
C SER A 129 12.48 -0.90 11.68
N ALA A 130 12.25 0.41 11.79
CA ALA A 130 12.81 1.18 12.89
C ALA A 130 12.28 0.67 14.22
N ALA A 131 10.99 0.34 14.25
CA ALA A 131 10.36 -0.14 15.48
C ALA A 131 11.04 -1.42 15.96
N SER A 132 11.30 -2.33 15.02
CA SER A 132 11.96 -3.58 15.36
C SER A 132 12.26 -4.39 14.11
N ALA A 133 13.55 -4.49 13.77
CA ALA A 133 13.97 -5.23 12.59
C ALA A 133 15.48 -5.24 12.47
N ASN A 134 16.12 -6.26 13.05
CA ASN A 134 17.57 -6.38 12.99
C ASN A 134 18.23 -5.08 13.44
N GLU A 135 17.75 -4.52 14.54
CA GLU A 135 18.29 -3.27 15.06
C GLU A 135 19.79 -3.43 15.33
N VAL A 136 20.55 -2.38 14.99
CA VAL A 136 21.99 -2.41 15.20
C VAL A 136 22.41 -1.28 16.13
N SER A 137 23.15 -1.63 17.18
CA SER A 137 23.62 -0.65 18.14
C SER A 137 24.98 -1.05 18.71
N TYR A 138 25.68 -0.08 19.29
CA TYR A 138 27.00 -0.35 19.87
C TYR A 138 26.89 -1.39 20.98
N GLY A 1 -14.47 25.07 6.81
CA GLY A 1 -13.62 24.32 5.83
C GLY A 1 -12.23 24.13 6.39
N SER A 2 -11.35 23.51 5.60
CA SER A 2 -9.97 23.28 6.05
C SER A 2 -8.99 23.65 4.95
N HIS A 3 -7.96 24.41 5.32
CA HIS A 3 -6.96 24.85 4.35
C HIS A 3 -6.20 23.65 3.80
N MET A 4 -5.89 22.69 4.68
CA MET A 4 -5.16 21.50 4.28
C MET A 4 -6.07 20.27 4.31
N ALA A 5 -6.11 19.54 3.21
CA ALA A 5 -6.94 18.35 3.13
C ALA A 5 -6.37 17.36 2.11
N GLN A 6 -6.67 16.08 2.30
CA GLN A 6 -6.17 15.05 1.40
C GLN A 6 -6.89 15.12 0.06
N ALA A 7 -6.14 15.07 -1.03
CA ALA A 7 -6.73 15.14 -2.35
C ALA A 7 -7.66 13.95 -2.59
N ARG A 8 -7.22 12.77 -2.19
CA ARG A 8 -8.03 11.57 -2.35
C ARG A 8 -7.37 10.38 -1.68
N SER A 9 -8.16 9.57 -0.99
CA SER A 9 -7.63 8.41 -0.31
C SER A 9 -7.90 7.13 -1.11
N PRO A 10 -7.01 6.16 -1.03
CA PRO A 10 -7.16 4.87 -1.75
C PRO A 10 -8.30 4.02 -1.19
N TRP A 11 -8.70 4.31 0.04
CA TRP A 11 -9.77 3.57 0.67
C TRP A 11 -11.07 4.38 0.65
N SER A 12 -11.14 5.36 -0.23
CA SER A 12 -12.33 6.19 -0.34
C SER A 12 -13.55 5.34 -0.68
N ASP A 13 -13.37 4.39 -1.58
CA ASP A 13 -14.46 3.50 -1.98
C ASP A 13 -13.94 2.12 -2.33
N THR A 14 -14.82 1.13 -2.27
CA THR A 14 -14.41 -0.24 -2.57
C THR A 14 -14.05 -0.37 -4.05
N ALA A 15 -14.84 0.26 -4.91
CA ALA A 15 -14.59 0.20 -6.35
C ALA A 15 -13.25 0.87 -6.69
N THR A 16 -12.99 2.01 -6.07
CA THR A 16 -11.75 2.74 -6.30
C THR A 16 -10.56 1.98 -5.72
N ALA A 17 -10.74 1.46 -4.51
CA ALA A 17 -9.68 0.71 -3.85
C ALA A 17 -9.30 -0.52 -4.66
N ASP A 18 -10.29 -1.21 -5.18
CA ASP A 18 -10.04 -2.41 -5.97
C ASP A 18 -9.25 -2.05 -7.23
N ALA A 19 -9.68 -1.00 -7.93
CA ALA A 19 -9.00 -0.59 -9.14
C ALA A 19 -7.57 -0.14 -8.84
N PHE A 20 -7.41 0.60 -7.75
CA PHE A 20 -6.09 1.09 -7.36
C PHE A 20 -5.15 -0.06 -7.09
N ILE A 21 -5.60 -1.04 -6.32
CA ILE A 21 -4.78 -2.19 -5.99
C ILE A 21 -4.41 -2.96 -7.26
N GLN A 22 -5.39 -3.18 -8.13
CA GLN A 22 -5.13 -3.91 -9.37
C GLN A 22 -4.09 -3.19 -10.21
N ASN A 23 -4.24 -1.88 -10.34
CA ASN A 23 -3.29 -1.08 -11.10
C ASN A 23 -1.92 -1.09 -10.43
N PHE A 24 -1.93 -1.01 -9.10
CA PHE A 24 -0.70 -1.02 -8.34
C PHE A 24 0.11 -2.29 -8.61
N LEU A 25 -0.57 -3.42 -8.53
CA LEU A 25 0.09 -4.71 -8.77
C LEU A 25 0.59 -4.79 -10.20
N ALA A 26 -0.20 -4.28 -11.13
CA ALA A 26 0.18 -4.30 -12.54
C ALA A 26 1.44 -3.46 -12.76
N ALA A 27 1.50 -2.30 -12.11
CA ALA A 27 2.65 -1.42 -12.27
C ALA A 27 3.94 -2.08 -11.77
N VAL A 28 3.87 -2.67 -10.58
CA VAL A 28 5.04 -3.32 -10.02
C VAL A 28 5.37 -4.58 -10.82
N SER A 29 4.35 -5.27 -11.30
CA SER A 29 4.55 -6.47 -12.09
C SER A 29 5.23 -6.15 -13.41
N GLY A 30 4.79 -5.07 -14.04
CA GLY A 30 5.34 -4.64 -15.32
C GLY A 30 6.83 -4.35 -15.19
N SER A 31 7.21 -3.78 -14.05
CA SER A 31 8.61 -3.44 -13.83
C SER A 31 9.48 -4.70 -13.93
N GLY A 32 8.94 -5.82 -13.46
CA GLY A 32 9.70 -7.07 -13.49
C GLY A 32 10.69 -7.16 -12.33
N ALA A 33 10.68 -6.14 -11.48
CA ALA A 33 11.59 -6.11 -10.34
C ALA A 33 11.31 -7.29 -9.41
N PHE A 34 10.04 -7.62 -9.25
CA PHE A 34 9.66 -8.75 -8.39
C PHE A 34 9.04 -9.87 -9.21
N THR A 35 9.40 -11.10 -8.87
CA THR A 35 8.86 -12.27 -9.58
C THR A 35 7.38 -12.44 -9.27
N SER A 36 6.72 -13.30 -10.02
CA SER A 36 5.30 -13.56 -9.83
C SER A 36 5.04 -14.09 -8.42
N ASP A 37 5.95 -14.91 -7.92
CA ASP A 37 5.79 -15.46 -6.58
C ASP A 37 5.76 -14.37 -5.53
N GLN A 38 6.69 -13.43 -5.62
CA GLN A 38 6.78 -12.32 -4.68
C GLN A 38 5.58 -11.38 -4.84
N LEU A 39 5.18 -11.17 -6.08
CA LEU A 39 4.05 -10.30 -6.37
C LEU A 39 2.80 -10.82 -5.67
N ASP A 40 2.67 -12.14 -5.61
CA ASP A 40 1.51 -12.75 -4.97
C ASP A 40 1.45 -12.31 -3.51
N ASP A 41 2.61 -12.22 -2.86
CA ASP A 41 2.67 -11.82 -1.45
C ASP A 41 2.13 -10.40 -1.29
N MET A 42 2.48 -9.53 -2.24
CA MET A 42 2.03 -8.14 -2.18
C MET A 42 0.66 -8.00 -2.87
N SER A 43 0.15 -9.11 -3.40
CA SER A 43 -1.14 -9.11 -4.08
C SER A 43 -2.25 -9.57 -3.13
N THR A 44 -1.98 -10.64 -2.39
CA THR A 44 -2.95 -11.19 -1.46
C THR A 44 -3.41 -10.12 -0.47
N ILE A 45 -2.54 -9.15 -0.21
CA ILE A 45 -2.87 -8.07 0.71
C ILE A 45 -4.09 -7.31 0.20
N GLY A 46 -4.25 -7.26 -1.11
CA GLY A 46 -5.38 -6.56 -1.70
C GLY A 46 -6.70 -7.18 -1.25
N ASP A 47 -6.77 -8.50 -1.25
CA ASP A 47 -7.97 -9.20 -0.83
C ASP A 47 -8.25 -8.93 0.65
N THR A 48 -7.20 -8.96 1.46
CA THR A 48 -7.35 -8.71 2.89
C THR A 48 -7.85 -7.29 3.14
N ILE A 49 -7.30 -6.34 2.39
CA ILE A 49 -7.69 -4.94 2.54
C ILE A 49 -9.17 -4.78 2.23
N MET A 50 -9.61 -5.38 1.13
CA MET A 50 -11.00 -5.29 0.74
C MET A 50 -11.90 -5.96 1.78
N SER A 51 -11.45 -7.08 2.32
CA SER A 51 -12.21 -7.80 3.33
C SER A 51 -12.43 -6.93 4.55
N ALA A 52 -11.37 -6.23 4.97
CA ALA A 52 -11.45 -5.35 6.13
C ALA A 52 -12.42 -4.20 5.87
N MET A 53 -12.39 -3.68 4.64
CA MET A 53 -13.25 -2.57 4.27
C MET A 53 -14.72 -2.98 4.38
N ASP A 54 -15.02 -4.20 3.95
CA ASP A 54 -16.38 -4.71 3.98
C ASP A 54 -16.82 -4.96 5.42
N LYS A 55 -15.94 -5.57 6.20
CA LYS A 55 -16.24 -5.85 7.59
C LYS A 55 -16.48 -4.57 8.37
N MET A 56 -15.55 -3.63 8.24
CA MET A 56 -15.66 -2.36 8.95
C MET A 56 -16.86 -1.58 8.45
N ALA A 57 -17.06 -1.58 7.13
CA ALA A 57 -18.17 -0.87 6.52
C ALA A 57 -19.50 -1.45 6.98
N ARG A 58 -19.56 -2.78 7.07
CA ARG A 58 -20.78 -3.44 7.49
C ARG A 58 -21.19 -3.01 8.89
N SER A 59 -20.21 -2.95 9.79
CA SER A 59 -20.48 -2.55 11.17
C SER A 59 -20.36 -1.04 11.31
N ASN A 60 -21.40 -0.41 11.86
CA ASN A 60 -21.39 1.03 12.03
C ASN A 60 -21.07 1.75 10.72
N LYS A 61 -20.64 3.00 10.81
CA LYS A 61 -20.31 3.77 9.61
C LYS A 61 -18.81 4.02 9.54
N SER A 62 -18.33 4.44 8.38
CA SER A 62 -16.91 4.70 8.20
C SER A 62 -16.46 5.84 9.11
N SER A 63 -15.19 5.79 9.50
CA SER A 63 -14.63 6.82 10.39
C SER A 63 -13.21 7.17 9.97
N GLN A 64 -12.71 8.28 10.50
CA GLN A 64 -11.36 8.72 10.18
C GLN A 64 -10.33 7.69 10.65
N HIS A 65 -10.59 7.09 11.80
CA HIS A 65 -9.70 6.08 12.36
C HIS A 65 -9.70 4.84 11.47
N LYS A 66 -10.86 4.48 10.93
CA LYS A 66 -10.97 3.33 10.09
C LYS A 66 -10.06 3.47 8.88
N LEU A 67 -10.08 4.65 8.27
CA LEU A 67 -9.25 4.91 7.10
C LEU A 67 -7.77 4.85 7.48
N GLN A 68 -7.45 5.41 8.63
CA GLN A 68 -6.06 5.42 9.09
C GLN A 68 -5.57 3.99 9.36
N ALA A 69 -6.45 3.17 9.94
CA ALA A 69 -6.10 1.80 10.25
C ALA A 69 -5.73 1.05 8.98
N LEU A 70 -6.49 1.28 7.91
CA LEU A 70 -6.23 0.62 6.64
C LEU A 70 -4.85 1.01 6.10
N ASN A 71 -4.51 2.29 6.25
CA ASN A 71 -3.23 2.78 5.78
C ASN A 71 -2.08 2.08 6.49
N MET A 72 -2.24 1.89 7.80
CA MET A 72 -1.20 1.23 8.59
C MET A 72 -1.12 -0.26 8.25
N ALA A 73 -2.27 -0.86 8.00
CA ALA A 73 -2.32 -2.28 7.67
C ALA A 73 -1.52 -2.57 6.40
N PHE A 74 -1.69 -1.70 5.40
CA PHE A 74 -0.99 -1.89 4.14
C PHE A 74 0.51 -1.76 4.34
N ALA A 75 0.93 -0.71 5.00
CA ALA A 75 2.35 -0.47 5.26
C ALA A 75 2.95 -1.61 6.07
N SER A 76 2.20 -2.10 7.04
CA SER A 76 2.67 -3.18 7.89
C SER A 76 2.92 -4.44 7.06
N SER A 77 1.99 -4.76 6.18
CA SER A 77 2.12 -5.94 5.32
C SER A 77 3.27 -5.76 4.33
N MET A 78 3.43 -4.53 3.85
CA MET A 78 4.50 -4.25 2.90
C MET A 78 5.86 -4.32 3.57
N ALA A 79 5.94 -3.82 4.80
CA ALA A 79 7.19 -3.83 5.55
C ALA A 79 7.67 -5.24 5.84
N GLU A 80 6.76 -6.09 6.29
CA GLU A 80 7.12 -7.47 6.61
C GLU A 80 7.47 -8.24 5.34
N ILE A 81 6.77 -7.95 4.25
CA ILE A 81 7.02 -8.61 2.99
C ILE A 81 8.35 -8.17 2.39
N ALA A 82 8.62 -6.87 2.47
CA ALA A 82 9.85 -6.32 1.94
C ALA A 82 11.05 -6.95 2.63
N ALA A 83 10.92 -7.21 3.92
CA ALA A 83 12.01 -7.79 4.69
C ALA A 83 11.88 -9.32 4.72
N VAL A 84 11.06 -9.87 3.83
CA VAL A 84 10.87 -11.31 3.78
C VAL A 84 12.18 -12.04 3.53
N GLU A 85 13.10 -11.35 2.87
CA GLU A 85 14.40 -11.92 2.56
C GLU A 85 15.29 -10.89 1.86
N GLN A 86 15.02 -10.67 0.57
CA GLN A 86 15.81 -9.73 -0.21
C GLN A 86 15.25 -9.61 -1.63
N GLY A 87 14.11 -8.96 -1.76
CA GLY A 87 13.49 -8.79 -3.07
C GLY A 87 14.40 -8.01 -4.01
N GLY A 88 15.04 -6.98 -3.49
CA GLY A 88 15.94 -6.16 -4.30
C GLY A 88 17.35 -6.17 -3.72
N MET A 89 18.34 -5.96 -4.59
CA MET A 89 19.73 -5.96 -4.15
C MET A 89 19.96 -4.83 -3.16
N SER A 90 19.34 -3.69 -3.41
CA SER A 90 19.49 -2.53 -2.53
C SER A 90 18.14 -2.12 -1.95
N MET A 91 18.18 -1.41 -0.82
CA MET A 91 16.96 -0.95 -0.17
C MET A 91 16.20 0.01 -1.08
N ALA A 92 16.94 0.87 -1.77
CA ALA A 92 16.33 1.85 -2.69
C ALA A 92 15.96 1.20 -4.02
N VAL A 93 15.87 -0.13 -4.04
CA VAL A 93 15.52 -0.85 -5.25
C VAL A 93 14.23 -1.63 -5.03
N LYS A 94 14.20 -2.43 -3.95
CA LYS A 94 13.02 -3.22 -3.64
C LYS A 94 11.87 -2.30 -3.21
N THR A 95 12.21 -1.18 -2.59
CA THR A 95 11.19 -0.25 -2.13
C THR A 95 10.86 0.78 -3.22
N ASN A 96 11.88 1.17 -3.96
CA ASN A 96 11.69 2.14 -5.04
C ASN A 96 10.77 1.58 -6.12
N ALA A 97 10.99 0.32 -6.46
CA ALA A 97 10.18 -0.32 -7.49
C ALA A 97 8.69 -0.36 -7.09
N ILE A 98 8.44 -0.77 -5.85
CA ILE A 98 7.07 -0.87 -5.36
C ILE A 98 6.47 0.53 -5.22
N VAL A 99 7.27 1.45 -4.70
CA VAL A 99 6.83 2.82 -4.52
C VAL A 99 6.47 3.46 -5.86
N ASP A 100 7.30 3.20 -6.87
CA ASP A 100 7.06 3.74 -8.20
C ASP A 100 5.71 3.26 -8.72
N GLY A 101 5.40 2.00 -8.46
CA GLY A 101 4.13 1.43 -8.91
C GLY A 101 2.96 2.20 -8.31
N LEU A 102 3.10 2.59 -7.04
CA LEU A 102 2.05 3.34 -6.36
C LEU A 102 1.79 4.66 -7.06
N ASN A 103 2.85 5.34 -7.47
CA ASN A 103 2.71 6.62 -8.16
C ASN A 103 1.94 6.44 -9.48
N SER A 104 2.28 5.39 -10.21
CA SER A 104 1.61 5.12 -11.47
C SER A 104 0.20 4.60 -11.23
N ALA A 105 0.01 3.94 -10.09
CA ALA A 105 -1.30 3.40 -9.76
C ALA A 105 -2.34 4.52 -9.61
N PHE A 106 -1.98 5.56 -8.87
CA PHE A 106 -2.89 6.68 -8.68
C PHE A 106 -3.15 7.41 -9.99
N TYR A 107 -2.09 7.62 -10.76
CA TYR A 107 -2.23 8.32 -12.04
C TYR A 107 -3.08 7.50 -13.01
N MET A 108 -2.78 6.22 -13.13
CA MET A 108 -3.52 5.34 -14.02
C MET A 108 -4.98 5.25 -13.60
N THR A 109 -5.22 5.22 -12.30
CA THR A 109 -6.58 5.14 -11.79
C THR A 109 -7.39 6.37 -12.20
N THR A 110 -6.76 7.54 -12.14
CA THR A 110 -7.46 8.78 -12.50
C THR A 110 -6.52 9.76 -13.17
N GLY A 111 -5.34 9.93 -12.57
CA GLY A 111 -4.35 10.84 -13.12
C GLY A 111 -3.83 11.79 -12.04
N ALA A 112 -4.37 11.65 -10.83
CA ALA A 112 -3.95 12.51 -9.72
C ALA A 112 -2.49 12.24 -9.36
N ALA A 113 -1.78 13.30 -8.98
CA ALA A 113 -0.39 13.17 -8.61
C ALA A 113 -0.15 13.70 -7.19
N ASN A 114 0.27 12.81 -6.29
CA ASN A 114 0.53 13.20 -4.91
C ASN A 114 1.83 12.56 -4.41
N PRO A 115 2.94 13.03 -4.91
CA PRO A 115 4.28 12.50 -4.51
C PRO A 115 4.52 12.61 -3.01
N GLN A 116 4.05 13.70 -2.42
CA GLN A 116 4.22 13.91 -0.99
C GLN A 116 3.58 12.78 -0.19
N PHE A 117 2.36 12.42 -0.56
CA PHE A 117 1.64 11.34 0.12
C PHE A 117 2.40 10.02 -0.04
N VAL A 118 2.87 9.77 -1.25
CA VAL A 118 3.61 8.53 -1.52
C VAL A 118 4.86 8.44 -0.65
N ASN A 119 5.56 9.57 -0.51
CA ASN A 119 6.77 9.60 0.30
C ASN A 119 6.44 9.21 1.74
N GLU A 120 5.30 9.69 2.23
CA GLU A 120 4.88 9.38 3.58
C GLU A 120 4.64 7.88 3.74
N MET A 121 4.09 7.27 2.68
CA MET A 121 3.79 5.84 2.71
C MET A 121 5.08 5.04 2.95
N ARG A 122 6.15 5.44 2.26
CA ARG A 122 7.43 4.75 2.40
C ARG A 122 7.93 4.88 3.84
N SER A 123 7.76 6.06 4.42
CA SER A 123 8.20 6.30 5.78
C SER A 123 7.48 5.36 6.75
N LEU A 124 6.20 5.14 6.51
CA LEU A 124 5.42 4.26 7.35
C LEU A 124 5.99 2.84 7.32
N ILE A 125 6.38 2.40 6.13
CA ILE A 125 6.95 1.07 5.97
C ILE A 125 8.20 0.92 6.82
N SER A 126 9.06 1.93 6.77
CA SER A 126 10.30 1.89 7.53
C SER A 126 10.01 1.96 9.04
N MET A 127 8.86 2.53 9.39
CA MET A 127 8.48 2.65 10.78
C MET A 127 8.15 1.27 11.37
N ILE A 128 7.61 0.40 10.52
CA ILE A 128 7.25 -0.94 10.96
C ILE A 128 8.49 -1.82 11.09
N SER A 129 9.37 -1.72 10.10
CA SER A 129 10.60 -2.51 10.11
C SER A 129 11.62 -1.89 11.05
N ALA A 130 11.38 -0.63 11.44
CA ALA A 130 12.31 0.06 12.34
C ALA A 130 12.41 -0.67 13.67
N ALA A 131 11.27 -1.16 14.17
CA ALA A 131 11.25 -1.87 15.44
C ALA A 131 10.74 -3.29 15.24
N SER A 132 9.43 -3.44 15.12
CA SER A 132 8.83 -4.75 14.93
C SER A 132 9.16 -5.66 16.10
N ALA A 133 8.47 -6.80 16.17
CA ALA A 133 8.70 -7.75 17.24
C ALA A 133 10.03 -8.47 17.06
N ASN A 134 10.71 -8.74 18.16
CA ASN A 134 11.99 -9.44 18.10
C ASN A 134 11.80 -10.94 18.22
N GLU A 135 10.54 -11.39 18.28
CA GLU A 135 10.25 -12.81 18.39
C GLU A 135 11.11 -13.46 19.47
N VAL A 136 10.64 -13.38 20.71
CA VAL A 136 11.39 -13.96 21.83
C VAL A 136 11.05 -15.45 21.95
N SER A 137 12.08 -16.29 21.85
CA SER A 137 11.89 -17.73 21.97
C SER A 137 13.23 -18.43 22.17
N TYR A 138 14.29 -17.88 21.57
CA TYR A 138 15.61 -18.47 21.69
C TYR A 138 16.14 -18.30 23.11
N GLY A 1 0.93 19.56 -3.64
CA GLY A 1 0.27 19.72 -2.32
C GLY A 1 -1.16 19.19 -2.40
N SER A 2 -1.69 18.76 -1.26
CA SER A 2 -3.05 18.24 -1.21
C SER A 2 -4.05 19.33 -1.58
N HIS A 3 -5.08 18.95 -2.35
CA HIS A 3 -6.10 19.90 -2.76
C HIS A 3 -6.85 20.45 -1.56
N MET A 4 -7.14 19.57 -0.60
CA MET A 4 -7.85 19.99 0.61
C MET A 4 -7.37 19.19 1.82
N ALA A 5 -7.64 17.89 1.80
CA ALA A 5 -7.23 17.03 2.90
C ALA A 5 -7.50 15.56 2.56
N GLN A 6 -8.73 15.28 2.16
CA GLN A 6 -9.12 13.91 1.81
C GLN A 6 -8.31 13.43 0.60
N ALA A 7 -8.10 14.32 -0.35
CA ALA A 7 -7.36 13.98 -1.56
C ALA A 7 -8.00 12.80 -2.27
N ARG A 8 -9.30 12.60 -2.04
CA ARG A 8 -10.01 11.49 -2.66
C ARG A 8 -9.23 10.19 -2.48
N SER A 9 -8.81 9.94 -1.25
CA SER A 9 -8.04 8.73 -0.94
C SER A 9 -8.81 7.48 -1.37
N PRO A 10 -8.14 6.47 -1.90
CA PRO A 10 -8.82 5.22 -2.36
C PRO A 10 -9.68 4.59 -1.27
N TRP A 11 -9.25 4.74 -0.02
CA TRP A 11 -9.99 4.16 1.11
C TRP A 11 -11.39 4.79 1.23
N SER A 12 -11.61 5.89 0.50
CA SER A 12 -12.91 6.56 0.54
C SER A 12 -14.01 5.61 0.09
N ASP A 13 -13.72 4.82 -0.94
CA ASP A 13 -14.70 3.87 -1.45
C ASP A 13 -14.04 2.55 -1.80
N THR A 14 -14.80 1.46 -1.67
CA THR A 14 -14.28 0.13 -1.96
C THR A 14 -13.98 -0.01 -3.44
N ALA A 15 -14.84 0.55 -4.28
CA ALA A 15 -14.65 0.48 -5.72
C ALA A 15 -13.36 1.17 -6.13
N THR A 16 -13.13 2.36 -5.56
CA THR A 16 -11.93 3.12 -5.86
C THR A 16 -10.70 2.41 -5.32
N ALA A 17 -10.80 1.89 -4.10
CA ALA A 17 -9.70 1.19 -3.47
C ALA A 17 -9.28 -0.03 -4.29
N ASP A 18 -10.28 -0.74 -4.79
CA ASP A 18 -10.01 -1.93 -5.59
C ASP A 18 -9.25 -1.57 -6.87
N ALA A 19 -9.69 -0.51 -7.54
CA ALA A 19 -9.05 -0.09 -8.78
C ALA A 19 -7.59 0.32 -8.52
N PHE A 20 -7.37 1.05 -7.43
CA PHE A 20 -6.03 1.50 -7.07
C PHE A 20 -5.12 0.30 -6.83
N ILE A 21 -5.61 -0.66 -6.06
CA ILE A 21 -4.83 -1.86 -5.75
C ILE A 21 -4.50 -2.62 -7.02
N GLN A 22 -5.48 -2.80 -7.90
CA GLN A 22 -5.26 -3.53 -9.14
C GLN A 22 -4.22 -2.82 -10.01
N ASN A 23 -4.33 -1.50 -10.12
CA ASN A 23 -3.38 -0.73 -10.92
C ASN A 23 -2.01 -0.78 -10.29
N PHE A 24 -1.97 -0.71 -8.97
CA PHE A 24 -0.71 -0.75 -8.23
C PHE A 24 0.04 -2.05 -8.51
N LEU A 25 -0.67 -3.16 -8.41
CA LEU A 25 -0.05 -4.46 -8.63
C LEU A 25 0.46 -4.56 -10.07
N ALA A 26 -0.33 -4.04 -11.01
CA ALA A 26 0.06 -4.08 -12.41
C ALA A 26 1.34 -3.28 -12.64
N ALA A 27 1.43 -2.10 -12.02
CA ALA A 27 2.61 -1.25 -12.19
C ALA A 27 3.87 -1.92 -11.64
N VAL A 28 3.77 -2.47 -10.44
CA VAL A 28 4.92 -3.14 -9.85
C VAL A 28 5.25 -4.41 -10.63
N SER A 29 4.23 -5.08 -11.11
CA SER A 29 4.42 -6.30 -11.89
C SER A 29 5.19 -5.98 -13.18
N GLY A 30 4.75 -4.92 -13.87
CA GLY A 30 5.38 -4.50 -15.11
C GLY A 30 6.83 -4.10 -14.90
N SER A 31 7.13 -3.63 -13.70
CA SER A 31 8.49 -3.21 -13.39
C SER A 31 9.45 -4.38 -13.55
N GLY A 32 8.99 -5.57 -13.16
CA GLY A 32 9.83 -6.76 -13.26
C GLY A 32 10.77 -6.87 -12.06
N ALA A 33 10.64 -5.93 -11.12
CA ALA A 33 11.49 -5.93 -9.93
C ALA A 33 11.24 -7.21 -9.12
N PHE A 34 9.99 -7.64 -9.06
CA PHE A 34 9.65 -8.84 -8.31
C PHE A 34 8.93 -9.85 -9.21
N THR A 35 9.21 -11.14 -8.98
CA THR A 35 8.58 -12.20 -9.76
C THR A 35 7.12 -12.36 -9.36
N SER A 36 6.39 -13.18 -10.10
CA SER A 36 4.97 -13.39 -9.81
C SER A 36 4.78 -13.93 -8.39
N ASP A 37 5.61 -14.89 -8.00
CA ASP A 37 5.49 -15.48 -6.67
C ASP A 37 5.68 -14.43 -5.58
N GLN A 38 6.73 -13.63 -5.70
CA GLN A 38 7.01 -12.59 -4.70
C GLN A 38 5.91 -11.52 -4.73
N LEU A 39 5.45 -11.17 -5.92
CA LEU A 39 4.41 -10.17 -6.08
C LEU A 39 3.12 -10.63 -5.39
N ASP A 40 2.86 -11.93 -5.44
CA ASP A 40 1.67 -12.48 -4.83
C ASP A 40 1.59 -12.08 -3.37
N ASP A 41 2.76 -11.93 -2.73
CA ASP A 41 2.78 -11.54 -1.32
C ASP A 41 2.12 -10.18 -1.13
N MET A 42 2.39 -9.25 -2.06
CA MET A 42 1.81 -7.91 -1.98
C MET A 42 0.51 -7.83 -2.78
N SER A 43 0.11 -8.96 -3.41
CA SER A 43 -1.12 -8.98 -4.20
C SER A 43 -2.27 -9.61 -3.42
N THR A 44 -1.97 -10.68 -2.70
CA THR A 44 -2.99 -11.37 -1.90
C THR A 44 -3.54 -10.43 -0.84
N ILE A 45 -2.73 -9.44 -0.46
CA ILE A 45 -3.15 -8.48 0.55
C ILE A 45 -4.42 -7.76 0.13
N GLY A 46 -4.68 -7.72 -1.18
CA GLY A 46 -5.86 -7.04 -1.68
C GLY A 46 -7.12 -7.66 -1.08
N ASP A 47 -7.14 -8.99 -0.97
CA ASP A 47 -8.29 -9.67 -0.41
C ASP A 47 -8.49 -9.25 1.05
N THR A 48 -7.38 -9.21 1.80
CA THR A 48 -7.46 -8.84 3.21
C THR A 48 -7.96 -7.40 3.37
N ILE A 49 -7.38 -6.49 2.59
CA ILE A 49 -7.77 -5.10 2.65
C ILE A 49 -9.24 -4.92 2.27
N MET A 50 -9.64 -5.55 1.17
CA MET A 50 -11.02 -5.46 0.70
C MET A 50 -11.98 -6.08 1.70
N SER A 51 -11.60 -7.20 2.29
CA SER A 51 -12.46 -7.89 3.25
C SER A 51 -12.70 -6.99 4.46
N ALA A 52 -11.64 -6.31 4.91
CA ALA A 52 -11.76 -5.42 6.06
C ALA A 52 -12.69 -4.26 5.73
N MET A 53 -12.55 -3.73 4.52
CA MET A 53 -13.39 -2.61 4.08
C MET A 53 -14.86 -2.98 4.11
N ASP A 54 -15.17 -4.18 3.63
CA ASP A 54 -16.56 -4.64 3.60
C ASP A 54 -17.12 -4.81 5.01
N LYS A 55 -16.36 -5.43 5.89
CA LYS A 55 -16.82 -5.66 7.27
C LYS A 55 -16.95 -4.34 8.03
N MET A 56 -15.94 -3.49 7.88
CA MET A 56 -15.95 -2.20 8.56
C MET A 56 -17.03 -1.30 7.99
N ALA A 57 -17.20 -1.36 6.68
CA ALA A 57 -18.22 -0.55 6.01
C ALA A 57 -19.61 -0.93 6.50
N ARG A 58 -19.84 -2.22 6.67
CA ARG A 58 -21.13 -2.71 7.14
C ARG A 58 -21.44 -2.12 8.51
N SER A 59 -20.46 -2.17 9.42
CA SER A 59 -20.66 -1.63 10.76
C SER A 59 -20.41 -0.13 10.78
N ASN A 60 -21.17 0.57 11.62
CA ASN A 60 -21.02 2.03 11.76
C ASN A 60 -20.86 2.70 10.38
N LYS A 61 -20.20 3.85 10.34
CA LYS A 61 -20.00 4.57 9.08
C LYS A 61 -18.51 4.86 8.89
N SER A 62 -18.13 5.22 7.67
CA SER A 62 -16.73 5.51 7.38
C SER A 62 -16.18 6.52 8.39
N SER A 63 -15.02 6.23 8.94
CA SER A 63 -14.38 7.11 9.92
C SER A 63 -12.89 7.20 9.66
N GLN A 64 -12.25 8.22 10.23
CA GLN A 64 -10.82 8.38 10.05
C GLN A 64 -10.05 7.28 10.78
N HIS A 65 -10.69 6.66 11.78
CA HIS A 65 -10.06 5.59 12.54
C HIS A 65 -9.82 4.37 11.68
N LYS A 66 -10.83 3.95 10.93
CA LYS A 66 -10.68 2.78 10.09
C LYS A 66 -9.88 3.12 8.83
N LEU A 67 -10.02 4.34 8.33
CA LEU A 67 -9.30 4.76 7.14
C LEU A 67 -7.79 4.75 7.37
N GLN A 68 -7.37 5.29 8.51
CA GLN A 68 -5.95 5.33 8.83
C GLN A 68 -5.45 3.94 9.20
N ALA A 69 -6.32 3.15 9.81
CA ALA A 69 -5.95 1.79 10.20
C ALA A 69 -5.58 0.98 8.97
N LEU A 70 -6.36 1.13 7.91
CA LEU A 70 -6.10 0.41 6.67
C LEU A 70 -4.76 0.82 6.07
N ASN A 71 -4.47 2.12 6.13
CA ASN A 71 -3.22 2.62 5.58
C ASN A 71 -2.04 1.97 6.29
N MET A 72 -2.14 1.86 7.61
CA MET A 72 -1.06 1.26 8.40
C MET A 72 -0.92 -0.22 8.06
N ALA A 73 -2.05 -0.91 7.88
CA ALA A 73 -2.03 -2.33 7.58
C ALA A 73 -1.30 -2.57 6.27
N PHE A 74 -1.58 -1.75 5.27
CA PHE A 74 -0.95 -1.90 3.97
C PHE A 74 0.56 -1.71 4.07
N ALA A 75 0.99 -0.64 4.75
CA ALA A 75 2.41 -0.37 4.90
C ALA A 75 3.12 -1.48 5.67
N SER A 76 2.46 -1.97 6.72
CA SER A 76 3.03 -3.03 7.53
C SER A 76 3.24 -4.30 6.71
N SER A 77 2.25 -4.62 5.88
CA SER A 77 2.35 -5.80 5.03
C SER A 77 3.53 -5.69 4.08
N MET A 78 3.74 -4.51 3.51
CA MET A 78 4.85 -4.32 2.59
C MET A 78 6.17 -4.46 3.33
N ALA A 79 6.24 -3.94 4.56
CA ALA A 79 7.47 -4.01 5.35
C ALA A 79 7.88 -5.46 5.63
N GLU A 80 6.93 -6.27 6.09
CA GLU A 80 7.23 -7.66 6.40
C GLU A 80 7.58 -8.44 5.13
N ILE A 81 6.89 -8.13 4.04
CA ILE A 81 7.13 -8.79 2.76
C ILE A 81 8.48 -8.36 2.19
N ALA A 82 8.79 -7.06 2.32
CA ALA A 82 10.04 -6.52 1.81
C ALA A 82 11.23 -7.18 2.48
N ALA A 83 11.03 -7.64 3.72
CA ALA A 83 12.10 -8.29 4.45
C ALA A 83 12.66 -9.46 3.64
N VAL A 84 11.84 -10.03 2.76
CA VAL A 84 12.29 -11.14 1.93
C VAL A 84 13.20 -10.64 0.82
N GLU A 85 14.42 -11.19 0.76
CA GLU A 85 15.36 -10.80 -0.28
C GLU A 85 16.58 -11.71 -0.27
N GLN A 86 17.15 -11.95 -1.44
CA GLN A 86 18.34 -12.80 -1.55
C GLN A 86 19.52 -12.15 -0.83
N GLY A 87 19.64 -10.84 -0.97
CA GLY A 87 20.71 -10.10 -0.33
C GLY A 87 21.40 -9.18 -1.33
N GLY A 88 21.45 -9.61 -2.58
CA GLY A 88 22.07 -8.82 -3.64
C GLY A 88 21.33 -7.50 -3.82
N MET A 89 20.01 -7.55 -3.72
CA MET A 89 19.18 -6.36 -3.89
C MET A 89 19.41 -5.38 -2.74
N SER A 90 19.29 -4.09 -3.04
CA SER A 90 19.47 -3.05 -2.03
C SER A 90 18.12 -2.56 -1.51
N MET A 91 18.15 -1.90 -0.36
CA MET A 91 16.93 -1.39 0.26
C MET A 91 16.24 -0.41 -0.68
N ALA A 92 17.04 0.44 -1.33
CA ALA A 92 16.50 1.44 -2.26
C ALA A 92 16.18 0.82 -3.62
N VAL A 93 16.17 -0.50 -3.71
CA VAL A 93 15.87 -1.18 -4.94
C VAL A 93 14.56 -1.94 -4.81
N LYS A 94 14.50 -2.81 -3.80
CA LYS A 94 13.28 -3.60 -3.55
C LYS A 94 12.14 -2.70 -3.07
N THR A 95 12.47 -1.64 -2.34
CA THR A 95 11.44 -0.75 -1.82
C THR A 95 11.11 0.33 -2.83
N ASN A 96 12.10 0.76 -3.59
CA ASN A 96 11.91 1.79 -4.61
C ASN A 96 10.96 1.32 -5.70
N ALA A 97 11.10 0.06 -6.10
CA ALA A 97 10.26 -0.50 -7.15
C ALA A 97 8.78 -0.48 -6.75
N ILE A 98 8.50 -0.84 -5.50
CA ILE A 98 7.13 -0.86 -5.02
C ILE A 98 6.58 0.57 -4.96
N VAL A 99 7.41 1.48 -4.48
CA VAL A 99 7.03 2.88 -4.38
C VAL A 99 6.77 3.46 -5.77
N ASP A 100 7.59 3.08 -6.73
CA ASP A 100 7.44 3.57 -8.10
C ASP A 100 6.07 3.19 -8.62
N GLY A 101 5.63 1.97 -8.33
CA GLY A 101 4.32 1.51 -8.77
C GLY A 101 3.23 2.41 -8.21
N LEU A 102 3.37 2.81 -6.95
CA LEU A 102 2.39 3.68 -6.32
C LEU A 102 2.28 5.02 -7.05
N ASN A 103 3.43 5.56 -7.46
CA ASN A 103 3.44 6.84 -8.17
C ASN A 103 2.64 6.73 -9.47
N SER A 104 2.83 5.63 -10.17
CA SER A 104 2.11 5.41 -11.42
C SER A 104 0.68 4.97 -11.14
N ALA A 105 0.44 4.40 -9.96
CA ALA A 105 -0.88 3.94 -9.59
C ALA A 105 -1.87 5.11 -9.54
N PHE A 106 -1.43 6.23 -8.99
CA PHE A 106 -2.31 7.40 -8.88
C PHE A 106 -2.75 7.85 -10.27
N TYR A 107 -1.82 7.85 -11.23
CA TYR A 107 -2.14 8.25 -12.58
C TYR A 107 -2.99 7.18 -13.27
N MET A 108 -2.65 5.91 -13.01
CA MET A 108 -3.40 4.81 -13.60
C MET A 108 -4.81 4.71 -13.01
N THR A 109 -5.03 5.38 -11.89
CA THR A 109 -6.33 5.35 -11.26
C THR A 109 -7.20 6.53 -11.70
N THR A 110 -6.73 7.75 -11.45
CA THR A 110 -7.50 8.94 -11.82
C THR A 110 -6.72 9.86 -12.77
N GLY A 111 -5.56 9.42 -13.23
CA GLY A 111 -4.76 10.25 -14.14
C GLY A 111 -4.15 11.42 -13.38
N ALA A 112 -3.94 11.23 -12.08
CA ALA A 112 -3.37 12.29 -11.26
C ALA A 112 -2.18 11.79 -10.46
N ALA A 113 -1.34 12.72 -10.02
CA ALA A 113 -0.16 12.37 -9.24
C ALA A 113 -0.28 12.93 -7.82
N ASN A 114 0.10 12.13 -6.84
CA ASN A 114 0.02 12.57 -5.44
C ASN A 114 1.28 12.13 -4.69
N PRO A 115 2.38 12.79 -4.94
CA PRO A 115 3.68 12.46 -4.28
C PRO A 115 3.62 12.65 -2.77
N GLN A 116 2.69 13.48 -2.31
CA GLN A 116 2.53 13.73 -0.88
C GLN A 116 2.15 12.44 -0.15
N PHE A 117 1.28 11.66 -0.77
CA PHE A 117 0.85 10.40 -0.18
C PHE A 117 1.91 9.32 -0.41
N VAL A 118 2.59 9.42 -1.55
CA VAL A 118 3.62 8.45 -1.91
C VAL A 118 4.77 8.47 -0.89
N ASN A 119 5.23 9.66 -0.52
CA ASN A 119 6.33 9.75 0.43
C ASN A 119 5.87 9.26 1.80
N GLU A 120 4.59 9.49 2.08
CA GLU A 120 4.03 9.07 3.35
C GLU A 120 4.12 7.55 3.49
N MET A 121 3.79 6.84 2.42
CA MET A 121 3.85 5.39 2.45
C MET A 121 5.28 4.92 2.67
N ARG A 122 6.23 5.60 2.03
CA ARG A 122 7.64 5.24 2.18
C ARG A 122 8.06 5.32 3.64
N SER A 123 7.68 6.41 4.31
CA SER A 123 8.03 6.58 5.72
C SER A 123 7.34 5.54 6.58
N LEU A 124 6.08 5.24 6.25
CA LEU A 124 5.32 4.25 7.00
C LEU A 124 5.96 2.87 6.88
N ILE A 125 6.41 2.55 5.67
CA ILE A 125 7.05 1.26 5.42
C ILE A 125 8.33 1.13 6.25
N SER A 126 9.13 2.18 6.25
CA SER A 126 10.38 2.18 7.01
C SER A 126 10.08 2.23 8.51
N MET A 127 8.94 2.81 8.85
CA MET A 127 8.51 2.92 10.24
C MET A 127 8.31 1.53 10.83
N ILE A 128 7.60 0.69 10.09
CA ILE A 128 7.32 -0.66 10.55
C ILE A 128 8.61 -1.48 10.65
N SER A 129 9.48 -1.32 9.65
CA SER A 129 10.74 -2.04 9.65
C SER A 129 11.58 -1.67 10.87
N ALA A 130 11.66 -0.38 11.15
CA ALA A 130 12.45 0.09 12.30
C ALA A 130 11.85 -0.46 13.60
N ALA A 131 10.53 -0.47 13.69
CA ALA A 131 9.87 -0.98 14.89
C ALA A 131 10.19 -2.45 15.12
N SER A 132 10.22 -3.22 14.03
CA SER A 132 10.53 -4.64 14.13
C SER A 132 9.68 -5.30 15.21
N ALA A 133 10.11 -6.47 15.68
CA ALA A 133 9.37 -7.18 16.72
C ALA A 133 10.34 -7.86 17.68
N ASN A 134 9.98 -7.87 18.96
CA ASN A 134 10.82 -8.49 19.98
C ASN A 134 12.25 -7.96 19.89
N GLU A 135 12.37 -6.65 19.65
CA GLU A 135 13.69 -6.03 19.55
C GLU A 135 13.79 -4.85 20.52
N VAL A 136 14.79 -4.89 21.39
CA VAL A 136 14.99 -3.82 22.36
C VAL A 136 16.22 -2.99 22.00
N SER A 137 17.33 -3.67 21.78
CA SER A 137 18.58 -2.99 21.42
C SER A 137 18.49 -2.44 20.00
N TYR A 138 19.36 -1.47 19.70
CA TYR A 138 19.37 -0.85 18.37
C TYR A 138 17.97 -0.44 17.95
N GLY A 1 -5.00 22.40 9.05
CA GLY A 1 -6.34 22.60 8.43
C GLY A 1 -7.20 21.36 8.68
N SER A 2 -8.23 21.51 9.50
CA SER A 2 -9.11 20.39 9.82
C SER A 2 -9.82 19.91 8.56
N HIS A 3 -10.28 20.85 7.74
CA HIS A 3 -10.98 20.50 6.50
C HIS A 3 -10.06 20.69 5.30
N MET A 4 -9.97 19.66 4.48
CA MET A 4 -9.12 19.70 3.28
C MET A 4 -9.93 19.40 2.03
N ALA A 5 -9.54 20.01 0.92
CA ALA A 5 -10.23 19.80 -0.35
C ALA A 5 -9.41 18.90 -1.26
N GLN A 6 -10.10 18.08 -2.06
CA GLN A 6 -9.42 17.18 -2.99
C GLN A 6 -8.45 16.27 -2.23
N ALA A 7 -7.66 15.52 -2.98
CA ALA A 7 -6.69 14.60 -2.37
C ALA A 7 -7.40 13.50 -1.60
N ARG A 8 -8.57 13.09 -2.09
CA ARG A 8 -9.33 12.03 -1.44
C ARG A 8 -8.63 10.69 -1.59
N SER A 9 -8.66 9.91 -0.52
CA SER A 9 -8.02 8.61 -0.53
C SER A 9 -8.92 7.55 -1.19
N PRO A 10 -8.34 6.52 -1.75
CA PRO A 10 -9.11 5.43 -2.41
C PRO A 10 -9.92 4.62 -1.41
N TRP A 11 -9.53 4.68 -0.15
CA TRP A 11 -10.23 3.95 0.90
C TRP A 11 -11.65 4.48 1.08
N SER A 12 -11.95 5.62 0.45
CA SER A 12 -13.27 6.21 0.54
C SER A 12 -14.32 5.25 0.01
N ASP A 13 -13.97 4.50 -1.04
CA ASP A 13 -14.90 3.54 -1.62
C ASP A 13 -14.18 2.24 -1.99
N THR A 14 -14.91 1.14 -1.93
CA THR A 14 -14.33 -0.16 -2.25
C THR A 14 -13.99 -0.23 -3.74
N ALA A 15 -14.84 0.37 -4.56
CA ALA A 15 -14.61 0.36 -6.00
C ALA A 15 -13.30 1.06 -6.35
N THR A 16 -13.05 2.20 -5.71
CA THR A 16 -11.83 2.96 -5.96
C THR A 16 -10.62 2.20 -5.42
N ALA A 17 -10.77 1.65 -4.22
CA ALA A 17 -9.69 0.90 -3.59
C ALA A 17 -9.31 -0.31 -4.42
N ASP A 18 -10.32 -1.01 -4.92
CA ASP A 18 -10.08 -2.20 -5.73
C ASP A 18 -9.34 -1.83 -7.02
N ALA A 19 -9.79 -0.76 -7.67
CA ALA A 19 -9.16 -0.32 -8.91
C ALA A 19 -7.70 0.08 -8.66
N PHE A 20 -7.48 0.79 -7.56
CA PHE A 20 -6.13 1.24 -7.21
C PHE A 20 -5.22 0.04 -7.00
N ILE A 21 -5.70 -0.94 -6.24
CA ILE A 21 -4.92 -2.13 -5.96
C ILE A 21 -4.59 -2.88 -7.25
N GLN A 22 -5.58 -3.04 -8.11
CA GLN A 22 -5.38 -3.73 -9.38
C GLN A 22 -4.32 -3.02 -10.22
N ASN A 23 -4.43 -1.71 -10.32
CA ASN A 23 -3.47 -0.93 -11.09
C ASN A 23 -2.10 -0.97 -10.46
N PHE A 24 -2.08 -0.93 -9.12
CA PHE A 24 -0.82 -0.98 -8.38
C PHE A 24 -0.05 -2.25 -8.69
N LEU A 25 -0.74 -3.38 -8.67
CA LEU A 25 -0.11 -4.67 -8.94
C LEU A 25 0.44 -4.69 -10.36
N ALA A 26 -0.32 -4.12 -11.30
CA ALA A 26 0.11 -4.08 -12.68
C ALA A 26 1.37 -3.24 -12.84
N ALA A 27 1.43 -2.12 -12.14
CA ALA A 27 2.58 -1.23 -12.22
C ALA A 27 3.86 -1.92 -11.72
N VAL A 28 3.78 -2.53 -10.56
CA VAL A 28 4.93 -3.22 -9.98
C VAL A 28 5.33 -4.41 -10.86
N SER A 29 4.33 -5.07 -11.44
CA SER A 29 4.58 -6.22 -12.30
C SER A 29 5.34 -5.79 -13.54
N GLY A 30 4.92 -4.67 -14.12
CA GLY A 30 5.55 -4.15 -15.33
C GLY A 30 7.04 -3.91 -15.09
N SER A 31 7.39 -3.49 -13.88
CA SER A 31 8.78 -3.22 -13.56
C SER A 31 9.63 -4.48 -13.76
N GLY A 32 9.09 -5.62 -13.38
CA GLY A 32 9.82 -6.88 -13.54
C GLY A 32 10.88 -7.03 -12.44
N ALA A 33 10.99 -6.02 -11.57
CA ALA A 33 11.96 -6.05 -10.50
C ALA A 33 11.69 -7.21 -9.54
N PHE A 34 10.40 -7.46 -9.29
CA PHE A 34 10.01 -8.54 -8.41
C PHE A 34 9.62 -9.79 -9.20
N THR A 35 9.36 -10.87 -8.48
CA THR A 35 8.98 -12.13 -9.12
C THR A 35 7.52 -12.45 -8.83
N SER A 36 7.06 -13.59 -9.35
CA SER A 36 5.67 -13.99 -9.14
C SER A 36 5.38 -14.20 -7.66
N ASP A 37 6.30 -14.86 -6.97
CA ASP A 37 6.11 -15.12 -5.54
C ASP A 37 5.97 -13.81 -4.77
N GLN A 38 6.86 -12.85 -5.04
CA GLN A 38 6.82 -11.57 -4.36
C GLN A 38 5.51 -10.84 -4.68
N LEU A 39 5.12 -10.87 -5.96
CA LEU A 39 3.89 -10.22 -6.38
C LEU A 39 2.69 -10.89 -5.73
N ASP A 40 2.78 -12.21 -5.54
CA ASP A 40 1.70 -12.95 -4.93
C ASP A 40 1.43 -12.43 -3.52
N ASP A 41 2.49 -12.15 -2.77
CA ASP A 41 2.34 -11.64 -1.42
C ASP A 41 1.64 -10.27 -1.43
N MET A 42 2.10 -9.40 -2.32
CA MET A 42 1.52 -8.06 -2.44
C MET A 42 0.19 -8.13 -3.19
N SER A 43 -0.13 -9.28 -3.76
CA SER A 43 -1.37 -9.46 -4.49
C SER A 43 -2.47 -9.99 -3.57
N THR A 44 -2.14 -11.02 -2.79
CA THR A 44 -3.09 -11.62 -1.88
C THR A 44 -3.51 -10.62 -0.80
N ILE A 45 -2.57 -9.78 -0.38
CA ILE A 45 -2.87 -8.78 0.64
C ILE A 45 -4.05 -7.93 0.23
N GLY A 46 -4.23 -7.77 -1.08
CA GLY A 46 -5.34 -6.97 -1.58
C GLY A 46 -6.68 -7.55 -1.15
N ASP A 47 -6.78 -8.87 -1.17
CA ASP A 47 -8.02 -9.54 -0.78
C ASP A 47 -8.34 -9.25 0.69
N THR A 48 -7.32 -9.26 1.52
CA THR A 48 -7.50 -8.99 2.95
C THR A 48 -8.01 -7.57 3.15
N ILE A 49 -7.45 -6.63 2.41
CA ILE A 49 -7.86 -5.24 2.52
C ILE A 49 -9.33 -5.08 2.16
N MET A 50 -9.73 -5.73 1.07
CA MET A 50 -11.12 -5.66 0.62
C MET A 50 -12.05 -6.23 1.67
N SER A 51 -11.64 -7.32 2.31
CA SER A 51 -12.45 -7.94 3.34
C SER A 51 -12.71 -6.96 4.48
N ALA A 52 -11.65 -6.27 4.92
CA ALA A 52 -11.78 -5.30 5.99
C ALA A 52 -12.69 -4.16 5.57
N MET A 53 -12.54 -3.71 4.33
CA MET A 53 -13.35 -2.63 3.82
C MET A 53 -14.83 -3.00 3.82
N ASP A 54 -15.13 -4.23 3.43
CA ASP A 54 -16.50 -4.70 3.41
C ASP A 54 -17.09 -4.74 4.82
N LYS A 55 -16.31 -5.29 5.75
CA LYS A 55 -16.78 -5.40 7.14
C LYS A 55 -16.99 -4.01 7.75
N MET A 56 -16.00 -3.13 7.55
CA MET A 56 -16.08 -1.79 8.09
C MET A 56 -17.20 -1.00 7.40
N ALA A 57 -17.33 -1.21 6.10
CA ALA A 57 -18.35 -0.51 5.32
C ALA A 57 -19.74 -0.84 5.85
N ARG A 58 -19.96 -2.11 6.17
CA ARG A 58 -21.26 -2.55 6.70
C ARG A 58 -21.53 -1.89 8.05
N SER A 59 -20.48 -1.78 8.86
CA SER A 59 -20.62 -1.17 10.18
C SER A 59 -21.15 0.25 10.06
N ASN A 60 -22.00 0.64 11.00
CA ASN A 60 -22.57 1.99 10.99
C ASN A 60 -21.63 2.97 11.68
N LYS A 61 -20.43 2.52 12.03
CA LYS A 61 -19.47 3.38 12.69
C LYS A 61 -18.49 3.96 11.68
N SER A 62 -18.38 5.29 11.66
CA SER A 62 -17.49 5.97 10.74
C SER A 62 -16.52 6.86 11.50
N SER A 63 -15.23 6.52 11.46
CA SER A 63 -14.22 7.31 12.15
C SER A 63 -12.94 7.38 11.31
N GLN A 64 -12.18 8.45 11.51
CA GLN A 64 -10.94 8.64 10.77
C GLN A 64 -9.95 7.50 11.05
N HIS A 65 -10.18 6.81 12.17
CA HIS A 65 -9.33 5.70 12.57
C HIS A 65 -9.38 4.60 11.52
N LYS A 66 -10.57 4.37 10.95
CA LYS A 66 -10.72 3.34 9.95
C LYS A 66 -9.79 3.59 8.79
N LEU A 67 -9.72 4.84 8.34
CA LEU A 67 -8.85 5.18 7.22
C LEU A 67 -7.39 4.97 7.59
N GLN A 68 -7.05 5.35 8.81
CA GLN A 68 -5.67 5.21 9.28
C GLN A 68 -5.29 3.74 9.38
N ALA A 69 -6.23 2.92 9.86
CA ALA A 69 -5.98 1.50 10.01
C ALA A 69 -5.66 0.85 8.67
N LEU A 70 -6.40 1.25 7.64
CA LEU A 70 -6.17 0.71 6.31
C LEU A 70 -4.79 1.06 5.82
N ASN A 71 -4.37 2.30 6.05
CA ASN A 71 -3.05 2.74 5.62
C ASN A 71 -1.95 1.97 6.35
N MET A 72 -2.14 1.78 7.65
CA MET A 72 -1.16 1.06 8.46
C MET A 72 -1.10 -0.40 8.05
N ALA A 73 -2.26 -0.98 7.77
CA ALA A 73 -2.32 -2.38 7.37
C ALA A 73 -1.54 -2.61 6.09
N PHE A 74 -1.75 -1.74 5.11
CA PHE A 74 -1.06 -1.87 3.83
C PHE A 74 0.43 -1.61 3.98
N ALA A 75 0.77 -0.55 4.71
CA ALA A 75 2.17 -0.20 4.92
C ALA A 75 2.91 -1.31 5.65
N SER A 76 2.27 -1.86 6.68
CA SER A 76 2.87 -2.94 7.45
C SER A 76 3.01 -4.19 6.60
N SER A 77 2.07 -4.39 5.68
CA SER A 77 2.10 -5.55 4.82
C SER A 77 3.35 -5.55 3.94
N MET A 78 3.71 -4.38 3.45
CA MET A 78 4.89 -4.25 2.60
C MET A 78 6.16 -4.46 3.42
N ALA A 79 6.16 -3.95 4.65
CA ALA A 79 7.33 -4.07 5.52
C ALA A 79 7.64 -5.54 5.83
N GLU A 80 6.62 -6.29 6.24
CA GLU A 80 6.80 -7.69 6.56
C GLU A 80 7.26 -8.48 5.33
N ILE A 81 6.73 -8.11 4.17
CA ILE A 81 7.10 -8.79 2.94
C ILE A 81 8.54 -8.46 2.54
N ALA A 82 8.89 -7.18 2.67
CA ALA A 82 10.24 -6.73 2.35
C ALA A 82 11.25 -7.32 3.32
N ALA A 83 10.78 -7.79 4.46
CA ALA A 83 11.65 -8.37 5.47
C ALA A 83 12.49 -9.49 4.87
N VAL A 84 12.00 -10.09 3.79
CA VAL A 84 12.72 -11.17 3.14
C VAL A 84 13.92 -10.61 2.37
N GLU A 85 15.11 -11.04 2.76
CA GLU A 85 16.34 -10.58 2.10
C GLU A 85 16.36 -11.01 0.64
N GLN A 86 15.96 -12.26 0.39
CA GLN A 86 15.95 -12.78 -0.97
C GLN A 86 14.83 -12.12 -1.79
N GLY A 87 15.18 -11.69 -2.99
CA GLY A 87 14.20 -11.05 -3.86
C GLY A 87 14.86 -9.98 -4.73
N GLY A 88 14.73 -8.73 -4.30
CA GLY A 88 15.32 -7.62 -5.05
C GLY A 88 16.84 -7.65 -4.96
N MET A 89 17.50 -7.06 -5.95
CA MET A 89 18.96 -7.03 -5.97
C MET A 89 19.50 -6.26 -4.77
N SER A 90 18.83 -5.17 -4.42
CA SER A 90 19.25 -4.35 -3.29
C SER A 90 18.05 -3.69 -2.63
N MET A 91 18.23 -3.23 -1.39
CA MET A 91 17.16 -2.57 -0.65
C MET A 91 16.77 -1.27 -1.33
N ALA A 92 17.75 -0.61 -1.92
CA ALA A 92 17.51 0.64 -2.61
C ALA A 92 16.84 0.41 -3.99
N VAL A 93 16.41 -0.83 -4.24
CA VAL A 93 15.77 -1.16 -5.49
C VAL A 93 14.34 -1.62 -5.24
N LYS A 94 14.18 -2.59 -4.36
CA LYS A 94 12.85 -3.11 -4.05
C LYS A 94 12.01 -2.09 -3.28
N THR A 95 12.69 -1.27 -2.48
CA THR A 95 12.00 -0.26 -1.69
C THR A 95 11.40 0.82 -2.59
N ASN A 96 11.98 0.99 -3.76
CA ASN A 96 11.48 2.00 -4.70
C ASN A 96 10.67 1.33 -5.81
N ALA A 97 10.97 0.06 -6.08
CA ALA A 97 10.26 -0.66 -7.12
C ALA A 97 8.78 -0.74 -6.81
N ILE A 98 8.45 -1.01 -5.54
CA ILE A 98 7.05 -1.12 -5.13
C ILE A 98 6.42 0.26 -5.07
N VAL A 99 7.16 1.22 -4.51
CA VAL A 99 6.67 2.59 -4.38
C VAL A 99 6.35 3.19 -5.74
N ASP A 100 7.18 2.86 -6.72
CA ASP A 100 6.98 3.37 -8.07
C ASP A 100 5.59 2.99 -8.57
N GLY A 101 5.14 1.79 -8.21
CA GLY A 101 3.82 1.34 -8.65
C GLY A 101 2.72 2.24 -8.09
N LEU A 102 2.88 2.65 -6.84
CA LEU A 102 1.89 3.52 -6.20
C LEU A 102 1.79 4.86 -6.93
N ASN A 103 2.93 5.40 -7.35
CA ASN A 103 2.94 6.67 -8.06
C ASN A 103 2.14 6.58 -9.36
N SER A 104 2.34 5.49 -10.09
CA SER A 104 1.61 5.30 -11.35
C SER A 104 0.18 4.83 -11.08
N ALA A 105 -0.03 4.25 -9.91
CA ALA A 105 -1.36 3.75 -9.56
C ALA A 105 -2.36 4.90 -9.46
N PHE A 106 -1.93 6.00 -8.85
CA PHE A 106 -2.81 7.16 -8.69
C PHE A 106 -3.21 7.72 -10.05
N TYR A 107 -2.26 7.80 -10.97
CA TYR A 107 -2.56 8.32 -12.29
C TYR A 107 -3.59 7.44 -12.99
N MET A 108 -3.33 6.13 -13.01
CA MET A 108 -4.25 5.22 -13.67
C MET A 108 -5.61 5.24 -13.00
N THR A 109 -5.60 5.32 -11.68
CA THR A 109 -6.83 5.34 -10.91
C THR A 109 -7.61 6.63 -11.14
N THR A 110 -6.89 7.75 -11.24
CA THR A 110 -7.53 9.04 -11.45
C THR A 110 -6.91 9.78 -12.63
N GLY A 111 -5.61 10.03 -12.53
CA GLY A 111 -4.90 10.75 -13.59
C GLY A 111 -3.94 11.78 -13.00
N ALA A 112 -3.86 11.82 -11.67
CA ALA A 112 -2.97 12.77 -11.00
C ALA A 112 -2.01 12.03 -10.08
N ALA A 113 -0.81 12.57 -9.93
CA ALA A 113 0.20 11.95 -9.08
C ALA A 113 0.31 12.72 -7.77
N ASN A 114 0.56 11.99 -6.67
CA ASN A 114 0.67 12.63 -5.36
C ASN A 114 1.98 12.20 -4.69
N PRO A 115 3.08 12.77 -5.09
CA PRO A 115 4.42 12.45 -4.53
C PRO A 115 4.47 12.63 -3.01
N GLN A 116 3.84 13.70 -2.54
CA GLN A 116 3.83 13.99 -1.10
C GLN A 116 3.17 12.85 -0.35
N PHE A 117 2.04 12.37 -0.86
CA PHE A 117 1.33 11.27 -0.22
C PHE A 117 2.18 10.00 -0.22
N VAL A 118 2.82 9.74 -1.36
CA VAL A 118 3.67 8.56 -1.50
C VAL A 118 4.84 8.62 -0.53
N ASN A 119 5.42 9.82 -0.37
CA ASN A 119 6.54 9.99 0.54
C ASN A 119 6.15 9.60 1.95
N GLU A 120 4.94 9.98 2.36
CA GLU A 120 4.46 9.64 3.69
C GLU A 120 4.32 8.13 3.84
N MET A 121 3.82 7.48 2.78
CA MET A 121 3.62 6.04 2.81
C MET A 121 4.96 5.32 2.98
N ARG A 122 5.98 5.81 2.28
CA ARG A 122 7.31 5.20 2.37
C ARG A 122 7.84 5.27 3.80
N SER A 123 7.66 6.43 4.43
CA SER A 123 8.13 6.61 5.80
C SER A 123 7.42 5.64 6.75
N LEU A 124 6.13 5.43 6.51
CA LEU A 124 5.35 4.52 7.35
C LEU A 124 5.90 3.10 7.24
N ILE A 125 6.27 2.70 6.04
CA ILE A 125 6.81 1.36 5.83
C ILE A 125 8.11 1.19 6.61
N SER A 126 8.96 2.21 6.54
CA SER A 126 10.25 2.15 7.24
C SER A 126 10.03 2.12 8.74
N MET A 127 8.94 2.73 9.19
CA MET A 127 8.63 2.78 10.62
C MET A 127 8.28 1.37 11.10
N ILE A 128 7.62 0.59 10.24
CA ILE A 128 7.24 -0.75 10.59
C ILE A 128 8.47 -1.63 10.78
N SER A 129 9.40 -1.51 9.85
CA SER A 129 10.63 -2.28 9.91
C SER A 129 11.42 -1.94 11.17
N ALA A 130 11.53 -0.64 11.44
CA ALA A 130 12.26 -0.18 12.61
C ALA A 130 11.63 -0.71 13.89
N ALA A 131 10.30 -0.71 13.93
CA ALA A 131 9.58 -1.19 15.10
C ALA A 131 9.90 -2.66 15.36
N SER A 132 9.98 -3.45 14.29
CA SER A 132 10.30 -4.86 14.42
C SER A 132 9.36 -5.52 15.43
N ALA A 133 8.10 -5.11 15.42
CA ALA A 133 7.12 -5.67 16.34
C ALA A 133 6.60 -7.02 15.82
N ASN A 134 6.71 -8.05 16.64
CA ASN A 134 6.25 -9.38 16.25
C ASN A 134 6.11 -10.28 17.47
N GLU A 135 5.02 -11.05 17.50
CA GLU A 135 4.78 -11.96 18.63
C GLU A 135 5.52 -13.27 18.41
N VAL A 136 6.74 -13.35 18.92
CA VAL A 136 7.55 -14.56 18.78
C VAL A 136 6.90 -15.72 19.52
N SER A 137 6.38 -15.45 20.72
CA SER A 137 5.75 -16.49 21.51
C SER A 137 4.50 -17.02 20.81
N TYR A 138 4.17 -18.27 21.07
CA TYR A 138 3.00 -18.90 20.47
C TYR A 138 2.93 -18.60 18.96
N GLY A 1 -8.60 27.28 -12.03
CA GLY A 1 -8.59 27.38 -10.55
C GLY A 1 -8.35 26.01 -9.94
N SER A 2 -9.43 25.37 -9.50
CA SER A 2 -9.32 24.05 -8.90
C SER A 2 -10.57 23.22 -9.20
N HIS A 3 -10.37 21.93 -9.46
CA HIS A 3 -11.48 21.04 -9.75
C HIS A 3 -11.75 20.10 -8.58
N MET A 4 -11.16 20.41 -7.43
CA MET A 4 -11.34 19.58 -6.24
C MET A 4 -11.11 20.40 -4.98
N ALA A 5 -11.66 19.94 -3.86
CA ALA A 5 -11.49 20.63 -2.60
C ALA A 5 -10.86 19.71 -1.55
N GLN A 6 -11.00 18.40 -1.77
CA GLN A 6 -10.44 17.43 -0.84
C GLN A 6 -9.52 16.46 -1.57
N ALA A 7 -8.52 15.96 -0.86
CA ALA A 7 -7.57 15.02 -1.45
C ALA A 7 -8.28 13.76 -1.92
N ARG A 8 -9.24 13.29 -1.12
CA ARG A 8 -10.00 12.08 -1.47
C ARG A 8 -9.10 10.86 -1.42
N SER A 9 -9.13 10.15 -0.30
CA SER A 9 -8.32 8.97 -0.14
C SER A 9 -8.83 7.83 -1.02
N PRO A 10 -7.98 6.91 -1.40
CA PRO A 10 -8.35 5.75 -2.25
C PRO A 10 -9.25 4.77 -1.51
N TRP A 11 -9.25 4.85 -0.18
CA TRP A 11 -10.08 3.96 0.63
C TRP A 11 -11.47 4.56 0.84
N SER A 12 -11.73 5.70 0.22
CA SER A 12 -13.02 6.36 0.35
C SER A 12 -14.13 5.47 -0.19
N ASP A 13 -13.77 4.55 -1.09
CA ASP A 13 -14.75 3.65 -1.67
C ASP A 13 -14.09 2.34 -2.08
N THR A 14 -14.88 1.27 -2.14
CA THR A 14 -14.36 -0.04 -2.52
C THR A 14 -13.98 -0.04 -3.99
N ALA A 15 -14.78 0.63 -4.82
CA ALA A 15 -14.51 0.68 -6.25
C ALA A 15 -13.16 1.36 -6.52
N THR A 16 -12.92 2.46 -5.82
CA THR A 16 -11.66 3.18 -6.00
C THR A 16 -10.49 2.36 -5.47
N ALA A 17 -10.67 1.75 -4.31
CA ALA A 17 -9.63 0.93 -3.71
C ALA A 17 -9.28 -0.25 -4.60
N ASP A 18 -10.31 -0.84 -5.21
CA ASP A 18 -10.10 -1.98 -6.09
C ASP A 18 -9.20 -1.59 -7.27
N ALA A 19 -9.53 -0.48 -7.91
CA ALA A 19 -8.74 -0.01 -9.05
C ALA A 19 -7.32 0.32 -8.62
N PHE A 20 -7.19 0.96 -7.46
CA PHE A 20 -5.88 1.33 -6.94
C PHE A 20 -5.02 0.09 -6.70
N ILE A 21 -5.58 -0.88 -6.00
CA ILE A 21 -4.85 -2.10 -5.70
C ILE A 21 -4.51 -2.86 -6.97
N GLN A 22 -5.50 -2.99 -7.86
CA GLN A 22 -5.30 -3.71 -9.11
C GLN A 22 -4.23 -3.03 -9.96
N ASN A 23 -4.31 -1.70 -10.05
CA ASN A 23 -3.35 -0.94 -10.82
C ASN A 23 -1.96 -1.03 -10.20
N PHE A 24 -1.91 -1.00 -8.88
CA PHE A 24 -0.63 -1.09 -8.17
C PHE A 24 0.08 -2.39 -8.50
N LEU A 25 -0.65 -3.49 -8.39
CA LEU A 25 -0.07 -4.81 -8.66
C LEU A 25 0.36 -4.91 -10.12
N ALA A 26 -0.45 -4.35 -11.01
CA ALA A 26 -0.15 -4.38 -12.43
C ALA A 26 1.12 -3.59 -12.74
N ALA A 27 1.25 -2.43 -12.10
CA ALA A 27 2.42 -1.58 -12.32
C ALA A 27 3.70 -2.27 -11.86
N VAL A 28 3.68 -2.78 -10.64
CA VAL A 28 4.84 -3.47 -10.10
C VAL A 28 5.11 -4.77 -10.86
N SER A 29 4.04 -5.41 -11.31
CA SER A 29 4.17 -6.65 -12.06
C SER A 29 4.84 -6.39 -13.41
N GLY A 30 4.37 -5.35 -14.11
CA GLY A 30 4.92 -5.00 -15.42
C GLY A 30 6.40 -4.62 -15.29
N SER A 31 6.78 -4.14 -14.12
CA SER A 31 8.16 -3.73 -13.89
C SER A 31 9.10 -4.92 -14.07
N GLY A 32 8.66 -6.09 -13.63
CA GLY A 32 9.48 -7.30 -13.73
C GLY A 32 10.53 -7.34 -12.63
N ALA A 33 10.50 -6.34 -11.75
CA ALA A 33 11.46 -6.28 -10.64
C ALA A 33 11.31 -7.48 -9.74
N PHE A 34 10.07 -7.91 -9.55
CA PHE A 34 9.81 -9.07 -8.67
C PHE A 34 9.17 -10.21 -9.47
N THR A 35 9.31 -11.43 -8.97
CA THR A 35 8.76 -12.59 -9.64
C THR A 35 7.28 -12.76 -9.29
N SER A 36 6.61 -13.68 -9.98
CA SER A 36 5.20 -13.93 -9.74
C SER A 36 4.98 -14.37 -8.29
N ASP A 37 5.88 -15.21 -7.79
CA ASP A 37 5.78 -15.69 -6.41
C ASP A 37 5.95 -14.53 -5.43
N GLN A 38 6.94 -13.67 -5.70
CA GLN A 38 7.19 -12.52 -4.83
C GLN A 38 5.99 -11.58 -4.83
N LEU A 39 5.42 -11.35 -6.01
CA LEU A 39 4.28 -10.46 -6.15
C LEU A 39 3.09 -10.99 -5.32
N ASP A 40 2.96 -12.30 -5.28
CA ASP A 40 1.87 -12.92 -4.53
C ASP A 40 1.89 -12.44 -3.08
N ASP A 41 3.08 -12.26 -2.53
CA ASP A 41 3.21 -11.80 -1.15
C ASP A 41 2.59 -10.42 -0.99
N MET A 42 2.81 -9.55 -1.98
CA MET A 42 2.26 -8.20 -1.93
C MET A 42 0.93 -8.14 -2.66
N SER A 43 0.44 -9.30 -3.12
CA SER A 43 -0.82 -9.36 -3.83
C SER A 43 -1.94 -9.80 -2.89
N THR A 44 -1.67 -10.85 -2.11
CA THR A 44 -2.66 -11.37 -1.18
C THR A 44 -3.18 -10.25 -0.27
N ILE A 45 -2.34 -9.26 -0.03
CA ILE A 45 -2.72 -8.15 0.82
C ILE A 45 -3.86 -7.35 0.20
N GLY A 46 -3.89 -7.30 -1.13
CA GLY A 46 -4.92 -6.56 -1.83
C GLY A 46 -6.30 -7.12 -1.51
N ASP A 47 -6.42 -8.45 -1.57
CA ASP A 47 -7.69 -9.11 -1.27
C ASP A 47 -8.07 -8.89 0.19
N THR A 48 -7.07 -8.95 1.08
CA THR A 48 -7.31 -8.77 2.50
C THR A 48 -7.81 -7.35 2.78
N ILE A 49 -7.18 -6.38 2.14
CA ILE A 49 -7.57 -4.99 2.33
C ILE A 49 -9.02 -4.77 1.92
N MET A 50 -9.38 -5.29 0.76
CA MET A 50 -10.75 -5.14 0.27
C MET A 50 -11.74 -5.84 1.20
N SER A 51 -11.35 -7.01 1.70
CA SER A 51 -12.21 -7.76 2.60
C SER A 51 -12.48 -6.96 3.87
N ALA A 52 -11.44 -6.32 4.40
CA ALA A 52 -11.59 -5.53 5.61
C ALA A 52 -12.54 -4.36 5.37
N MET A 53 -12.43 -3.74 4.20
CA MET A 53 -13.27 -2.61 3.85
C MET A 53 -14.75 -3.01 3.86
N ASP A 54 -15.03 -4.19 3.32
CA ASP A 54 -16.40 -4.67 3.27
C ASP A 54 -16.95 -4.91 4.67
N LYS A 55 -16.13 -5.53 5.52
CA LYS A 55 -16.56 -5.80 6.89
C LYS A 55 -16.75 -4.51 7.68
N MET A 56 -15.79 -3.60 7.54
CA MET A 56 -15.87 -2.32 8.24
C MET A 56 -17.03 -1.50 7.71
N ALA A 57 -17.22 -1.51 6.40
CA ALA A 57 -18.29 -0.76 5.78
C ALA A 57 -19.65 -1.27 6.25
N ARG A 58 -19.76 -2.60 6.36
CA ARG A 58 -21.02 -3.22 6.78
C ARG A 58 -21.38 -2.77 8.19
N SER A 59 -20.40 -2.74 9.07
CA SER A 59 -20.64 -2.34 10.46
C SER A 59 -20.44 -0.84 10.62
N ASN A 60 -21.39 -0.19 11.29
CA ASN A 60 -21.30 1.25 11.51
C ASN A 60 -20.96 1.98 10.21
N LYS A 61 -20.43 3.19 10.33
CA LYS A 61 -20.07 3.98 9.17
C LYS A 61 -18.56 4.23 9.15
N SER A 62 -18.04 4.55 7.97
CA SER A 62 -16.62 4.81 7.81
C SER A 62 -16.21 6.03 8.64
N SER A 63 -15.02 5.96 9.23
CA SER A 63 -14.52 7.07 10.05
C SER A 63 -13.04 7.32 9.77
N GLN A 64 -12.50 8.36 10.39
CA GLN A 64 -11.10 8.70 10.20
C GLN A 64 -10.20 7.56 10.67
N HIS A 65 -10.56 6.94 11.79
CA HIS A 65 -9.80 5.83 12.33
C HIS A 65 -9.79 4.66 11.35
N LYS A 66 -10.94 4.37 10.74
CA LYS A 66 -11.04 3.28 9.80
C LYS A 66 -10.09 3.50 8.63
N LEU A 67 -10.04 4.74 8.14
CA LEU A 67 -9.16 5.06 7.01
C LEU A 67 -7.70 4.91 7.42
N GLN A 68 -7.37 5.36 8.64
CA GLN A 68 -6.01 5.27 9.14
C GLN A 68 -5.59 3.81 9.29
N ALA A 69 -6.51 2.99 9.76
CA ALA A 69 -6.22 1.57 9.96
C ALA A 69 -5.83 0.91 8.64
N LEU A 70 -6.55 1.26 7.57
CA LEU A 70 -6.27 0.68 6.26
C LEU A 70 -4.86 1.06 5.80
N ASN A 71 -4.49 2.32 6.01
CA ASN A 71 -3.18 2.79 5.61
C ASN A 71 -2.08 2.08 6.40
N MET A 72 -2.33 1.90 7.70
CA MET A 72 -1.35 1.24 8.56
C MET A 72 -1.24 -0.24 8.21
N ALA A 73 -2.37 -0.86 7.89
CA ALA A 73 -2.38 -2.27 7.55
C ALA A 73 -1.53 -2.52 6.31
N PHE A 74 -1.65 -1.65 5.32
CA PHE A 74 -0.89 -1.81 4.09
C PHE A 74 0.59 -1.62 4.34
N ALA A 75 0.94 -0.55 5.05
CA ALA A 75 2.34 -0.26 5.34
C ALA A 75 2.96 -1.39 6.15
N SER A 76 2.20 -1.91 7.12
CA SER A 76 2.69 -2.99 7.95
C SER A 76 2.97 -4.24 7.13
N SER A 77 2.05 -4.57 6.24
CA SER A 77 2.20 -5.75 5.39
C SER A 77 3.38 -5.57 4.45
N MET A 78 3.54 -4.37 3.91
CA MET A 78 4.64 -4.10 3.00
C MET A 78 5.98 -4.17 3.71
N ALA A 79 6.02 -3.66 4.93
CA ALA A 79 7.25 -3.67 5.71
C ALA A 79 7.69 -5.08 6.06
N GLU A 80 6.74 -5.90 6.51
CA GLU A 80 7.05 -7.25 6.91
C GLU A 80 7.51 -8.07 5.69
N ILE A 81 6.97 -7.75 4.52
CA ILE A 81 7.32 -8.45 3.31
C ILE A 81 8.70 -8.04 2.83
N ALA A 82 8.97 -6.74 2.89
CA ALA A 82 10.25 -6.21 2.46
C ALA A 82 11.38 -6.81 3.29
N ALA A 83 11.09 -7.08 4.56
CA ALA A 83 12.09 -7.65 5.45
C ALA A 83 12.61 -8.98 4.90
N VAL A 84 11.78 -9.65 4.12
CA VAL A 84 12.16 -10.93 3.53
C VAL A 84 13.56 -10.84 2.91
N GLU A 85 14.32 -11.92 3.00
CA GLU A 85 15.66 -11.96 2.45
C GLU A 85 15.62 -12.21 0.95
N GLN A 86 16.71 -11.88 0.26
CA GLN A 86 16.78 -12.07 -1.18
C GLN A 86 15.64 -11.35 -1.87
N GLY A 87 15.51 -11.55 -3.18
CA GLY A 87 14.46 -10.89 -3.95
C GLY A 87 14.87 -9.48 -4.32
N GLY A 88 16.16 -9.18 -4.22
CA GLY A 88 16.66 -7.85 -4.55
C GLY A 88 17.93 -7.54 -3.77
N MET A 89 19.05 -7.52 -4.47
CA MET A 89 20.34 -7.23 -3.85
C MET A 89 20.34 -5.84 -3.25
N SER A 90 19.79 -4.88 -4.00
CA SER A 90 19.73 -3.49 -3.53
C SER A 90 18.38 -3.22 -2.87
N MET A 91 18.43 -2.81 -1.61
CA MET A 91 17.21 -2.49 -0.87
C MET A 91 16.48 -1.31 -1.49
N ALA A 92 17.24 -0.32 -1.93
CA ALA A 92 16.67 0.88 -2.54
C ALA A 92 15.92 0.53 -3.82
N VAL A 93 16.22 -0.65 -4.38
CA VAL A 93 15.59 -1.09 -5.60
C VAL A 93 14.26 -1.79 -5.31
N LYS A 94 14.29 -2.74 -4.38
CA LYS A 94 13.10 -3.49 -4.03
C LYS A 94 12.02 -2.57 -3.47
N THR A 95 12.46 -1.42 -2.94
CA THR A 95 11.53 -0.46 -2.37
C THR A 95 11.12 0.57 -3.42
N ASN A 96 12.05 0.92 -4.30
CA ASN A 96 11.78 1.90 -5.35
C ASN A 96 10.82 1.33 -6.37
N ALA A 97 11.00 0.07 -6.72
CA ALA A 97 10.16 -0.57 -7.72
C ALA A 97 8.70 -0.57 -7.28
N ILE A 98 8.47 -0.94 -6.02
CA ILE A 98 7.12 -0.99 -5.48
C ILE A 98 6.54 0.42 -5.39
N VAL A 99 7.35 1.36 -4.92
CA VAL A 99 6.90 2.74 -4.78
C VAL A 99 6.57 3.34 -6.14
N ASP A 100 7.40 3.04 -7.13
CA ASP A 100 7.19 3.56 -8.48
C ASP A 100 5.83 3.11 -9.01
N GLY A 101 5.49 1.85 -8.74
CA GLY A 101 4.21 1.30 -9.20
C GLY A 101 3.05 2.09 -8.59
N LEU A 102 3.17 2.44 -7.31
CA LEU A 102 2.13 3.20 -6.63
C LEU A 102 1.93 4.56 -7.29
N ASN A 103 3.04 5.19 -7.68
CA ASN A 103 2.97 6.50 -8.33
C ASN A 103 2.17 6.43 -9.63
N SER A 104 2.44 5.39 -10.42
CA SER A 104 1.74 5.21 -11.68
C SER A 104 0.27 4.86 -11.44
N ALA A 105 0.02 4.04 -10.42
CA ALA A 105 -1.33 3.62 -10.10
C ALA A 105 -2.18 4.83 -9.72
N PHE A 106 -1.62 5.71 -8.89
CA PHE A 106 -2.34 6.90 -8.46
C PHE A 106 -2.63 7.82 -9.63
N TYR A 107 -1.66 7.99 -10.51
CA TYR A 107 -1.83 8.84 -11.68
C TYR A 107 -2.92 8.29 -12.60
N MET A 108 -2.85 7.00 -12.89
CA MET A 108 -3.83 6.36 -13.76
C MET A 108 -5.16 6.18 -13.05
N THR A 109 -5.14 6.30 -11.72
CA THR A 109 -6.35 6.12 -10.94
C THR A 109 -7.06 7.45 -10.72
N THR A 110 -6.46 8.31 -9.91
CA THR A 110 -7.05 9.61 -9.61
C THR A 110 -6.85 10.57 -10.79
N GLY A 111 -6.01 10.19 -11.73
CA GLY A 111 -5.74 11.03 -12.89
C GLY A 111 -4.54 11.93 -12.64
N ALA A 112 -4.03 11.92 -11.41
CA ALA A 112 -2.89 12.74 -11.06
C ALA A 112 -2.02 12.03 -10.03
N ALA A 113 -0.71 12.28 -10.07
CA ALA A 113 0.21 11.66 -9.14
C ALA A 113 -0.02 12.17 -7.71
N ASN A 114 0.39 11.38 -6.73
CA ASN A 114 0.23 11.77 -5.34
C ASN A 114 1.53 11.63 -4.58
N PRO A 115 2.45 12.54 -4.79
CA PRO A 115 3.79 12.51 -4.13
C PRO A 115 3.67 12.62 -2.61
N GLN A 116 2.70 13.39 -2.14
CA GLN A 116 2.48 13.54 -0.70
C GLN A 116 2.11 12.21 -0.07
N PHE A 117 1.22 11.48 -0.73
CA PHE A 117 0.79 10.17 -0.23
C PHE A 117 1.96 9.20 -0.22
N VAL A 118 2.74 9.19 -1.30
CA VAL A 118 3.88 8.31 -1.41
C VAL A 118 4.87 8.56 -0.28
N ASN A 119 5.12 9.84 0.01
CA ASN A 119 6.04 10.20 1.07
C ASN A 119 5.59 9.61 2.40
N GLU A 120 4.30 9.73 2.69
CA GLU A 120 3.75 9.18 3.93
C GLU A 120 3.83 7.65 3.91
N MET A 121 3.52 7.05 2.77
CA MET A 121 3.56 5.61 2.64
C MET A 121 4.95 5.08 2.94
N ARG A 122 5.96 5.67 2.31
CA ARG A 122 7.33 5.24 2.50
C ARG A 122 7.75 5.42 3.96
N SER A 123 7.37 6.56 4.53
CA SER A 123 7.72 6.86 5.92
C SER A 123 7.15 5.80 6.86
N LEU A 124 5.91 5.40 6.61
CA LEU A 124 5.26 4.40 7.44
C LEU A 124 6.01 3.07 7.37
N ILE A 125 6.44 2.71 6.17
CA ILE A 125 7.16 1.47 5.97
C ILE A 125 8.48 1.49 6.73
N SER A 126 9.17 2.62 6.65
CA SER A 126 10.45 2.77 7.34
C SER A 126 10.27 2.72 8.85
N MET A 127 9.17 3.27 9.33
CA MET A 127 8.89 3.30 10.76
C MET A 127 8.71 1.87 11.29
N ILE A 128 8.14 1.01 10.45
CA ILE A 128 7.89 -0.36 10.84
C ILE A 128 9.21 -1.13 10.95
N SER A 129 10.10 -0.87 9.99
CA SER A 129 11.39 -1.55 9.96
C SER A 129 12.19 -1.19 11.21
N ALA A 130 12.17 0.08 11.57
CA ALA A 130 12.90 0.54 12.75
C ALA A 130 12.35 -0.12 14.02
N ALA A 131 11.02 -0.18 14.12
CA ALA A 131 10.38 -0.78 15.28
C ALA A 131 10.74 -2.27 15.37
N SER A 132 10.77 -2.93 14.22
CA SER A 132 11.08 -4.36 14.19
C SER A 132 10.05 -5.16 14.98
N ALA A 133 10.33 -6.43 15.19
CA ALA A 133 9.42 -7.30 15.94
C ALA A 133 10.19 -8.29 16.79
N ASN A 134 10.87 -9.22 16.13
CA ASN A 134 11.65 -10.23 16.83
C ASN A 134 10.80 -10.93 17.88
N GLU A 135 9.55 -11.21 17.54
CA GLU A 135 8.65 -11.88 18.47
C GLU A 135 7.62 -12.71 17.70
N VAL A 136 7.50 -13.98 18.07
CA VAL A 136 6.55 -14.87 17.42
C VAL A 136 5.84 -15.75 18.44
N SER A 137 4.69 -16.28 18.06
CA SER A 137 3.92 -17.14 18.95
C SER A 137 3.71 -16.48 20.31
N TYR A 138 3.43 -15.17 20.28
CA TYR A 138 3.21 -14.43 21.51
C TYR A 138 2.13 -13.36 21.31
N GLY A 1 -2.26 28.15 -6.23
CA GLY A 1 -3.09 27.05 -5.66
C GLY A 1 -3.93 27.60 -4.50
N SER A 2 -3.68 27.07 -3.31
CA SER A 2 -4.42 27.52 -2.13
C SER A 2 -3.61 27.25 -0.86
N HIS A 3 -3.98 27.93 0.22
CA HIS A 3 -3.27 27.76 1.49
C HIS A 3 -3.39 26.32 1.99
N MET A 4 -4.61 25.77 1.91
CA MET A 4 -4.83 24.40 2.35
C MET A 4 -5.06 23.48 1.15
N ALA A 5 -4.56 22.26 1.26
CA ALA A 5 -4.71 21.27 0.18
C ALA A 5 -5.63 20.14 0.61
N GLN A 6 -6.33 19.56 -0.37
CA GLN A 6 -7.24 18.46 -0.07
C GLN A 6 -6.92 17.25 -0.95
N ALA A 7 -7.08 16.05 -0.39
CA ALA A 7 -6.79 14.83 -1.13
C ALA A 7 -7.71 13.70 -0.65
N ARG A 8 -8.02 12.77 -1.56
CA ARG A 8 -8.88 11.66 -1.23
C ARG A 8 -8.10 10.36 -1.19
N SER A 9 -8.31 9.58 -0.14
CA SER A 9 -7.62 8.31 0.02
C SER A 9 -8.23 7.23 -0.87
N PRO A 10 -7.46 6.23 -1.25
CA PRO A 10 -7.96 5.13 -2.11
C PRO A 10 -8.94 4.22 -1.38
N TRP A 11 -8.97 4.32 -0.04
CA TRP A 11 -9.86 3.51 0.76
C TRP A 11 -11.22 4.20 0.94
N SER A 12 -11.41 5.34 0.26
CA SER A 12 -12.66 6.07 0.37
C SER A 12 -13.83 5.22 -0.10
N ASP A 13 -13.64 4.49 -1.20
CA ASP A 13 -14.69 3.63 -1.73
C ASP A 13 -14.12 2.26 -2.09
N THR A 14 -14.97 1.24 -2.03
CA THR A 14 -14.52 -0.10 -2.34
C THR A 14 -14.17 -0.21 -3.81
N ALA A 15 -14.96 0.41 -4.67
CA ALA A 15 -14.70 0.37 -6.11
C ALA A 15 -13.36 1.03 -6.43
N THR A 16 -13.12 2.19 -5.81
CA THR A 16 -11.88 2.91 -6.04
C THR A 16 -10.70 2.12 -5.48
N ALA A 17 -10.86 1.59 -4.28
CA ALA A 17 -9.79 0.83 -3.64
C ALA A 17 -9.44 -0.40 -4.46
N ASP A 18 -10.46 -1.08 -4.98
CA ASP A 18 -10.23 -2.28 -5.78
C ASP A 18 -9.42 -1.93 -7.03
N ALA A 19 -9.84 -0.88 -7.72
CA ALA A 19 -9.14 -0.47 -8.94
C ALA A 19 -7.71 -0.02 -8.61
N PHE A 20 -7.57 0.71 -7.50
CA PHE A 20 -6.27 1.20 -7.09
C PHE A 20 -5.31 0.04 -6.82
N ILE A 21 -5.78 -0.94 -6.06
CA ILE A 21 -4.95 -2.10 -5.73
C ILE A 21 -4.58 -2.87 -7.00
N GLN A 22 -5.57 -3.08 -7.86
CA GLN A 22 -5.33 -3.82 -9.11
C GLN A 22 -4.32 -3.08 -9.98
N ASN A 23 -4.47 -1.77 -10.09
CA ASN A 23 -3.56 -0.96 -10.90
C ASN A 23 -2.17 -0.97 -10.27
N PHE A 24 -2.14 -0.87 -8.94
CA PHE A 24 -0.87 -0.87 -8.23
C PHE A 24 -0.09 -2.15 -8.48
N LEU A 25 -0.77 -3.29 -8.36
CA LEU A 25 -0.13 -4.57 -8.58
C LEU A 25 0.34 -4.68 -10.03
N ALA A 26 -0.48 -4.19 -10.95
CA ALA A 26 -0.12 -4.24 -12.36
C ALA A 26 1.12 -3.39 -12.62
N ALA A 27 1.17 -2.22 -12.02
CA ALA A 27 2.32 -1.32 -12.21
C ALA A 27 3.62 -1.95 -11.71
N VAL A 28 3.57 -2.47 -10.49
CA VAL A 28 4.77 -3.10 -9.91
C VAL A 28 5.14 -4.35 -10.68
N SER A 29 4.13 -5.08 -11.16
CA SER A 29 4.38 -6.30 -11.92
C SER A 29 5.00 -5.96 -13.27
N GLY A 30 4.49 -4.90 -13.90
CA GLY A 30 4.99 -4.45 -15.19
C GLY A 30 6.46 -4.08 -15.11
N SER A 31 6.87 -3.57 -13.96
CA SER A 31 8.25 -3.17 -13.77
C SER A 31 9.17 -4.36 -13.99
N GLY A 32 8.75 -5.53 -13.53
CA GLY A 32 9.57 -6.73 -13.69
C GLY A 32 10.61 -6.82 -12.57
N ALA A 33 10.58 -5.86 -11.65
CA ALA A 33 11.52 -5.85 -10.54
C ALA A 33 11.36 -7.11 -9.69
N PHE A 34 10.11 -7.53 -9.52
CA PHE A 34 9.83 -8.73 -8.72
C PHE A 34 9.18 -9.81 -9.58
N THR A 35 9.29 -11.06 -9.13
CA THR A 35 8.72 -12.17 -9.85
C THR A 35 7.23 -12.31 -9.53
N SER A 36 6.53 -13.14 -10.31
CA SER A 36 5.10 -13.34 -10.08
C SER A 36 4.85 -13.89 -8.68
N ASP A 37 5.68 -14.84 -8.26
CA ASP A 37 5.54 -15.42 -6.94
C ASP A 37 5.72 -14.37 -5.85
N GLN A 38 6.74 -13.53 -6.01
CA GLN A 38 7.02 -12.47 -5.04
C GLN A 38 5.86 -11.47 -4.98
N LEU A 39 5.31 -11.14 -6.14
CA LEU A 39 4.21 -10.19 -6.22
C LEU A 39 3.00 -10.72 -5.45
N ASP A 40 2.78 -12.02 -5.51
CA ASP A 40 1.67 -12.63 -4.82
C ASP A 40 1.74 -12.31 -3.33
N ASP A 41 2.95 -12.26 -2.79
CA ASP A 41 3.13 -11.95 -1.37
C ASP A 41 2.58 -10.56 -1.07
N MET A 42 2.81 -9.61 -1.98
CA MET A 42 2.34 -8.24 -1.80
C MET A 42 0.97 -8.06 -2.46
N SER A 43 0.41 -9.14 -3.01
CA SER A 43 -0.89 -9.07 -3.66
C SER A 43 -1.98 -9.58 -2.73
N THR A 44 -1.61 -10.56 -1.89
CA THR A 44 -2.57 -11.14 -0.95
C THR A 44 -3.08 -10.07 0.00
N ILE A 45 -2.25 -9.08 0.28
CA ILE A 45 -2.64 -8.00 1.17
C ILE A 45 -3.82 -7.22 0.59
N GLY A 46 -3.86 -7.12 -0.73
CA GLY A 46 -4.95 -6.41 -1.40
C GLY A 46 -6.29 -7.07 -1.10
N ASP A 47 -6.32 -8.39 -1.15
CA ASP A 47 -7.55 -9.13 -0.88
C ASP A 47 -7.99 -8.91 0.57
N THR A 48 -7.04 -8.95 1.49
CA THR A 48 -7.34 -8.75 2.90
C THR A 48 -7.88 -7.35 3.14
N ILE A 49 -7.26 -6.36 2.50
CA ILE A 49 -7.69 -4.97 2.65
C ILE A 49 -9.13 -4.79 2.20
N MET A 50 -9.45 -5.36 1.04
CA MET A 50 -10.80 -5.26 0.51
C MET A 50 -11.79 -5.99 1.43
N SER A 51 -11.37 -7.13 1.96
CA SER A 51 -12.21 -7.90 2.84
C SER A 51 -12.61 -7.08 4.06
N ALA A 52 -11.63 -6.40 4.65
CA ALA A 52 -11.90 -5.57 5.82
C ALA A 52 -12.86 -4.45 5.48
N MET A 53 -12.67 -3.85 4.30
CA MET A 53 -13.54 -2.76 3.88
C MET A 53 -14.98 -3.23 3.76
N ASP A 54 -15.16 -4.42 3.23
CA ASP A 54 -16.51 -4.97 3.07
C ASP A 54 -17.17 -5.17 4.44
N LYS A 55 -16.42 -5.72 5.39
CA LYS A 55 -16.94 -5.96 6.72
C LYS A 55 -17.25 -4.65 7.44
N MET A 56 -16.35 -3.67 7.30
CA MET A 56 -16.52 -2.37 7.94
C MET A 56 -17.64 -1.60 7.28
N ALA A 57 -17.76 -1.75 5.97
CA ALA A 57 -18.80 -1.06 5.20
C ALA A 57 -20.19 -1.44 5.70
N ARG A 58 -20.27 -2.58 6.40
CA ARG A 58 -21.54 -3.04 6.94
C ARG A 58 -22.12 -2.02 7.91
N SER A 59 -21.25 -1.38 8.68
CA SER A 59 -21.69 -0.39 9.65
C SER A 59 -22.30 0.82 8.93
N ASN A 60 -23.10 1.58 9.66
CA ASN A 60 -23.73 2.76 9.09
C ASN A 60 -22.97 4.03 9.46
N LYS A 61 -21.79 3.85 10.06
CA LYS A 61 -20.96 5.00 10.46
C LYS A 61 -19.54 4.81 9.97
N SER A 62 -18.88 5.91 9.61
CA SER A 62 -17.51 5.86 9.13
C SER A 62 -16.63 6.78 9.97
N SER A 63 -15.40 6.33 10.23
CA SER A 63 -14.46 7.12 11.01
C SER A 63 -13.10 7.19 10.31
N GLN A 64 -12.34 8.25 10.61
CA GLN A 64 -11.01 8.42 10.01
C GLN A 64 -10.09 7.28 10.44
N HIS A 65 -10.41 6.65 11.56
CA HIS A 65 -9.60 5.56 12.07
C HIS A 65 -9.66 4.38 11.12
N LYS A 66 -10.82 4.14 10.52
CA LYS A 66 -10.97 3.06 9.60
C LYS A 66 -10.02 3.24 8.41
N LEU A 67 -9.98 4.46 7.87
CA LEU A 67 -9.11 4.75 6.74
C LEU A 67 -7.63 4.60 7.12
N GLN A 68 -7.26 5.14 8.28
CA GLN A 68 -5.87 5.05 8.71
C GLN A 68 -5.52 3.62 9.09
N ALA A 69 -6.51 2.88 9.56
CA ALA A 69 -6.30 1.50 9.96
C ALA A 69 -5.87 0.66 8.76
N LEU A 70 -6.53 0.87 7.63
CA LEU A 70 -6.20 0.12 6.43
C LEU A 70 -4.81 0.51 5.94
N ASN A 71 -4.48 1.80 6.02
CA ASN A 71 -3.18 2.26 5.56
C ASN A 71 -2.06 1.60 6.37
N MET A 72 -2.26 1.51 7.68
CA MET A 72 -1.26 0.90 8.55
C MET A 72 -1.10 -0.58 8.23
N ALA A 73 -2.22 -1.26 8.00
CA ALA A 73 -2.19 -2.68 7.69
C ALA A 73 -1.40 -2.94 6.41
N PHE A 74 -1.68 -2.13 5.39
CA PHE A 74 -0.99 -2.28 4.10
C PHE A 74 0.49 -1.96 4.24
N ALA A 75 0.80 -0.86 4.92
CA ALA A 75 2.18 -0.45 5.10
C ALA A 75 2.97 -1.49 5.87
N SER A 76 2.35 -2.04 6.91
CA SER A 76 3.01 -3.06 7.72
C SER A 76 3.22 -4.33 6.91
N SER A 77 2.27 -4.63 6.04
CA SER A 77 2.36 -5.81 5.19
C SER A 77 3.58 -5.73 4.29
N MET A 78 3.83 -4.56 3.74
CA MET A 78 4.97 -4.39 2.86
C MET A 78 6.27 -4.50 3.66
N ALA A 79 6.28 -3.92 4.86
CA ALA A 79 7.48 -3.95 5.71
C ALA A 79 7.87 -5.37 6.10
N GLU A 80 6.88 -6.18 6.50
CA GLU A 80 7.16 -7.55 6.89
C GLU A 80 7.60 -8.37 5.69
N ILE A 81 7.02 -8.08 4.53
CA ILE A 81 7.36 -8.80 3.31
C ILE A 81 8.78 -8.44 2.87
N ALA A 82 9.11 -7.16 2.93
CA ALA A 82 10.44 -6.69 2.54
C ALA A 82 11.51 -7.32 3.42
N ALA A 83 11.16 -7.60 4.67
CA ALA A 83 12.12 -8.20 5.60
C ALA A 83 12.68 -9.50 5.04
N VAL A 84 11.97 -10.09 4.06
CA VAL A 84 12.42 -11.34 3.44
C VAL A 84 13.91 -11.29 3.11
N GLU A 85 14.64 -12.25 3.66
CA GLU A 85 16.09 -12.32 3.43
C GLU A 85 16.39 -12.47 1.94
N GLN A 86 15.55 -13.21 1.24
CA GLN A 86 15.73 -13.42 -0.19
C GLN A 86 15.76 -12.08 -0.92
N GLY A 87 14.92 -11.16 -0.48
CA GLY A 87 14.86 -9.84 -1.10
C GLY A 87 15.90 -8.90 -0.48
N GLY A 88 16.64 -9.38 0.52
CA GLY A 88 17.65 -8.57 1.17
C GLY A 88 18.77 -8.19 0.21
N MET A 89 18.85 -8.90 -0.92
CA MET A 89 19.88 -8.62 -1.91
C MET A 89 19.92 -7.13 -2.24
N SER A 90 18.79 -6.47 -2.09
CA SER A 90 18.71 -5.03 -2.37
C SER A 90 17.57 -4.39 -1.59
N MET A 91 17.63 -3.07 -1.47
CA MET A 91 16.59 -2.35 -0.75
C MET A 91 16.22 -1.06 -1.47
N ALA A 92 17.20 -0.46 -2.13
CA ALA A 92 16.96 0.77 -2.87
C ALA A 92 16.15 0.50 -4.14
N VAL A 93 15.88 -0.79 -4.42
CA VAL A 93 15.13 -1.15 -5.61
C VAL A 93 13.90 -1.97 -5.22
N LYS A 94 14.03 -2.70 -4.12
CA LYS A 94 12.94 -3.53 -3.63
C LYS A 94 11.80 -2.66 -3.12
N THR A 95 12.16 -1.57 -2.44
CA THR A 95 11.15 -0.68 -1.90
C THR A 95 10.82 0.42 -2.89
N ASN A 96 11.81 0.82 -3.68
CA ASN A 96 11.61 1.86 -4.67
C ASN A 96 10.61 1.45 -5.72
N ALA A 97 10.73 0.21 -6.19
CA ALA A 97 9.81 -0.27 -7.22
C ALA A 97 8.39 -0.31 -6.70
N ILE A 98 8.22 -0.81 -5.46
CA ILE A 98 6.90 -0.91 -4.86
C ILE A 98 6.31 0.48 -4.66
N VAL A 99 7.13 1.39 -4.15
CA VAL A 99 6.70 2.76 -3.91
C VAL A 99 6.30 3.44 -5.22
N ASP A 100 7.10 3.22 -6.26
CA ASP A 100 6.83 3.82 -7.57
C ASP A 100 5.47 3.35 -8.09
N GLY A 101 5.12 2.13 -7.75
CA GLY A 101 3.84 1.57 -8.20
C GLY A 101 2.68 2.43 -7.73
N LEU A 102 2.83 3.06 -6.57
CA LEU A 102 1.78 3.90 -6.02
C LEU A 102 1.48 5.07 -6.97
N ASN A 103 2.53 5.70 -7.47
CA ASN A 103 2.36 6.82 -8.40
C ASN A 103 1.67 6.36 -9.68
N SER A 104 2.06 5.20 -10.15
CA SER A 104 1.48 4.64 -11.37
C SER A 104 -0.02 4.38 -11.17
N ALA A 105 -0.35 3.76 -10.04
CA ALA A 105 -1.74 3.46 -9.74
C ALA A 105 -2.58 4.72 -9.64
N PHE A 106 -2.03 5.76 -9.03
CA PHE A 106 -2.75 7.01 -8.88
C PHE A 106 -3.10 7.59 -10.24
N TYR A 107 -2.13 7.60 -11.15
CA TYR A 107 -2.36 8.15 -12.48
C TYR A 107 -3.37 7.31 -13.27
N MET A 108 -3.14 6.02 -13.35
CA MET A 108 -4.05 5.14 -14.08
C MET A 108 -5.45 5.18 -13.48
N THR A 109 -5.50 5.20 -12.16
CA THR A 109 -6.78 5.26 -11.46
C THR A 109 -7.49 6.58 -11.71
N THR A 110 -6.72 7.68 -11.74
CA THR A 110 -7.33 9.00 -11.95
C THR A 110 -6.54 9.79 -12.99
N GLY A 111 -5.26 9.99 -12.71
CA GLY A 111 -4.39 10.74 -13.61
C GLY A 111 -3.62 11.81 -12.85
N ALA A 112 -3.73 11.81 -11.53
CA ALA A 112 -3.04 12.78 -10.71
C ALA A 112 -1.79 12.19 -10.07
N ALA A 113 -0.74 13.00 -9.96
CA ALA A 113 0.50 12.54 -9.35
C ALA A 113 0.74 13.30 -8.04
N ASN A 114 0.87 12.54 -6.95
CA ASN A 114 1.10 13.13 -5.64
C ASN A 114 2.32 12.52 -4.97
N PRO A 115 3.49 12.90 -5.39
CA PRO A 115 4.76 12.36 -4.83
C PRO A 115 4.91 12.69 -3.34
N GLN A 116 4.31 13.79 -2.90
CA GLN A 116 4.41 14.18 -1.50
C GLN A 116 3.77 13.11 -0.61
N PHE A 117 2.58 12.66 -0.99
CA PHE A 117 1.88 11.63 -0.23
C PHE A 117 2.65 10.32 -0.29
N VAL A 118 3.22 10.04 -1.46
CA VAL A 118 3.98 8.81 -1.64
C VAL A 118 5.14 8.75 -0.64
N ASN A 119 5.81 9.88 -0.43
CA ASN A 119 6.92 9.92 0.52
C ASN A 119 6.43 9.53 1.91
N GLU A 120 5.25 10.00 2.26
CA GLU A 120 4.68 9.67 3.57
C GLU A 120 4.46 8.17 3.71
N MET A 121 4.03 7.54 2.62
CA MET A 121 3.77 6.10 2.62
C MET A 121 5.05 5.34 2.97
N ARG A 122 6.17 5.74 2.37
CA ARG A 122 7.45 5.10 2.63
C ARG A 122 7.82 5.24 4.10
N SER A 123 7.53 6.40 4.67
CA SER A 123 7.85 6.65 6.07
C SER A 123 7.14 5.65 6.96
N LEU A 124 5.89 5.35 6.63
CA LEU A 124 5.11 4.40 7.41
C LEU A 124 5.77 3.02 7.36
N ILE A 125 6.22 2.63 6.18
CA ILE A 125 6.88 1.34 6.03
C ILE A 125 8.16 1.29 6.87
N SER A 126 8.92 2.36 6.82
CA SER A 126 10.17 2.45 7.57
C SER A 126 9.91 2.35 9.07
N MET A 127 8.84 3.01 9.52
CA MET A 127 8.50 3.01 10.94
C MET A 127 8.23 1.58 11.40
N ILE A 128 7.64 0.79 10.52
CA ILE A 128 7.35 -0.61 10.85
C ILE A 128 8.65 -1.39 11.03
N SER A 129 9.60 -1.17 10.12
CA SER A 129 10.87 -1.87 10.20
C SER A 129 11.63 -1.48 11.47
N ALA A 130 11.63 -0.19 11.77
CA ALA A 130 12.32 0.30 12.95
C ALA A 130 11.72 -0.30 14.22
N ALA A 131 10.40 -0.42 14.24
CA ALA A 131 9.72 -0.98 15.40
C ALA A 131 10.17 -2.42 15.63
N SER A 132 10.30 -3.18 14.54
CA SER A 132 10.72 -4.57 14.63
C SER A 132 9.79 -5.37 15.55
N ALA A 133 10.12 -5.43 16.84
CA ALA A 133 9.30 -6.16 17.80
C ALA A 133 8.61 -5.19 18.74
N ASN A 134 7.30 -5.33 18.90
CA ASN A 134 6.54 -4.47 19.78
C ASN A 134 6.55 -5.01 21.20
N GLU A 135 6.57 -4.09 22.17
CA GLU A 135 6.59 -4.49 23.58
C GLU A 135 7.79 -5.39 23.87
N VAL A 136 7.83 -5.94 25.08
CA VAL A 136 8.93 -6.82 25.48
C VAL A 136 8.46 -8.27 25.52
N SER A 137 9.14 -9.13 24.77
CA SER A 137 8.79 -10.53 24.74
C SER A 137 8.92 -11.16 26.13
N TYR A 138 7.99 -12.03 26.46
CA TYR A 138 8.01 -12.69 27.77
C TYR A 138 8.22 -14.19 27.61
N GLY A 1 -13.27 30.08 6.87
CA GLY A 1 -14.35 29.36 6.15
C GLY A 1 -14.01 27.87 6.09
N SER A 2 -15.00 27.05 5.72
CA SER A 2 -14.80 25.62 5.63
C SER A 2 -13.84 25.27 4.48
N HIS A 3 -13.08 24.20 4.66
CA HIS A 3 -12.13 23.77 3.63
C HIS A 3 -12.26 22.27 3.38
N MET A 4 -12.02 21.87 2.14
CA MET A 4 -12.12 20.45 1.78
C MET A 4 -10.78 19.95 1.25
N ALA A 5 -10.43 18.72 1.62
CA ALA A 5 -9.16 18.13 1.17
C ALA A 5 -9.18 17.92 -0.34
N GLN A 6 -8.16 18.44 -1.02
CA GLN A 6 -8.08 18.29 -2.47
C GLN A 6 -7.86 16.83 -2.84
N ALA A 7 -7.02 16.15 -2.07
CA ALA A 7 -6.73 14.74 -2.32
C ALA A 7 -7.90 13.87 -1.88
N ARG A 8 -8.07 12.73 -2.54
CA ARG A 8 -9.15 11.81 -2.20
C ARG A 8 -8.59 10.49 -1.71
N SER A 9 -9.18 9.96 -0.64
CA SER A 9 -8.70 8.69 -0.09
C SER A 9 -9.35 7.51 -0.82
N PRO A 10 -8.59 6.67 -1.52
CA PRO A 10 -9.15 5.49 -2.25
C PRO A 10 -9.99 4.60 -1.34
N TRP A 11 -9.57 4.49 -0.08
CA TRP A 11 -10.28 3.65 0.88
C TRP A 11 -11.70 4.17 1.14
N SER A 12 -11.99 5.37 0.64
CA SER A 12 -13.30 5.96 0.82
C SER A 12 -14.37 5.06 0.20
N ASP A 13 -14.04 4.45 -0.93
CA ASP A 13 -14.99 3.57 -1.61
C ASP A 13 -14.31 2.26 -2.02
N THR A 14 -15.06 1.17 -1.96
CA THR A 14 -14.51 -0.13 -2.32
C THR A 14 -14.18 -0.17 -3.81
N ALA A 15 -15.02 0.46 -4.62
CA ALA A 15 -14.79 0.49 -6.06
C ALA A 15 -13.47 1.18 -6.38
N THR A 16 -13.22 2.30 -5.72
CA THR A 16 -11.99 3.06 -5.94
C THR A 16 -10.79 2.25 -5.44
N ALA A 17 -10.95 1.63 -4.28
CA ALA A 17 -9.87 0.83 -3.71
C ALA A 17 -9.49 -0.31 -4.63
N ASP A 18 -10.49 -0.92 -5.25
CA ASP A 18 -10.25 -2.03 -6.15
C ASP A 18 -9.40 -1.58 -7.33
N ALA A 19 -9.75 -0.44 -7.92
CA ALA A 19 -9.01 0.09 -9.06
C ALA A 19 -7.58 0.40 -8.65
N PHE A 20 -7.42 1.00 -7.47
CA PHE A 20 -6.10 1.34 -6.97
C PHE A 20 -5.23 0.09 -6.82
N ILE A 21 -5.77 -0.92 -6.17
CA ILE A 21 -5.04 -2.16 -5.97
C ILE A 21 -4.70 -2.82 -7.29
N GLN A 22 -5.68 -2.89 -8.19
CA GLN A 22 -5.46 -3.50 -9.50
C GLN A 22 -4.37 -2.77 -10.27
N ASN A 23 -4.44 -1.44 -10.30
CA ASN A 23 -3.46 -0.65 -11.00
C ASN A 23 -2.09 -0.77 -10.34
N PHE A 24 -2.09 -0.78 -9.02
CA PHE A 24 -0.85 -0.90 -8.27
C PHE A 24 -0.13 -2.20 -8.60
N LEU A 25 -0.87 -3.30 -8.57
CA LEU A 25 -0.31 -4.60 -8.86
C LEU A 25 0.18 -4.66 -10.30
N ALA A 26 -0.58 -4.06 -11.21
CA ALA A 26 -0.20 -4.07 -12.61
C ALA A 26 1.16 -3.39 -12.80
N ALA A 27 1.33 -2.23 -12.17
CA ALA A 27 2.59 -1.49 -12.28
C ALA A 27 3.74 -2.21 -11.56
N VAL A 28 3.46 -2.66 -10.35
CA VAL A 28 4.49 -3.34 -9.56
C VAL A 28 4.92 -4.63 -10.23
N SER A 29 4.00 -5.23 -11.00
CA SER A 29 4.30 -6.46 -11.70
C SER A 29 5.01 -6.17 -13.03
N GLY A 30 4.58 -5.10 -13.69
CA GLY A 30 5.16 -4.72 -14.97
C GLY A 30 6.63 -4.38 -14.80
N SER A 31 7.01 -3.95 -13.61
CA SER A 31 8.40 -3.59 -13.35
C SER A 31 9.30 -4.80 -13.54
N GLY A 32 8.82 -5.97 -13.12
CA GLY A 32 9.62 -7.19 -13.25
C GLY A 32 10.70 -7.25 -12.17
N ALA A 33 10.75 -6.25 -11.30
CA ALA A 33 11.73 -6.20 -10.23
C ALA A 33 11.56 -7.40 -9.31
N PHE A 34 10.30 -7.74 -9.03
CA PHE A 34 10.00 -8.87 -8.15
C PHE A 34 9.60 -10.10 -8.94
N THR A 35 9.67 -11.26 -8.29
CA THR A 35 9.34 -12.52 -8.93
C THR A 35 7.85 -12.82 -8.75
N SER A 36 7.38 -13.87 -9.42
CA SER A 36 5.97 -14.24 -9.33
C SER A 36 5.57 -14.49 -7.88
N ASP A 37 6.45 -15.13 -7.12
CA ASP A 37 6.16 -15.43 -5.72
C ASP A 37 5.98 -14.13 -4.92
N GLN A 38 6.89 -13.20 -5.12
CA GLN A 38 6.84 -11.91 -4.44
C GLN A 38 5.59 -11.13 -4.82
N LEU A 39 5.24 -11.17 -6.10
CA LEU A 39 4.06 -10.47 -6.58
C LEU A 39 2.81 -11.02 -5.89
N ASP A 40 2.76 -12.34 -5.72
CA ASP A 40 1.62 -12.96 -5.06
C ASP A 40 1.50 -12.44 -3.64
N ASP A 41 2.66 -12.27 -2.98
CA ASP A 41 2.68 -11.77 -1.61
C ASP A 41 2.10 -10.34 -1.56
N MET A 42 2.43 -9.53 -2.55
CA MET A 42 1.94 -8.15 -2.59
C MET A 42 0.52 -8.11 -3.19
N SER A 43 0.04 -9.25 -3.66
CA SER A 43 -1.30 -9.34 -4.25
C SER A 43 -2.31 -9.82 -3.20
N THR A 44 -1.90 -10.82 -2.40
CA THR A 44 -2.78 -11.36 -1.37
C THR A 44 -3.21 -10.27 -0.39
N ILE A 45 -2.33 -9.29 -0.20
CA ILE A 45 -2.63 -8.19 0.71
C ILE A 45 -3.79 -7.36 0.17
N GLY A 46 -3.84 -7.19 -1.14
CA GLY A 46 -4.91 -6.41 -1.76
C GLY A 46 -6.25 -7.07 -1.48
N ASP A 47 -6.30 -8.39 -1.61
CA ASP A 47 -7.54 -9.12 -1.36
C ASP A 47 -7.97 -8.96 0.09
N THR A 48 -7.02 -9.06 1.00
CA THR A 48 -7.30 -8.92 2.43
C THR A 48 -7.83 -7.52 2.73
N ILE A 49 -7.23 -6.51 2.10
CA ILE A 49 -7.64 -5.13 2.32
C ILE A 49 -9.11 -4.94 1.94
N MET A 50 -9.49 -5.49 0.79
CA MET A 50 -10.86 -5.38 0.32
C MET A 50 -11.82 -6.10 1.27
N SER A 51 -11.38 -7.26 1.78
CA SER A 51 -12.20 -8.03 2.70
C SER A 51 -12.49 -7.22 3.96
N ALA A 52 -11.47 -6.56 4.48
CA ALA A 52 -11.62 -5.74 5.68
C ALA A 52 -12.61 -4.60 5.42
N MET A 53 -12.52 -4.03 4.23
CA MET A 53 -13.40 -2.93 3.86
C MET A 53 -14.86 -3.37 3.91
N ASP A 54 -15.12 -4.58 3.43
CA ASP A 54 -16.48 -5.11 3.43
C ASP A 54 -16.99 -5.30 4.86
N LYS A 55 -16.16 -5.91 5.71
CA LYS A 55 -16.55 -6.14 7.09
C LYS A 55 -16.76 -4.83 7.83
N MET A 56 -15.83 -3.91 7.65
CA MET A 56 -15.91 -2.62 8.31
C MET A 56 -17.04 -1.79 7.69
N ALA A 57 -17.31 -2.04 6.43
CA ALA A 57 -18.35 -1.32 5.71
C ALA A 57 -19.70 -1.52 6.39
N ARG A 58 -19.81 -2.57 7.21
CA ARG A 58 -21.06 -2.85 7.91
C ARG A 58 -21.54 -1.61 8.66
N SER A 59 -20.60 -0.77 9.07
CA SER A 59 -20.95 0.46 9.79
C SER A 59 -21.54 1.48 8.85
N ASN A 60 -22.46 2.30 9.36
CA ASN A 60 -23.08 3.34 8.56
C ASN A 60 -22.43 4.70 8.80
N LYS A 61 -21.31 4.70 9.53
CA LYS A 61 -20.60 5.94 9.82
C LYS A 61 -19.11 5.80 9.50
N SER A 62 -18.51 6.89 9.02
CA SER A 62 -17.09 6.86 8.68
C SER A 62 -16.24 7.18 9.91
N SER A 63 -15.16 6.41 10.10
CA SER A 63 -14.29 6.63 11.23
C SER A 63 -12.85 6.86 10.76
N GLN A 64 -12.26 7.95 11.24
CA GLN A 64 -10.89 8.29 10.86
C GLN A 64 -9.94 7.17 11.26
N HIS A 65 -10.31 6.44 12.30
CA HIS A 65 -9.50 5.34 12.78
C HIS A 65 -9.45 4.23 11.74
N LYS A 66 -10.59 3.95 11.13
CA LYS A 66 -10.67 2.91 10.13
C LYS A 66 -9.78 3.27 8.95
N LEU A 67 -9.83 4.53 8.53
CA LEU A 67 -9.01 4.99 7.42
C LEU A 67 -7.52 4.81 7.73
N GLN A 68 -7.13 5.21 8.94
CA GLN A 68 -5.73 5.08 9.35
C GLN A 68 -5.33 3.61 9.44
N ALA A 69 -6.24 2.79 9.94
CA ALA A 69 -5.96 1.37 10.10
C ALA A 69 -5.61 0.74 8.75
N LEU A 70 -6.36 1.09 7.72
CA LEU A 70 -6.11 0.54 6.40
C LEU A 70 -4.74 0.98 5.88
N ASN A 71 -4.41 2.24 6.12
CA ASN A 71 -3.12 2.78 5.67
C ASN A 71 -1.97 2.04 6.34
N MET A 72 -2.11 1.79 7.63
CA MET A 72 -1.07 1.10 8.38
C MET A 72 -1.00 -0.37 7.95
N ALA A 73 -2.16 -0.97 7.69
CA ALA A 73 -2.22 -2.37 7.31
C ALA A 73 -1.44 -2.61 6.02
N PHE A 74 -1.62 -1.72 5.05
CA PHE A 74 -0.92 -1.85 3.77
C PHE A 74 0.58 -1.69 3.95
N ALA A 75 0.97 -0.66 4.70
CA ALA A 75 2.37 -0.38 4.94
C ALA A 75 3.04 -1.53 5.69
N SER A 76 2.32 -2.08 6.66
CA SER A 76 2.84 -3.18 7.46
C SER A 76 3.03 -4.42 6.59
N SER A 77 2.10 -4.61 5.66
CA SER A 77 2.16 -5.75 4.75
C SER A 77 3.41 -5.67 3.89
N MET A 78 3.72 -4.48 3.39
CA MET A 78 4.87 -4.32 2.55
C MET A 78 6.14 -4.64 3.32
N ALA A 79 6.21 -4.19 4.58
CA ALA A 79 7.40 -4.44 5.41
C ALA A 79 7.62 -5.93 5.66
N GLU A 80 6.56 -6.64 6.02
CA GLU A 80 6.69 -8.07 6.32
C GLU A 80 7.07 -8.85 5.06
N ILE A 81 6.70 -8.29 3.90
CA ILE A 81 7.03 -8.90 2.62
C ILE A 81 8.46 -8.56 2.21
N ALA A 82 8.85 -7.30 2.39
CA ALA A 82 10.18 -6.84 2.03
C ALA A 82 11.23 -7.53 2.90
N ALA A 83 10.80 -8.09 4.02
CA ALA A 83 11.71 -8.77 4.93
C ALA A 83 12.47 -9.87 4.18
N VAL A 84 11.79 -10.51 3.23
CA VAL A 84 12.42 -11.58 2.45
C VAL A 84 13.62 -11.05 1.69
N GLU A 85 14.74 -11.75 1.81
CA GLU A 85 15.96 -11.34 1.11
C GLU A 85 16.69 -12.55 0.54
N GLN A 86 16.94 -12.53 -0.77
CA GLN A 86 17.63 -13.63 -1.42
C GLN A 86 19.02 -13.18 -1.91
N GLY A 87 19.17 -11.88 -2.14
CA GLY A 87 20.44 -11.34 -2.60
C GLY A 87 20.79 -10.05 -1.86
N GLY A 88 19.79 -9.20 -1.66
CA GLY A 88 20.01 -7.94 -0.96
C GLY A 88 20.90 -7.01 -1.78
N MET A 89 20.72 -7.03 -3.09
CA MET A 89 21.54 -6.20 -3.97
C MET A 89 21.34 -4.72 -3.64
N SER A 90 20.11 -4.32 -3.40
CA SER A 90 19.82 -2.93 -3.07
C SER A 90 18.47 -2.79 -2.37
N MET A 91 18.49 -2.38 -1.11
CA MET A 91 17.26 -2.20 -0.36
C MET A 91 16.42 -1.07 -0.95
N ALA A 92 17.10 0.00 -1.40
CA ALA A 92 16.40 1.14 -2.00
C ALA A 92 15.97 0.83 -3.43
N VAL A 93 16.06 -0.44 -3.83
CA VAL A 93 15.65 -0.83 -5.17
C VAL A 93 14.41 -1.70 -5.10
N LYS A 94 14.45 -2.71 -4.23
CA LYS A 94 13.31 -3.62 -4.07
C LYS A 94 12.14 -2.91 -3.40
N THR A 95 12.44 -1.98 -2.49
CA THR A 95 11.39 -1.25 -1.79
C THR A 95 10.95 -0.05 -2.60
N ASN A 96 11.88 0.56 -3.31
CA ASN A 96 11.58 1.72 -4.12
C ASN A 96 10.67 1.36 -5.29
N ALA A 97 10.92 0.20 -5.89
CA ALA A 97 10.11 -0.25 -7.02
C ALA A 97 8.64 -0.38 -6.62
N ILE A 98 8.40 -0.96 -5.44
CA ILE A 98 7.04 -1.16 -4.97
C ILE A 98 6.39 0.21 -4.71
N VAL A 99 7.14 1.09 -4.06
CA VAL A 99 6.65 2.44 -3.76
C VAL A 99 6.38 3.22 -5.05
N ASP A 100 7.28 3.06 -6.03
CA ASP A 100 7.13 3.77 -7.30
C ASP A 100 5.82 3.39 -7.98
N GLY A 101 5.42 2.13 -7.86
CA GLY A 101 4.19 1.67 -8.48
C GLY A 101 3.00 2.49 -7.99
N LEU A 102 3.14 3.12 -6.83
CA LEU A 102 2.06 3.94 -6.28
C LEU A 102 1.76 5.12 -7.20
N ASN A 103 2.81 5.71 -7.77
CA ASN A 103 2.63 6.86 -8.66
C ASN A 103 1.74 6.50 -9.84
N SER A 104 1.96 5.33 -10.42
CA SER A 104 1.16 4.91 -11.55
C SER A 104 -0.27 4.61 -11.12
N ALA A 105 -0.42 4.00 -9.95
CA ALA A 105 -1.74 3.67 -9.43
C ALA A 105 -2.57 4.93 -9.21
N PHE A 106 -1.97 5.94 -8.59
CA PHE A 106 -2.67 7.19 -8.33
C PHE A 106 -3.06 7.85 -9.65
N TYR A 107 -2.15 7.86 -10.60
CA TYR A 107 -2.42 8.46 -11.90
C TYR A 107 -3.53 7.71 -12.63
N MET A 108 -3.47 6.38 -12.59
CA MET A 108 -4.48 5.56 -13.28
C MET A 108 -5.78 5.51 -12.47
N THR A 109 -5.76 6.04 -11.25
CA THR A 109 -6.95 6.04 -10.41
C THR A 109 -7.63 7.42 -10.39
N THR A 110 -6.83 8.48 -10.37
CA THR A 110 -7.37 9.85 -10.33
C THR A 110 -6.99 10.64 -11.57
N GLY A 111 -5.94 10.22 -12.26
CA GLY A 111 -5.50 10.94 -13.46
C GLY A 111 -4.33 11.88 -13.14
N ALA A 112 -3.84 11.84 -11.90
CA ALA A 112 -2.73 12.70 -11.51
C ALA A 112 -1.83 12.00 -10.50
N ALA A 113 -0.56 12.40 -10.47
CA ALA A 113 0.41 11.80 -9.56
C ALA A 113 0.38 12.52 -8.22
N ASN A 114 0.83 11.82 -7.17
CA ASN A 114 0.86 12.40 -5.84
C ASN A 114 2.18 12.07 -5.14
N PRO A 115 3.25 12.68 -5.59
CA PRO A 115 4.61 12.44 -5.03
C PRO A 115 4.68 12.63 -3.53
N GLN A 116 4.05 13.70 -3.04
CA GLN A 116 4.05 13.99 -1.62
C GLN A 116 3.38 12.86 -0.84
N PHE A 117 2.31 12.33 -1.39
CA PHE A 117 1.58 11.23 -0.75
C PHE A 117 2.43 9.96 -0.75
N VAL A 118 3.11 9.72 -1.87
CA VAL A 118 3.96 8.54 -2.00
C VAL A 118 5.07 8.56 -0.94
N ASN A 119 5.69 9.72 -0.76
CA ASN A 119 6.75 9.85 0.23
C ASN A 119 6.21 9.55 1.62
N GLU A 120 5.00 10.02 1.90
CA GLU A 120 4.38 9.80 3.20
C GLU A 120 4.21 8.30 3.47
N MET A 121 3.74 7.57 2.46
CA MET A 121 3.54 6.14 2.61
C MET A 121 4.87 5.44 2.87
N ARG A 122 5.91 5.86 2.16
CA ARG A 122 7.22 5.27 2.31
C ARG A 122 7.73 5.45 3.74
N SER A 123 7.52 6.65 4.28
CA SER A 123 7.94 6.95 5.65
C SER A 123 7.24 6.02 6.63
N LEU A 124 5.97 5.76 6.39
CA LEU A 124 5.20 4.87 7.26
C LEU A 124 5.82 3.49 7.27
N ILE A 125 6.25 3.02 6.12
CA ILE A 125 6.87 1.71 6.03
C ILE A 125 8.18 1.66 6.84
N SER A 126 8.99 2.70 6.69
CA SER A 126 10.26 2.77 7.41
C SER A 126 10.05 2.84 8.92
N MET A 127 8.96 3.45 9.34
CA MET A 127 8.66 3.59 10.77
C MET A 127 8.58 2.22 11.41
N ILE A 128 8.24 1.22 10.61
CA ILE A 128 8.12 -0.14 11.10
C ILE A 128 9.48 -0.65 11.58
N SER A 129 10.53 -0.29 10.84
CA SER A 129 11.87 -0.74 11.19
C SER A 129 12.26 -0.21 12.57
N ALA A 130 11.93 1.04 12.83
CA ALA A 130 12.26 1.65 14.12
C ALA A 130 11.40 1.03 15.23
N ALA A 131 10.12 0.82 14.93
CA ALA A 131 9.20 0.23 15.90
C ALA A 131 9.62 -1.18 16.26
N SER A 132 10.09 -1.93 15.27
CA SER A 132 10.52 -3.30 15.50
C SER A 132 9.38 -4.13 16.09
N ALA A 133 8.16 -3.84 15.65
CA ALA A 133 6.98 -4.57 16.13
C ALA A 133 6.90 -5.94 15.46
N ASN A 134 6.14 -6.84 16.08
CA ASN A 134 5.97 -8.19 15.54
C ASN A 134 7.27 -8.96 15.62
N GLU A 135 7.26 -10.07 16.33
CA GLU A 135 8.45 -10.90 16.48
C GLU A 135 9.60 -10.09 17.08
N VAL A 136 9.31 -9.37 18.16
CA VAL A 136 10.32 -8.56 18.83
C VAL A 136 11.46 -9.44 19.33
N SER A 137 11.10 -10.57 19.95
CA SER A 137 12.11 -11.49 20.47
C SER A 137 12.94 -10.81 21.55
N TYR A 138 13.94 -11.53 22.05
CA TYR A 138 14.81 -10.99 23.09
C TYR A 138 16.23 -10.81 22.56
N GLY A 1 -13.47 16.94 -10.78
CA GLY A 1 -12.95 18.04 -9.93
C GLY A 1 -13.82 19.28 -10.10
N SER A 2 -14.48 19.69 -9.02
CA SER A 2 -15.34 20.86 -9.06
C SER A 2 -15.46 21.49 -7.67
N HIS A 3 -15.90 22.75 -7.63
CA HIS A 3 -16.03 23.46 -6.36
C HIS A 3 -14.68 23.50 -5.63
N MET A 4 -14.47 22.59 -4.68
CA MET A 4 -13.23 22.54 -3.93
C MET A 4 -12.72 21.12 -3.81
N ALA A 5 -13.30 20.21 -4.59
CA ALA A 5 -12.92 18.80 -4.57
C ALA A 5 -11.72 18.57 -5.48
N GLN A 6 -10.57 18.31 -4.89
CA GLN A 6 -9.36 18.07 -5.66
C GLN A 6 -9.16 16.57 -5.89
N ALA A 7 -9.33 15.79 -4.82
CA ALA A 7 -9.16 14.34 -4.91
C ALA A 7 -9.98 13.65 -3.82
N ARG A 8 -10.23 12.36 -4.02
CA ARG A 8 -11.02 11.59 -3.05
C ARG A 8 -10.12 10.62 -2.30
N SER A 9 -10.50 10.30 -1.07
CA SER A 9 -9.69 9.38 -0.26
C SER A 9 -9.58 8.01 -0.95
N PRO A 10 -8.39 7.45 -1.06
CA PRO A 10 -8.20 6.11 -1.71
C PRO A 10 -9.08 5.03 -1.08
N TRP A 11 -9.30 5.14 0.23
CA TRP A 11 -10.11 4.16 0.93
C TRP A 11 -11.54 4.65 1.11
N SER A 12 -11.92 5.65 0.32
CA SER A 12 -13.27 6.20 0.41
C SER A 12 -14.31 5.14 0.09
N ASP A 13 -14.05 4.35 -0.95
CA ASP A 13 -14.98 3.29 -1.33
C ASP A 13 -14.22 2.03 -1.74
N THR A 14 -14.87 0.89 -1.66
CA THR A 14 -14.24 -0.37 -2.02
C THR A 14 -13.91 -0.39 -3.50
N ALA A 15 -14.80 0.18 -4.32
CA ALA A 15 -14.58 0.22 -5.76
C ALA A 15 -13.33 1.02 -6.09
N THR A 16 -13.17 2.17 -5.44
CA THR A 16 -12.01 3.03 -5.68
C THR A 16 -10.73 2.32 -5.24
N ALA A 17 -10.77 1.72 -4.05
CA ALA A 17 -9.61 1.02 -3.52
C ALA A 17 -9.24 -0.15 -4.43
N ASP A 18 -10.26 -0.86 -4.92
CA ASP A 18 -10.01 -2.00 -5.80
C ASP A 18 -9.27 -1.57 -7.06
N ALA A 19 -9.70 -0.46 -7.65
CA ALA A 19 -9.06 0.03 -8.86
C ALA A 19 -7.60 0.36 -8.59
N PHE A 20 -7.34 1.00 -7.45
CA PHE A 20 -5.98 1.37 -7.08
C PHE A 20 -5.13 0.12 -6.83
N ILE A 21 -5.71 -0.85 -6.12
CA ILE A 21 -4.99 -2.09 -5.82
C ILE A 21 -4.64 -2.85 -7.09
N GLN A 22 -5.62 -2.99 -7.98
CA GLN A 22 -5.40 -3.71 -9.23
C GLN A 22 -4.35 -3.02 -10.08
N ASN A 23 -4.45 -1.69 -10.18
CA ASN A 23 -3.49 -0.93 -10.95
C ASN A 23 -2.10 -0.98 -10.29
N PHE A 24 -2.10 -0.94 -8.97
CA PHE A 24 -0.85 -0.98 -8.21
C PHE A 24 -0.10 -2.27 -8.49
N LEU A 25 -0.81 -3.39 -8.48
CA LEU A 25 -0.20 -4.69 -8.75
C LEU A 25 0.38 -4.71 -10.16
N ALA A 26 -0.34 -4.12 -11.09
CA ALA A 26 0.11 -4.06 -12.47
C ALA A 26 1.40 -3.22 -12.58
N ALA A 27 1.44 -2.12 -11.83
CA ALA A 27 2.61 -1.24 -11.87
C ALA A 27 3.89 -1.96 -11.43
N VAL A 28 3.79 -2.69 -10.33
CA VAL A 28 4.95 -3.41 -9.81
C VAL A 28 5.32 -4.56 -10.76
N SER A 29 4.30 -5.20 -11.32
CA SER A 29 4.53 -6.30 -12.25
C SER A 29 5.21 -5.80 -13.52
N GLY A 30 4.80 -4.61 -13.97
CA GLY A 30 5.38 -4.01 -15.16
C GLY A 30 6.86 -3.74 -14.97
N SER A 31 7.22 -3.29 -13.77
CA SER A 31 8.62 -2.99 -13.49
C SER A 31 9.47 -4.24 -13.66
N GLY A 32 8.97 -5.37 -13.17
CA GLY A 32 9.70 -6.62 -13.28
C GLY A 32 10.71 -6.76 -12.13
N ALA A 33 10.75 -5.77 -11.24
CA ALA A 33 11.65 -5.81 -10.10
C ALA A 33 11.32 -7.02 -9.21
N PHE A 34 10.08 -7.51 -9.33
CA PHE A 34 9.65 -8.65 -8.53
C PHE A 34 9.18 -9.80 -9.42
N THR A 35 9.17 -10.99 -8.86
CA THR A 35 8.75 -12.18 -9.60
C THR A 35 7.29 -12.51 -9.30
N SER A 36 6.80 -13.57 -9.93
CA SER A 36 5.41 -13.96 -9.71
C SER A 36 5.16 -14.31 -8.25
N ASP A 37 6.12 -15.00 -7.63
CA ASP A 37 5.99 -15.39 -6.23
C ASP A 37 5.93 -14.15 -5.33
N GLN A 38 6.82 -13.19 -5.60
CA GLN A 38 6.87 -11.97 -4.82
C GLN A 38 5.60 -11.14 -5.01
N LEU A 39 5.13 -11.08 -6.25
CA LEU A 39 3.92 -10.33 -6.56
C LEU A 39 2.73 -10.94 -5.84
N ASP A 40 2.69 -12.27 -5.79
CA ASP A 40 1.60 -12.95 -5.12
C ASP A 40 1.54 -12.56 -3.65
N ASP A 41 2.73 -12.46 -3.03
CA ASP A 41 2.80 -12.07 -1.62
C ASP A 41 2.22 -10.67 -1.41
N MET A 42 2.50 -9.78 -2.36
CA MET A 42 1.98 -8.42 -2.26
C MET A 42 0.61 -8.31 -2.92
N SER A 43 0.07 -9.45 -3.37
CA SER A 43 -1.24 -9.47 -4.02
C SER A 43 -2.32 -9.90 -3.03
N THR A 44 -2.04 -10.94 -2.25
CA THR A 44 -3.00 -11.43 -1.27
C THR A 44 -3.44 -10.31 -0.34
N ILE A 45 -2.59 -9.30 -0.17
CA ILE A 45 -2.90 -8.18 0.69
C ILE A 45 -4.12 -7.43 0.18
N GLY A 46 -4.29 -7.41 -1.14
CA GLY A 46 -5.44 -6.72 -1.73
C GLY A 46 -6.74 -7.35 -1.27
N ASP A 47 -6.79 -8.67 -1.26
CA ASP A 47 -7.99 -9.38 -0.82
C ASP A 47 -8.26 -9.10 0.65
N THR A 48 -7.21 -9.08 1.45
CA THR A 48 -7.34 -8.82 2.88
C THR A 48 -7.90 -7.42 3.13
N ILE A 49 -7.34 -6.44 2.41
CA ILE A 49 -7.79 -5.06 2.56
C ILE A 49 -9.26 -4.92 2.19
N MET A 50 -9.65 -5.54 1.07
CA MET A 50 -11.03 -5.48 0.62
C MET A 50 -11.96 -6.10 1.66
N SER A 51 -11.53 -7.22 2.24
CA SER A 51 -12.34 -7.89 3.24
C SER A 51 -12.54 -7.00 4.45
N ALA A 52 -11.47 -6.37 4.92
CA ALA A 52 -11.56 -5.49 6.08
C ALA A 52 -12.48 -4.31 5.79
N MET A 53 -12.37 -3.75 4.59
CA MET A 53 -13.19 -2.62 4.21
C MET A 53 -14.66 -3.01 4.22
N ASP A 54 -14.96 -4.20 3.72
CA ASP A 54 -16.33 -4.68 3.69
C ASP A 54 -16.89 -4.84 5.11
N LYS A 55 -16.06 -5.38 6.01
CA LYS A 55 -16.50 -5.59 7.39
C LYS A 55 -16.82 -4.27 8.08
N MET A 56 -15.95 -3.29 7.90
CA MET A 56 -16.16 -1.99 8.51
C MET A 56 -17.27 -1.25 7.77
N ALA A 57 -17.36 -1.51 6.47
CA ALA A 57 -18.38 -0.86 5.66
C ALA A 57 -19.77 -1.22 6.15
N ARG A 58 -19.98 -2.51 6.42
CA ARG A 58 -21.27 -2.97 6.90
C ARG A 58 -21.57 -2.38 8.28
N SER A 59 -20.55 -2.37 9.14
CA SER A 59 -20.71 -1.84 10.49
C SER A 59 -20.80 -0.32 10.46
N ASN A 60 -21.59 0.24 11.36
CA ASN A 60 -21.77 1.68 11.43
C ASN A 60 -20.56 2.33 12.11
N LYS A 61 -19.40 2.21 11.48
CA LYS A 61 -18.18 2.79 12.03
C LYS A 61 -17.38 3.50 10.93
N SER A 62 -17.16 4.79 11.11
CA SER A 62 -16.40 5.56 10.13
C SER A 62 -15.67 6.71 10.81
N SER A 63 -14.38 6.54 11.02
CA SER A 63 -13.57 7.57 11.66
C SER A 63 -12.19 7.65 11.02
N GLN A 64 -11.48 8.74 11.31
CA GLN A 64 -10.15 8.93 10.76
C GLN A 64 -9.23 7.78 11.16
N HIS A 65 -9.57 7.12 12.27
CA HIS A 65 -8.79 5.99 12.75
C HIS A 65 -8.95 4.80 11.82
N LYS A 66 -10.16 4.60 11.33
CA LYS A 66 -10.43 3.50 10.43
C LYS A 66 -9.59 3.64 9.17
N LEU A 67 -9.53 4.85 8.63
CA LEU A 67 -8.74 5.08 7.43
C LEU A 67 -7.26 4.85 7.70
N GLN A 68 -6.79 5.33 8.85
CA GLN A 68 -5.39 5.17 9.22
C GLN A 68 -5.05 3.70 9.41
N ALA A 69 -5.97 2.95 9.99
CA ALA A 69 -5.76 1.53 10.24
C ALA A 69 -5.51 0.80 8.92
N LEU A 70 -6.30 1.13 7.91
CA LEU A 70 -6.15 0.49 6.61
C LEU A 70 -4.78 0.80 6.00
N ASN A 71 -4.35 2.06 6.15
CA ASN A 71 -3.05 2.47 5.61
C ASN A 71 -1.92 1.71 6.30
N MET A 72 -2.03 1.58 7.61
CA MET A 72 -1.00 0.88 8.39
C MET A 72 -0.96 -0.59 8.00
N ALA A 73 -2.11 -1.18 7.76
CA ALA A 73 -2.17 -2.58 7.38
C ALA A 73 -1.42 -2.82 6.07
N PHE A 74 -1.63 -1.94 5.09
CA PHE A 74 -0.96 -2.08 3.81
C PHE A 74 0.55 -1.90 3.95
N ALA A 75 0.95 -0.83 4.64
CA ALA A 75 2.37 -0.56 4.82
C ALA A 75 3.04 -1.68 5.62
N SER A 76 2.35 -2.17 6.62
CA SER A 76 2.87 -3.23 7.47
C SER A 76 3.06 -4.51 6.66
N SER A 77 2.10 -4.82 5.79
CA SER A 77 2.18 -6.02 4.98
C SER A 77 3.38 -5.95 4.05
N MET A 78 3.66 -4.76 3.52
CA MET A 78 4.78 -4.61 2.62
C MET A 78 6.10 -4.76 3.39
N ALA A 79 6.16 -4.17 4.59
CA ALA A 79 7.36 -4.24 5.41
C ALA A 79 7.69 -5.66 5.84
N GLU A 80 6.68 -6.39 6.31
CA GLU A 80 6.89 -7.77 6.76
C GLU A 80 7.21 -8.68 5.57
N ILE A 81 6.55 -8.45 4.45
CA ILE A 81 6.79 -9.26 3.26
C ILE A 81 8.17 -8.96 2.68
N ALA A 82 8.51 -7.68 2.62
CA ALA A 82 9.81 -7.26 2.08
C ALA A 82 10.94 -7.77 2.96
N ALA A 83 10.64 -8.01 4.23
CA ALA A 83 11.64 -8.50 5.16
C ALA A 83 12.23 -9.82 4.68
N VAL A 84 11.45 -10.58 3.92
CA VAL A 84 11.91 -11.86 3.40
C VAL A 84 13.25 -11.72 2.71
N GLU A 85 13.50 -10.54 2.17
CA GLU A 85 14.76 -10.26 1.48
C GLU A 85 15.09 -11.38 0.49
N GLN A 86 14.22 -11.56 -0.50
CA GLN A 86 14.44 -12.60 -1.49
C GLN A 86 14.02 -12.11 -2.89
N GLY A 87 14.91 -12.29 -3.85
CA GLY A 87 14.62 -11.87 -5.22
C GLY A 87 15.04 -10.43 -5.45
N GLY A 88 15.41 -9.73 -4.38
CA GLY A 88 15.83 -8.34 -4.51
C GLY A 88 17.29 -8.17 -4.09
N MET A 89 18.10 -7.60 -4.98
CA MET A 89 19.51 -7.39 -4.68
C MET A 89 19.68 -6.44 -3.50
N SER A 90 18.85 -5.39 -3.47
CA SER A 90 18.94 -4.42 -2.39
C SER A 90 17.55 -3.95 -1.97
N MET A 91 17.41 -3.60 -0.70
CA MET A 91 16.14 -3.14 -0.17
C MET A 91 15.74 -1.80 -0.79
N ALA A 92 16.73 -0.94 -0.98
CA ALA A 92 16.48 0.38 -1.56
C ALA A 92 15.87 0.25 -2.96
N VAL A 93 16.06 -0.91 -3.58
CA VAL A 93 15.54 -1.14 -4.92
C VAL A 93 14.10 -1.63 -4.87
N LYS A 94 13.86 -2.69 -4.11
CA LYS A 94 12.52 -3.25 -4.00
C LYS A 94 11.58 -2.31 -3.25
N THR A 95 12.12 -1.52 -2.34
CA THR A 95 11.30 -0.60 -1.55
C THR A 95 10.79 0.54 -2.42
N ASN A 96 11.63 1.05 -3.30
CA ASN A 96 11.26 2.14 -4.17
C ASN A 96 10.47 1.62 -5.37
N ALA A 97 10.75 0.40 -5.78
CA ALA A 97 10.04 -0.19 -6.91
C ALA A 97 8.55 -0.33 -6.60
N ILE A 98 8.23 -0.80 -5.38
CA ILE A 98 6.84 -0.97 -5.00
C ILE A 98 6.18 0.38 -4.73
N VAL A 99 6.90 1.25 -4.00
CA VAL A 99 6.37 2.58 -3.68
C VAL A 99 6.13 3.40 -4.94
N ASP A 100 7.08 3.36 -5.87
CA ASP A 100 6.98 4.12 -7.11
C ASP A 100 5.74 3.72 -7.88
N GLY A 101 5.36 2.45 -7.74
CA GLY A 101 4.18 1.94 -8.44
C GLY A 101 2.94 2.73 -8.02
N LEU A 102 2.99 3.33 -6.83
CA LEU A 102 1.85 4.10 -6.34
C LEU A 102 1.57 5.30 -7.24
N ASN A 103 2.62 6.02 -7.59
CA ASN A 103 2.48 7.19 -8.46
C ASN A 103 2.04 6.78 -9.86
N SER A 104 2.63 5.70 -10.36
CA SER A 104 2.29 5.24 -11.70
C SER A 104 0.86 4.71 -11.75
N ALA A 105 0.47 3.97 -10.71
CA ALA A 105 -0.88 3.42 -10.64
C ALA A 105 -1.91 4.53 -10.51
N PHE A 106 -1.58 5.54 -9.70
CA PHE A 106 -2.49 6.65 -9.49
C PHE A 106 -2.70 7.42 -10.79
N TYR A 107 -1.63 7.60 -11.55
CA TYR A 107 -1.71 8.30 -12.81
C TYR A 107 -2.57 7.50 -13.80
N MET A 108 -2.38 6.19 -13.79
CA MET A 108 -3.16 5.32 -14.67
C MET A 108 -4.63 5.25 -14.23
N THR A 109 -4.85 5.30 -12.92
CA THR A 109 -6.20 5.21 -12.36
C THR A 109 -7.08 6.37 -12.86
N THR A 110 -6.54 7.59 -12.80
CA THR A 110 -7.31 8.75 -13.24
C THR A 110 -6.40 9.96 -13.39
N GLY A 111 -5.11 9.70 -13.59
CA GLY A 111 -4.14 10.79 -13.76
C GLY A 111 -3.90 11.50 -12.44
N ALA A 112 -4.18 10.82 -11.33
CA ALA A 112 -3.99 11.41 -10.01
C ALA A 112 -2.52 11.56 -9.68
N ALA A 113 -2.12 12.77 -9.31
CA ALA A 113 -0.73 13.03 -8.95
C ALA A 113 -0.64 13.48 -7.49
N ASN A 114 -0.04 12.64 -6.66
CA ASN A 114 0.10 12.96 -5.24
C ASN A 114 1.44 12.44 -4.71
N PRO A 115 2.51 13.09 -5.10
CA PRO A 115 3.88 12.67 -4.67
C PRO A 115 4.07 12.78 -3.16
N GLN A 116 3.46 13.80 -2.56
CA GLN A 116 3.57 14.00 -1.12
C GLN A 116 2.96 12.83 -0.36
N PHE A 117 1.80 12.38 -0.83
CA PHE A 117 1.12 11.26 -0.20
C PHE A 117 1.99 10.00 -0.26
N VAL A 118 2.58 9.76 -1.43
CA VAL A 118 3.43 8.60 -1.62
C VAL A 118 4.60 8.63 -0.66
N ASN A 119 5.20 9.81 -0.49
CA ASN A 119 6.34 9.95 0.40
C ASN A 119 5.94 9.57 1.83
N GLU A 120 4.74 9.97 2.23
CA GLU A 120 4.25 9.65 3.57
C GLU A 120 4.15 8.14 3.75
N MET A 121 3.65 7.46 2.72
CA MET A 121 3.52 6.02 2.77
C MET A 121 4.88 5.35 2.88
N ARG A 122 5.85 5.89 2.15
CA ARG A 122 7.20 5.34 2.18
C ARG A 122 7.79 5.42 3.59
N SER A 123 7.60 6.55 4.24
CA SER A 123 8.12 6.73 5.59
C SER A 123 7.46 5.74 6.55
N LEU A 124 6.18 5.47 6.34
CA LEU A 124 5.45 4.53 7.17
C LEU A 124 6.06 3.13 7.06
N ILE A 125 6.43 2.74 5.84
CA ILE A 125 7.03 1.43 5.63
C ILE A 125 8.35 1.33 6.39
N SER A 126 9.16 2.38 6.30
CA SER A 126 10.46 2.40 6.97
C SER A 126 10.28 2.35 8.49
N MET A 127 9.20 2.95 8.98
CA MET A 127 8.93 2.99 10.41
C MET A 127 8.67 1.57 10.92
N ILE A 128 7.99 0.76 10.10
CA ILE A 128 7.68 -0.61 10.46
C ILE A 128 8.96 -1.43 10.59
N SER A 129 9.84 -1.28 9.60
CA SER A 129 11.11 -2.02 9.61
C SER A 129 11.95 -1.62 10.80
N ALA A 130 12.04 -0.32 11.05
CA ALA A 130 12.82 0.20 12.17
C ALA A 130 12.08 0.00 13.48
N ALA A 131 10.80 -0.37 13.41
CA ALA A 131 10.01 -0.57 14.61
C ALA A 131 10.61 -1.67 15.48
N SER A 132 11.02 -2.76 14.85
CA SER A 132 11.63 -3.87 15.57
C SER A 132 12.10 -4.95 14.60
N ALA A 133 12.38 -6.13 15.13
CA ALA A 133 12.82 -7.25 14.30
C ALA A 133 14.07 -6.86 13.51
N ASN A 134 15.06 -6.30 14.19
CA ASN A 134 16.29 -5.90 13.53
C ASN A 134 17.06 -7.12 13.02
N GLU A 135 16.75 -8.29 13.58
CA GLU A 135 17.41 -9.52 13.18
C GLU A 135 16.38 -10.63 12.98
N VAL A 136 16.71 -11.60 12.14
CA VAL A 136 15.80 -12.72 11.87
C VAL A 136 16.53 -14.05 12.05
N SER A 137 15.76 -15.09 12.36
CA SER A 137 16.35 -16.42 12.56
C SER A 137 16.77 -17.01 11.22
N TYR A 138 17.61 -18.04 11.28
CA TYR A 138 18.09 -18.70 10.07
C TYR A 138 16.96 -19.51 9.43
N GLY A 1 -7.82 15.41 7.92
CA GLY A 1 -6.51 16.09 7.80
C GLY A 1 -6.12 16.21 6.33
N SER A 2 -5.04 16.91 6.06
CA SER A 2 -4.57 17.09 4.69
C SER A 2 -5.64 17.77 3.83
N HIS A 3 -5.55 17.60 2.52
CA HIS A 3 -6.53 18.21 1.61
C HIS A 3 -7.55 17.17 1.17
N MET A 4 -8.83 17.52 1.29
CA MET A 4 -9.90 16.61 0.90
C MET A 4 -10.77 17.25 -0.18
N ALA A 5 -10.19 18.18 -0.93
CA ALA A 5 -10.93 18.86 -1.99
C ALA A 5 -10.70 18.16 -3.32
N GLN A 6 -9.51 18.35 -3.88
CA GLN A 6 -9.17 17.72 -5.16
C GLN A 6 -8.50 16.37 -4.93
N ALA A 7 -8.14 16.07 -3.68
CA ALA A 7 -7.49 14.81 -3.34
C ALA A 7 -8.38 13.99 -2.41
N ARG A 8 -8.59 12.73 -2.75
CA ARG A 8 -9.42 11.86 -1.93
C ARG A 8 -8.74 10.53 -1.69
N SER A 9 -8.69 10.11 -0.44
CA SER A 9 -8.04 8.85 -0.11
C SER A 9 -8.73 7.67 -0.81
N PRO A 10 -7.99 6.80 -1.47
CA PRO A 10 -8.58 5.62 -2.18
C PRO A 10 -9.46 4.76 -1.25
N TRP A 11 -9.02 4.64 0.00
CA TRP A 11 -9.76 3.85 0.97
C TRP A 11 -11.15 4.44 1.23
N SER A 12 -11.37 5.66 0.75
CA SER A 12 -12.65 6.33 0.93
C SER A 12 -13.76 5.50 0.27
N ASP A 13 -13.48 4.97 -0.91
CA ASP A 13 -14.48 4.18 -1.63
C ASP A 13 -13.89 2.82 -2.02
N THR A 14 -14.71 1.78 -1.93
CA THR A 14 -14.26 0.44 -2.30
C THR A 14 -13.95 0.37 -3.79
N ALA A 15 -14.75 1.06 -4.59
CA ALA A 15 -14.54 1.06 -6.03
C ALA A 15 -13.19 1.69 -6.38
N THR A 16 -12.90 2.82 -5.74
CA THR A 16 -11.64 3.52 -5.97
C THR A 16 -10.46 2.69 -5.48
N ALA A 17 -10.61 2.12 -4.28
CA ALA A 17 -9.54 1.31 -3.71
C ALA A 17 -9.25 0.10 -4.58
N ASP A 18 -10.31 -0.51 -5.10
CA ASP A 18 -10.14 -1.70 -5.94
C ASP A 18 -9.33 -1.36 -7.20
N ALA A 19 -9.68 -0.27 -7.85
CA ALA A 19 -8.97 0.14 -9.06
C ALA A 19 -7.52 0.45 -8.75
N PHE A 20 -7.30 1.15 -7.64
CA PHE A 20 -5.95 1.52 -7.23
C PHE A 20 -5.10 0.27 -6.98
N ILE A 21 -5.65 -0.66 -6.22
CA ILE A 21 -4.94 -1.90 -5.90
C ILE A 21 -4.62 -2.69 -7.17
N GLN A 22 -5.61 -2.82 -8.05
CA GLN A 22 -5.42 -3.57 -9.29
C GLN A 22 -4.32 -2.94 -10.14
N ASN A 23 -4.35 -1.62 -10.27
CA ASN A 23 -3.36 -0.91 -11.05
C ASN A 23 -2.00 -0.97 -10.35
N PHE A 24 -2.02 -0.91 -9.02
CA PHE A 24 -0.80 -0.96 -8.24
C PHE A 24 -0.02 -2.24 -8.52
N LEU A 25 -0.72 -3.37 -8.47
CA LEU A 25 -0.08 -4.66 -8.72
C LEU A 25 0.42 -4.73 -10.15
N ALA A 26 -0.36 -4.17 -11.07
CA ALA A 26 0.02 -4.18 -12.47
C ALA A 26 1.31 -3.39 -12.68
N ALA A 27 1.43 -2.26 -11.99
CA ALA A 27 2.61 -1.41 -12.12
C ALA A 27 3.88 -2.14 -11.69
N VAL A 28 3.82 -2.78 -10.52
CA VAL A 28 4.97 -3.51 -10.01
C VAL A 28 5.23 -4.76 -10.86
N SER A 29 4.14 -5.37 -11.34
CA SER A 29 4.25 -6.55 -12.16
C SER A 29 4.93 -6.23 -13.49
N GLY A 30 4.56 -5.08 -14.05
CA GLY A 30 5.13 -4.63 -15.30
C GLY A 30 6.63 -4.39 -15.17
N SER A 31 7.03 -3.85 -14.02
CA SER A 31 8.44 -3.56 -13.78
C SER A 31 9.26 -4.84 -13.83
N GLY A 32 8.74 -5.90 -13.26
CA GLY A 32 9.45 -7.18 -13.25
C GLY A 32 10.53 -7.19 -12.17
N ALA A 33 10.60 -6.11 -11.39
CA ALA A 33 11.58 -6.03 -10.33
C ALA A 33 11.36 -7.14 -9.31
N PHE A 34 10.14 -7.68 -9.28
CA PHE A 34 9.82 -8.75 -8.34
C PHE A 34 9.31 -9.98 -9.08
N THR A 35 9.46 -11.14 -8.46
CA THR A 35 9.01 -12.39 -9.07
C THR A 35 7.55 -12.65 -8.76
N SER A 36 7.00 -13.71 -9.34
CA SER A 36 5.60 -14.04 -9.11
C SER A 36 5.34 -14.32 -7.64
N ASP A 37 6.27 -15.00 -6.98
CA ASP A 37 6.12 -15.32 -5.57
C ASP A 37 6.08 -14.04 -4.73
N GLN A 38 6.97 -13.11 -5.03
CA GLN A 38 7.01 -11.84 -4.31
C GLN A 38 5.75 -11.03 -4.55
N LEU A 39 5.30 -11.02 -5.81
CA LEU A 39 4.11 -10.28 -6.16
C LEU A 39 2.88 -10.86 -5.45
N ASP A 40 2.84 -12.19 -5.36
CA ASP A 40 1.73 -12.86 -4.71
C ASP A 40 1.63 -12.42 -3.26
N ASP A 41 2.78 -12.28 -2.60
CA ASP A 41 2.81 -11.88 -1.20
C ASP A 41 2.23 -10.48 -1.05
N MET A 42 2.57 -9.59 -1.98
CA MET A 42 2.06 -8.22 -1.94
C MET A 42 0.74 -8.10 -2.71
N SER A 43 0.26 -9.24 -3.23
CA SER A 43 -1.00 -9.23 -3.96
C SER A 43 -2.15 -9.68 -3.06
N THR A 44 -1.92 -10.72 -2.28
CA THR A 44 -2.94 -11.24 -1.38
C THR A 44 -3.40 -10.16 -0.41
N ILE A 45 -2.49 -9.22 -0.12
CA ILE A 45 -2.82 -8.13 0.80
C ILE A 45 -3.97 -7.31 0.24
N GLY A 46 -4.05 -7.21 -1.08
CA GLY A 46 -5.11 -6.44 -1.70
C GLY A 46 -6.48 -7.03 -1.38
N ASP A 47 -6.58 -8.35 -1.44
CA ASP A 47 -7.84 -9.03 -1.15
C ASP A 47 -8.23 -8.80 0.30
N THR A 48 -7.25 -8.86 1.20
CA THR A 48 -7.50 -8.67 2.62
C THR A 48 -8.00 -7.25 2.88
N ILE A 49 -7.36 -6.28 2.23
CA ILE A 49 -7.75 -4.89 2.39
C ILE A 49 -9.20 -4.67 1.97
N MET A 50 -9.56 -5.21 0.82
CA MET A 50 -10.92 -5.07 0.33
C MET A 50 -11.91 -5.78 1.25
N SER A 51 -11.51 -6.94 1.76
CA SER A 51 -12.37 -7.69 2.66
C SER A 51 -12.71 -6.87 3.90
N ALA A 52 -11.68 -6.22 4.46
CA ALA A 52 -11.88 -5.39 5.63
C ALA A 52 -12.78 -4.21 5.32
N MET A 53 -12.62 -3.66 4.12
CA MET A 53 -13.42 -2.52 3.71
C MET A 53 -14.90 -2.86 3.73
N ASP A 54 -15.24 -4.05 3.26
CA ASP A 54 -16.64 -4.47 3.25
C ASP A 54 -17.17 -4.67 4.67
N LYS A 55 -16.36 -5.29 5.52
CA LYS A 55 -16.76 -5.53 6.91
C LYS A 55 -16.96 -4.22 7.66
N MET A 56 -16.02 -3.29 7.46
CA MET A 56 -16.07 -2.00 8.12
C MET A 56 -17.20 -1.15 7.54
N ALA A 57 -17.39 -1.26 6.22
CA ALA A 57 -18.44 -0.50 5.54
C ALA A 57 -19.80 -0.83 6.11
N ARG A 58 -19.99 -2.09 6.49
CA ARG A 58 -21.26 -2.52 7.06
C ARG A 58 -21.60 -1.71 8.31
N SER A 59 -20.59 -1.40 9.11
CA SER A 59 -20.80 -0.62 10.33
C SER A 59 -21.42 0.74 9.99
N ASN A 60 -22.51 1.06 10.68
CA ASN A 60 -23.20 2.33 10.46
C ASN A 60 -22.29 3.51 10.83
N LYS A 61 -21.58 3.35 11.94
CA LYS A 61 -20.68 4.40 12.41
C LYS A 61 -19.30 4.23 11.79
N SER A 62 -18.78 5.31 11.21
CA SER A 62 -17.47 5.27 10.58
C SER A 62 -16.59 6.40 11.11
N SER A 63 -15.30 6.12 11.26
CA SER A 63 -14.37 7.11 11.76
C SER A 63 -13.05 7.03 11.00
N GLN A 64 -12.24 8.07 11.12
CA GLN A 64 -10.94 8.12 10.44
C GLN A 64 -10.04 6.97 10.89
N HIS A 65 -10.43 6.30 11.98
CA HIS A 65 -9.66 5.20 12.51
C HIS A 65 -9.56 4.08 11.48
N LYS A 66 -10.69 3.79 10.84
CA LYS A 66 -10.70 2.74 9.84
C LYS A 66 -9.80 3.08 8.65
N LEU A 67 -9.69 4.37 8.36
CA LEU A 67 -8.88 4.83 7.24
C LEU A 67 -7.40 4.68 7.57
N GLN A 68 -7.00 5.18 8.73
CA GLN A 68 -5.61 5.08 9.13
C GLN A 68 -5.24 3.63 9.38
N ALA A 69 -6.20 2.84 9.85
CA ALA A 69 -5.94 1.43 10.12
C ALA A 69 -5.54 0.70 8.85
N LEU A 70 -6.25 0.97 7.76
CA LEU A 70 -5.96 0.34 6.48
C LEU A 70 -4.57 0.76 5.99
N ASN A 71 -4.24 2.03 6.19
CA ASN A 71 -2.94 2.52 5.76
C ASN A 71 -1.80 1.77 6.45
N MET A 72 -1.97 1.54 7.74
CA MET A 72 -0.94 0.84 8.51
C MET A 72 -0.87 -0.63 8.09
N ALA A 73 -2.03 -1.22 7.82
CA ALA A 73 -2.09 -2.62 7.42
C ALA A 73 -1.30 -2.84 6.13
N PHE A 74 -1.49 -1.94 5.17
CA PHE A 74 -0.81 -2.06 3.89
C PHE A 74 0.70 -1.80 4.05
N ALA A 75 1.03 -0.75 4.78
CA ALA A 75 2.43 -0.40 4.99
C ALA A 75 3.17 -1.50 5.74
N SER A 76 2.52 -2.05 6.76
CA SER A 76 3.10 -3.11 7.55
C SER A 76 3.25 -4.38 6.72
N SER A 77 2.30 -4.60 5.82
CA SER A 77 2.32 -5.78 4.96
C SER A 77 3.57 -5.79 4.10
N MET A 78 3.93 -4.63 3.59
CA MET A 78 5.11 -4.52 2.75
C MET A 78 6.37 -4.73 3.58
N ALA A 79 6.37 -4.20 4.81
CA ALA A 79 7.53 -4.32 5.68
C ALA A 79 7.84 -5.78 6.01
N GLU A 80 6.83 -6.53 6.42
CA GLU A 80 7.01 -7.93 6.76
C GLU A 80 7.48 -8.72 5.54
N ILE A 81 6.95 -8.35 4.37
CA ILE A 81 7.34 -9.02 3.14
C ILE A 81 8.77 -8.69 2.76
N ALA A 82 9.13 -7.41 2.91
CA ALA A 82 10.47 -6.95 2.59
C ALA A 82 11.48 -7.56 3.55
N ALA A 83 11.01 -8.05 4.70
CA ALA A 83 11.89 -8.66 5.68
C ALA A 83 12.64 -9.85 5.09
N VAL A 84 12.17 -10.32 3.93
CA VAL A 84 12.81 -11.46 3.27
C VAL A 84 14.28 -11.18 3.02
N GLU A 85 14.57 -9.95 2.63
CA GLU A 85 15.95 -9.55 2.36
C GLU A 85 16.56 -10.41 1.26
N GLN A 86 15.85 -10.50 0.14
CA GLN A 86 16.33 -11.29 -1.00
C GLN A 86 16.39 -10.44 -2.26
N GLY A 87 17.47 -10.60 -3.02
CA GLY A 87 17.65 -9.83 -4.24
C GLY A 87 18.93 -8.99 -4.18
N GLY A 88 19.78 -9.28 -3.20
CA GLY A 88 21.03 -8.54 -3.05
C GLY A 88 20.86 -7.42 -2.02
N MET A 89 21.75 -6.45 -2.08
CA MET A 89 21.70 -5.31 -1.16
C MET A 89 21.00 -4.12 -1.80
N SER A 90 20.38 -4.34 -2.96
CA SER A 90 19.68 -3.27 -3.67
C SER A 90 18.37 -2.94 -2.97
N MET A 91 18.47 -2.33 -1.79
CA MET A 91 17.29 -1.97 -1.01
C MET A 91 16.52 -0.86 -1.71
N ALA A 92 17.25 0.08 -2.31
CA ALA A 92 16.61 1.19 -3.00
C ALA A 92 15.97 0.72 -4.31
N VAL A 93 16.09 -0.57 -4.62
CA VAL A 93 15.50 -1.12 -5.84
C VAL A 93 14.22 -1.88 -5.53
N LYS A 94 14.28 -2.74 -4.52
CA LYS A 94 13.12 -3.52 -4.12
C LYS A 94 12.16 -2.69 -3.27
N THR A 95 12.61 -1.51 -2.85
CA THR A 95 11.78 -0.64 -2.02
C THR A 95 11.21 0.51 -2.85
N ASN A 96 11.94 0.91 -3.89
CA ASN A 96 11.50 2.00 -4.74
C ASN A 96 10.60 1.50 -5.85
N ALA A 97 10.78 0.24 -6.24
CA ALA A 97 9.99 -0.33 -7.31
C ALA A 97 8.51 -0.38 -6.93
N ILE A 98 8.24 -0.79 -5.70
CA ILE A 98 6.87 -0.89 -5.23
C ILE A 98 6.29 0.52 -5.06
N VAL A 99 7.10 1.41 -4.50
CA VAL A 99 6.67 2.79 -4.29
C VAL A 99 6.32 3.45 -5.62
N ASP A 100 7.17 3.25 -6.62
CA ASP A 100 6.92 3.82 -7.94
C ASP A 100 5.60 3.31 -8.50
N GLY A 101 5.32 2.04 -8.25
CA GLY A 101 4.09 1.44 -8.72
C GLY A 101 2.87 2.19 -8.18
N LEU A 102 2.97 2.66 -6.95
CA LEU A 102 1.86 3.39 -6.34
C LEU A 102 1.53 4.64 -7.16
N ASN A 103 2.56 5.34 -7.62
CA ASN A 103 2.35 6.53 -8.43
C ASN A 103 1.65 6.18 -9.74
N SER A 104 2.04 5.06 -10.33
CA SER A 104 1.45 4.62 -11.58
C SER A 104 -0.03 4.32 -11.39
N ALA A 105 -0.37 3.70 -10.28
CA ALA A 105 -1.76 3.36 -10.00
C ALA A 105 -2.62 4.61 -9.93
N PHE A 106 -2.11 5.64 -9.29
CA PHE A 106 -2.86 6.89 -9.16
C PHE A 106 -3.11 7.50 -10.53
N TYR A 107 -2.08 7.50 -11.37
CA TYR A 107 -2.20 8.06 -12.71
C TYR A 107 -3.16 7.23 -13.56
N MET A 108 -3.10 5.92 -13.39
CA MET A 108 -3.97 5.04 -14.14
C MET A 108 -5.42 5.23 -13.72
N THR A 109 -5.64 5.47 -12.43
CA THR A 109 -6.99 5.65 -11.91
C THR A 109 -7.67 6.86 -12.57
N THR A 110 -6.98 7.99 -12.57
CA THR A 110 -7.54 9.20 -13.18
C THR A 110 -6.49 10.31 -13.26
N GLY A 111 -5.27 9.93 -13.59
CA GLY A 111 -4.19 10.91 -13.70
C GLY A 111 -3.93 11.57 -12.35
N ALA A 112 -4.18 10.83 -11.27
CA ALA A 112 -3.99 11.37 -9.93
C ALA A 112 -2.51 11.48 -9.58
N ALA A 113 -2.15 12.58 -8.93
CA ALA A 113 -0.77 12.79 -8.52
C ALA A 113 -0.71 13.19 -7.04
N ASN A 114 -0.10 12.32 -6.24
CA ASN A 114 0.02 12.58 -4.80
C ASN A 114 1.45 12.35 -4.32
N PRO A 115 2.36 13.24 -4.65
CA PRO A 115 3.78 13.12 -4.22
C PRO A 115 3.94 13.15 -2.71
N GLN A 116 3.11 13.95 -2.05
CA GLN A 116 3.16 14.06 -0.59
C GLN A 116 2.74 12.74 0.05
N PHE A 117 1.73 12.10 -0.52
CA PHE A 117 1.24 10.83 0.01
C PHE A 117 2.33 9.77 -0.10
N VAL A 118 3.06 9.79 -1.20
CA VAL A 118 4.13 8.83 -1.43
C VAL A 118 5.19 8.94 -0.33
N ASN A 119 5.56 10.17 0.01
CA ASN A 119 6.57 10.38 1.05
C ASN A 119 6.10 9.77 2.37
N GLU A 120 4.83 9.97 2.68
CA GLU A 120 4.27 9.43 3.93
C GLU A 120 4.27 7.90 3.88
N MET A 121 3.95 7.35 2.71
CA MET A 121 3.91 5.90 2.54
C MET A 121 5.27 5.29 2.84
N ARG A 122 6.31 5.90 2.31
CA ARG A 122 7.67 5.41 2.53
C ARG A 122 8.02 5.46 4.02
N SER A 123 7.59 6.54 4.67
CA SER A 123 7.86 6.72 6.09
C SER A 123 7.25 5.57 6.90
N LEU A 124 6.03 5.17 6.53
CA LEU A 124 5.35 4.09 7.21
C LEU A 124 6.12 2.78 7.06
N ILE A 125 6.70 2.57 5.88
CA ILE A 125 7.47 1.34 5.64
C ILE A 125 8.63 1.27 6.64
N SER A 126 9.35 2.37 6.77
CA SER A 126 10.47 2.43 7.70
C SER A 126 9.96 2.39 9.14
N MET A 127 8.76 2.94 9.36
CA MET A 127 8.18 2.97 10.69
C MET A 127 8.06 1.56 11.25
N ILE A 128 7.49 0.66 10.46
CA ILE A 128 7.33 -0.73 10.88
C ILE A 128 8.69 -1.39 11.04
N SER A 129 9.59 -1.11 10.12
CA SER A 129 10.93 -1.70 10.16
C SER A 129 11.64 -1.31 11.45
N ALA A 130 11.52 -0.05 11.83
CA ALA A 130 12.15 0.44 13.05
C ALA A 130 11.60 -0.29 14.28
N ALA A 131 10.29 -0.52 14.26
CA ALA A 131 9.65 -1.21 15.39
C ALA A 131 10.23 -2.61 15.56
N SER A 132 10.47 -3.29 14.44
CA SER A 132 11.02 -4.63 14.48
C SER A 132 10.08 -5.59 15.22
N ALA A 133 9.40 -6.43 14.47
CA ALA A 133 8.47 -7.39 15.06
C ALA A 133 9.20 -8.33 16.02
N ASN A 134 10.38 -8.78 15.61
CA ASN A 134 11.16 -9.69 16.44
C ASN A 134 11.66 -8.97 17.69
N GLU A 135 11.40 -9.55 18.86
CA GLU A 135 11.82 -8.94 20.11
C GLU A 135 13.34 -8.79 20.15
N VAL A 136 13.81 -7.58 19.86
CA VAL A 136 15.24 -7.29 19.87
C VAL A 136 16.00 -8.36 19.07
N SER A 137 15.37 -8.85 18.01
CA SER A 137 16.00 -9.85 17.16
C SER A 137 16.53 -11.00 18.01
N TYR A 138 15.79 -11.37 19.04
CA TYR A 138 16.20 -12.45 19.93
C TYR A 138 17.59 -12.19 20.48
N GLY A 1 -12.32 21.38 10.68
CA GLY A 1 -11.85 22.78 10.54
C GLY A 1 -11.27 22.99 9.14
N SER A 2 -11.52 24.14 8.55
CA SER A 2 -11.01 24.45 7.22
C SER A 2 -9.48 24.47 7.22
N HIS A 3 -8.90 24.70 8.38
CA HIS A 3 -7.45 24.74 8.50
C HIS A 3 -6.85 23.38 8.17
N MET A 4 -7.53 22.32 8.59
CA MET A 4 -7.06 20.96 8.34
C MET A 4 -7.03 20.67 6.84
N ALA A 5 -5.98 19.97 6.41
CA ALA A 5 -5.82 19.63 5.00
C ALA A 5 -6.30 18.21 4.74
N GLN A 6 -6.60 17.90 3.48
CA GLN A 6 -7.05 16.57 3.11
C GLN A 6 -6.51 16.17 1.75
N ALA A 7 -6.55 14.87 1.45
CA ALA A 7 -6.04 14.37 0.18
C ALA A 7 -6.90 13.20 -0.31
N ARG A 8 -6.64 12.77 -1.53
CA ARG A 8 -7.40 11.65 -2.10
C ARG A 8 -7.32 10.43 -1.20
N SER A 9 -8.47 9.85 -0.90
CA SER A 9 -8.52 8.69 -0.03
C SER A 9 -9.23 7.52 -0.74
N PRO A 10 -8.49 6.65 -1.36
CA PRO A 10 -9.05 5.47 -2.09
C PRO A 10 -9.94 4.62 -1.18
N TRP A 11 -9.64 4.63 0.11
CA TRP A 11 -10.42 3.86 1.07
C TRP A 11 -11.83 4.44 1.22
N SER A 12 -12.05 5.61 0.63
CA SER A 12 -13.34 6.26 0.71
C SER A 12 -14.42 5.40 0.06
N ASP A 13 -14.01 4.53 -0.85
CA ASP A 13 -14.95 3.64 -1.52
C ASP A 13 -14.29 2.30 -1.85
N THR A 14 -15.05 1.22 -1.74
CA THR A 14 -14.52 -0.11 -2.02
C THR A 14 -14.18 -0.24 -3.49
N ALA A 15 -15.03 0.33 -4.35
CA ALA A 15 -14.79 0.26 -5.79
C ALA A 15 -13.50 0.97 -6.16
N THR A 16 -13.29 2.16 -5.59
CA THR A 16 -12.08 2.93 -5.86
C THR A 16 -10.85 2.22 -5.28
N ALA A 17 -10.99 1.71 -4.06
CA ALA A 17 -9.88 1.02 -3.41
C ALA A 17 -9.48 -0.22 -4.20
N ASP A 18 -10.47 -0.95 -4.68
CA ASP A 18 -10.21 -2.16 -5.45
C ASP A 18 -9.44 -1.84 -6.73
N ALA A 19 -9.87 -0.80 -7.43
CA ALA A 19 -9.22 -0.41 -8.66
C ALA A 19 -7.78 0.03 -8.41
N PHE A 20 -7.59 0.82 -7.35
CA PHE A 20 -6.27 1.31 -7.01
C PHE A 20 -5.32 0.16 -6.73
N ILE A 21 -5.79 -0.81 -5.94
CA ILE A 21 -4.95 -1.96 -5.62
C ILE A 21 -4.55 -2.70 -6.88
N GLN A 22 -5.50 -2.90 -7.79
CA GLN A 22 -5.22 -3.58 -9.04
C GLN A 22 -4.22 -2.77 -9.87
N ASN A 23 -4.39 -1.45 -9.87
CA ASN A 23 -3.51 -0.58 -10.62
C ASN A 23 -2.09 -0.64 -10.07
N PHE A 24 -2.00 -0.65 -8.74
CA PHE A 24 -0.69 -0.74 -8.07
C PHE A 24 0.01 -2.05 -8.42
N LEU A 25 -0.72 -3.15 -8.33
CA LEU A 25 -0.16 -4.46 -8.63
C LEU A 25 0.30 -4.53 -10.08
N ALA A 26 -0.50 -3.96 -10.97
CA ALA A 26 -0.14 -3.95 -12.38
C ALA A 26 1.11 -3.12 -12.62
N ALA A 27 1.19 -1.96 -11.95
CA ALA A 27 2.34 -1.08 -12.11
C ALA A 27 3.63 -1.76 -11.65
N VAL A 28 3.60 -2.35 -10.47
CA VAL A 28 4.76 -3.03 -9.93
C VAL A 28 5.11 -4.25 -10.77
N SER A 29 4.08 -4.92 -11.27
CA SER A 29 4.29 -6.11 -12.10
C SER A 29 4.98 -5.74 -13.41
N GLY A 30 4.52 -4.64 -14.01
CA GLY A 30 5.09 -4.17 -15.27
C GLY A 30 6.58 -3.85 -15.10
N SER A 31 6.94 -3.36 -13.92
CA SER A 31 8.32 -3.00 -13.65
C SER A 31 9.22 -4.21 -13.84
N GLY A 32 8.73 -5.38 -13.45
CA GLY A 32 9.51 -6.61 -13.57
C GLY A 32 10.51 -6.74 -12.41
N ALA A 33 10.48 -5.78 -11.49
CA ALA A 33 11.37 -5.80 -10.34
C ALA A 33 11.15 -7.05 -9.52
N PHE A 34 9.89 -7.48 -9.42
CA PHE A 34 9.55 -8.66 -8.64
C PHE A 34 8.93 -9.74 -9.53
N THR A 35 9.03 -10.99 -9.09
CA THR A 35 8.48 -12.10 -9.86
C THR A 35 7.02 -12.32 -9.52
N SER A 36 6.35 -13.19 -10.27
CA SER A 36 4.93 -13.46 -10.04
C SER A 36 4.73 -14.01 -8.63
N ASP A 37 5.66 -14.85 -8.18
CA ASP A 37 5.57 -15.43 -6.85
C ASP A 37 5.74 -14.35 -5.78
N GLN A 38 6.74 -13.49 -5.97
CA GLN A 38 7.00 -12.43 -5.02
C GLN A 38 5.84 -11.44 -4.97
N LEU A 39 5.28 -11.13 -6.13
CA LEU A 39 4.17 -10.20 -6.22
C LEU A 39 2.97 -10.72 -5.42
N ASP A 40 2.78 -12.04 -5.46
CA ASP A 40 1.68 -12.65 -4.74
C ASP A 40 1.71 -12.23 -3.27
N ASP A 41 2.90 -12.12 -2.70
CA ASP A 41 3.05 -11.73 -1.30
C ASP A 41 2.50 -10.32 -1.08
N MET A 42 2.77 -9.43 -2.04
CA MET A 42 2.30 -8.05 -1.94
C MET A 42 0.93 -7.90 -2.60
N SER A 43 0.38 -9.01 -3.09
CA SER A 43 -0.91 -8.98 -3.75
C SER A 43 -2.00 -9.51 -2.81
N THR A 44 -1.63 -10.48 -1.97
CA THR A 44 -2.57 -11.06 -1.03
C THR A 44 -3.13 -9.98 -0.10
N ILE A 45 -2.31 -8.96 0.16
CA ILE A 45 -2.74 -7.87 1.03
C ILE A 45 -3.95 -7.16 0.45
N GLY A 46 -4.02 -7.11 -0.88
CA GLY A 46 -5.13 -6.44 -1.54
C GLY A 46 -6.45 -7.11 -1.19
N ASP A 47 -6.47 -8.43 -1.23
CA ASP A 47 -7.69 -9.18 -0.90
C ASP A 47 -8.09 -8.95 0.56
N THR A 48 -7.09 -8.93 1.44
CA THR A 48 -7.36 -8.72 2.86
C THR A 48 -7.92 -7.33 3.10
N ILE A 49 -7.36 -6.34 2.42
CA ILE A 49 -7.83 -4.97 2.56
C ILE A 49 -9.28 -4.84 2.18
N MET A 50 -9.65 -5.45 1.05
CA MET A 50 -11.03 -5.38 0.58
C MET A 50 -11.96 -6.09 1.55
N SER A 51 -11.50 -7.22 2.09
CA SER A 51 -12.31 -7.98 3.03
C SER A 51 -12.63 -7.14 4.26
N ALA A 52 -11.62 -6.43 4.76
CA ALA A 52 -11.80 -5.57 5.93
C ALA A 52 -12.76 -4.44 5.61
N MET A 53 -12.67 -3.90 4.39
CA MET A 53 -13.52 -2.81 3.97
C MET A 53 -14.99 -3.23 4.00
N ASP A 54 -15.25 -4.45 3.57
CA ASP A 54 -16.63 -4.96 3.55
C ASP A 54 -17.17 -5.10 4.96
N LYS A 55 -16.38 -5.71 5.84
CA LYS A 55 -16.81 -5.91 7.23
C LYS A 55 -17.00 -4.57 7.93
N MET A 56 -16.03 -3.68 7.76
CA MET A 56 -16.09 -2.37 8.39
C MET A 56 -17.16 -1.50 7.73
N ALA A 57 -17.43 -1.78 6.46
CA ALA A 57 -18.43 -1.02 5.72
C ALA A 57 -19.80 -1.17 6.37
N ARG A 58 -19.94 -2.16 7.25
CA ARG A 58 -21.19 -2.40 7.93
C ARG A 58 -21.60 -1.17 8.74
N SER A 59 -20.62 -0.51 9.34
CA SER A 59 -20.90 0.68 10.15
C SER A 59 -21.61 1.74 9.32
N ASN A 60 -22.62 2.37 9.91
CA ASN A 60 -23.39 3.39 9.22
C ASN A 60 -22.49 4.58 8.86
N LYS A 61 -21.63 4.96 9.80
CA LYS A 61 -20.73 6.08 9.58
C LYS A 61 -19.27 5.64 9.68
N SER A 62 -18.42 6.25 8.86
CA SER A 62 -17.01 5.91 8.86
C SER A 62 -16.34 6.39 10.14
N SER A 63 -15.15 5.85 10.42
CA SER A 63 -14.42 6.24 11.62
C SER A 63 -12.98 6.59 11.28
N GLN A 64 -12.40 7.51 12.04
CA GLN A 64 -11.03 7.93 11.82
C GLN A 64 -10.06 6.76 12.03
N HIS A 65 -10.36 5.94 13.02
CA HIS A 65 -9.53 4.78 13.33
C HIS A 65 -9.59 3.78 12.18
N LYS A 66 -10.77 3.63 11.58
CA LYS A 66 -10.94 2.70 10.48
C LYS A 66 -10.02 3.08 9.32
N LEU A 67 -9.97 4.37 9.01
CA LEU A 67 -9.12 4.84 7.93
C LEU A 67 -7.64 4.62 8.26
N GLN A 68 -7.28 4.93 9.49
CA GLN A 68 -5.90 4.76 9.92
C GLN A 68 -5.51 3.29 9.92
N ALA A 69 -6.43 2.43 10.33
CA ALA A 69 -6.16 1.00 10.38
C ALA A 69 -5.81 0.47 9.00
N LEU A 70 -6.57 0.90 7.99
CA LEU A 70 -6.32 0.45 6.62
C LEU A 70 -4.96 0.95 6.14
N ASN A 71 -4.63 2.18 6.49
CA ASN A 71 -3.36 2.77 6.08
C ASN A 71 -2.19 2.01 6.69
N MET A 72 -2.30 1.74 7.99
CA MET A 72 -1.25 1.01 8.69
C MET A 72 -1.20 -0.44 8.24
N ALA A 73 -2.37 -1.00 7.94
CA ALA A 73 -2.45 -2.39 7.51
C ALA A 73 -1.63 -2.61 6.24
N PHE A 74 -1.77 -1.68 5.30
CA PHE A 74 -1.04 -1.79 4.05
C PHE A 74 0.45 -1.54 4.25
N ALA A 75 0.77 -0.53 5.08
CA ALA A 75 2.16 -0.18 5.35
C ALA A 75 2.88 -1.35 6.02
N SER A 76 2.19 -2.01 6.95
CA SER A 76 2.78 -3.13 7.66
C SER A 76 2.97 -4.32 6.72
N SER A 77 2.05 -4.49 5.78
CA SER A 77 2.13 -5.58 4.82
C SER A 77 3.41 -5.49 4.00
N MET A 78 3.74 -4.29 3.57
CA MET A 78 4.94 -4.09 2.76
C MET A 78 6.18 -4.27 3.62
N ALA A 79 6.12 -3.80 4.86
CA ALA A 79 7.27 -3.91 5.76
C ALA A 79 7.59 -5.37 6.09
N GLU A 80 6.56 -6.12 6.49
CA GLU A 80 6.76 -7.52 6.84
C GLU A 80 7.24 -8.32 5.64
N ILE A 81 6.75 -7.96 4.47
CA ILE A 81 7.14 -8.65 3.24
C ILE A 81 8.57 -8.28 2.86
N ALA A 82 8.88 -6.99 2.99
CA ALA A 82 10.21 -6.49 2.64
C ALA A 82 11.28 -7.17 3.49
N ALA A 83 10.89 -7.61 4.69
CA ALA A 83 11.81 -8.27 5.58
C ALA A 83 12.41 -9.51 4.92
N VAL A 84 11.75 -10.00 3.87
CA VAL A 84 12.23 -11.17 3.16
C VAL A 84 13.71 -11.02 2.80
N GLU A 85 14.15 -9.78 2.68
CA GLU A 85 15.55 -9.51 2.35
C GLU A 85 15.96 -10.26 1.09
N GLN A 86 15.73 -9.64 -0.07
CA GLN A 86 16.07 -10.25 -1.35
C GLN A 86 16.74 -9.24 -2.26
N GLY A 87 17.85 -9.64 -2.89
CA GLY A 87 18.56 -8.75 -3.79
C GLY A 87 19.95 -8.43 -3.25
N GLY A 88 20.47 -7.27 -3.64
CA GLY A 88 21.80 -6.85 -3.18
C GLY A 88 21.73 -6.23 -1.79
N MET A 89 22.85 -5.69 -1.34
CA MET A 89 22.91 -5.06 -0.02
C MET A 89 22.07 -3.79 0.00
N SER A 90 21.81 -3.23 -1.18
CA SER A 90 21.02 -2.01 -1.28
C SER A 90 19.60 -2.26 -0.83
N MET A 91 18.90 -1.20 -0.47
CA MET A 91 17.51 -1.31 -0.03
C MET A 91 16.60 -0.40 -0.85
N ALA A 92 17.20 0.46 -1.67
CA ALA A 92 16.44 1.38 -2.50
C ALA A 92 16.12 0.74 -3.85
N VAL A 93 16.07 -0.59 -3.88
CA VAL A 93 15.77 -1.30 -5.11
C VAL A 93 14.38 -1.90 -5.06
N LYS A 94 14.16 -2.82 -4.11
CA LYS A 94 12.86 -3.44 -3.95
C LYS A 94 11.82 -2.43 -3.48
N THR A 95 12.24 -1.54 -2.58
CA THR A 95 11.34 -0.52 -2.07
C THR A 95 11.02 0.51 -3.14
N ASN A 96 12.04 0.90 -3.90
CA ASN A 96 11.85 1.86 -4.97
C ASN A 96 10.90 1.33 -6.03
N ALA A 97 11.04 0.04 -6.34
CA ALA A 97 10.19 -0.57 -7.35
C ALA A 97 8.72 -0.50 -6.94
N ILE A 98 8.44 -0.87 -5.69
CA ILE A 98 7.07 -0.86 -5.19
C ILE A 98 6.56 0.59 -5.11
N VAL A 99 7.43 1.49 -4.64
CA VAL A 99 7.06 2.89 -4.52
C VAL A 99 6.71 3.47 -5.88
N ASP A 100 7.51 3.15 -6.88
CA ASP A 100 7.28 3.65 -8.23
C ASP A 100 5.93 3.18 -8.74
N GLY A 101 5.58 1.94 -8.43
CA GLY A 101 4.31 1.38 -8.86
C GLY A 101 3.14 2.20 -8.31
N LEU A 102 3.27 2.64 -7.07
CA LEU A 102 2.22 3.44 -6.46
C LEU A 102 1.98 4.72 -7.25
N ASN A 103 3.05 5.39 -7.64
CA ASN A 103 2.92 6.62 -8.41
C ASN A 103 2.23 6.36 -9.75
N SER A 104 2.64 5.29 -10.42
CA SER A 104 2.05 4.93 -11.70
C SER A 104 0.59 4.53 -11.52
N ALA A 105 0.28 3.87 -10.41
CA ALA A 105 -1.08 3.43 -10.15
C ALA A 105 -2.02 4.62 -10.07
N PHE A 106 -1.59 5.67 -9.38
CA PHE A 106 -2.43 6.87 -9.24
C PHE A 106 -2.71 7.50 -10.59
N TYR A 107 -1.66 7.64 -11.40
CA TYR A 107 -1.82 8.24 -12.72
C TYR A 107 -2.68 7.35 -13.63
N MET A 108 -2.36 6.07 -13.65
CA MET A 108 -3.09 5.13 -14.49
C MET A 108 -4.56 5.07 -14.09
N THR A 109 -4.80 5.11 -12.79
CA THR A 109 -6.17 5.06 -12.28
C THR A 109 -6.94 6.31 -12.67
N THR A 110 -6.26 7.46 -12.62
CA THR A 110 -6.91 8.72 -12.95
C THR A 110 -6.01 9.57 -13.85
N GLY A 111 -4.82 9.87 -13.35
CA GLY A 111 -3.87 10.68 -14.11
C GLY A 111 -3.22 11.74 -13.22
N ALA A 112 -3.66 11.80 -11.95
CA ALA A 112 -3.12 12.77 -11.02
C ALA A 112 -1.89 12.20 -10.31
N ALA A 113 -0.91 13.05 -10.04
CA ALA A 113 0.30 12.62 -9.37
C ALA A 113 0.36 13.19 -7.96
N ASN A 114 0.63 12.33 -6.98
CA ASN A 114 0.71 12.76 -5.59
C ASN A 114 1.97 12.20 -4.93
N PRO A 115 3.10 12.74 -5.24
CA PRO A 115 4.42 12.28 -4.69
C PRO A 115 4.46 12.38 -3.16
N GLN A 116 3.91 13.47 -2.63
CA GLN A 116 3.91 13.67 -1.19
C GLN A 116 3.21 12.52 -0.48
N PHE A 117 2.06 12.13 -1.00
CA PHE A 117 1.30 11.02 -0.42
C PHE A 117 2.12 9.73 -0.48
N VAL A 118 2.73 9.47 -1.64
CA VAL A 118 3.53 8.26 -1.82
C VAL A 118 4.68 8.23 -0.81
N ASN A 119 5.32 9.38 -0.63
CA ASN A 119 6.43 9.49 0.31
C ASN A 119 5.96 9.13 1.71
N GLU A 120 4.74 9.54 2.05
CA GLU A 120 4.19 9.24 3.38
C GLU A 120 4.08 7.73 3.57
N MET A 121 3.69 7.02 2.52
CA MET A 121 3.54 5.58 2.60
C MET A 121 4.88 4.92 2.92
N ARG A 122 5.94 5.38 2.26
CA ARG A 122 7.28 4.84 2.50
C ARG A 122 7.69 5.08 3.95
N SER A 123 7.42 6.27 4.45
CA SER A 123 7.78 6.62 5.83
C SER A 123 7.07 5.68 6.81
N LEU A 124 5.78 5.45 6.57
CA LEU A 124 4.99 4.59 7.45
C LEU A 124 5.54 3.17 7.40
N ILE A 125 5.93 2.72 6.22
CA ILE A 125 6.46 1.37 6.05
C ILE A 125 7.84 1.26 6.72
N SER A 126 8.66 2.28 6.54
CA SER A 126 10.00 2.29 7.11
C SER A 126 9.94 2.26 8.63
N MET A 127 9.00 2.99 9.19
CA MET A 127 8.85 3.07 10.64
C MET A 127 8.86 1.67 11.25
N ILE A 128 8.36 0.69 10.49
CA ILE A 128 8.32 -0.68 10.97
C ILE A 128 9.72 -1.25 11.09
N SER A 129 10.56 -0.94 10.11
CA SER A 129 11.93 -1.43 10.10
C SER A 129 12.72 -0.83 11.27
N ALA A 130 12.45 0.44 11.55
CA ALA A 130 13.15 1.11 12.64
C ALA A 130 12.84 0.44 13.98
N ALA A 131 11.57 0.10 14.18
CA ALA A 131 11.16 -0.57 15.41
C ALA A 131 11.84 -1.92 15.55
N SER A 132 11.96 -2.63 14.42
CA SER A 132 12.59 -3.94 14.43
C SER A 132 11.73 -4.94 15.21
N ALA A 133 10.52 -4.53 15.57
CA ALA A 133 9.62 -5.40 16.31
C ALA A 133 8.18 -4.92 16.17
N ASN A 134 7.33 -5.73 15.56
CA ASN A 134 5.93 -5.36 15.37
C ASN A 134 5.23 -5.19 16.73
N GLU A 135 5.47 -6.13 17.63
CA GLU A 135 4.87 -6.07 18.96
C GLU A 135 5.56 -5.02 19.82
N VAL A 136 6.80 -4.70 19.47
CA VAL A 136 7.57 -3.72 20.22
C VAL A 136 7.76 -4.17 21.66
N SER A 137 8.95 -4.67 21.98
CA SER A 137 9.25 -5.14 23.32
C SER A 137 8.41 -6.36 23.65
N TYR A 138 8.94 -7.21 24.53
CA TYR A 138 8.23 -8.43 24.93
C TYR A 138 7.59 -8.24 26.29
#